data_5Y2Z
#
_entry.id   5Y2Z
#
_cell.length_a   83.579
_cell.length_b   83.608
_cell.length_c   293.543
_cell.angle_alpha   86.40
_cell.angle_beta   88.17
_cell.angle_gamma   59.95
#
_symmetry.space_group_name_H-M   'P 1'
#
loop_
_entity.id
_entity.type
_entity.pdbx_description
1 polymer 'Disintegrin and metalloproteinase domain-containing protein 22'
2 polymer 'Leucine-rich glioma-inactivated protein 1'
3 branched 2-acetamido-2-deoxy-beta-D-glucopyranose-(1-4)-2-acetamido-2-deoxy-beta-D-glucopyranose
4 branched beta-D-mannopyranose-(1-4)-2-acetamido-2-deoxy-beta-D-glucopyranose-(1-4)-[alpha-L-fucopyranose-(1-6)]2-acetamido-2-deoxy-beta-D-glucopyranose
5 branched 2-acetamido-2-deoxy-beta-D-glucopyranose-(1-4)-[alpha-L-fucopyranose-(1-6)]2-acetamido-2-deoxy-beta-D-glucopyranose
6 branched alpha-L-fucopyranose-(1-6)-2-acetamido-2-deoxy-beta-D-glucopyranose
7 non-polymer 'CALCIUM ION'
8 non-polymer 2-acetamido-2-deoxy-beta-D-glucopyranose
9 water water
#
loop_
_entity_poly.entity_id
_entity_poly.type
_entity_poly.pdbx_seq_one_letter_code
_entity_poly.pdbx_strand_id
1 'polypeptide(L)'
;NVEEETKYIELMIVNDHLMFKKHRLSVVHTNTYAKSVVNMADLIYKDQLKTRIVLVAMETWATDNKFAISENPLITLREF
MKYRRDFIKEKSDAVHLFSGSQFESSRSGAAYIGGICSLLKGGGVNEFGKTDLMAVTLAQSLAHNIGIISDKRKLASGEC
KCEDTWSGCIMGDTGYYLPKKFTQCNIEEYHDFLNSGGGACLFNKPSKLLDPPECGNGFIETGEECDCGTPAECVLEGAE
CCKKCTLTQDSQCSDGLCCKKCKFQPMGTVCREAVNDCDIRETCSGNSSQCAPNIHKMDGYSCDGVQGICFGGRCKTRDR
QCKYIWGQKVTASDKYCYEKLNIEGTEKGNCGKDKDTWIQCNKRDVLCGYLLCTNIGNIPRLGELDGEITSTLVVQQGRT
LNCSGGHVKLEEDVDLGYVEDGTPCGPQMMCLEHRCLPVASFNFSTCLSSKEGTICSGNGVCSNELKCVCNRHWIGSDCN
TYFPHNDDAKTGITLSGKHHHHHH
;
A,C,E,G,I,K
2 'polypeptide(L)'
;DAAQPATEFAKSQDLPYQSLSIDTFSYLNDEYVVIAQPFTGKCIFLEWDHVEKTFRNYDNITGTSTVVCKPIVIETQLYV
IVAQLFGGSHIYKRDSFANKFIKIQDIEILKIRKPNDIETFKIENNWYFVVADSSKAGFTTIYKWNGNGFYSHQSLHAWY
RDTDVEYLEIVRTPQTLRTPHLILSSSSQRPVIYQWNKATQLFTNQTDIPNMEDVYAVKHFSVKGDVYICLTRFIGDSKV
MKWGGSSFQDIQRMPSRGSMVFQPLQINNYQYAILGSDYSFTQVYNWDAEKAKFVKFQELNVQAPRSFTHVSINKRNFLF
ASSFKGNTQIYKHVIVDLSAKHHHHHH
;
B,D,F,H,J,L
#
# COMPACT_ATOMS: atom_id res chain seq x y z
N ASN A 1 41.95 39.91 66.46
CA ASN A 1 42.83 38.76 66.26
C ASN A 1 42.40 37.54 67.06
N VAL A 2 43.36 36.83 67.63
CA VAL A 2 43.06 35.59 68.35
C VAL A 2 43.01 35.84 69.86
N GLU A 3 43.57 36.97 70.31
CA GLU A 3 43.58 37.29 71.73
C GLU A 3 42.56 38.34 72.11
N GLU A 4 42.00 39.02 71.11
CA GLU A 4 40.95 39.99 71.35
C GLU A 4 39.57 39.35 71.26
N GLU A 5 39.54 38.09 70.82
CA GLU A 5 38.28 37.34 70.77
C GLU A 5 37.91 36.81 72.15
N THR A 6 36.64 36.56 72.35
CA THR A 6 36.17 35.94 73.58
C THR A 6 36.30 34.43 73.43
N LYS A 7 37.07 33.80 74.33
CA LYS A 7 37.25 32.36 74.31
C LYS A 7 36.22 31.64 75.17
N TYR A 8 35.94 30.39 74.84
CA TYR A 8 34.97 29.60 75.59
C TYR A 8 35.48 28.21 75.92
N ILE A 9 35.58 27.91 77.21
CA ILE A 9 35.97 26.59 77.67
C ILE A 9 34.75 25.71 77.97
N GLU A 10 34.44 24.82 77.04
CA GLU A 10 33.39 23.84 77.23
C GLU A 10 33.87 22.78 78.21
N LEU A 11 33.43 22.89 79.45
CA LEU A 11 33.96 22.06 80.52
C LEU A 11 33.00 20.94 80.92
N MET A 12 33.55 19.76 81.16
CA MET A 12 32.78 18.66 81.74
C MET A 12 33.30 18.35 83.14
N ILE A 13 32.38 18.13 84.07
CA ILE A 13 32.75 17.82 85.44
C ILE A 13 32.36 16.40 85.80
N VAL A 14 33.32 15.65 86.36
CA VAL A 14 33.02 14.31 86.85
C VAL A 14 33.17 14.31 88.37
N ASN A 15 32.09 13.98 89.07
CA ASN A 15 32.10 13.87 90.53
C ASN A 15 32.34 12.44 90.97
N ASP A 16 33.41 12.20 91.71
CA ASP A 16 33.74 10.86 92.18
C ASP A 16 32.81 10.46 93.33
N HIS A 17 33.00 9.26 93.86
CA HIS A 17 32.10 8.74 94.88
C HIS A 17 32.19 9.53 96.17
N LEU A 18 33.39 9.96 96.53
CA LEU A 18 33.61 10.68 97.77
C LEU A 18 32.99 12.08 97.74
N MET A 19 32.98 12.68 96.54
CA MET A 19 32.35 13.98 96.36
C MET A 19 30.85 13.83 96.57
N PHE A 20 30.32 12.69 96.16
CA PHE A 20 28.89 12.39 96.30
C PHE A 20 28.54 12.20 97.77
N LYS A 21 29.43 11.54 98.51
CA LYS A 21 29.22 11.34 99.94
C LYS A 21 29.27 12.65 100.70
N LYS A 22 30.11 13.58 100.26
CA LYS A 22 30.24 14.87 100.90
C LYS A 22 28.94 15.66 100.83
N HIS A 23 28.15 15.39 99.79
CA HIS A 23 26.89 16.09 99.63
C HIS A 23 25.73 15.19 100.03
N ARG A 24 26.00 14.31 100.99
CA ARG A 24 24.99 13.46 101.62
C ARG A 24 24.21 12.62 100.60
N LEU A 25 24.94 12.02 99.65
CA LEU A 25 24.36 11.14 98.65
C LEU A 25 23.24 11.80 97.85
N SER A 26 23.38 13.09 97.59
CA SER A 26 22.38 13.86 96.87
C SER A 26 22.86 14.29 95.49
N VAL A 27 22.11 13.92 94.47
CA VAL A 27 22.48 14.26 93.10
C VAL A 27 22.28 15.75 92.83
N VAL A 28 21.13 16.27 93.22
CA VAL A 28 20.80 17.67 92.96
C VAL A 28 21.75 18.62 93.71
N HIS A 29 22.22 18.18 94.87
CA HIS A 29 23.15 19.00 95.64
C HIS A 29 24.55 18.98 95.04
N THR A 30 24.98 17.83 94.53
CA THR A 30 26.29 17.73 93.92
C THR A 30 26.36 18.61 92.68
N ASN A 31 25.27 18.64 91.92
CA ASN A 31 25.24 19.42 90.68
C ASN A 31 25.31 20.92 90.93
N THR A 32 24.47 21.42 91.83
CA THR A 32 24.43 22.85 92.12
C THR A 32 25.72 23.31 92.78
N TYR A 33 26.32 22.44 93.58
CA TYR A 33 27.57 22.74 94.24
C TYR A 33 28.69 22.87 93.22
N ALA A 34 28.73 21.94 92.26
CA ALA A 34 29.74 21.98 91.21
C ALA A 34 29.50 23.16 90.27
N LYS A 35 28.24 23.46 89.99
CA LYS A 35 27.90 24.61 89.17
C LYS A 35 28.36 25.90 89.82
N SER A 36 28.25 25.95 91.15
CA SER A 36 28.71 27.12 91.91
C SER A 36 30.20 27.29 91.75
N VAL A 37 30.92 26.18 91.84
CA VAL A 37 32.36 26.19 91.68
C VAL A 37 32.73 26.67 90.28
N VAL A 38 32.05 26.13 89.27
CA VAL A 38 32.32 26.50 87.88
C VAL A 38 31.98 27.97 87.63
N ASN A 39 30.82 28.40 88.13
CA ASN A 39 30.38 29.78 87.95
C ASN A 39 31.36 30.80 88.54
N MET A 40 31.88 30.51 89.73
CA MET A 40 32.83 31.42 90.38
C MET A 40 34.17 31.40 89.65
N ALA A 41 34.55 30.23 89.14
CA ALA A 41 35.76 30.15 88.32
C ALA A 41 35.53 30.92 87.02
N ASP A 42 34.30 30.90 86.53
CA ASP A 42 33.94 31.61 85.31
C ASP A 42 34.09 33.12 85.50
N LEU A 43 33.56 33.63 86.62
CA LEU A 43 33.66 35.05 86.93
C LEU A 43 35.11 35.52 87.04
N ILE A 44 35.99 34.63 87.47
CA ILE A 44 37.42 34.92 87.51
C ILE A 44 37.99 35.00 86.10
N TYR A 45 37.67 34.01 85.28
CA TYR A 45 38.16 33.95 83.90
C TYR A 45 37.58 35.05 83.02
N LYS A 46 36.28 35.31 83.17
CA LYS A 46 35.58 36.28 82.34
C LYS A 46 36.20 37.67 82.44
N ASP A 47 36.67 38.02 83.64
CA ASP A 47 37.16 39.36 83.92
C ASP A 47 38.55 39.65 83.32
N GLN A 48 39.46 38.67 83.41
CA GLN A 48 40.86 38.91 83.06
C GLN A 48 41.35 38.25 81.78
N LEU A 49 41.00 36.98 81.60
CA LEU A 49 41.50 36.20 80.46
C LEU A 49 40.59 36.35 79.24
N LYS A 50 39.49 37.08 79.40
CA LYS A 50 38.47 37.23 78.36
C LYS A 50 38.00 35.86 77.87
N THR A 51 37.84 34.94 78.82
CA THR A 51 37.45 33.57 78.53
C THR A 51 36.32 33.12 79.45
N ARG A 52 35.37 32.40 78.89
CA ARG A 52 34.24 31.90 79.67
C ARG A 52 34.41 30.43 80.00
N ILE A 53 34.08 30.06 81.24
CA ILE A 53 34.05 28.66 81.63
C ILE A 53 32.59 28.18 81.61
N VAL A 54 32.24 27.40 80.60
CA VAL A 54 30.84 26.96 80.44
C VAL A 54 30.66 25.47 80.68
N LEU A 55 29.82 25.13 81.65
CA LEU A 55 29.52 23.73 81.95
C LEU A 55 28.63 23.10 80.88
N VAL A 56 29.16 22.10 80.18
CA VAL A 56 28.45 21.52 79.05
C VAL A 56 28.02 20.08 79.31
N ALA A 57 28.66 19.44 80.30
CA ALA A 57 28.35 18.06 80.63
C ALA A 57 28.80 17.73 82.04
N MET A 58 28.14 16.77 82.68
CA MET A 58 28.48 16.35 84.03
C MET A 58 27.93 14.97 84.35
N GLU A 59 28.73 14.16 85.06
CA GLU A 59 28.25 12.89 85.56
C GLU A 59 28.79 12.68 86.98
N THR A 60 28.06 11.91 87.78
CA THR A 60 28.42 11.69 89.17
C THR A 60 28.48 10.21 89.50
N TRP A 61 29.59 9.77 90.08
CA TRP A 61 29.77 8.37 90.43
C TRP A 61 29.02 8.04 91.72
N ALA A 62 27.72 7.80 91.60
CA ALA A 62 26.85 7.59 92.75
C ALA A 62 27.01 6.20 93.36
N THR A 63 27.35 5.22 92.54
CA THR A 63 27.47 3.83 93.00
C THR A 63 28.81 3.61 93.70
N ASP A 64 29.89 3.78 92.96
CA ASP A 64 31.24 3.59 93.48
C ASP A 64 32.26 4.22 92.54
N ASN A 65 33.52 4.26 92.97
CA ASN A 65 34.60 4.79 92.14
C ASN A 65 34.88 3.89 90.95
N LYS A 66 35.14 4.49 89.80
CA LYS A 66 35.47 3.72 88.61
C LYS A 66 36.90 3.22 88.66
N PHE A 67 37.72 3.91 89.44
CA PHE A 67 39.10 3.49 89.67
C PHE A 67 39.57 3.95 91.04
N ALA A 68 40.73 3.46 91.47
CA ALA A 68 41.28 3.79 92.78
C ALA A 68 41.87 5.20 92.78
N ILE A 69 41.33 6.06 93.64
CA ILE A 69 41.83 7.43 93.78
C ILE A 69 43.10 7.45 94.62
N SER A 70 44.15 8.06 94.10
CA SER A 70 45.42 8.10 94.79
C SER A 70 45.61 9.39 95.59
N GLU A 71 46.40 9.32 96.65
CA GLU A 71 46.74 10.51 97.43
C GLU A 71 47.62 11.42 96.59
N ASN A 72 48.31 10.84 95.62
CA ASN A 72 49.10 11.59 94.66
C ASN A 72 48.19 12.09 93.54
N PRO A 73 48.10 13.41 93.37
CA PRO A 73 47.22 14.00 92.36
C PRO A 73 47.64 13.66 90.93
N LEU A 74 48.95 13.54 90.70
CA LEU A 74 49.47 13.22 89.37
C LEU A 74 49.08 11.80 88.98
N ILE A 75 49.14 10.88 89.93
CA ILE A 75 48.73 9.51 89.70
C ILE A 75 47.24 9.45 89.43
N THR A 76 46.48 10.20 90.22
CA THR A 76 45.03 10.26 90.06
C THR A 76 44.64 10.87 88.71
N LEU A 77 45.36 11.91 88.30
CA LEU A 77 45.09 12.59 87.03
C LEU A 77 45.13 11.66 85.84
N ARG A 78 46.15 10.82 85.79
CA ARG A 78 46.38 9.92 84.66
C ARG A 78 45.32 8.83 84.57
N GLU A 79 44.99 8.22 85.71
CA GLU A 79 43.98 7.18 85.71
C GLU A 79 42.63 7.77 85.30
N PHE A 80 42.43 9.05 85.60
CA PHE A 80 41.19 9.73 85.25
C PHE A 80 41.12 9.96 83.74
N MET A 81 42.24 10.34 83.14
CA MET A 81 42.28 10.57 81.70
C MET A 81 42.16 9.27 80.91
N LYS A 82 42.59 8.16 81.50
CA LYS A 82 42.39 6.86 80.88
C LYS A 82 40.90 6.50 80.88
N TYR A 83 40.22 6.81 81.98
CA TYR A 83 38.80 6.56 82.12
C TYR A 83 38.07 7.38 81.08
N ARG A 84 38.56 8.61 80.93
CA ARG A 84 38.03 9.59 80.02
C ARG A 84 38.12 9.11 78.57
N ARG A 85 39.24 8.46 78.24
CA ARG A 85 39.50 7.93 76.90
C ARG A 85 38.58 6.77 76.55
N ASP A 86 38.29 5.92 77.52
CA ASP A 86 37.57 4.68 77.26
C ASP A 86 36.08 4.71 77.58
N PHE A 87 35.66 5.60 78.47
CA PHE A 87 34.29 5.57 78.96
C PHE A 87 33.51 6.87 78.68
N ILE A 88 34.21 7.99 78.67
CA ILE A 88 33.55 9.25 78.40
C ILE A 88 33.47 9.51 76.89
N LYS A 89 32.25 9.69 76.38
CA LYS A 89 32.05 9.85 74.95
C LYS A 89 31.31 11.15 74.61
N GLU A 90 31.04 11.97 75.62
CA GLU A 90 30.45 13.28 75.37
C GLU A 90 31.54 14.29 75.03
N LYS A 91 31.19 15.29 74.22
CA LYS A 91 32.17 16.23 73.70
C LYS A 91 32.40 17.40 74.65
N SER A 92 33.67 17.73 74.86
CA SER A 92 34.05 18.85 75.72
C SER A 92 35.48 19.30 75.44
N ASP A 93 35.77 20.57 75.72
CA ASP A 93 37.10 21.10 75.48
C ASP A 93 38.05 20.63 76.60
N ALA A 94 37.48 20.33 77.77
CA ALA A 94 38.27 19.80 78.89
C ALA A 94 37.39 19.02 79.88
N VAL A 95 37.94 17.95 80.45
CA VAL A 95 37.22 17.16 81.45
C VAL A 95 37.95 17.18 82.80
N HIS A 96 37.30 17.71 83.82
CA HIS A 96 37.93 17.82 85.13
C HIS A 96 37.25 16.99 86.23
N LEU A 97 38.05 16.35 87.06
CA LEU A 97 37.55 15.51 88.13
C LEU A 97 37.37 16.29 89.43
N PHE A 98 36.18 16.22 90.00
CA PHE A 98 35.92 16.76 91.33
C PHE A 98 36.00 15.63 92.36
N SER A 99 37.07 15.62 93.14
CA SER A 99 37.28 14.59 94.15
C SER A 99 36.91 15.09 95.55
N GLY A 100 36.16 14.28 96.29
CA GLY A 100 35.78 14.63 97.64
C GLY A 100 36.93 14.46 98.63
N SER A 101 37.98 13.77 98.17
CA SER A 101 39.14 13.51 99.00
C SER A 101 40.08 14.71 99.05
N GLN A 102 41.19 14.54 99.76
CA GLN A 102 42.22 15.57 99.87
C GLN A 102 43.58 14.99 99.49
N PHE A 103 44.31 15.71 98.64
CA PHE A 103 45.59 15.20 98.14
C PHE A 103 46.72 15.42 99.13
N GLU A 104 47.70 14.53 99.10
CA GLU A 104 48.86 14.62 99.98
C GLU A 104 50.02 15.31 99.27
N SER A 105 49.69 16.24 98.40
CA SER A 105 50.70 17.03 97.69
C SER A 105 50.67 18.51 98.08
N SER A 106 51.58 19.28 97.52
CA SER A 106 51.63 20.72 97.75
C SER A 106 50.55 21.43 96.95
N ARG A 107 50.00 20.73 95.95
CA ARG A 107 48.98 21.31 95.10
C ARG A 107 47.60 20.76 95.40
N SER A 108 46.58 21.62 95.23
CA SER A 108 45.22 21.19 95.49
C SER A 108 44.64 20.48 94.27
N GLY A 109 45.45 20.39 93.22
CA GLY A 109 45.04 19.70 92.01
C GLY A 109 46.19 19.55 91.03
N ALA A 110 45.92 18.88 89.92
CA ALA A 110 46.91 18.68 88.87
C ALA A 110 46.24 18.64 87.50
N ALA A 111 46.92 19.17 86.50
CA ALA A 111 46.41 19.25 85.13
C ALA A 111 47.54 19.41 84.12
N TYR A 112 47.39 18.77 82.96
CA TYR A 112 48.41 18.82 81.90
C TYR A 112 48.51 20.21 81.28
N ILE A 113 49.75 20.65 81.08
CA ILE A 113 50.02 21.96 80.50
C ILE A 113 49.77 21.94 79.00
N GLY A 114 49.02 22.91 78.50
CA GLY A 114 48.67 23.00 77.10
C GLY A 114 47.73 21.88 76.69
N GLY A 115 46.96 21.40 77.66
CA GLY A 115 46.18 20.20 77.47
C GLY A 115 44.84 20.35 76.79
N ILE A 116 44.26 21.55 76.80
CA ILE A 116 42.92 21.71 76.23
C ILE A 116 42.87 21.28 74.77
N CYS A 117 41.67 20.90 74.34
CA CYS A 117 41.36 20.43 72.99
C CYS A 117 41.92 19.03 72.72
N SER A 118 42.59 18.45 73.71
CA SER A 118 43.18 17.12 73.58
C SER A 118 42.34 16.05 74.27
N LEU A 119 42.51 14.80 73.85
CA LEU A 119 41.72 13.70 74.41
C LEU A 119 42.40 13.09 75.63
N LEU A 120 43.73 13.06 75.61
CA LEU A 120 44.51 12.48 76.70
C LEU A 120 45.05 13.53 77.68
N LYS A 121 45.27 14.75 77.20
CA LYS A 121 45.82 15.82 78.01
C LYS A 121 44.76 16.84 78.39
N GLY A 122 43.60 16.74 77.74
CA GLY A 122 42.53 17.70 77.96
C GLY A 122 41.76 17.44 79.24
N GLY A 123 42.40 17.71 80.36
CA GLY A 123 41.76 17.50 81.64
C GLY A 123 42.60 17.83 82.85
N GLY A 124 41.99 17.70 84.03
CA GLY A 124 42.67 17.97 85.28
C GLY A 124 41.91 17.34 86.43
N VAL A 125 42.51 17.40 87.62
CA VAL A 125 41.87 16.87 88.82
C VAL A 125 41.88 17.90 89.96
N ASN A 126 40.78 18.00 90.70
CA ASN A 126 40.65 19.00 91.77
C ASN A 126 40.11 18.42 93.07
N GLU A 127 40.75 18.76 94.20
CA GLU A 127 40.32 18.24 95.49
C GLU A 127 39.17 19.06 96.07
N PHE A 128 38.46 18.46 97.03
CA PHE A 128 37.31 19.11 97.62
C PHE A 128 37.74 20.29 98.50
N GLY A 129 36.87 21.28 98.61
CA GLY A 129 37.08 22.44 99.44
C GLY A 129 35.83 23.29 99.50
N LYS A 130 35.91 24.43 100.16
CA LYS A 130 34.80 25.37 100.18
C LYS A 130 34.58 25.89 98.77
N THR A 131 33.37 26.35 98.48
CA THR A 131 32.99 26.79 97.14
C THR A 131 33.96 27.81 96.52
N ASP A 132 34.29 28.85 97.27
CA ASP A 132 35.21 29.87 96.80
C ASP A 132 36.61 29.31 96.55
N LEU A 133 37.03 28.40 97.43
CA LEU A 133 38.37 27.82 97.35
C LEU A 133 38.54 26.89 96.15
N MET A 134 37.58 26.01 95.94
CA MET A 134 37.67 25.05 94.86
C MET A 134 37.60 25.75 93.50
N ALA A 135 36.91 26.89 93.47
CA ALA A 135 36.83 27.69 92.25
C ALA A 135 38.23 28.14 91.84
N VAL A 136 39.02 28.58 92.83
CA VAL A 136 40.40 28.97 92.60
C VAL A 136 41.22 27.77 92.13
N THR A 137 40.95 26.61 92.73
CA THR A 137 41.63 25.37 92.36
C THR A 137 41.36 25.02 90.91
N LEU A 138 40.11 25.18 90.49
CA LEU A 138 39.72 24.92 89.11
C LEU A 138 40.35 25.95 88.16
N ALA A 139 40.46 27.19 88.61
CA ALA A 139 41.03 28.26 87.80
C ALA A 139 42.50 27.97 87.48
N GLN A 140 43.26 27.55 88.49
CA GLN A 140 44.68 27.27 88.30
C GLN A 140 44.91 25.95 87.58
N SER A 141 43.95 25.03 87.69
CA SER A 141 44.00 23.77 86.96
C SER A 141 43.72 24.00 85.47
N LEU A 142 42.66 24.75 85.19
CA LEU A 142 42.36 25.13 83.82
C LEU A 142 43.42 26.07 83.24
N ALA A 143 44.09 26.83 84.11
CA ALA A 143 45.16 27.73 83.67
C ALA A 143 46.30 26.94 83.02
N HIS A 144 46.66 25.82 83.64
CA HIS A 144 47.68 24.91 83.11
C HIS A 144 47.26 24.40 81.75
N ASN A 145 46.03 23.89 81.66
CA ASN A 145 45.48 23.41 80.40
C ASN A 145 45.51 24.52 79.35
N ILE A 146 45.15 25.72 79.78
CA ILE A 146 45.03 26.86 78.89
C ILE A 146 46.41 27.43 78.54
N GLY A 147 47.45 26.90 79.18
CA GLY A 147 48.81 27.23 78.83
C GLY A 147 49.51 28.14 79.83
N ILE A 148 48.78 28.52 80.88
CA ILE A 148 49.32 29.42 81.89
C ILE A 148 50.14 28.68 82.94
N ILE A 149 51.44 28.97 82.94
CA ILE A 149 52.34 28.44 83.95
C ILE A 149 53.13 29.57 84.56
N SER A 150 53.25 29.58 85.88
CA SER A 150 54.01 30.63 86.55
C SER A 150 55.49 30.47 86.23
N ASP A 151 55.99 31.30 85.31
CA ASP A 151 57.37 31.21 84.83
C ASP A 151 58.36 31.41 85.98
N LYS A 152 58.99 30.32 86.40
CA LYS A 152 59.91 30.35 87.52
C LYS A 152 61.16 31.17 87.20
N ARG A 153 61.52 31.20 85.93
CA ARG A 153 62.68 31.96 85.49
C ARG A 153 62.46 33.45 85.70
N LYS A 154 61.25 33.91 85.38
CA LYS A 154 60.88 35.31 85.54
C LYS A 154 60.50 35.64 86.98
N LEU A 155 60.04 34.62 87.71
CA LEU A 155 59.72 34.78 89.12
C LEU A 155 60.99 35.02 89.92
N ALA A 156 61.97 34.15 89.70
CA ALA A 156 63.25 34.24 90.42
C ALA A 156 63.99 35.51 90.05
N SER A 157 63.92 35.90 88.77
CA SER A 157 64.60 37.09 88.30
C SER A 157 63.89 38.35 88.77
N GLY A 158 62.60 38.21 89.10
CA GLY A 158 61.80 39.35 89.53
C GLY A 158 61.12 40.03 88.36
N GLU A 159 61.19 39.40 87.20
CA GLU A 159 60.59 39.93 85.97
C GLU A 159 59.07 39.93 86.05
N CYS A 160 58.52 38.88 86.65
CA CYS A 160 57.08 38.79 86.88
C CYS A 160 56.82 38.68 88.37
N LYS A 161 56.01 39.60 88.88
CA LYS A 161 55.65 39.59 90.30
C LYS A 161 54.17 39.90 90.50
N CYS A 162 53.57 39.29 91.52
CA CYS A 162 52.19 39.57 91.87
C CYS A 162 52.09 40.86 92.69
N GLU A 163 51.38 41.85 92.15
CA GLU A 163 51.28 43.15 92.80
C GLU A 163 50.32 43.14 94.00
N ASP A 164 49.55 42.07 94.14
CA ASP A 164 48.62 41.94 95.27
C ASP A 164 49.35 41.37 96.48
N THR A 165 49.55 42.23 97.48
CA THR A 165 50.36 41.88 98.64
C THR A 165 49.59 40.99 99.61
N TRP A 166 48.27 41.17 99.65
CA TRP A 166 47.45 40.50 100.66
C TRP A 166 46.83 39.21 100.17
N SER A 167 46.10 39.26 99.06
CA SER A 167 45.39 38.09 98.58
C SER A 167 46.25 37.26 97.64
N GLY A 168 47.30 37.87 97.12
CA GLY A 168 48.19 37.17 96.21
C GLY A 168 47.52 36.87 94.88
N CYS A 169 48.12 35.95 94.11
CA CYS A 169 47.58 35.61 92.80
C CYS A 169 47.27 34.13 92.65
N ILE A 170 46.46 33.81 91.64
CA ILE A 170 45.91 32.47 91.45
C ILE A 170 46.96 31.37 91.30
N MET A 171 48.00 31.62 90.51
CA MET A 171 49.00 30.59 90.26
C MET A 171 49.99 30.44 91.42
N GLY A 172 49.76 31.19 92.49
CA GLY A 172 50.59 31.07 93.68
C GLY A 172 49.99 30.11 94.70
N ASP A 173 50.75 29.85 95.77
CA ASP A 173 50.26 28.97 96.83
C ASP A 173 49.02 29.57 97.49
N THR A 174 47.98 28.76 97.62
CA THR A 174 46.71 29.25 98.13
C THR A 174 46.61 29.08 99.64
N GLY A 175 46.11 30.10 100.32
CA GLY A 175 45.88 30.05 101.75
C GLY A 175 44.44 30.41 102.08
N TYR A 176 44.18 30.82 103.32
CA TYR A 176 42.82 31.16 103.72
C TYR A 176 42.29 32.34 102.91
N TYR A 177 43.06 33.42 102.85
CA TYR A 177 42.67 34.56 102.04
C TYR A 177 42.93 34.30 100.56
N LEU A 178 41.86 34.03 99.83
CA LEU A 178 41.95 33.55 98.45
C LEU A 178 42.31 34.64 97.45
N PRO A 179 43.11 34.27 96.44
CA PRO A 179 43.47 35.19 95.35
C PRO A 179 42.29 35.43 94.42
N LYS A 180 42.37 36.48 93.61
CA LYS A 180 41.28 36.84 92.73
C LYS A 180 41.79 37.18 91.32
N LYS A 181 43.09 37.39 91.21
CA LYS A 181 43.65 37.92 89.96
C LYS A 181 44.82 37.11 89.42
N PHE A 182 44.91 37.05 88.09
CA PHE A 182 46.10 36.56 87.42
C PHE A 182 47.09 37.72 87.29
N THR A 183 48.37 37.40 87.16
CA THR A 183 49.37 38.43 86.92
C THR A 183 49.34 38.83 85.45
N GLN A 184 49.95 39.97 85.13
CA GLN A 184 50.06 40.41 83.74
C GLN A 184 50.91 39.41 82.96
N CYS A 185 51.86 38.79 83.67
CA CYS A 185 52.74 37.79 83.06
C CYS A 185 51.92 36.57 82.64
N ASN A 186 50.93 36.21 83.44
CA ASN A 186 50.05 35.10 83.12
C ASN A 186 49.23 35.35 81.85
N ILE A 187 48.76 36.59 81.71
CA ILE A 187 48.01 36.99 80.53
C ILE A 187 48.84 36.82 79.26
N GLU A 188 50.10 37.23 79.33
CA GLU A 188 51.00 37.15 78.18
C GLU A 188 51.25 35.70 77.79
N GLU A 189 51.40 34.83 78.78
CA GLU A 189 51.60 33.42 78.51
C GLU A 189 50.41 32.81 77.79
N TYR A 190 49.22 33.22 78.21
CA TYR A 190 47.98 32.76 77.61
C TYR A 190 47.85 33.23 76.18
N HIS A 191 48.22 34.49 75.93
CA HIS A 191 48.20 35.03 74.58
C HIS A 191 49.22 34.32 73.70
N ASP A 192 50.39 34.06 74.28
CA ASP A 192 51.46 33.37 73.57
C ASP A 192 51.03 31.97 73.17
N PHE A 193 50.24 31.35 74.04
CA PHE A 193 49.75 29.99 73.78
C PHE A 193 48.78 29.97 72.61
N LEU A 194 47.90 30.96 72.55
CA LEU A 194 46.94 31.09 71.48
C LEU A 194 47.64 31.43 70.16
N ASN A 195 48.62 32.32 70.24
CA ASN A 195 49.40 32.71 69.07
C ASN A 195 50.29 31.58 68.57
N SER A 196 50.53 30.61 69.43
CA SER A 196 51.34 29.44 69.11
C SER A 196 50.51 28.37 68.40
N GLY A 197 49.20 28.59 68.33
CA GLY A 197 48.31 27.66 67.66
C GLY A 197 47.52 26.79 68.62
N GLY A 198 47.59 27.11 69.91
CA GLY A 198 46.91 26.36 70.93
C GLY A 198 45.52 26.91 71.23
N GLY A 199 44.68 26.09 71.83
CA GLY A 199 43.32 26.49 72.17
C GLY A 199 42.42 26.70 70.97
N ALA A 200 42.53 25.84 69.97
CA ALA A 200 41.70 25.94 68.77
C ALA A 200 40.22 25.65 69.03
N CYS A 201 39.95 24.75 69.96
CA CYS A 201 38.58 24.33 70.25
C CYS A 201 37.84 25.31 71.17
N LEU A 202 38.45 26.45 71.40
CA LEU A 202 37.94 27.43 72.37
C LEU A 202 37.15 28.56 71.73
N PHE A 203 36.88 28.45 70.43
CA PHE A 203 36.29 29.56 69.70
C PHE A 203 34.86 29.28 69.23
N ASN A 204 34.33 28.11 69.61
CA ASN A 204 32.92 27.82 69.43
C ASN A 204 32.12 28.34 70.63
N LYS A 205 31.14 29.20 70.36
CA LYS A 205 30.36 29.79 71.44
C LYS A 205 29.15 28.91 71.76
N PRO A 206 29.10 28.41 73.00
CA PRO A 206 27.97 27.58 73.48
C PRO A 206 26.67 28.36 73.44
N SER A 207 25.56 27.68 73.21
CA SER A 207 24.26 28.33 73.15
C SER A 207 23.39 27.93 74.34
N LYS A 208 22.88 26.70 74.29
CA LYS A 208 22.00 26.21 75.34
C LYS A 208 22.82 25.64 76.50
N LEU A 209 22.64 26.24 77.67
CA LEU A 209 23.36 25.83 78.86
C LEU A 209 22.61 24.74 79.61
N LEU A 210 23.12 24.37 80.79
CA LEU A 210 22.48 23.38 81.64
C LEU A 210 21.56 24.02 82.68
N ASP A 211 21.21 25.27 82.45
CA ASP A 211 20.41 26.03 83.40
C ASP A 211 19.21 26.68 82.68
N PRO A 212 18.20 27.13 83.44
CA PRO A 212 17.09 27.89 82.85
C PRO A 212 17.59 29.11 82.09
N PRO A 213 16.98 29.40 80.93
CA PRO A 213 17.34 30.52 80.07
C PRO A 213 17.36 31.85 80.82
N GLU A 214 18.39 32.66 80.57
CA GLU A 214 18.54 33.93 81.24
C GLU A 214 18.90 35.03 80.24
N CYS A 215 17.96 35.95 80.01
CA CYS A 215 18.19 37.07 79.11
C CYS A 215 19.16 38.08 79.73
N GLY A 216 20.34 38.22 79.12
CA GLY A 216 21.34 39.13 79.63
C GLY A 216 22.51 38.40 80.25
N ASN A 217 22.78 37.22 79.73
CA ASN A 217 23.87 36.38 80.21
C ASN A 217 24.97 36.31 79.14
N GLY A 218 24.62 36.75 77.94
CA GLY A 218 25.54 36.69 76.82
C GLY A 218 25.52 35.33 76.13
N PHE A 219 24.42 34.60 76.26
CA PHE A 219 24.28 33.30 75.61
C PHE A 219 22.86 33.10 75.06
N ILE A 220 22.79 32.71 73.79
CA ILE A 220 21.52 32.48 73.11
C ILE A 220 20.92 31.13 73.50
N GLU A 221 19.99 31.17 74.46
CA GLU A 221 19.38 29.95 74.97
C GLU A 221 18.00 29.72 74.36
N THR A 222 17.28 28.73 74.89
CA THR A 222 15.98 28.37 74.36
C THR A 222 14.97 29.49 74.55
N GLY A 223 14.16 29.73 73.50
CA GLY A 223 13.12 30.73 73.54
C GLY A 223 13.56 32.08 73.00
N GLU A 224 14.80 32.45 73.30
CA GLU A 224 15.34 33.74 72.90
C GLU A 224 16.09 33.64 71.57
N GLU A 225 15.96 34.67 70.75
CA GLU A 225 16.58 34.72 69.43
C GLU A 225 18.02 35.21 69.50
N CYS A 226 18.27 36.16 70.40
CA CYS A 226 19.61 36.68 70.63
C CYS A 226 19.88 37.04 72.10
N ASP A 227 21.12 37.41 72.41
CA ASP A 227 21.52 37.74 73.79
C ASP A 227 22.87 38.49 73.78
N CYS A 228 22.81 39.82 73.83
CA CYS A 228 24.00 40.68 73.73
C CYS A 228 25.07 40.61 74.82
N GLY A 229 24.67 40.37 76.06
CA GLY A 229 25.64 40.39 77.15
C GLY A 229 24.98 41.07 78.35
N THR A 230 25.38 42.30 78.65
CA THR A 230 24.72 43.04 79.71
C THR A 230 24.28 44.39 79.13
N PRO A 231 23.22 44.99 79.69
CA PRO A 231 22.74 46.29 79.22
C PRO A 231 23.85 47.33 79.18
N ALA A 232 24.86 47.21 80.04
CA ALA A 232 26.03 48.09 79.96
C ALA A 232 26.89 47.82 78.71
N GLU A 233 27.26 46.57 78.48
CA GLU A 233 28.10 46.19 77.34
C GLU A 233 27.34 45.91 76.03
N CYS A 234 26.02 45.83 76.10
CA CYS A 234 25.20 45.62 74.90
C CYS A 234 25.22 46.90 74.06
N VAL A 235 25.40 48.06 74.74
CA VAL A 235 25.51 49.36 74.07
C VAL A 235 26.65 49.33 73.04
N LEU A 236 27.76 48.72 73.42
CA LEU A 236 28.91 48.62 72.54
C LEU A 236 28.55 47.82 71.29
N GLU A 237 27.86 46.70 71.48
CA GLU A 237 27.49 45.85 70.36
C GLU A 237 26.19 45.09 70.63
N GLY A 238 25.20 45.29 69.76
CA GLY A 238 23.95 44.56 69.85
C GLY A 238 22.79 45.40 70.35
N ALA A 239 23.07 46.64 70.73
CA ALA A 239 22.04 47.53 71.27
C ALA A 239 20.92 47.77 70.26
N GLU A 240 21.29 48.22 69.06
CA GLU A 240 20.30 48.47 68.02
C GLU A 240 19.70 47.18 67.50
N CYS A 241 20.47 46.10 67.58
CA CYS A 241 20.08 44.83 66.97
C CYS A 241 19.10 44.04 67.84
N CYS A 242 19.37 44.00 69.14
CA CYS A 242 18.60 43.15 70.04
C CYS A 242 17.86 43.93 71.12
N LYS A 243 16.57 43.64 71.26
CA LYS A 243 15.74 44.24 72.30
C LYS A 243 15.04 43.16 73.11
N LYS A 244 15.40 43.04 74.39
CA LYS A 244 14.84 42.04 75.28
C LYS A 244 14.96 40.64 74.68
N CYS A 245 16.17 40.31 74.24
CA CYS A 245 16.49 39.01 73.64
C CYS A 245 15.65 38.69 72.41
N THR A 246 15.29 39.72 71.66
CA THR A 246 14.51 39.53 70.44
C THR A 246 15.04 40.43 69.31
N LEU A 247 15.21 39.84 68.12
CA LEU A 247 15.70 40.58 66.97
C LEU A 247 14.73 41.68 66.55
N THR A 248 15.28 42.83 66.17
CA THR A 248 14.49 43.97 65.72
C THR A 248 13.94 43.79 64.31
N GLN A 249 13.28 44.82 63.81
CA GLN A 249 12.58 44.78 62.53
C GLN A 249 13.57 44.47 61.40
N ASP A 250 14.68 45.21 61.40
CA ASP A 250 15.69 45.08 60.37
C ASP A 250 16.98 44.49 60.91
N SER A 251 16.92 43.24 61.35
CA SER A 251 18.10 42.59 61.91
C SER A 251 18.16 41.08 61.65
N GLN A 252 19.33 40.61 61.22
CA GLN A 252 19.56 39.19 61.01
C GLN A 252 20.32 38.58 62.19
N CYS A 253 21.03 39.43 62.91
CA CYS A 253 21.81 39.00 64.06
C CYS A 253 21.97 40.13 65.08
N SER A 254 22.64 39.83 66.18
CA SER A 254 22.84 40.80 67.24
C SER A 254 24.30 41.19 67.42
N ASP A 255 25.14 40.21 67.72
CA ASP A 255 26.57 40.46 67.94
C ASP A 255 27.43 39.34 67.38
N GLY A 256 28.74 39.57 67.31
CA GLY A 256 29.63 38.58 66.76
C GLY A 256 30.56 39.19 65.73
N LEU A 257 31.60 38.44 65.37
CA LEU A 257 32.58 38.90 64.40
C LEU A 257 32.03 38.94 62.99
N CYS A 258 31.03 38.11 62.73
CA CYS A 258 30.41 38.06 61.42
C CYS A 258 29.09 38.84 61.37
N CYS A 259 28.91 39.74 62.33
CA CYS A 259 27.72 40.58 62.38
C CYS A 259 28.05 42.07 62.29
N LYS A 260 27.46 42.74 61.30
CA LYS A 260 27.72 44.17 61.08
C LYS A 260 26.41 44.96 61.09
N LYS A 261 26.20 45.74 62.16
CA LYS A 261 25.01 46.57 62.29
C LYS A 261 23.73 45.76 62.07
N CYS A 262 23.60 44.68 62.85
CA CYS A 262 22.44 43.81 62.84
C CYS A 262 22.32 43.00 61.54
N LYS A 263 23.37 43.00 60.72
CA LYS A 263 23.35 42.24 59.48
C LYS A 263 24.50 41.26 59.38
N PHE A 264 24.28 40.16 58.66
CA PHE A 264 25.31 39.15 58.43
C PHE A 264 26.45 39.67 57.60
N GLN A 265 27.66 39.24 57.92
CA GLN A 265 28.83 39.57 57.11
C GLN A 265 28.87 38.63 55.90
N PRO A 266 29.12 39.19 54.71
CA PRO A 266 29.13 38.39 53.49
C PRO A 266 30.14 37.25 53.52
N MET A 267 29.82 36.15 52.85
CA MET A 267 30.68 34.98 52.81
C MET A 267 32.03 35.31 52.17
N GLY A 268 33.10 34.82 52.79
CA GLY A 268 34.44 35.03 52.28
C GLY A 268 35.20 36.08 53.06
N THR A 269 34.51 36.73 54.01
CA THR A 269 35.14 37.72 54.88
C THR A 269 35.98 37.05 55.96
N VAL A 270 37.24 37.45 56.05
CA VAL A 270 38.16 36.90 57.05
C VAL A 270 37.76 37.34 58.45
N CYS A 271 37.40 36.39 59.29
CA CYS A 271 37.01 36.70 60.68
C CYS A 271 38.11 36.27 61.67
N ARG A 272 39.02 35.42 61.22
CA ARG A 272 40.14 35.00 62.06
C ARG A 272 41.32 34.56 61.22
N GLU A 273 42.39 35.36 61.25
CA GLU A 273 43.60 35.09 60.47
C GLU A 273 44.42 33.97 61.14
N ALA A 274 45.18 33.22 60.34
CA ALA A 274 46.01 32.14 60.88
C ALA A 274 47.10 32.69 61.79
N VAL A 275 47.20 32.11 62.97
CA VAL A 275 48.16 32.55 63.97
C VAL A 275 49.56 32.08 63.63
N ASN A 276 49.65 30.99 62.86
CA ASN A 276 50.94 30.43 62.44
C ASN A 276 50.79 29.58 61.19
N ASP A 277 51.88 28.93 60.78
CA ASP A 277 51.89 28.12 59.56
C ASP A 277 51.25 26.75 59.79
N CYS A 278 50.77 26.51 61.00
CA CYS A 278 50.01 25.30 61.26
C CYS A 278 48.52 25.60 61.20
N ASP A 279 48.16 26.88 61.12
CA ASP A 279 46.74 27.22 61.20
C ASP A 279 46.09 27.48 59.85
N ILE A 280 44.78 27.29 59.81
CA ILE A 280 43.98 27.61 58.63
C ILE A 280 43.09 28.81 58.97
N ARG A 281 43.08 29.80 58.09
CA ARG A 281 42.25 30.99 58.26
C ARG A 281 40.76 30.62 58.23
N GLU A 282 39.93 31.41 58.92
CA GLU A 282 38.50 31.15 58.96
C GLU A 282 37.75 32.28 58.28
N THR A 283 36.78 31.94 57.45
CA THR A 283 35.97 32.95 56.79
C THR A 283 34.52 32.84 57.26
N CYS A 284 33.82 33.97 57.24
CA CYS A 284 32.42 33.99 57.65
C CYS A 284 31.57 33.18 56.69
N SER A 285 30.65 32.39 57.24
CA SER A 285 29.78 31.56 56.42
C SER A 285 28.73 32.40 55.70
N GLY A 286 28.43 33.57 56.26
CA GLY A 286 27.41 34.44 55.70
C GLY A 286 26.04 34.10 56.23
N ASN A 287 25.95 32.95 56.90
CA ASN A 287 24.68 32.48 57.44
C ASN A 287 24.70 32.46 58.97
N SER A 288 25.83 32.86 59.54
CA SER A 288 25.99 32.86 61.00
C SER A 288 26.66 34.14 61.50
N SER A 289 26.29 34.56 62.71
CA SER A 289 26.87 35.76 63.30
C SER A 289 28.22 35.50 63.94
N GLN A 290 28.44 34.24 64.33
CA GLN A 290 29.72 33.85 64.93
C GLN A 290 30.72 33.50 63.85
N CYS A 291 31.99 33.72 64.14
CA CYS A 291 33.05 33.28 63.24
C CYS A 291 33.12 31.77 63.24
N ALA A 292 33.48 31.20 62.10
CA ALA A 292 33.57 29.76 61.93
C ALA A 292 34.46 29.13 63.01
N PRO A 293 34.14 27.89 63.42
CA PRO A 293 34.93 27.15 64.42
C PRO A 293 36.42 27.13 64.07
N ASN A 294 37.27 27.53 65.01
CA ASN A 294 38.71 27.60 64.76
C ASN A 294 39.31 26.23 64.47
N ILE A 295 39.67 26.01 63.21
CA ILE A 295 40.34 24.78 62.83
C ILE A 295 41.72 25.11 62.27
N HIS A 296 42.55 24.09 62.13
CA HIS A 296 43.92 24.24 61.64
C HIS A 296 44.34 23.03 60.82
N LYS A 297 45.60 23.03 60.38
CA LYS A 297 46.12 21.91 59.62
C LYS A 297 46.22 20.65 60.48
N MET A 298 46.01 19.51 59.84
CA MET A 298 46.10 18.23 60.52
C MET A 298 47.51 17.96 61.03
N ASP A 299 47.65 16.97 61.90
CA ASP A 299 48.96 16.56 62.38
C ASP A 299 49.74 15.90 61.27
N GLY A 300 50.92 16.43 60.97
CA GLY A 300 51.74 15.88 59.92
C GLY A 300 52.29 16.95 59.00
N TYR A 301 51.55 18.04 58.85
CA TYR A 301 51.99 19.17 58.06
C TYR A 301 53.28 19.75 58.63
N SER A 302 54.14 20.25 57.74
CA SER A 302 55.41 20.80 58.17
C SER A 302 55.23 22.24 58.62
N CYS A 303 56.17 22.72 59.45
CA CYS A 303 56.15 24.11 59.89
C CYS A 303 57.57 24.58 60.16
N ASP A 304 57.76 25.90 60.18
CA ASP A 304 59.09 26.49 60.28
C ASP A 304 60.00 25.90 59.20
N GLY A 305 59.50 25.94 57.97
CA GLY A 305 60.19 25.30 56.86
C GLY A 305 60.01 23.80 56.96
N VAL A 306 61.11 23.09 57.12
CA VAL A 306 61.08 21.65 57.27
C VAL A 306 61.56 21.31 58.68
N GLN A 307 61.86 22.35 59.45
CA GLN A 307 62.42 22.17 60.78
C GLN A 307 61.40 21.62 61.78
N GLY A 308 60.12 21.80 61.50
CA GLY A 308 59.09 21.36 62.42
C GLY A 308 57.93 20.66 61.75
N ILE A 309 57.08 20.05 62.57
CA ILE A 309 55.88 19.37 62.09
C ILE A 309 54.71 19.64 63.04
N CYS A 310 53.57 20.02 62.46
CA CYS A 310 52.40 20.43 63.24
C CYS A 310 51.78 19.31 64.06
N PHE A 311 51.48 19.62 65.32
CA PHE A 311 50.77 18.73 66.21
C PHE A 311 49.82 19.54 67.09
N GLY A 312 48.52 19.34 66.91
CA GLY A 312 47.53 20.07 67.67
C GLY A 312 47.55 21.56 67.39
N GLY A 313 47.93 21.92 66.16
CA GLY A 313 48.01 23.31 65.75
C GLY A 313 49.31 23.97 66.17
N ARG A 314 50.15 23.23 66.88
CA ARG A 314 51.41 23.78 67.38
C ARG A 314 52.62 23.14 66.71
N CYS A 315 53.66 23.93 66.49
CA CYS A 315 54.86 23.47 65.78
C CYS A 315 55.87 22.86 66.75
N LYS A 316 56.18 21.57 66.55
CA LYS A 316 57.17 20.90 67.39
C LYS A 316 58.56 20.96 66.79
N THR A 317 59.38 21.90 67.28
CA THR A 317 60.78 21.96 66.87
C THR A 317 61.68 21.85 68.10
N ARG A 318 62.92 21.42 67.89
CA ARG A 318 63.88 21.37 68.98
C ARG A 318 64.17 22.79 69.46
N ASP A 319 64.08 23.75 68.54
CA ASP A 319 64.33 25.15 68.88
C ASP A 319 63.26 25.70 69.80
N ARG A 320 62.01 25.39 69.49
CA ARG A 320 60.89 25.86 70.32
C ARG A 320 60.86 25.14 71.65
N GLN A 321 61.21 23.86 71.65
CA GLN A 321 61.23 23.07 72.87
C GLN A 321 62.27 23.60 73.85
N CYS A 322 63.39 24.07 73.32
CA CYS A 322 64.42 24.69 74.14
C CYS A 322 63.94 26.02 74.69
N LYS A 323 63.22 26.78 73.87
CA LYS A 323 62.66 28.06 74.32
C LYS A 323 61.58 27.82 75.36
N TYR A 324 60.86 26.71 75.21
CA TYR A 324 59.77 26.35 76.10
C TYR A 324 60.25 26.05 77.52
N ILE A 325 61.42 25.41 77.61
CA ILE A 325 61.94 24.96 78.89
C ILE A 325 62.82 26.00 79.58
N TRP A 326 63.75 26.59 78.82
CA TRP A 326 64.78 27.42 79.44
C TRP A 326 64.62 28.91 79.19
N GLY A 327 63.82 29.29 78.20
CA GLY A 327 63.57 30.70 77.95
C GLY A 327 63.71 31.11 76.49
N GLN A 328 63.13 32.25 76.16
CA GLN A 328 63.07 32.73 74.77
C GLN A 328 64.46 33.03 74.23
N LYS A 329 65.37 33.44 75.10
CA LYS A 329 66.71 33.80 74.68
C LYS A 329 67.53 32.56 74.32
N VAL A 330 67.05 31.40 74.76
CA VAL A 330 67.74 30.13 74.50
C VAL A 330 67.42 29.61 73.11
N THR A 331 68.45 29.12 72.42
CA THR A 331 68.27 28.52 71.10
C THR A 331 68.76 27.07 71.08
N ALA A 332 68.28 26.30 70.12
CA ALA A 332 68.67 24.90 69.99
C ALA A 332 70.11 24.78 69.53
N SER A 333 70.76 23.70 69.92
CA SER A 333 72.15 23.45 69.52
C SER A 333 72.23 23.05 68.06
N ASP A 334 73.43 23.19 67.48
CA ASP A 334 73.67 22.76 66.12
C ASP A 334 73.55 21.24 66.03
N LYS A 335 73.23 20.74 64.84
CA LYS A 335 73.04 19.31 64.63
C LYS A 335 74.32 18.52 64.90
N TYR A 336 75.46 19.21 64.81
CA TYR A 336 76.75 18.58 65.06
C TYR A 336 76.88 18.19 66.53
N CYS A 337 76.27 18.98 67.41
CA CYS A 337 76.28 18.70 68.84
C CYS A 337 75.60 17.36 69.13
N TYR A 338 74.49 17.12 68.43
CA TYR A 338 73.76 15.86 68.57
C TYR A 338 74.56 14.72 67.96
N GLU A 339 75.10 14.96 66.77
CA GLU A 339 75.77 13.92 65.98
C GLU A 339 76.98 13.32 66.68
N LYS A 340 77.45 13.95 67.76
CA LYS A 340 78.62 13.44 68.47
C LYS A 340 78.26 12.94 69.86
N LEU A 341 77.54 13.76 70.63
CA LEU A 341 77.25 13.45 72.02
C LEU A 341 76.24 12.31 72.19
N ASN A 342 75.17 12.32 71.40
CA ASN A 342 74.10 11.33 71.55
C ASN A 342 74.58 9.91 71.26
N ILE A 343 75.47 9.79 70.28
CA ILE A 343 76.03 8.50 69.87
C ILE A 343 76.78 7.84 71.02
N GLU A 344 77.47 8.66 71.82
CA GLU A 344 78.24 8.18 72.95
C GLU A 344 77.34 7.48 73.96
N GLY A 345 76.23 8.12 74.33
CA GLY A 345 75.30 7.52 75.25
C GLY A 345 75.77 7.70 76.68
N THR A 346 76.46 8.82 76.90
CA THR A 346 76.96 9.17 78.22
C THR A 346 75.97 10.03 78.97
N GLU A 347 76.34 10.52 80.16
CA GLU A 347 75.44 11.44 80.86
C GLU A 347 75.30 12.75 80.12
N LYS A 348 76.34 13.12 79.37
CA LYS A 348 76.33 14.37 78.63
C LYS A 348 75.53 14.27 77.32
N GLY A 349 74.82 13.16 77.14
CA GLY A 349 74.00 12.96 75.95
C GLY A 349 73.65 11.49 75.74
N ASN A 350 72.37 11.21 75.57
CA ASN A 350 71.92 9.82 75.45
C ASN A 350 70.49 9.69 74.92
N CYS A 351 70.05 8.45 74.69
CA CYS A 351 68.69 8.15 74.26
C CYS A 351 67.87 7.51 75.37
N GLY A 352 68.02 8.00 76.60
CA GLY A 352 67.26 7.49 77.73
C GLY A 352 68.11 6.82 78.79
N LYS A 353 67.47 6.36 79.85
CA LYS A 353 68.17 5.70 80.95
C LYS A 353 67.56 4.33 81.26
N ASP A 354 68.42 3.31 81.32
CA ASP A 354 67.96 1.95 81.61
C ASP A 354 68.69 1.35 82.81
N LYS A 355 68.04 1.36 83.97
CA LYS A 355 68.58 0.76 85.19
C LYS A 355 70.00 1.24 85.48
N ASP A 356 70.15 2.49 85.93
CA ASP A 356 71.45 3.03 86.35
C ASP A 356 72.42 3.19 85.17
N THR A 357 71.95 2.90 83.95
CA THR A 357 72.81 2.99 82.78
C THR A 357 72.14 3.65 81.58
N TRP A 358 72.83 4.61 80.97
CA TRP A 358 72.31 5.33 79.81
C TRP A 358 72.40 4.48 78.55
N ILE A 359 71.45 4.69 77.65
CA ILE A 359 71.44 3.99 76.36
C ILE A 359 72.21 4.80 75.31
N GLN A 360 73.17 4.14 74.67
CA GLN A 360 73.91 4.77 73.58
C GLN A 360 73.08 4.81 72.31
N CYS A 361 72.77 6.02 71.84
CA CYS A 361 71.88 6.22 70.71
C CYS A 361 72.46 5.67 69.40
N ASN A 362 71.56 5.20 68.54
CA ASN A 362 71.95 4.73 67.21
C ASN A 362 72.21 5.94 66.33
N LYS A 363 72.88 5.75 65.21
CA LYS A 363 73.29 6.87 64.37
C LYS A 363 72.14 7.56 63.63
N ARG A 364 71.08 6.82 63.33
CA ARG A 364 69.88 7.44 62.75
C ARG A 364 68.99 8.09 63.82
N ASP A 365 68.92 7.46 64.99
CA ASP A 365 68.06 7.95 66.07
C ASP A 365 68.78 8.99 66.93
N VAL A 366 69.65 9.76 66.31
CA VAL A 366 70.47 10.74 67.02
C VAL A 366 69.69 12.02 67.32
N LEU A 367 68.77 12.38 66.42
CA LEU A 367 67.98 13.60 66.59
C LEU A 367 66.78 13.38 67.51
N CYS A 368 66.64 12.16 68.01
CA CYS A 368 65.52 11.82 68.88
C CYS A 368 65.98 11.48 70.29
N GLY A 369 67.20 11.92 70.63
CA GLY A 369 67.78 11.60 71.92
C GLY A 369 67.74 12.73 72.93
N TYR A 370 68.88 12.98 73.56
CA TYR A 370 69.01 14.01 74.58
C TYR A 370 68.94 15.39 73.96
N LEU A 371 68.04 16.23 74.46
CA LEU A 371 67.86 17.57 73.91
C LEU A 371 69.06 18.46 74.23
N LEU A 372 69.51 19.19 73.22
CA LEU A 372 70.67 20.07 73.38
C LEU A 372 70.31 21.50 73.01
N CYS A 373 70.69 22.44 73.87
CA CYS A 373 70.39 23.86 73.66
C CYS A 373 71.65 24.72 73.77
N THR A 374 71.53 26.00 73.40
CA THR A 374 72.64 26.94 73.52
C THR A 374 72.24 28.13 74.38
N ASN A 375 73.23 28.75 75.02
CA ASN A 375 73.00 29.90 75.88
C ASN A 375 71.99 29.56 76.98
N ILE A 376 72.17 28.40 77.60
CA ILE A 376 71.22 27.92 78.60
C ILE A 376 71.41 28.66 79.93
N GLY A 377 70.38 28.63 80.76
CA GLY A 377 70.45 29.23 82.09
C GLY A 377 70.63 28.18 83.16
N ASN A 378 70.19 28.48 84.38
CA ASN A 378 70.30 27.53 85.47
C ASN A 378 68.96 27.28 86.16
N ILE A 379 67.88 27.77 85.55
CA ILE A 379 66.55 27.58 86.11
C ILE A 379 65.50 27.43 84.99
N PRO A 380 64.86 26.26 84.93
CA PRO A 380 63.83 26.02 83.89
C PRO A 380 62.59 26.85 84.13
N ARG A 381 61.82 27.10 83.08
CA ARG A 381 60.60 27.89 83.19
C ARG A 381 59.52 27.12 83.94
N LEU A 382 59.58 25.79 83.86
CA LEU A 382 58.59 24.94 84.49
C LEU A 382 59.21 23.65 85.00
N GLY A 383 58.52 22.98 85.92
CA GLY A 383 58.97 21.70 86.43
C GLY A 383 60.16 21.78 87.36
N GLU A 384 60.68 20.63 87.74
CA GLU A 384 61.81 20.55 88.66
C GLU A 384 63.06 20.02 87.97
N LEU A 385 64.20 20.65 88.24
CA LEU A 385 65.47 20.21 87.68
C LEU A 385 66.02 19.04 88.49
N ASP A 386 66.22 17.90 87.83
CA ASP A 386 66.73 16.71 88.49
C ASP A 386 68.20 16.48 88.14
N GLY A 387 69.09 16.96 88.99
CA GLY A 387 70.52 16.79 88.77
C GLY A 387 71.14 18.11 88.40
N GLU A 388 72.17 18.08 87.56
CA GLU A 388 72.81 19.30 87.12
C GLU A 388 72.64 19.48 85.61
N ILE A 389 73.03 20.66 85.14
CA ILE A 389 72.94 21.00 83.72
C ILE A 389 74.22 20.66 82.96
N THR A 390 74.00 19.86 81.91
CA THR A 390 75.03 19.39 80.99
C THR A 390 75.53 20.53 80.06
N SER A 391 76.85 20.75 80.00
CA SER A 391 77.47 21.81 79.18
C SER A 391 78.74 21.27 78.52
N THR A 392 78.67 21.08 77.19
CA THR A 392 79.75 20.46 76.42
C THR A 392 80.26 21.38 75.33
N LEU A 393 81.57 21.35 75.10
CA LEU A 393 82.19 22.16 74.07
C LEU A 393 82.77 21.28 72.97
N GLY A 398 86.44 26.09 60.80
CA GLY A 398 86.57 25.47 62.11
C GLY A 398 85.82 26.26 63.18
N ARG A 399 84.82 25.60 63.76
CA ARG A 399 83.97 26.19 64.79
C ARG A 399 83.70 25.23 65.96
N THR A 400 83.77 25.77 67.18
CA THR A 400 83.54 24.97 68.37
C THR A 400 82.15 25.31 68.91
N LEU A 401 81.34 24.28 69.07
CA LEU A 401 79.92 24.40 69.39
C LEU A 401 79.57 23.98 70.80
N ASN A 402 78.97 24.92 71.54
CA ASN A 402 78.60 24.71 72.93
C ASN A 402 77.23 24.03 73.10
N CYS A 403 77.30 22.71 73.29
CA CYS A 403 76.14 21.86 73.53
C CYS A 403 75.65 21.85 74.98
N SER A 404 74.43 22.31 75.24
CA SER A 404 73.93 22.31 76.61
C SER A 404 72.59 21.58 76.73
N GLY A 405 72.39 20.90 77.85
CA GLY A 405 71.16 20.16 78.07
C GLY A 405 70.75 20.16 79.54
N GLY A 406 69.69 19.43 79.86
CA GLY A 406 69.22 19.36 81.24
C GLY A 406 68.00 18.47 81.44
N HIS A 407 67.92 17.86 82.62
CA HIS A 407 66.81 16.97 82.95
C HIS A 407 65.73 17.68 83.77
N VAL A 408 64.60 17.98 83.13
CA VAL A 408 63.50 18.65 83.81
C VAL A 408 62.32 17.70 84.00
N LYS A 409 61.90 17.50 85.25
CA LYS A 409 60.86 16.53 85.56
C LYS A 409 59.54 17.19 85.96
N LEU A 410 58.55 17.06 85.09
CA LEU A 410 57.18 17.43 85.45
C LEU A 410 56.55 16.30 86.24
N GLU A 411 56.70 15.08 85.71
CA GLU A 411 56.21 13.86 86.32
C GLU A 411 57.41 12.95 86.60
N GLU A 412 57.21 11.98 87.48
CA GLU A 412 58.20 10.95 87.74
C GLU A 412 58.48 10.17 86.45
N ASP A 413 57.46 10.03 85.59
CA ASP A 413 57.61 9.31 84.31
C ASP A 413 58.02 10.25 83.19
N VAL A 414 57.37 11.41 83.12
CA VAL A 414 57.65 12.38 82.07
C VAL A 414 58.87 13.23 82.38
N ASP A 415 59.83 13.20 81.46
CA ASP A 415 61.09 13.94 81.63
C ASP A 415 61.33 14.89 80.46
N LEU A 416 61.32 16.18 80.74
CA LEU A 416 61.70 17.18 79.75
C LEU A 416 63.21 17.29 79.70
N GLY A 417 63.77 17.35 78.51
CA GLY A 417 65.21 17.33 78.33
C GLY A 417 65.58 16.30 77.28
N TYR A 418 64.57 15.55 76.85
CA TYR A 418 64.73 14.64 75.73
C TYR A 418 63.84 15.13 74.59
N VAL A 419 64.21 14.77 73.37
CA VAL A 419 63.49 15.24 72.18
C VAL A 419 62.04 14.77 72.20
N GLU A 420 61.13 15.73 72.18
CA GLU A 420 59.69 15.47 72.22
C GLU A 420 59.23 14.60 71.06
N ASP A 421 58.27 13.72 71.31
CA ASP A 421 57.73 12.86 70.26
C ASP A 421 57.03 13.68 69.18
N GLY A 422 57.29 13.34 67.92
CA GLY A 422 56.71 14.06 66.80
C GLY A 422 57.68 15.04 66.17
N THR A 423 58.78 15.30 66.86
CA THR A 423 59.79 16.22 66.35
C THR A 423 60.51 15.61 65.15
N PRO A 424 60.59 16.38 64.05
CA PRO A 424 61.23 15.90 62.82
C PRO A 424 62.70 15.52 63.04
N CYS A 425 63.13 14.37 62.49
CA CYS A 425 64.52 13.92 62.58
C CYS A 425 65.08 13.64 61.19
N GLY A 426 64.41 14.18 60.16
CA GLY A 426 64.83 13.96 58.79
C GLY A 426 63.65 14.01 57.84
N PRO A 427 63.91 13.87 56.53
CA PRO A 427 62.87 13.91 55.51
C PRO A 427 61.78 12.86 55.72
N GLN A 428 60.56 13.31 55.99
CA GLN A 428 59.42 12.43 56.24
C GLN A 428 59.69 11.46 57.38
N MET A 429 60.46 11.92 58.38
CA MET A 429 60.77 11.10 59.54
C MET A 429 60.61 11.88 60.84
N MET A 430 60.10 11.21 61.87
CA MET A 430 59.85 11.84 63.16
C MET A 430 60.37 11.00 64.31
N CYS A 431 60.36 11.58 65.51
CA CYS A 431 60.83 10.89 66.70
C CYS A 431 59.67 10.21 67.43
N LEU A 432 59.88 8.96 67.83
CA LEU A 432 58.87 8.21 68.58
C LEU A 432 59.57 7.32 69.60
N GLU A 433 59.45 7.68 70.87
CA GLU A 433 60.07 6.97 71.98
C GLU A 433 61.58 6.86 71.75
N HIS A 434 62.21 8.01 71.51
CA HIS A 434 63.65 8.11 71.29
C HIS A 434 64.11 7.27 70.09
N ARG A 435 63.25 7.17 69.09
CA ARG A 435 63.58 6.43 67.86
C ARG A 435 63.11 7.21 66.63
N CYS A 436 63.96 7.28 65.61
CA CYS A 436 63.60 7.99 64.39
C CYS A 436 62.82 7.08 63.44
N LEU A 437 61.52 7.32 63.35
CA LEU A 437 60.64 6.50 62.54
C LEU A 437 60.01 7.31 61.40
N PRO A 438 59.74 6.65 60.27
CA PRO A 438 59.07 7.27 59.12
C PRO A 438 57.67 7.75 59.46
N VAL A 439 57.09 8.57 58.59
CA VAL A 439 55.77 9.16 58.83
C VAL A 439 54.66 8.11 58.90
N ALA A 440 54.87 6.98 58.24
CA ALA A 440 53.88 5.91 58.20
C ALA A 440 53.75 5.23 59.55
N SER A 441 54.76 5.39 60.40
CA SER A 441 54.76 4.78 61.72
C SER A 441 53.79 5.48 62.66
N PHE A 442 53.38 6.69 62.29
CA PHE A 442 52.49 7.48 63.13
C PHE A 442 51.02 7.28 62.74
N ASN A 443 50.80 6.55 61.64
CA ASN A 443 49.44 6.23 61.19
C ASN A 443 48.52 7.44 61.02
N PHE A 444 48.99 8.47 60.32
CA PHE A 444 48.20 9.66 60.08
C PHE A 444 47.04 9.38 59.12
N SER A 445 45.87 9.95 59.43
CA SER A 445 44.71 9.83 58.57
C SER A 445 44.88 10.75 57.36
N THR A 446 44.04 10.62 56.34
CA THR A 446 44.18 11.46 55.15
C THR A 446 42.83 11.96 54.64
N CYS A 447 42.81 13.14 54.06
CA CYS A 447 41.60 13.68 53.45
C CYS A 447 41.30 13.02 52.10
N LEU A 448 40.16 13.39 51.54
CA LEU A 448 39.76 12.89 50.24
C LEU A 448 40.56 13.59 49.16
N SER A 449 41.05 12.83 48.19
CA SER A 449 41.82 13.39 47.11
C SER A 449 41.50 12.67 45.82
N SER A 450 41.31 13.45 44.76
CA SER A 450 40.98 12.90 43.44
C SER A 450 42.16 13.01 42.49
N LYS A 451 43.31 13.43 43.01
CA LYS A 451 44.55 13.47 42.24
C LYS A 451 45.64 12.76 43.03
N GLU A 452 46.31 11.79 42.41
CA GLU A 452 47.32 11.00 43.11
C GLU A 452 48.54 11.82 43.54
N GLY A 453 49.00 11.58 44.76
CA GLY A 453 50.19 12.24 45.27
C GLY A 453 49.95 13.66 45.75
N THR A 454 48.68 14.08 45.76
CA THR A 454 48.33 15.42 46.22
C THR A 454 47.33 15.35 47.35
N ILE A 455 47.34 16.38 48.19
CA ILE A 455 46.39 16.51 49.29
C ILE A 455 45.21 17.33 48.81
N CYS A 456 44.00 16.78 48.97
CA CYS A 456 42.78 17.45 48.52
C CYS A 456 42.89 17.88 47.06
N SER A 457 43.26 16.93 46.19
CA SER A 457 43.37 17.17 44.75
C SER A 457 44.33 18.30 44.41
N GLY A 458 45.25 18.59 45.32
CA GLY A 458 46.22 19.64 45.12
C GLY A 458 45.57 21.02 45.04
N ASN A 459 44.38 21.15 45.62
CA ASN A 459 43.67 22.43 45.61
C ASN A 459 43.08 22.79 46.97
N GLY A 460 43.53 22.09 48.00
CA GLY A 460 43.03 22.34 49.34
C GLY A 460 43.98 21.85 50.40
N VAL A 461 43.68 22.20 51.64
CA VAL A 461 44.47 21.78 52.79
C VAL A 461 43.64 20.93 53.72
N CYS A 462 44.20 19.80 54.15
CA CYS A 462 43.48 18.88 55.03
C CYS A 462 43.46 19.40 56.47
N SER A 463 42.26 19.69 56.99
CA SER A 463 42.12 20.25 58.33
C SER A 463 42.26 19.19 59.41
N ASN A 464 42.26 19.63 60.67
CA ASN A 464 42.34 18.71 61.81
C ASN A 464 41.04 17.93 62.05
N GLU A 465 39.96 18.37 61.40
CA GLU A 465 38.69 17.64 61.43
C GLU A 465 38.63 16.65 60.27
N LEU A 466 39.77 16.46 59.62
CA LEU A 466 39.90 15.58 58.45
C LEU A 466 38.98 15.99 57.30
N LYS A 467 38.86 17.29 57.08
CA LYS A 467 38.09 17.81 55.95
C LYS A 467 38.98 18.71 55.09
N CYS A 468 38.66 18.78 53.80
CA CYS A 468 39.42 19.61 52.86
C CYS A 468 38.97 21.07 52.88
N VAL A 469 39.91 21.97 53.15
CA VAL A 469 39.65 23.40 53.05
C VAL A 469 40.13 23.89 51.69
N CYS A 470 39.20 24.02 50.75
CA CYS A 470 39.55 24.36 49.38
C CYS A 470 40.05 25.78 49.25
N ASN A 471 40.93 25.98 48.28
CA ASN A 471 41.40 27.29 47.93
C ASN A 471 40.31 28.08 47.23
N ARG A 472 40.66 29.31 46.88
CA ARG A 472 39.73 30.22 46.23
C ARG A 472 39.23 29.63 44.90
N HIS A 473 37.95 29.80 44.59
CA HIS A 473 37.30 29.30 43.37
C HIS A 473 37.36 27.76 43.19
N TRP A 474 37.56 27.05 44.29
CA TRP A 474 37.53 25.59 44.26
C TRP A 474 36.52 25.07 45.27
N ILE A 475 35.71 24.10 44.87
CA ILE A 475 34.70 23.51 45.76
C ILE A 475 34.75 22.00 45.70
N GLY A 476 33.89 21.36 46.48
CA GLY A 476 33.82 19.91 46.54
C GLY A 476 34.56 19.40 47.76
N SER A 477 34.18 18.21 48.24
CA SER A 477 34.81 17.63 49.40
C SER A 477 36.24 17.22 49.09
N ASP A 478 36.55 17.09 47.81
CA ASP A 478 37.89 16.73 47.37
C ASP A 478 38.61 17.90 46.72
N CYS A 479 37.94 19.06 46.68
CA CYS A 479 38.48 20.28 46.10
C CYS A 479 38.93 20.10 44.65
N ASN A 480 38.20 19.31 43.88
CA ASN A 480 38.56 19.07 42.50
C ASN A 480 37.71 19.88 41.52
N THR A 481 36.54 20.31 41.99
CA THR A 481 35.62 21.08 41.17
C THR A 481 35.95 22.56 41.21
N TYR A 482 36.05 23.16 40.04
CA TYR A 482 36.40 24.58 39.91
C TYR A 482 35.13 25.43 39.83
N PHE A 483 35.11 26.53 40.58
CA PHE A 483 33.94 27.39 40.66
C PHE A 483 34.25 28.89 40.49
N PRO A 484 33.96 29.45 39.31
CA PRO A 484 34.29 30.86 39.04
C PRO A 484 33.19 31.84 39.46
N HIS A 485 33.53 32.76 40.38
CA HIS A 485 32.56 33.72 40.92
C HIS A 485 33.26 34.96 41.53
N ASN A 486 33.22 36.06 40.79
CA ASN A 486 33.81 37.33 41.24
C ASN A 486 33.47 37.73 42.69
N ASN B 1 -14.43 -5.13 -2.56
CA ASN B 1 -14.35 -4.09 -3.58
C ASN B 1 -13.02 -4.14 -4.35
N VAL B 2 -12.45 -2.97 -4.62
CA VAL B 2 -11.24 -2.88 -5.41
C VAL B 2 -10.01 -2.69 -4.51
N GLU B 3 -10.24 -2.29 -3.26
CA GLU B 3 -9.15 -2.05 -2.33
C GLU B 3 -9.02 -3.18 -1.32
N GLU B 4 -10.05 -4.03 -1.24
CA GLU B 4 -10.01 -5.19 -0.36
C GLU B 4 -9.44 -6.41 -1.10
N GLU B 5 -9.25 -6.27 -2.41
CA GLU B 5 -8.63 -7.32 -3.22
C GLU B 5 -7.11 -7.28 -3.06
N THR B 6 -6.47 -8.40 -3.32
CA THR B 6 -5.02 -8.43 -3.32
C THR B 6 -4.49 -8.03 -4.70
N LYS B 7 -3.66 -6.99 -4.74
CA LYS B 7 -3.08 -6.56 -6.00
C LYS B 7 -1.74 -7.23 -6.27
N TYR B 8 -1.39 -7.34 -7.54
CA TYR B 8 -0.15 -7.97 -7.94
C TYR B 8 0.58 -7.13 -8.98
N ILE B 9 1.79 -6.68 -8.63
CA ILE B 9 2.61 -5.93 -9.56
C ILE B 9 3.61 -6.84 -10.28
N GLU B 10 3.30 -7.17 -11.53
CA GLU B 10 4.19 -7.93 -12.38
C GLU B 10 5.37 -7.06 -12.83
N LEU B 11 6.51 -7.24 -12.17
CA LEU B 11 7.65 -6.34 -12.36
C LEU B 11 8.75 -6.95 -13.23
N MET B 12 9.30 -6.12 -14.10
CA MET B 12 10.49 -6.50 -14.85
C MET B 12 11.67 -5.65 -14.40
N ILE B 13 12.82 -6.29 -14.21
CA ILE B 13 14.02 -5.59 -13.80
C ILE B 13 15.05 -5.61 -14.92
N VAL B 14 15.60 -4.44 -15.22
CA VAL B 14 16.70 -4.33 -16.17
C VAL B 14 17.97 -3.88 -15.45
N ASN B 15 19.00 -4.70 -15.48
CA ASN B 15 20.28 -4.34 -14.88
C ASN B 15 21.23 -3.78 -15.93
N ASP B 16 21.64 -2.53 -15.77
CA ASP B 16 22.55 -1.91 -16.73
C ASP B 16 23.99 -2.41 -16.54
N HIS B 17 24.94 -1.87 -17.31
CA HIS B 17 26.30 -2.42 -17.33
C HIS B 17 27.08 -2.28 -16.01
N LEU B 18 26.92 -1.15 -15.32
CA LEU B 18 27.65 -0.89 -14.09
C LEU B 18 27.09 -1.78 -12.97
N MET B 19 25.79 -2.08 -13.03
CA MET B 19 25.17 -2.99 -12.06
C MET B 19 25.80 -4.36 -12.21
N PHE B 20 26.11 -4.72 -13.45
CA PHE B 20 26.74 -5.98 -13.76
C PHE B 20 28.18 -5.97 -13.26
N LYS B 21 28.83 -4.81 -13.39
CA LYS B 21 30.20 -4.63 -12.93
C LYS B 21 30.28 -4.71 -11.41
N LYS B 22 29.25 -4.20 -10.74
CA LYS B 22 29.19 -4.23 -9.28
C LYS B 22 29.15 -5.65 -8.72
N HIS B 23 28.61 -6.57 -9.52
CA HIS B 23 28.53 -7.96 -9.10
C HIS B 23 29.60 -8.80 -9.78
N ARG B 24 30.75 -8.16 -10.07
CA ARG B 24 31.92 -8.84 -10.58
C ARG B 24 31.64 -9.62 -11.87
N LEU B 25 30.90 -9.00 -12.78
CA LEU B 25 30.59 -9.58 -14.09
C LEU B 25 29.92 -10.95 -13.98
N SER B 26 29.11 -11.13 -12.95
CA SER B 26 28.44 -12.41 -12.72
C SER B 26 26.94 -12.32 -12.95
N VAL B 27 26.43 -13.16 -13.85
CA VAL B 27 25.01 -13.16 -14.18
C VAL B 27 24.19 -13.72 -13.03
N VAL B 28 24.62 -14.85 -12.49
CA VAL B 28 23.87 -15.50 -11.42
C VAL B 28 23.83 -14.63 -10.16
N HIS B 29 24.87 -13.83 -9.97
CA HIS B 29 24.93 -12.94 -8.82
C HIS B 29 24.06 -11.70 -8.99
N THR B 30 24.00 -11.18 -10.20
CA THR B 30 23.15 -10.03 -10.47
C THR B 30 21.70 -10.39 -10.29
N ASN B 31 21.32 -11.59 -10.70
CA ASN B 31 19.94 -12.04 -10.62
C ASN B 31 19.50 -12.23 -9.16
N THR B 32 20.30 -12.97 -8.40
CA THR B 32 19.95 -13.26 -7.01
C THR B 32 19.93 -11.98 -6.17
N TYR B 33 20.82 -11.04 -6.51
CA TYR B 33 20.89 -9.78 -5.79
C TYR B 33 19.62 -8.97 -6.05
N ALA B 34 19.20 -8.93 -7.30
CA ALA B 34 18.00 -8.19 -7.66
C ALA B 34 16.75 -8.86 -7.09
N LYS B 35 16.73 -10.19 -7.10
CA LYS B 35 15.63 -10.94 -6.52
C LYS B 35 15.51 -10.62 -5.03
N SER B 36 16.65 -10.45 -4.38
CA SER B 36 16.67 -10.09 -2.97
C SER B 36 16.00 -8.75 -2.75
N VAL B 37 16.33 -7.79 -3.61
CA VAL B 37 15.75 -6.45 -3.52
C VAL B 37 14.23 -6.50 -3.70
N VAL B 38 13.78 -7.23 -4.72
CA VAL B 38 12.34 -7.34 -5.01
C VAL B 38 11.60 -8.04 -3.87
N ASN B 39 12.16 -9.13 -3.37
CA ASN B 39 11.54 -9.87 -2.29
C ASN B 39 11.34 -9.01 -1.04
N MET B 40 12.33 -8.21 -0.69
CA MET B 40 12.24 -7.34 0.47
C MET B 40 11.27 -6.18 0.23
N ALA B 41 11.25 -5.68 -1.00
CA ALA B 41 10.27 -4.65 -1.36
C ALA B 41 8.88 -5.24 -1.31
N ASP B 42 8.77 -6.52 -1.66
CA ASP B 42 7.51 -7.24 -1.63
C ASP B 42 6.96 -7.38 -0.21
N LEU B 43 7.82 -7.79 0.73
CA LEU B 43 7.39 -7.97 2.11
C LEU B 43 6.85 -6.68 2.70
N ILE B 44 7.40 -5.56 2.25
CA ILE B 44 6.95 -4.23 2.62
C ILE B 44 5.54 -3.97 2.06
N TYR B 45 5.37 -4.25 0.77
CA TYR B 45 4.10 -4.04 0.08
C TYR B 45 3.02 -5.02 0.55
N LYS B 46 3.41 -6.28 0.75
CA LYS B 46 2.48 -7.33 1.15
C LYS B 46 1.80 -7.03 2.48
N ASP B 47 2.55 -6.44 3.40
CA ASP B 47 2.08 -6.21 4.75
C ASP B 47 1.08 -5.05 4.83
N GLN B 48 1.34 -3.96 4.11
CA GLN B 48 0.56 -2.73 4.27
C GLN B 48 -0.38 -2.41 3.12
N LEU B 49 0.13 -2.50 1.90
CA LEU B 49 -0.65 -2.08 0.73
C LEU B 49 -1.53 -3.20 0.18
N LYS B 50 -1.40 -4.39 0.76
CA LYS B 50 -2.10 -5.58 0.28
C LYS B 50 -1.79 -5.81 -1.20
N THR B 51 -0.53 -5.59 -1.56
CA THR B 51 -0.08 -5.71 -2.93
C THR B 51 1.22 -6.51 -3.00
N ARG B 52 1.33 -7.39 -3.99
CA ARG B 52 2.52 -8.21 -4.13
C ARG B 52 3.42 -7.70 -5.24
N ILE B 53 4.72 -7.68 -4.97
CA ILE B 53 5.71 -7.35 -6.01
C ILE B 53 6.30 -8.66 -6.52
N VAL B 54 5.91 -9.03 -7.74
CA VAL B 54 6.34 -10.28 -8.33
C VAL B 54 7.26 -10.06 -9.52
N LEU B 55 8.46 -10.61 -9.44
CA LEU B 55 9.41 -10.54 -10.54
C LEU B 55 9.02 -11.51 -11.66
N VAL B 56 8.69 -10.97 -12.84
CA VAL B 56 8.19 -11.80 -13.94
C VAL B 56 9.16 -11.87 -15.11
N ALA B 57 10.10 -10.93 -15.17
CA ALA B 57 11.08 -10.89 -16.25
C ALA B 57 12.30 -10.09 -15.84
N MET B 58 13.44 -10.41 -16.45
CA MET B 58 14.68 -9.71 -16.14
C MET B 58 15.70 -9.88 -17.25
N GLU B 59 16.42 -8.80 -17.56
CA GLU B 59 17.53 -8.86 -18.50
C GLU B 59 18.71 -8.03 -17.98
N THR B 60 19.91 -8.41 -18.39
CA THR B 60 21.12 -7.78 -17.91
C THR B 60 22.03 -7.35 -19.04
N TRP B 61 22.43 -6.08 -19.02
CA TRP B 61 23.31 -5.55 -20.04
C TRP B 61 24.76 -5.93 -19.75
N ALA B 62 25.13 -7.14 -20.14
CA ALA B 62 26.45 -7.69 -19.81
C ALA B 62 27.56 -7.10 -20.68
N THR B 63 27.22 -6.73 -21.90
CA THR B 63 28.20 -6.20 -22.84
C THR B 63 28.48 -4.74 -22.56
N ASP B 64 27.44 -3.91 -22.69
CA ASP B 64 27.55 -2.47 -22.46
C ASP B 64 26.17 -1.85 -22.32
N ASN B 65 26.12 -0.57 -21.97
CA ASN B 65 24.86 0.15 -21.85
C ASN B 65 24.20 0.36 -23.20
N LYS B 66 22.88 0.21 -23.25
CA LYS B 66 22.13 0.41 -24.48
C LYS B 66 21.97 1.90 -24.79
N PHE B 67 22.09 2.72 -23.75
CA PHE B 67 22.09 4.17 -23.91
C PHE B 67 22.91 4.80 -22.79
N ALA B 68 23.19 6.09 -22.92
CA ALA B 68 24.01 6.80 -21.93
C ALA B 68 23.25 7.09 -20.64
N ILE B 69 23.76 6.55 -19.54
CA ILE B 69 23.15 6.78 -18.24
C ILE B 69 23.56 8.14 -17.69
N SER B 70 22.56 8.92 -17.32
CA SER B 70 22.79 10.26 -16.83
C SER B 70 22.85 10.32 -15.31
N GLU B 71 23.57 11.32 -14.78
CA GLU B 71 23.59 11.53 -13.34
C GLU B 71 22.20 11.99 -12.87
N ASN B 72 21.45 12.60 -13.79
CA ASN B 72 20.07 13.02 -13.51
C ASN B 72 19.11 11.85 -13.69
N PRO B 73 18.43 11.45 -12.61
CA PRO B 73 17.53 10.30 -12.67
C PRO B 73 16.33 10.52 -13.59
N LEU B 74 15.85 11.74 -13.70
CA LEU B 74 14.72 12.05 -14.58
C LEU B 74 15.09 11.85 -16.04
N ILE B 75 16.32 12.25 -16.38
CA ILE B 75 16.85 12.06 -17.74
C ILE B 75 16.99 10.59 -18.06
N THR B 76 17.56 9.87 -17.10
CA THR B 76 17.78 8.44 -17.25
C THR B 76 16.46 7.70 -17.39
N LEU B 77 15.48 8.11 -16.59
CA LEU B 77 14.16 7.50 -16.62
C LEU B 77 13.52 7.59 -18.00
N ARG B 78 13.63 8.77 -18.61
CA ARG B 78 12.99 9.04 -19.89
C ARG B 78 13.62 8.24 -21.02
N GLU B 79 14.96 8.22 -21.07
CA GLU B 79 15.66 7.48 -22.09
C GLU B 79 15.42 5.98 -21.93
N PHE B 80 15.21 5.56 -20.68
CA PHE B 80 14.97 4.15 -20.38
C PHE B 80 13.59 3.70 -20.86
N MET B 81 12.59 4.56 -20.70
CA MET B 81 11.24 4.24 -21.15
C MET B 81 11.18 4.25 -22.68
N LYS B 82 12.06 5.01 -23.31
CA LYS B 82 12.18 4.97 -24.76
C LYS B 82 12.78 3.63 -25.20
N TYR B 83 13.77 3.16 -24.46
CA TYR B 83 14.42 1.89 -24.74
C TYR B 83 13.44 0.76 -24.54
N ARG B 84 12.68 0.88 -23.45
CA ARG B 84 11.65 -0.08 -23.09
C ARG B 84 10.60 -0.19 -24.20
N ARG B 85 10.27 0.96 -24.77
CA ARG B 85 9.25 1.05 -25.81
C ARG B 85 9.65 0.36 -27.12
N ASP B 86 10.92 0.47 -27.49
CA ASP B 86 11.39 -0.01 -28.80
C ASP B 86 12.05 -1.37 -28.77
N PHE B 87 12.59 -1.78 -27.62
CA PHE B 87 13.39 -3.00 -27.58
C PHE B 87 12.83 -4.07 -26.64
N ILE B 88 12.15 -3.65 -25.58
CA ILE B 88 11.56 -4.62 -24.65
C ILE B 88 10.18 -5.06 -25.13
N LYS B 89 10.01 -6.36 -25.31
CA LYS B 89 8.77 -6.89 -25.84
C LYS B 89 8.12 -7.93 -24.93
N GLU B 90 8.68 -8.14 -23.75
CA GLU B 90 8.06 -9.02 -22.77
C GLU B 90 7.00 -8.26 -21.98
N LYS B 91 6.00 -8.97 -21.50
CA LYS B 91 4.87 -8.33 -20.85
C LYS B 91 5.09 -8.13 -19.35
N SER B 92 4.77 -6.93 -18.86
CA SER B 92 4.94 -6.60 -17.45
C SER B 92 4.12 -5.38 -17.08
N ASP B 93 3.72 -5.30 -15.80
CA ASP B 93 2.91 -4.19 -15.34
C ASP B 93 3.79 -2.95 -15.16
N ALA B 94 5.08 -3.15 -14.89
CA ALA B 94 6.04 -2.05 -14.77
C ALA B 94 7.47 -2.53 -15.01
N VAL B 95 8.28 -1.69 -15.67
CA VAL B 95 9.68 -2.00 -15.93
C VAL B 95 10.61 -1.02 -15.23
N HIS B 96 11.44 -1.53 -14.32
CA HIS B 96 12.34 -0.68 -13.57
C HIS B 96 13.82 -0.97 -13.84
N LEU B 97 14.60 0.09 -13.97
CA LEU B 97 16.03 -0.03 -14.23
C LEU B 97 16.83 -0.07 -12.93
N PHE B 98 17.67 -1.10 -12.79
CA PHE B 98 18.62 -1.14 -11.69
C PHE B 98 19.97 -0.62 -12.17
N SER B 99 20.33 0.58 -11.75
CA SER B 99 21.58 1.20 -12.19
C SER B 99 22.67 1.06 -11.14
N GLY B 100 23.86 0.66 -11.56
CA GLY B 100 25.01 0.53 -10.66
C GLY B 100 25.62 1.87 -10.31
N SER B 101 25.24 2.91 -11.06
CA SER B 101 25.78 4.23 -10.79
C SER B 101 25.05 4.89 -9.63
N GLN B 102 25.40 6.13 -9.34
CA GLN B 102 24.76 6.89 -8.27
C GLN B 102 24.29 8.23 -8.83
N PHE B 103 23.04 8.58 -8.55
CA PHE B 103 22.45 9.79 -9.10
C PHE B 103 22.89 11.02 -8.33
N GLU B 104 22.94 12.16 -9.02
CA GLU B 104 23.32 13.41 -8.38
C GLU B 104 22.10 14.22 -7.99
N SER B 105 21.04 13.52 -7.60
CA SER B 105 19.84 14.17 -7.15
C SER B 105 19.61 13.93 -5.66
N SER B 106 18.53 14.53 -5.15
CA SER B 106 18.13 14.35 -3.75
C SER B 106 17.46 13.00 -3.56
N ARG B 107 17.00 12.40 -4.64
CA ARG B 107 16.35 11.10 -4.58
C ARG B 107 17.26 10.01 -5.12
N SER B 108 17.10 8.80 -4.58
CA SER B 108 17.88 7.65 -5.02
C SER B 108 17.25 7.01 -6.26
N GLY B 109 16.16 7.61 -6.74
CA GLY B 109 15.50 7.11 -7.92
C GLY B 109 14.41 8.04 -8.42
N ALA B 110 13.80 7.67 -9.55
CA ALA B 110 12.72 8.46 -10.13
C ALA B 110 11.70 7.56 -10.80
N ALA B 111 10.43 7.97 -10.74
CA ALA B 111 9.34 7.18 -11.32
C ALA B 111 8.12 8.04 -11.65
N TYR B 112 7.47 7.76 -12.77
CA TYR B 112 6.28 8.51 -13.19
C TYR B 112 5.09 8.22 -12.27
N ILE B 113 4.37 9.27 -11.87
CA ILE B 113 3.23 9.14 -10.97
C ILE B 113 2.01 8.57 -11.69
N GLY B 114 1.41 7.52 -11.11
CA GLY B 114 0.26 6.88 -11.71
C GLY B 114 0.62 6.16 -13.00
N GLY B 115 1.87 5.72 -13.10
CA GLY B 115 2.40 5.20 -14.34
C GLY B 115 2.14 3.75 -14.67
N ILE B 116 1.82 2.92 -13.67
CA ILE B 116 1.65 1.49 -13.92
C ILE B 116 0.60 1.21 -14.98
N CYS B 117 0.72 0.06 -15.63
CA CYS B 117 -0.17 -0.39 -16.70
C CYS B 117 0.05 0.40 -18.00
N SER B 118 0.97 1.36 -17.97
CA SER B 118 1.27 2.16 -19.15
C SER B 118 2.56 1.71 -19.83
N LEU B 119 2.69 2.03 -21.11
CA LEU B 119 3.86 1.60 -21.88
C LEU B 119 4.99 2.62 -21.78
N LEU B 120 4.62 3.90 -21.71
CA LEU B 120 5.60 4.97 -21.64
C LEU B 120 5.83 5.48 -20.22
N LYS B 121 4.82 5.33 -19.37
CA LYS B 121 4.90 5.81 -18.00
C LYS B 121 5.08 4.67 -17.01
N GLY B 122 4.87 3.44 -17.48
CA GLY B 122 4.92 2.28 -16.60
C GLY B 122 6.32 1.83 -16.27
N GLY B 123 7.00 2.62 -15.45
CA GLY B 123 8.37 2.29 -15.08
C GLY B 123 9.03 3.31 -14.16
N GLY B 124 10.25 3.00 -13.77
CA GLY B 124 11.04 3.87 -12.90
C GLY B 124 12.51 3.51 -12.98
N VAL B 125 13.36 4.32 -12.35
CA VAL B 125 14.80 4.04 -12.34
C VAL B 125 15.35 4.09 -10.90
N ASN B 126 16.21 3.13 -10.56
CA ASN B 126 16.73 3.02 -9.21
C ASN B 126 18.25 2.86 -9.15
N GLU B 127 18.89 3.63 -8.27
CA GLU B 127 20.35 3.59 -8.15
C GLU B 127 20.79 2.44 -7.26
N PHE B 128 22.06 2.07 -7.38
CA PHE B 128 22.59 0.95 -6.61
C PHE B 128 22.70 1.33 -5.14
N GLY B 129 22.58 0.33 -4.27
CA GLY B 129 22.69 0.51 -2.84
C GLY B 129 22.73 -0.83 -2.13
N LYS B 130 22.68 -0.81 -0.80
CA LYS B 130 22.59 -2.04 -0.04
C LYS B 130 21.26 -2.71 -0.35
N THR B 131 21.18 -4.03 -0.16
CA THR B 131 19.95 -4.78 -0.44
C THR B 131 18.73 -4.17 0.25
N ASP B 132 18.85 -3.92 1.55
CA ASP B 132 17.76 -3.35 2.34
C ASP B 132 17.44 -1.93 1.88
N LEU B 133 18.48 -1.17 1.57
CA LEU B 133 18.33 0.22 1.16
C LEU B 133 17.66 0.31 -0.21
N MET B 134 18.17 -0.47 -1.15
CA MET B 134 17.66 -0.45 -2.51
C MET B 134 16.23 -0.94 -2.56
N ALA B 135 15.88 -1.82 -1.62
CA ALA B 135 14.52 -2.32 -1.49
C ALA B 135 13.55 -1.16 -1.22
N VAL B 136 13.97 -0.26 -0.35
CA VAL B 136 13.20 0.94 -0.04
C VAL B 136 13.07 1.84 -1.26
N THR B 137 14.17 1.97 -2.00
CA THR B 137 14.18 2.77 -3.22
C THR B 137 13.17 2.23 -4.24
N LEU B 138 13.14 0.91 -4.40
CA LEU B 138 12.19 0.27 -5.30
C LEU B 138 10.78 0.48 -4.78
N ALA B 139 10.63 0.45 -3.46
CA ALA B 139 9.33 0.63 -2.83
C ALA B 139 8.78 2.02 -3.11
N GLN B 140 9.61 3.04 -3.00
CA GLN B 140 9.13 4.41 -3.20
C GLN B 140 8.97 4.74 -4.69
N SER B 141 9.72 4.04 -5.54
CA SER B 141 9.57 4.18 -6.99
C SER B 141 8.28 3.54 -7.47
N LEU B 142 8.02 2.31 -7.05
CA LEU B 142 6.77 1.64 -7.37
C LEU B 142 5.60 2.34 -6.73
N ALA B 143 5.84 3.02 -5.62
CA ALA B 143 4.81 3.81 -4.96
C ALA B 143 4.30 4.93 -5.86
N HIS B 144 5.23 5.64 -6.50
CA HIS B 144 4.87 6.71 -7.44
C HIS B 144 4.01 6.17 -8.58
N ASN B 145 4.46 5.08 -9.19
CA ASN B 145 3.69 4.42 -10.24
C ASN B 145 2.31 4.03 -9.74
N ILE B 146 2.27 3.51 -8.52
CA ILE B 146 1.04 2.99 -7.96
C ILE B 146 0.13 4.12 -7.46
N GLY B 147 0.64 5.34 -7.49
CA GLY B 147 -0.19 6.51 -7.18
C GLY B 147 0.10 7.14 -5.84
N ILE B 148 1.05 6.56 -5.11
CA ILE B 148 1.40 7.05 -3.78
C ILE B 148 2.37 8.21 -3.87
N ILE B 149 1.91 9.40 -3.47
CA ILE B 149 2.77 10.56 -3.37
C ILE B 149 2.60 11.21 -2.01
N SER B 150 3.70 11.59 -1.38
CA SER B 150 3.61 12.22 -0.07
C SER B 150 3.00 13.62 -0.20
N ASP B 151 1.71 13.72 0.12
CA ASP B 151 0.95 14.95 -0.05
C ASP B 151 1.56 16.12 0.74
N LYS B 152 2.22 17.02 0.03
CA LYS B 152 2.90 18.15 0.67
C LYS B 152 1.91 19.12 1.31
N ARG B 153 0.73 19.19 0.73
CA ARG B 153 -0.34 20.03 1.25
C ARG B 153 -0.78 19.58 2.64
N LYS B 154 -0.95 18.26 2.79
CA LYS B 154 -1.36 17.68 4.06
C LYS B 154 -0.18 17.55 5.02
N LEU B 155 1.03 17.46 4.47
CA LEU B 155 2.23 17.40 5.28
C LEU B 155 2.48 18.72 5.98
N ALA B 156 2.45 19.80 5.21
CA ALA B 156 2.71 21.14 5.74
C ALA B 156 1.64 21.54 6.74
N SER B 157 0.39 21.18 6.45
CA SER B 157 -0.73 21.51 7.32
C SER B 157 -0.72 20.62 8.57
N GLY B 158 -0.05 19.47 8.47
CA GLY B 158 0.02 18.54 9.57
C GLY B 158 -1.11 17.53 9.52
N GLU B 159 -1.83 17.51 8.40
CA GLU B 159 -2.95 16.59 8.23
C GLU B 159 -2.47 15.14 8.12
N CYS B 160 -1.34 14.94 7.45
CA CYS B 160 -0.71 13.62 7.39
C CYS B 160 0.69 13.67 7.96
N LYS B 161 0.96 12.82 8.95
CA LYS B 161 2.28 12.75 9.56
C LYS B 161 2.74 11.31 9.79
N CYS B 162 4.05 11.10 9.70
CA CYS B 162 4.64 9.81 9.96
C CYS B 162 4.76 9.59 11.47
N GLU B 163 4.11 8.56 11.97
CA GLU B 163 4.09 8.28 13.40
C GLU B 163 5.41 7.69 13.89
N ASP B 164 6.25 7.28 12.95
CA ASP B 164 7.55 6.71 13.28
C ASP B 164 8.61 7.80 13.46
N THR B 165 9.03 7.99 14.70
CA THR B 165 9.95 9.07 15.06
C THR B 165 11.39 8.76 14.65
N TRP B 166 11.74 7.47 14.64
CA TRP B 166 13.13 7.08 14.47
C TRP B 166 13.50 6.73 13.03
N SER B 167 12.76 5.79 12.43
CA SER B 167 13.11 5.31 11.10
C SER B 167 12.41 6.11 10.00
N GLY B 168 11.40 6.88 10.39
CA GLY B 168 10.64 7.66 9.44
C GLY B 168 9.83 6.77 8.53
N CYS B 169 9.36 7.32 7.42
CA CYS B 169 8.54 6.54 6.50
C CYS B 169 9.12 6.51 5.08
N ILE B 170 8.62 5.57 4.29
CA ILE B 170 9.17 5.25 2.97
C ILE B 170 9.22 6.43 2.01
N MET B 171 8.14 7.21 1.96
CA MET B 171 8.08 8.32 1.02
C MET B 171 8.87 9.53 1.52
N GLY B 172 9.51 9.39 2.67
CA GLY B 172 10.35 10.45 3.22
C GLY B 172 11.80 10.28 2.83
N ASP B 173 12.63 11.27 3.17
CA ASP B 173 14.06 11.21 2.88
C ASP B 173 14.72 10.04 3.60
N THR B 174 15.48 9.25 2.85
CA THR B 174 16.10 8.05 3.39
C THR B 174 17.50 8.32 3.96
N GLY B 175 17.76 7.76 5.13
CA GLY B 175 19.07 7.85 5.75
C GLY B 175 19.58 6.46 6.09
N TYR B 176 20.51 6.36 7.02
CA TYR B 176 21.08 5.07 7.42
C TYR B 176 20.01 4.15 8.01
N TYR B 177 19.26 4.67 8.98
CA TYR B 177 18.15 3.93 9.56
C TYR B 177 16.93 3.92 8.64
N LEU B 178 16.70 2.78 7.99
CA LEU B 178 15.68 2.68 6.95
C LEU B 178 14.26 2.61 7.47
N PRO B 179 13.33 3.25 6.75
CA PRO B 179 11.90 3.18 7.06
C PRO B 179 11.33 1.80 6.71
N LYS B 180 10.16 1.49 7.25
CA LYS B 180 9.55 0.18 7.05
C LYS B 180 8.07 0.30 6.72
N LYS B 181 7.49 1.47 6.96
CA LYS B 181 6.04 1.63 6.88
C LYS B 181 5.63 2.81 5.99
N PHE B 182 4.50 2.64 5.30
CA PHE B 182 3.84 3.75 4.66
C PHE B 182 2.93 4.42 5.69
N THR B 183 2.63 5.69 5.49
CA THR B 183 1.69 6.37 6.37
C THR B 183 0.28 5.97 5.99
N GLN B 184 -0.68 6.22 6.88
CA GLN B 184 -2.09 5.95 6.58
C GLN B 184 -2.56 6.83 5.43
N CYS B 185 -1.96 8.01 5.31
CA CYS B 185 -2.29 8.94 4.24
C CYS B 185 -1.89 8.34 2.90
N ASN B 186 -0.75 7.64 2.89
CA ASN B 186 -0.29 6.96 1.68
C ASN B 186 -1.24 5.86 1.23
N ILE B 187 -1.77 5.12 2.21
CA ILE B 187 -2.70 4.04 1.92
C ILE B 187 -3.95 4.57 1.22
N GLU B 188 -4.45 5.70 1.72
CA GLU B 188 -5.66 6.31 1.19
C GLU B 188 -5.45 6.79 -0.24
N GLU B 189 -4.27 7.33 -0.51
CA GLU B 189 -3.91 7.78 -1.86
C GLU B 189 -3.91 6.62 -2.84
N TYR B 190 -3.44 5.46 -2.38
CA TYR B 190 -3.43 4.25 -3.19
C TYR B 190 -4.86 3.78 -3.46
N HIS B 191 -5.70 3.84 -2.42
CA HIS B 191 -7.10 3.48 -2.55
C HIS B 191 -7.84 4.44 -3.47
N ASP B 192 -7.53 5.74 -3.33
CA ASP B 192 -8.14 6.76 -4.17
C ASP B 192 -7.76 6.54 -5.64
N PHE B 193 -6.53 6.10 -5.85
CA PHE B 193 -6.02 5.84 -7.19
C PHE B 193 -6.72 4.66 -7.84
N LEU B 194 -6.96 3.62 -7.05
CA LEU B 194 -7.67 2.44 -7.52
C LEU B 194 -9.14 2.77 -7.81
N ASN B 195 -9.74 3.56 -6.93
CA ASN B 195 -11.13 3.98 -7.11
C ASN B 195 -11.28 4.95 -8.27
N SER B 196 -10.17 5.57 -8.67
CA SER B 196 -10.16 6.51 -9.78
C SER B 196 -10.05 5.79 -11.13
N GLY B 197 -9.84 4.48 -11.07
CA GLY B 197 -9.77 3.67 -12.27
C GLY B 197 -8.34 3.30 -12.65
N GLY B 198 -7.41 3.56 -11.75
CA GLY B 198 -6.01 3.26 -12.01
C GLY B 198 -5.64 1.88 -11.52
N GLY B 199 -4.55 1.33 -12.06
CA GLY B 199 -4.07 0.01 -11.68
C GLY B 199 -4.95 -1.14 -12.11
N ALA B 200 -5.46 -1.09 -13.34
CA ALA B 200 -6.30 -2.15 -13.88
C ALA B 200 -5.52 -3.45 -14.10
N CYS B 201 -4.25 -3.32 -14.46
CA CYS B 201 -3.39 -4.47 -14.81
C CYS B 201 -2.83 -5.19 -13.58
N LEU B 202 -3.32 -4.81 -12.41
CA LEU B 202 -2.79 -5.31 -11.14
C LEU B 202 -3.63 -6.41 -10.55
N PHE B 203 -4.62 -6.89 -11.30
CA PHE B 203 -5.58 -7.83 -10.74
C PHE B 203 -5.47 -9.22 -11.36
N ASN B 204 -4.50 -9.40 -12.25
CA ASN B 204 -4.15 -10.73 -12.75
C ASN B 204 -3.14 -11.37 -11.81
N LYS B 205 -3.48 -12.54 -11.28
CA LYS B 205 -2.60 -13.22 -10.34
C LYS B 205 -1.61 -14.12 -11.07
N PRO B 206 -0.31 -13.83 -10.92
CA PRO B 206 0.77 -14.63 -11.51
C PRO B 206 0.78 -16.05 -10.97
N SER B 207 1.23 -17.02 -11.78
CA SER B 207 1.26 -18.41 -11.34
C SER B 207 2.69 -18.91 -11.18
N LYS B 208 3.37 -19.15 -12.29
CA LYS B 208 4.73 -19.67 -12.28
C LYS B 208 5.74 -18.55 -12.11
N LEU B 209 6.51 -18.61 -11.02
CA LEU B 209 7.50 -17.58 -10.73
C LEU B 209 8.85 -17.93 -11.37
N LEU B 210 9.87 -17.13 -11.09
CA LEU B 210 11.21 -17.38 -11.61
C LEU B 210 12.06 -18.19 -10.62
N ASP B 211 11.39 -18.81 -9.65
CA ASP B 211 12.06 -19.53 -8.59
C ASP B 211 11.50 -20.95 -8.46
N PRO B 212 12.22 -21.85 -7.77
CA PRO B 212 11.70 -23.20 -7.51
C PRO B 212 10.34 -23.18 -6.81
N PRO B 213 9.42 -24.07 -7.23
CA PRO B 213 8.09 -24.17 -6.64
C PRO B 213 8.11 -24.38 -5.13
N GLU B 214 7.29 -23.62 -4.41
CA GLU B 214 7.20 -23.74 -2.95
C GLU B 214 5.77 -23.72 -2.48
N CYS B 215 5.33 -24.85 -1.92
CA CYS B 215 3.99 -24.99 -1.34
C CYS B 215 3.85 -24.15 -0.06
N GLY B 216 2.99 -23.13 -0.10
CA GLY B 216 2.77 -22.27 1.04
C GLY B 216 3.31 -20.86 0.81
N ASN B 217 3.30 -20.45 -0.45
CA ASN B 217 3.80 -19.15 -0.87
C ASN B 217 2.66 -18.24 -1.31
N GLY B 218 1.49 -18.85 -1.50
CA GLY B 218 0.31 -18.15 -1.96
C GLY B 218 0.31 -18.00 -3.46
N PHE B 219 1.05 -18.88 -4.13
CA PHE B 219 1.12 -18.88 -5.58
C PHE B 219 1.14 -20.30 -6.13
N ILE B 220 0.27 -20.55 -7.10
CA ILE B 220 0.14 -21.84 -7.77
C ILE B 220 1.26 -22.00 -8.79
N GLU B 221 2.32 -22.70 -8.40
CA GLU B 221 3.47 -22.88 -9.26
C GLU B 221 3.46 -24.26 -9.91
N THR B 222 4.56 -24.61 -10.54
CA THR B 222 4.66 -25.87 -11.27
C THR B 222 4.56 -27.05 -10.31
N GLY B 223 3.80 -28.07 -10.69
CA GLY B 223 3.68 -29.28 -9.89
C GLY B 223 2.53 -29.26 -8.90
N GLU B 224 2.29 -28.08 -8.31
CA GLU B 224 1.25 -27.93 -7.29
C GLU B 224 -0.06 -27.54 -7.98
N GLU B 225 -1.18 -28.09 -7.50
CA GLU B 225 -2.49 -27.85 -8.11
C GLU B 225 -3.11 -26.58 -7.57
N CYS B 226 -2.89 -26.34 -6.28
CA CYS B 226 -3.35 -25.12 -5.62
C CYS B 226 -2.34 -24.69 -4.58
N ASP B 227 -2.58 -23.54 -3.96
CA ASP B 227 -1.66 -23.00 -2.95
C ASP B 227 -2.34 -21.89 -2.15
N CYS B 228 -2.98 -22.25 -1.04
CA CYS B 228 -3.67 -21.24 -0.23
C CYS B 228 -2.70 -20.25 0.43
N GLY B 229 -1.58 -20.77 0.96
CA GLY B 229 -0.55 -19.94 1.57
C GLY B 229 0.01 -20.42 2.91
N THR B 230 0.01 -19.54 3.91
CA THR B 230 0.51 -19.91 5.23
C THR B 230 -0.65 -20.60 5.89
N PRO B 231 -0.38 -21.53 6.82
CA PRO B 231 -1.50 -22.24 7.44
C PRO B 231 -2.50 -21.29 8.10
N ALA B 232 -2.01 -20.19 8.66
CA ALA B 232 -2.85 -19.19 9.31
C ALA B 232 -3.78 -18.52 8.31
N GLU B 233 -3.25 -18.14 7.16
CA GLU B 233 -4.05 -17.44 6.17
C GLU B 233 -4.86 -18.44 5.33
N CYS B 234 -4.48 -19.71 5.41
CA CYS B 234 -5.24 -20.77 4.75
C CYS B 234 -6.50 -21.12 5.52
N VAL B 235 -6.43 -21.00 6.85
CA VAL B 235 -7.58 -21.27 7.71
C VAL B 235 -8.74 -20.38 7.31
N LEU B 236 -8.42 -19.12 7.02
CA LEU B 236 -9.42 -18.14 6.61
C LEU B 236 -10.07 -18.57 5.29
N GLU B 237 -9.25 -18.99 4.34
CA GLU B 237 -9.74 -19.40 3.02
C GLU B 237 -8.83 -20.45 2.39
N GLY B 238 -9.40 -21.61 2.07
CA GLY B 238 -8.65 -22.64 1.36
C GLY B 238 -8.25 -23.82 2.22
N ALA B 239 -8.57 -23.76 3.51
CA ALA B 239 -8.21 -24.83 4.44
C ALA B 239 -8.85 -26.18 4.07
N GLU B 240 -10.17 -26.19 3.94
CA GLU B 240 -10.89 -27.42 3.60
C GLU B 240 -10.62 -27.83 2.14
N CYS B 241 -10.31 -26.84 1.30
CA CYS B 241 -10.20 -27.07 -0.13
C CYS B 241 -8.85 -27.65 -0.52
N CYS B 242 -7.79 -27.14 0.08
CA CYS B 242 -6.44 -27.52 -0.32
C CYS B 242 -5.65 -28.17 0.81
N LYS B 243 -5.03 -29.31 0.50
CA LYS B 243 -4.18 -30.02 1.45
C LYS B 243 -2.81 -30.29 0.84
N LYS B 244 -1.78 -29.64 1.38
CA LYS B 244 -0.42 -29.77 0.89
C LYS B 244 -0.35 -29.49 -0.61
N CYS B 245 -0.92 -28.36 -1.02
CA CYS B 245 -0.95 -27.92 -2.41
C CYS B 245 -1.58 -28.94 -3.35
N THR B 246 -2.58 -29.67 -2.85
CA THR B 246 -3.30 -30.65 -3.65
C THR B 246 -4.79 -30.55 -3.37
N LEU B 247 -5.60 -30.53 -4.44
CA LEU B 247 -7.05 -30.43 -4.29
C LEU B 247 -7.63 -31.65 -3.60
N THR B 248 -8.60 -31.41 -2.73
CA THR B 248 -9.28 -32.48 -2.00
C THR B 248 -10.26 -33.23 -2.90
N GLN B 249 -10.95 -34.21 -2.32
CA GLN B 249 -11.87 -35.08 -3.06
C GLN B 249 -12.99 -34.34 -3.77
N ASP B 250 -13.65 -33.43 -3.06
CA ASP B 250 -14.74 -32.69 -3.65
C ASP B 250 -14.44 -31.21 -3.75
N SER B 251 -13.44 -30.85 -4.57
CA SER B 251 -13.06 -29.45 -4.73
C SER B 251 -12.54 -29.14 -6.14
N GLN B 252 -13.02 -28.03 -6.70
CA GLN B 252 -12.57 -27.57 -8.01
C GLN B 252 -11.54 -26.46 -7.87
N CYS B 253 -11.54 -25.80 -6.71
CA CYS B 253 -10.61 -24.72 -6.46
C CYS B 253 -10.28 -24.62 -4.98
N SER B 254 -9.38 -23.68 -4.64
CA SER B 254 -8.95 -23.51 -3.26
C SER B 254 -9.38 -22.15 -2.71
N ASP B 255 -8.92 -21.10 -3.36
CA ASP B 255 -9.23 -19.74 -2.93
C ASP B 255 -9.48 -18.81 -4.12
N GLY B 256 -9.99 -17.62 -3.83
CA GLY B 256 -10.28 -16.63 -4.84
C GLY B 256 -11.69 -16.08 -4.74
N LEU B 257 -11.93 -14.98 -5.44
CA LEU B 257 -13.24 -14.32 -5.43
C LEU B 257 -14.27 -15.16 -6.18
N CYS B 258 -13.80 -15.97 -7.13
CA CYS B 258 -14.68 -16.82 -7.91
C CYS B 258 -14.66 -18.26 -7.39
N CYS B 259 -14.28 -18.42 -6.13
CA CYS B 259 -14.28 -19.73 -5.51
C CYS B 259 -15.25 -19.77 -4.33
N LYS B 260 -16.22 -20.68 -4.42
CA LYS B 260 -17.28 -20.79 -3.43
C LYS B 260 -17.39 -22.20 -2.87
N LYS B 261 -17.05 -22.36 -1.59
CA LYS B 261 -17.13 -23.65 -0.91
C LYS B 261 -16.30 -24.69 -1.66
N CYS B 262 -15.06 -24.33 -1.97
CA CYS B 262 -14.12 -25.22 -2.63
C CYS B 262 -14.63 -25.57 -4.03
N LYS B 263 -15.64 -24.83 -4.49
CA LYS B 263 -16.28 -25.08 -5.77
C LYS B 263 -16.27 -23.79 -6.60
N PHE B 264 -16.29 -23.93 -7.92
CA PHE B 264 -16.31 -22.77 -8.81
C PHE B 264 -17.57 -21.95 -8.66
N GLN B 265 -17.43 -20.63 -8.76
CA GLN B 265 -18.56 -19.71 -8.75
C GLN B 265 -19.21 -19.69 -10.13
N PRO B 266 -20.55 -19.79 -10.19
CA PRO B 266 -21.27 -19.82 -11.46
C PRO B 266 -21.00 -18.61 -12.37
N MET B 267 -21.01 -18.85 -13.67
CA MET B 267 -20.75 -17.81 -14.66
C MET B 267 -21.77 -16.68 -14.57
N GLY B 268 -21.29 -15.43 -14.61
CA GLY B 268 -22.17 -14.29 -14.56
C GLY B 268 -22.18 -13.64 -13.19
N THR B 269 -21.50 -14.25 -12.24
CA THR B 269 -21.41 -13.72 -10.89
C THR B 269 -20.47 -12.51 -10.84
N VAL B 270 -20.96 -11.40 -10.32
CA VAL B 270 -20.16 -10.19 -10.22
C VAL B 270 -19.03 -10.37 -9.21
N CYS B 271 -17.78 -10.32 -9.69
CA CYS B 271 -16.63 -10.47 -8.81
C CYS B 271 -15.90 -9.14 -8.61
N ARG B 272 -16.16 -8.18 -9.49
CA ARG B 272 -15.56 -6.86 -9.36
C ARG B 272 -16.42 -5.80 -10.02
N GLU B 273 -17.04 -4.95 -9.20
CA GLU B 273 -17.92 -3.91 -9.71
C GLU B 273 -17.09 -2.76 -10.29
N ALA B 274 -17.66 -2.03 -11.24
CA ALA B 274 -16.98 -0.90 -11.84
C ALA B 274 -16.72 0.20 -10.81
N VAL B 275 -15.47 0.66 -10.77
CA VAL B 275 -15.07 1.67 -9.81
C VAL B 275 -15.53 3.07 -10.24
N ASN B 276 -15.70 3.25 -11.54
CA ASN B 276 -16.13 4.53 -12.08
C ASN B 276 -16.80 4.33 -13.44
N ASP B 277 -17.15 5.42 -14.11
CA ASP B 277 -17.84 5.35 -15.37
C ASP B 277 -16.88 5.04 -16.52
N CYS B 278 -15.61 4.84 -16.18
CA CYS B 278 -14.65 4.38 -17.19
C CYS B 278 -14.44 2.88 -17.12
N ASP B 279 -14.91 2.20 -16.06
CA ASP B 279 -14.63 0.76 -15.90
C ASP B 279 -15.80 -0.08 -16.38
N ILE B 280 -15.45 -1.31 -16.73
CA ILE B 280 -16.41 -2.33 -17.10
C ILE B 280 -16.45 -3.34 -15.97
N ARG B 281 -17.65 -3.70 -15.54
CA ARG B 281 -17.80 -4.68 -14.48
C ARG B 281 -17.19 -5.99 -14.92
N GLU B 282 -16.68 -6.70 -13.95
CA GLU B 282 -15.96 -7.92 -14.18
C GLU B 282 -16.73 -9.12 -13.57
N THR B 283 -16.96 -10.18 -14.36
CA THR B 283 -17.72 -11.37 -13.88
C THR B 283 -16.91 -12.67 -13.89
N CYS B 284 -17.28 -13.60 -13.00
CA CYS B 284 -16.62 -14.89 -12.93
C CYS B 284 -16.89 -15.73 -14.18
N SER B 285 -15.84 -16.36 -14.69
CA SER B 285 -15.97 -17.19 -15.90
C SER B 285 -16.68 -18.51 -15.60
N GLY B 286 -16.61 -18.95 -14.34
CA GLY B 286 -17.19 -20.20 -13.93
C GLY B 286 -16.22 -21.35 -14.09
N ASN B 287 -15.12 -21.07 -14.78
CA ASN B 287 -14.09 -22.05 -15.06
C ASN B 287 -12.77 -21.68 -14.37
N SER B 288 -12.78 -20.58 -13.63
CA SER B 288 -11.59 -20.10 -12.95
C SER B 288 -11.89 -19.67 -11.52
N SER B 289 -10.91 -19.86 -10.63
CA SER B 289 -11.06 -19.45 -9.23
C SER B 289 -10.78 -17.97 -9.02
N GLN B 290 -9.99 -17.39 -9.92
CA GLN B 290 -9.67 -15.97 -9.86
C GLN B 290 -10.72 -15.16 -10.59
N CYS B 291 -10.94 -13.93 -10.14
CA CYS B 291 -11.84 -13.02 -10.82
C CYS B 291 -11.23 -12.64 -12.16
N ALA B 292 -12.09 -12.39 -13.15
CA ALA B 292 -11.64 -12.03 -14.49
C ALA B 292 -10.68 -10.84 -14.45
N PRO B 293 -9.70 -10.81 -15.38
CA PRO B 293 -8.72 -9.72 -15.50
C PRO B 293 -9.41 -8.36 -15.53
N ASN B 294 -8.99 -7.44 -14.66
CA ASN B 294 -9.64 -6.14 -14.57
C ASN B 294 -9.45 -5.32 -15.84
N ILE B 295 -10.53 -5.19 -16.60
CA ILE B 295 -10.53 -4.37 -17.78
C ILE B 295 -11.52 -3.23 -17.57
N HIS B 296 -11.43 -2.26 -18.48
CA HIS B 296 -12.25 -1.06 -18.49
C HIS B 296 -12.53 -0.60 -19.94
N LYS B 297 -13.23 0.51 -20.08
CA LYS B 297 -13.52 1.10 -21.39
C LYS B 297 -12.28 1.62 -22.09
N MET B 298 -12.26 1.55 -23.41
CA MET B 298 -11.15 2.06 -24.21
C MET B 298 -10.96 3.56 -24.02
N ASP B 299 -9.80 4.05 -24.46
CA ASP B 299 -9.56 5.49 -24.48
C ASP B 299 -10.42 6.14 -25.55
N GLY B 300 -11.25 7.11 -25.14
CA GLY B 300 -12.14 7.79 -26.06
C GLY B 300 -13.55 7.93 -25.51
N TYR B 301 -13.95 6.96 -24.68
CA TYR B 301 -15.25 7.02 -24.02
C TYR B 301 -15.33 8.24 -23.13
N SER B 302 -16.53 8.81 -23.01
CA SER B 302 -16.74 9.98 -22.18
C SER B 302 -16.95 9.59 -20.73
N CYS B 303 -16.71 10.53 -19.82
CA CYS B 303 -16.94 10.30 -18.40
C CYS B 303 -17.32 11.63 -17.73
N ASP B 304 -17.92 11.53 -16.55
CA ASP B 304 -18.47 12.70 -15.86
C ASP B 304 -19.40 13.46 -16.80
N GLY B 305 -20.34 12.75 -17.40
CA GLY B 305 -21.19 13.34 -18.41
C GLY B 305 -20.40 13.48 -19.69
N VAL B 306 -20.23 14.72 -20.13
CA VAL B 306 -19.46 15.01 -21.33
C VAL B 306 -18.21 15.80 -20.92
N GLN B 307 -18.09 16.04 -19.63
CA GLN B 307 -17.04 16.88 -19.08
C GLN B 307 -15.66 16.23 -19.19
N GLY B 308 -15.63 14.90 -19.29
CA GLY B 308 -14.36 14.19 -19.35
C GLY B 308 -14.32 13.10 -20.39
N ILE B 309 -13.12 12.58 -20.63
CA ILE B 309 -12.92 11.48 -21.56
C ILE B 309 -11.91 10.49 -20.99
N CYS B 310 -12.26 9.20 -21.02
CA CYS B 310 -11.46 8.17 -20.38
C CYS B 310 -10.09 7.97 -21.03
N PHE B 311 -9.07 7.88 -20.19
CA PHE B 311 -7.71 7.54 -20.61
C PHE B 311 -7.07 6.64 -19.55
N GLY B 312 -6.79 5.39 -19.93
CA GLY B 312 -6.22 4.43 -19.00
C GLY B 312 -7.14 4.10 -17.85
N GLY B 313 -8.45 4.16 -18.09
CA GLY B 313 -9.43 3.85 -17.07
C GLY B 313 -9.71 5.02 -16.14
N ARG B 314 -9.01 6.12 -16.35
CA ARG B 314 -9.13 7.30 -15.51
C ARG B 314 -9.79 8.46 -16.25
N CYS B 315 -10.58 9.25 -15.55
CA CYS B 315 -11.32 10.34 -16.16
C CYS B 315 -10.52 11.63 -16.18
N LYS B 316 -10.25 12.14 -17.38
CA LYS B 316 -9.52 13.40 -17.53
C LYS B 316 -10.46 14.60 -17.63
N THR B 317 -10.64 15.29 -16.51
CA THR B 317 -11.40 16.54 -16.50
C THR B 317 -10.53 17.67 -15.94
N ARG B 318 -10.84 18.91 -16.31
CA ARG B 318 -10.15 20.06 -15.75
C ARG B 318 -10.45 20.17 -14.26
N ASP B 319 -11.64 19.70 -13.87
CA ASP B 319 -12.05 19.73 -12.48
C ASP B 319 -11.22 18.77 -11.62
N ARG B 320 -11.00 17.57 -12.14
CA ARG B 320 -10.19 16.59 -11.44
C ARG B 320 -8.72 16.99 -11.47
N GLN B 321 -8.29 17.60 -12.57
CA GLN B 321 -6.90 18.03 -12.71
C GLN B 321 -6.58 19.11 -11.68
N CYS B 322 -7.56 19.96 -11.41
CA CYS B 322 -7.40 20.98 -10.37
C CYS B 322 -7.35 20.33 -9.00
N LYS B 323 -8.18 19.30 -8.80
CA LYS B 323 -8.20 18.58 -7.53
C LYS B 323 -6.92 17.78 -7.35
N TYR B 324 -6.35 17.32 -8.46
CA TYR B 324 -5.12 16.53 -8.44
C TYR B 324 -3.92 17.35 -8.00
N ILE B 325 -3.88 18.62 -8.41
CA ILE B 325 -2.74 19.47 -8.14
C ILE B 325 -2.85 20.25 -6.83
N TRP B 326 -4.01 20.85 -6.60
CA TRP B 326 -4.14 21.81 -5.50
C TRP B 326 -4.95 21.29 -4.31
N GLY B 327 -5.73 20.24 -4.51
CA GLY B 327 -6.47 19.64 -3.42
C GLY B 327 -7.93 19.38 -3.74
N GLN B 328 -8.56 18.52 -2.95
CA GLN B 328 -9.94 18.10 -3.19
C GLN B 328 -10.95 19.23 -3.05
N LYS B 329 -10.65 20.20 -2.18
CA LYS B 329 -11.54 21.32 -1.93
C LYS B 329 -11.55 22.28 -3.11
N VAL B 330 -10.55 22.15 -3.98
CA VAL B 330 -10.40 23.03 -5.14
C VAL B 330 -11.33 22.60 -6.29
N THR B 331 -11.98 23.58 -6.91
CA THR B 331 -12.87 23.33 -8.03
C THR B 331 -12.41 24.07 -9.29
N ALA B 332 -12.81 23.58 -10.46
CA ALA B 332 -12.42 24.19 -11.72
C ALA B 332 -13.13 25.53 -11.91
N SER B 333 -12.48 26.44 -12.63
CA SER B 333 -13.06 27.74 -12.92
C SER B 333 -14.16 27.63 -13.97
N ASP B 334 -15.03 28.63 -14.01
CA ASP B 334 -16.08 28.70 -15.02
C ASP B 334 -15.45 28.89 -16.41
N LYS B 335 -16.15 28.44 -17.45
CA LYS B 335 -15.64 28.51 -18.81
C LYS B 335 -15.42 29.94 -19.29
N TYR B 336 -16.10 30.90 -18.66
CA TYR B 336 -15.97 32.31 -19.01
C TYR B 336 -14.55 32.82 -18.68
N CYS B 337 -13.93 32.25 -17.65
CA CYS B 337 -12.56 32.61 -17.29
C CYS B 337 -11.57 32.31 -18.37
N TYR B 338 -11.74 31.14 -18.97
CA TYR B 338 -10.86 30.67 -20.01
C TYR B 338 -11.08 31.52 -21.26
N GLU B 339 -12.35 31.75 -21.59
CA GLU B 339 -12.72 32.44 -22.81
C GLU B 339 -12.23 33.88 -22.89
N LYS B 340 -11.74 34.43 -21.78
CA LYS B 340 -11.27 35.81 -21.75
C LYS B 340 -9.76 35.91 -21.52
N LEU B 341 -9.28 35.20 -20.51
CA LEU B 341 -7.88 35.31 -20.10
C LEU B 341 -6.92 34.71 -21.11
N ASN B 342 -7.27 33.54 -21.65
CA ASN B 342 -6.36 32.83 -22.54
C ASN B 342 -6.06 33.56 -23.84
N ILE B 343 -7.04 34.32 -24.35
CA ILE B 343 -6.84 35.05 -25.59
C ILE B 343 -5.67 36.03 -25.39
N GLU B 344 -5.64 36.70 -24.24
CA GLU B 344 -4.46 37.47 -23.85
C GLU B 344 -3.35 36.49 -23.46
N GLY B 345 -2.22 36.51 -24.13
CA GLY B 345 -1.10 35.63 -23.81
C GLY B 345 -0.21 36.08 -22.65
N THR B 346 -0.80 36.58 -21.56
CA THR B 346 -0.05 37.08 -20.38
C THR B 346 0.22 36.04 -19.27
N GLU B 347 0.73 36.48 -18.12
CA GLU B 347 0.90 35.57 -16.98
C GLU B 347 -0.49 35.12 -16.50
N LYS B 348 -1.50 35.96 -16.73
CA LYS B 348 -2.85 35.70 -16.23
C LYS B 348 -3.59 34.65 -17.08
N GLY B 349 -2.91 34.10 -18.07
CA GLY B 349 -3.50 33.10 -18.95
C GLY B 349 -2.79 33.01 -20.29
N ASN B 350 -2.43 31.81 -20.72
CA ASN B 350 -1.73 31.65 -22.00
C ASN B 350 -1.70 30.20 -22.46
N CYS B 351 -1.17 29.98 -23.67
CA CYS B 351 -1.00 28.63 -24.20
C CYS B 351 0.48 28.24 -24.20
N CYS B 361 -3.20 32.86 -27.69
CA CYS B 361 -3.91 31.62 -27.98
C CYS B 361 -5.14 31.87 -28.84
N ASN B 362 -5.45 30.91 -29.71
CA ASN B 362 -6.63 31.04 -30.56
C ASN B 362 -7.90 30.75 -29.76
N LYS B 363 -9.04 31.22 -30.25
CA LYS B 363 -10.31 31.06 -29.53
C LYS B 363 -10.84 29.63 -29.64
N ARG B 364 -10.41 28.91 -30.67
CA ARG B 364 -10.81 27.52 -30.83
C ARG B 364 -10.03 26.68 -29.82
N ASP B 365 -8.77 27.05 -29.63
CA ASP B 365 -7.87 26.35 -28.71
C ASP B 365 -7.89 26.98 -27.32
N VAL B 366 -9.03 27.51 -26.90
CA VAL B 366 -9.11 28.24 -25.64
C VAL B 366 -9.18 27.32 -24.42
N LEU B 367 -9.82 26.16 -24.59
CA LEU B 367 -9.97 25.20 -23.50
C LEU B 367 -8.74 24.33 -23.30
N CYS B 368 -7.72 24.53 -24.14
CA CYS B 368 -6.51 23.74 -24.08
C CYS B 368 -5.30 24.55 -23.62
N GLY B 369 -5.56 25.69 -22.98
CA GLY B 369 -4.49 26.58 -22.58
C GLY B 369 -4.14 26.51 -21.10
N TYR B 370 -4.03 27.68 -20.48
CA TYR B 370 -3.66 27.78 -19.08
C TYR B 370 -4.79 27.31 -18.16
N LEU B 371 -4.49 26.35 -17.30
CA LEU B 371 -5.50 25.79 -16.40
C LEU B 371 -5.92 26.81 -15.33
N LEU B 372 -7.22 26.91 -15.11
CA LEU B 372 -7.76 27.84 -14.13
C LEU B 372 -8.64 27.12 -13.10
N CYS B 373 -8.41 27.42 -11.82
CA CYS B 373 -9.13 26.78 -10.74
C CYS B 373 -9.77 27.78 -9.79
N THR B 374 -10.62 27.30 -8.89
CA THR B 374 -11.24 28.15 -7.89
C THR B 374 -10.90 27.66 -6.49
N ASN B 375 -10.89 28.56 -5.51
CA ASN B 375 -10.57 28.23 -4.12
C ASN B 375 -9.18 27.57 -4.04
N ILE B 376 -8.22 28.15 -4.73
CA ILE B 376 -6.87 27.59 -4.80
C ILE B 376 -6.09 27.89 -3.52
N GLY B 377 -5.04 27.11 -3.27
CA GLY B 377 -4.17 27.34 -2.14
C GLY B 377 -2.86 27.99 -2.57
N ASN B 378 -1.81 27.78 -1.78
CA ASN B 378 -0.50 28.32 -2.12
C ASN B 378 0.57 27.25 -2.10
N ILE B 379 0.15 25.99 -2.00
CA ILE B 379 1.07 24.86 -1.98
C ILE B 379 0.47 23.66 -2.70
N PRO B 380 1.10 23.24 -3.81
CA PRO B 380 0.60 22.09 -4.58
C PRO B 380 0.79 20.77 -3.86
N ARG B 381 -0.02 19.78 -4.20
CA ARG B 381 0.07 18.45 -3.60
C ARG B 381 1.35 17.74 -4.03
N LEU B 382 1.85 18.10 -5.21
CA LEU B 382 3.05 17.48 -5.77
C LEU B 382 3.85 18.49 -6.60
N GLY B 383 5.12 18.17 -6.82
CA GLY B 383 5.98 19.01 -7.65
C GLY B 383 6.42 20.30 -6.99
N GLU B 384 7.10 21.15 -7.76
CA GLU B 384 7.61 22.42 -7.25
C GLU B 384 6.89 23.60 -7.87
N LEU B 385 6.51 24.57 -7.05
CA LEU B 385 5.87 25.79 -7.54
C LEU B 385 6.91 26.83 -8.00
N ASP B 386 6.83 27.19 -9.27
CA ASP B 386 7.74 28.18 -9.86
C ASP B 386 7.04 29.51 -10.10
N GLY B 387 7.23 30.46 -9.19
CA GLY B 387 6.64 31.78 -9.34
C GLY B 387 5.59 32.11 -8.30
N GLU B 388 4.59 32.88 -8.71
CA GLU B 388 3.55 33.34 -7.80
C GLU B 388 2.18 32.79 -8.17
N ILE B 389 1.19 33.11 -7.35
CA ILE B 389 -0.18 32.65 -7.58
C ILE B 389 -0.93 33.59 -8.51
N THR B 390 -1.39 33.06 -9.64
CA THR B 390 -2.21 33.84 -10.56
C THR B 390 -3.62 33.95 -10.00
N SER B 391 -4.11 35.18 -9.86
CA SER B 391 -5.47 35.39 -9.35
C SER B 391 -6.17 36.52 -10.08
N THR B 392 -7.16 36.17 -10.90
CA THR B 392 -7.93 37.17 -11.62
C THR B 392 -9.41 37.01 -11.33
N LEU B 393 -10.10 38.13 -11.15
CA LEU B 393 -11.53 38.12 -10.88
C LEU B 393 -12.26 38.82 -12.03
N VAL B 394 -13.14 38.08 -12.70
CA VAL B 394 -13.92 38.64 -13.80
C VAL B 394 -15.40 38.65 -13.43
N ARG B 399 -20.98 39.04 -11.69
CA ARG B 399 -20.54 37.65 -11.75
C ARG B 399 -19.04 37.60 -11.50
N THR B 400 -18.59 36.77 -10.56
CA THR B 400 -17.17 36.66 -10.26
C THR B 400 -16.60 35.25 -10.39
N LEU B 401 -15.60 35.08 -11.23
CA LEU B 401 -15.08 33.75 -11.37
C LEU B 401 -13.66 33.80 -10.82
N ASN B 402 -13.46 33.26 -9.62
CA ASN B 402 -12.20 33.40 -8.91
C ASN B 402 -11.11 32.66 -9.69
N CYS B 403 -10.69 33.20 -10.84
CA CYS B 403 -9.69 32.51 -11.67
C CYS B 403 -8.35 32.47 -11.01
N SER B 404 -7.95 31.24 -10.71
CA SER B 404 -6.70 31.00 -10.04
C SER B 404 -5.87 30.02 -10.86
N GLY B 405 -4.56 30.22 -10.85
CA GLY B 405 -3.67 29.32 -11.56
C GLY B 405 -2.35 29.19 -10.84
N GLY B 406 -1.43 28.45 -11.46
CA GLY B 406 -0.11 28.26 -10.89
C GLY B 406 0.73 27.36 -11.78
N HIS B 407 2.04 27.62 -11.80
CA HIS B 407 2.96 26.79 -12.59
C HIS B 407 3.66 25.78 -11.71
N VAL B 408 3.26 24.50 -11.85
CA VAL B 408 3.86 23.43 -11.08
C VAL B 408 4.72 22.52 -11.96
N LYS B 409 5.99 22.41 -11.63
CA LYS B 409 6.93 21.66 -12.45
C LYS B 409 7.40 20.36 -11.81
N LEU B 410 7.01 19.24 -12.41
CA LEU B 410 7.56 17.94 -12.04
C LEU B 410 8.90 17.76 -12.74
N GLU B 411 8.91 18.06 -14.03
CA GLU B 411 10.11 17.99 -14.86
C GLU B 411 10.39 19.39 -15.42
N GLU B 412 11.61 19.63 -15.92
CA GLU B 412 11.93 20.91 -16.54
C GLU B 412 11.05 21.11 -17.77
N ASP B 413 10.68 20.00 -18.42
CA ASP B 413 9.85 20.01 -19.61
C ASP B 413 8.36 19.93 -19.30
N VAL B 414 8.00 19.03 -18.39
CA VAL B 414 6.60 18.85 -18.02
C VAL B 414 6.15 19.90 -17.00
N ASP B 415 5.11 20.64 -17.35
CA ASP B 415 4.62 21.70 -16.47
C ASP B 415 3.13 21.52 -16.17
N LEU B 416 2.82 21.29 -14.90
CA LEU B 416 1.43 21.24 -14.45
C LEU B 416 0.91 22.65 -14.23
N GLY B 417 -0.31 22.91 -14.69
CA GLY B 417 -0.87 24.24 -14.66
C GLY B 417 -1.41 24.59 -16.02
N TYR B 418 -1.16 23.71 -16.98
CA TYR B 418 -1.74 23.80 -18.31
C TYR B 418 -2.67 22.62 -18.53
N VAL B 419 -3.64 22.80 -19.43
CA VAL B 419 -4.64 21.77 -19.67
C VAL B 419 -4.00 20.48 -20.19
N GLU B 420 -4.22 19.41 -19.44
CA GLU B 420 -3.66 18.10 -19.77
C GLU B 420 -4.14 17.60 -21.12
N ASP B 421 -3.27 16.91 -21.84
CA ASP B 421 -3.61 16.34 -23.14
C ASP B 421 -4.67 15.27 -22.98
N GLY B 422 -5.68 15.30 -23.85
CA GLY B 422 -6.77 14.35 -23.79
C GLY B 422 -8.02 14.94 -23.16
N THR B 423 -7.86 16.12 -22.55
CA THR B 423 -8.98 16.83 -21.93
C THR B 423 -9.93 17.37 -22.99
N PRO B 424 -11.23 17.08 -22.84
CA PRO B 424 -12.26 17.54 -23.78
C PRO B 424 -12.32 19.06 -23.91
N CYS B 425 -12.43 19.55 -25.14
CA CYS B 425 -12.55 20.98 -25.39
C CYS B 425 -13.76 21.29 -26.25
N GLY B 426 -14.67 20.33 -26.33
CA GLY B 426 -15.87 20.48 -27.13
C GLY B 426 -16.37 19.13 -27.63
N PRO B 427 -17.49 19.15 -28.36
CA PRO B 427 -18.10 17.94 -28.92
C PRO B 427 -17.14 17.19 -29.84
N GLN B 428 -16.77 15.98 -29.43
CA GLN B 428 -15.83 15.14 -30.19
C GLN B 428 -14.51 15.85 -30.45
N MET B 429 -14.08 16.68 -29.51
CA MET B 429 -12.81 17.39 -29.64
C MET B 429 -12.00 17.34 -28.35
N MET B 430 -10.69 17.19 -28.49
CA MET B 430 -9.79 17.08 -27.35
C MET B 430 -8.57 17.98 -27.48
N CYS B 431 -7.79 18.08 -26.41
CA CYS B 431 -6.59 18.90 -26.40
C CYS B 431 -5.36 18.07 -26.76
N LEU B 432 -4.52 18.60 -27.65
CA LEU B 432 -3.28 17.93 -28.01
C LEU B 432 -2.21 19.00 -28.24
N GLU B 433 -1.27 19.09 -27.32
CA GLU B 433 -0.20 20.09 -27.35
C GLU B 433 -0.77 21.51 -27.43
N HIS B 434 -1.64 21.81 -26.49
CA HIS B 434 -2.28 23.13 -26.38
C HIS B 434 -3.07 23.49 -27.63
N ARG B 435 -3.64 22.48 -28.28
CA ARG B 435 -4.47 22.69 -29.47
C ARG B 435 -5.72 21.82 -29.42
N CYS B 436 -6.87 22.42 -29.74
CA CYS B 436 -8.14 21.70 -29.74
C CYS B 436 -8.35 20.96 -31.06
N LEU B 437 -8.16 19.65 -31.03
CA LEU B 437 -8.27 18.82 -32.23
C LEU B 437 -9.41 17.80 -32.12
N PRO B 438 -10.01 17.45 -33.26
CA PRO B 438 -11.07 16.43 -33.31
C PRO B 438 -10.60 15.05 -32.85
N VAL B 439 -11.54 14.15 -32.62
CA VAL B 439 -11.23 12.81 -32.12
C VAL B 439 -10.40 11.98 -33.09
N ALA B 440 -10.51 12.29 -34.38
CA ALA B 440 -9.79 11.55 -35.40
C ALA B 440 -8.29 11.85 -35.38
N SER B 441 -7.91 12.96 -34.74
CA SER B 441 -6.51 13.37 -34.67
C SER B 441 -5.72 12.49 -33.71
N PHE B 442 -6.42 11.77 -32.83
CA PHE B 442 -5.77 10.93 -31.84
C PHE B 442 -5.62 9.48 -32.32
N ASN B 443 -6.20 9.20 -33.49
CA ASN B 443 -6.10 7.88 -34.12
C ASN B 443 -6.50 6.72 -33.21
N PHE B 444 -7.65 6.84 -32.55
CA PHE B 444 -8.14 5.79 -31.69
C PHE B 444 -8.55 4.56 -32.49
N SER B 445 -8.21 3.38 -31.98
CA SER B 445 -8.61 2.14 -32.62
C SER B 445 -10.09 1.89 -32.35
N THR B 446 -10.69 0.95 -33.07
CA THR B 446 -12.10 0.65 -32.89
C THR B 446 -12.34 -0.85 -32.89
N CYS B 447 -13.33 -1.30 -32.13
CA CYS B 447 -13.70 -2.70 -32.11
C CYS B 447 -14.48 -3.08 -33.38
N LEU B 448 -14.82 -4.37 -33.49
CA LEU B 448 -15.59 -4.86 -34.62
C LEU B 448 -17.07 -4.51 -34.45
N SER B 449 -17.69 -4.02 -35.52
CA SER B 449 -19.10 -3.65 -35.49
C SER B 449 -19.78 -3.99 -36.82
N SER B 450 -20.98 -4.55 -36.74
CA SER B 450 -21.73 -4.91 -37.94
C SER B 450 -22.88 -3.97 -38.21
N LYS B 451 -22.98 -2.90 -37.42
CA LYS B 451 -24.00 -1.88 -37.61
C LYS B 451 -23.35 -0.51 -37.71
N GLU B 452 -23.70 0.22 -38.76
CA GLU B 452 -23.09 1.51 -39.04
C GLU B 452 -23.37 2.57 -37.98
N GLY B 453 -22.32 3.29 -37.60
CA GLY B 453 -22.43 4.38 -36.65
C GLY B 453 -22.53 3.94 -35.20
N THR B 454 -22.39 2.64 -34.96
CA THR B 454 -22.47 2.11 -33.61
C THR B 454 -21.22 1.34 -33.22
N ILE B 455 -20.94 1.29 -31.92
CA ILE B 455 -19.81 0.55 -31.39
C ILE B 455 -20.26 -0.85 -30.99
N CYS B 456 -19.57 -1.87 -31.51
CA CYS B 456 -19.90 -3.27 -31.26
C CYS B 456 -21.38 -3.57 -31.57
N SER B 457 -21.80 -3.15 -32.77
CA SER B 457 -23.16 -3.39 -33.28
C SER B 457 -24.23 -2.81 -32.37
N GLY B 458 -23.85 -1.83 -31.55
CA GLY B 458 -24.78 -1.21 -30.63
C GLY B 458 -25.29 -2.16 -29.56
N ASN B 459 -24.51 -3.20 -29.27
CA ASN B 459 -24.90 -4.17 -28.25
C ASN B 459 -23.75 -4.52 -27.30
N GLY B 460 -22.69 -3.73 -27.32
CA GLY B 460 -21.53 -3.99 -26.48
C GLY B 460 -20.66 -2.77 -26.25
N VAL B 461 -19.67 -2.92 -25.37
CA VAL B 461 -18.75 -1.84 -25.08
C VAL B 461 -17.31 -2.25 -25.43
N CYS B 462 -16.61 -1.39 -26.14
CA CYS B 462 -15.24 -1.69 -26.56
C CYS B 462 -14.27 -1.53 -25.39
N SER B 463 -13.65 -2.63 -24.98
CA SER B 463 -12.74 -2.62 -23.83
C SER B 463 -11.39 -2.03 -24.17
N ASN B 464 -10.52 -1.91 -23.18
CA ASN B 464 -9.17 -1.42 -23.39
C ASN B 464 -8.30 -2.44 -24.10
N GLU B 465 -8.78 -3.68 -24.16
CA GLU B 465 -8.11 -4.75 -24.90
C GLU B 465 -8.59 -4.81 -26.33
N LEU B 466 -9.36 -3.79 -26.74
CA LEU B 466 -9.94 -3.71 -28.08
C LEU B 466 -10.83 -4.92 -28.38
N LYS B 467 -11.58 -5.35 -27.38
CA LYS B 467 -12.55 -6.42 -27.55
C LYS B 467 -13.92 -5.93 -27.15
N CYS B 468 -14.95 -6.51 -27.77
CA CYS B 468 -16.33 -6.15 -27.47
C CYS B 468 -16.86 -6.90 -26.24
N VAL B 469 -17.25 -6.16 -25.22
CA VAL B 469 -17.93 -6.74 -24.07
C VAL B 469 -19.43 -6.60 -24.28
N CYS B 470 -20.05 -7.68 -24.74
CA CYS B 470 -21.47 -7.64 -25.13
C CYS B 470 -22.42 -7.47 -23.94
N ASN B 471 -23.55 -6.83 -24.20
CA ASN B 471 -24.61 -6.71 -23.21
C ASN B 471 -25.34 -8.03 -23.03
N ARG B 472 -26.30 -8.05 -22.12
CA ARG B 472 -27.10 -9.25 -21.87
C ARG B 472 -27.85 -9.67 -23.13
N HIS B 473 -27.99 -10.98 -23.30
CA HIS B 473 -28.66 -11.61 -24.43
C HIS B 473 -27.95 -11.36 -25.76
N TRP B 474 -26.69 -10.94 -25.70
CA TRP B 474 -25.89 -10.77 -26.91
C TRP B 474 -24.53 -11.46 -26.82
N ILE B 475 -24.14 -12.14 -27.89
CA ILE B 475 -22.83 -12.80 -27.95
C ILE B 475 -22.15 -12.48 -29.27
N GLY B 476 -20.96 -13.04 -29.49
CA GLY B 476 -20.22 -12.79 -30.72
C GLY B 476 -19.15 -11.73 -30.56
N SER B 477 -18.13 -11.78 -31.41
CA SER B 477 -17.02 -10.83 -31.35
C SER B 477 -17.45 -9.43 -31.78
N ASP B 478 -18.57 -9.35 -32.48
CA ASP B 478 -19.13 -8.07 -32.91
C ASP B 478 -20.42 -7.78 -32.17
N CYS B 479 -20.76 -8.68 -31.25
CA CYS B 479 -21.97 -8.58 -30.44
C CYS B 479 -23.23 -8.44 -31.30
N ASN B 480 -23.24 -9.12 -32.45
CA ASN B 480 -24.39 -9.05 -33.34
C ASN B 480 -25.26 -10.31 -33.23
N THR B 481 -24.66 -11.41 -32.78
CA THR B 481 -25.42 -12.65 -32.61
C THR B 481 -26.08 -12.59 -31.23
N TYR B 482 -27.39 -12.73 -31.18
CA TYR B 482 -28.11 -12.61 -29.91
C TYR B 482 -28.56 -13.94 -29.30
N PHE B 483 -28.40 -14.08 -27.98
CA PHE B 483 -28.77 -15.32 -27.28
C PHE B 483 -29.68 -15.06 -26.09
N PRO B 484 -30.99 -15.29 -26.26
CA PRO B 484 -32.01 -15.06 -25.23
C PRO B 484 -32.22 -16.28 -24.32
N HIS B 485 -32.11 -16.08 -23.01
CA HIS B 485 -32.25 -17.17 -22.07
C HIS B 485 -32.64 -16.61 -20.69
N ASN B 486 -33.05 -17.50 -19.78
CA ASN B 486 -33.38 -17.14 -18.40
C ASN B 486 -32.31 -16.28 -17.73
N ASN C 1 21.61 -41.98 26.92
CA ASN C 1 23.01 -42.40 26.84
C ASN C 1 23.87 -41.46 26.01
N VAL C 2 24.77 -42.01 25.22
CA VAL C 2 25.70 -41.23 24.42
C VAL C 2 25.24 -41.11 22.96
N GLU C 3 24.33 -42.00 22.57
CA GLU C 3 23.85 -42.01 21.19
C GLU C 3 22.46 -41.38 21.06
N GLU C 4 21.79 -41.18 22.19
CA GLU C 4 20.49 -40.52 22.18
C GLU C 4 20.64 -39.01 22.37
N GLU C 5 21.85 -38.58 22.68
CA GLU C 5 22.14 -37.15 22.82
C GLU C 5 22.31 -36.50 21.46
N THR C 6 22.11 -35.19 21.41
CA THR C 6 22.37 -34.45 20.20
C THR C 6 23.84 -34.05 20.15
N LYS C 7 24.54 -34.48 19.11
CA LYS C 7 25.95 -34.14 18.97
C LYS C 7 26.10 -32.85 18.17
N TYR C 8 27.20 -32.15 18.41
CA TYR C 8 27.48 -30.91 17.71
C TYR C 8 28.91 -30.88 17.20
N ILE C 9 29.07 -30.77 15.89
CA ILE C 9 30.40 -30.66 15.32
C ILE C 9 30.76 -29.20 15.13
N GLU C 10 31.64 -28.71 16.01
CA GLU C 10 32.12 -27.34 15.90
C GLU C 10 33.11 -27.26 14.72
N LEU C 11 32.67 -26.76 13.57
CA LEU C 11 33.48 -26.82 12.35
C LEU C 11 34.14 -25.50 11.94
N MET C 12 35.40 -25.58 11.50
CA MET C 12 36.08 -24.44 10.90
C MET C 12 36.37 -24.72 9.42
N ILE C 13 36.13 -23.71 8.58
CA ILE C 13 36.36 -23.83 7.14
C ILE C 13 37.51 -22.93 6.67
N VAL C 14 38.44 -23.49 5.91
CA VAL C 14 39.49 -22.70 5.30
C VAL C 14 39.35 -22.71 3.79
N ASN C 15 39.17 -21.52 3.18
CA ASN C 15 39.07 -21.40 1.74
C ASN C 15 40.41 -21.07 1.12
N ASP C 16 40.88 -21.93 0.22
CA ASP C 16 42.18 -21.70 -0.43
C ASP C 16 42.07 -20.61 -1.48
N HIS C 17 43.18 -20.32 -2.16
CA HIS C 17 43.21 -19.19 -3.09
C HIS C 17 42.32 -19.44 -4.30
N LEU C 18 42.26 -20.69 -4.75
CA LEU C 18 41.47 -21.03 -5.94
C LEU C 18 39.98 -20.93 -5.65
N MET C 19 39.60 -21.23 -4.42
CA MET C 19 38.20 -21.09 -4.01
C MET C 19 37.81 -19.62 -4.04
N PHE C 20 38.76 -18.76 -3.70
CA PHE C 20 38.55 -17.32 -3.68
C PHE C 20 38.40 -16.78 -5.09
N LYS C 21 39.20 -17.32 -6.02
CA LYS C 21 39.09 -16.93 -7.43
C LYS C 21 37.77 -17.39 -8.03
N LYS C 22 37.27 -18.54 -7.58
CA LYS C 22 36.01 -19.07 -8.08
C LYS C 22 34.86 -18.13 -7.76
N HIS C 23 35.00 -17.38 -6.67
CA HIS C 23 33.96 -16.44 -6.27
C HIS C 23 34.33 -15.00 -6.62
N ARG C 24 35.10 -14.87 -7.70
CA ARG C 24 35.43 -13.58 -8.28
C ARG C 24 36.09 -12.65 -7.26
N LEU C 25 37.01 -13.20 -6.48
CA LEU C 25 37.78 -12.42 -5.49
C LEU C 25 36.87 -11.70 -4.50
N SER C 26 35.74 -12.30 -4.15
CA SER C 26 34.79 -11.69 -3.24
C SER C 26 34.73 -12.41 -1.91
N VAL C 27 35.00 -11.68 -0.84
CA VAL C 27 35.02 -12.25 0.50
C VAL C 27 33.61 -12.59 1.00
N VAL C 28 32.69 -11.66 0.81
CA VAL C 28 31.32 -11.85 1.29
C VAL C 28 30.66 -12.99 0.52
N HIS C 29 31.07 -13.19 -0.72
CA HIS C 29 30.53 -14.27 -1.54
C HIS C 29 31.12 -15.63 -1.18
N THR C 30 32.42 -15.67 -0.85
CA THR C 30 33.04 -16.92 -0.45
C THR C 30 32.43 -17.44 0.85
N ASN C 31 32.15 -16.53 1.78
CA ASN C 31 31.59 -16.88 3.08
C ASN C 31 30.18 -17.44 2.98
N THR C 32 29.31 -16.73 2.26
CA THR C 32 27.92 -17.15 2.13
C THR C 32 27.82 -18.46 1.36
N TYR C 33 28.72 -18.65 0.41
CA TYR C 33 28.75 -19.88 -0.38
C TYR C 33 29.16 -21.06 0.49
N ALA C 34 30.17 -20.86 1.32
CA ALA C 34 30.65 -21.93 2.19
C ALA C 34 29.61 -22.25 3.27
N LYS C 35 28.94 -21.22 3.77
CA LYS C 35 27.88 -21.40 4.74
C LYS C 35 26.72 -22.21 4.16
N SER C 36 26.45 -21.99 2.89
CA SER C 36 25.39 -22.73 2.22
C SER C 36 25.74 -24.21 2.20
N VAL C 37 27.00 -24.51 1.90
CA VAL C 37 27.46 -25.89 1.88
C VAL C 37 27.32 -26.54 3.26
N VAL C 38 27.73 -25.81 4.29
CA VAL C 38 27.65 -26.31 5.66
C VAL C 38 26.21 -26.52 6.07
N ASN C 39 25.36 -25.56 5.77
CA ASN C 39 23.95 -25.65 6.13
C ASN C 39 23.28 -26.88 5.51
N MET C 40 23.58 -27.14 4.25
CA MET C 40 23.00 -28.29 3.55
C MET C 40 23.59 -29.61 4.07
N ALA C 41 24.87 -29.61 4.41
CA ALA C 41 25.47 -30.79 5.02
C ALA C 41 24.87 -31.03 6.40
N ASP C 42 24.54 -29.93 7.07
CA ASP C 42 23.94 -29.98 8.40
C ASP C 42 22.55 -30.62 8.37
N LEU C 43 21.72 -30.20 7.42
CA LEU C 43 20.36 -30.74 7.29
C LEU C 43 20.37 -32.25 7.03
N ILE C 44 21.41 -32.72 6.36
CA ILE C 44 21.63 -34.15 6.14
C ILE C 44 21.96 -34.84 7.47
N TYR C 45 22.89 -34.25 8.20
CA TYR C 45 23.35 -34.79 9.48
C TYR C 45 22.28 -34.71 10.56
N LYS C 46 21.58 -33.58 10.62
CA LYS C 46 20.56 -33.34 11.65
C LYS C 46 19.43 -34.37 11.61
N ASP C 47 19.07 -34.81 10.42
CA ASP C 47 17.94 -35.70 10.25
C ASP C 47 18.26 -37.15 10.66
N GLN C 48 19.45 -37.61 10.31
CA GLN C 48 19.80 -39.03 10.47
C GLN C 48 20.79 -39.33 11.58
N LEU C 49 21.87 -38.57 11.66
CA LEU C 49 22.92 -38.85 12.62
C LEU C 49 22.65 -38.19 13.97
N LYS C 50 21.55 -37.44 14.04
CA LYS C 50 21.19 -36.67 15.23
C LYS C 50 22.36 -35.77 15.65
N THR C 51 23.02 -35.19 14.64
CA THR C 51 24.20 -34.37 14.86
C THR C 51 24.12 -33.07 14.07
N ARG C 52 24.53 -31.98 14.69
CA ARG C 52 24.51 -30.68 14.02
C ARG C 52 25.90 -30.28 13.58
N ILE C 53 26.00 -29.73 12.37
CA ILE C 53 27.25 -29.17 11.86
C ILE C 53 27.21 -27.67 12.03
N VAL C 54 27.97 -27.14 12.97
CA VAL C 54 27.95 -25.72 13.28
C VAL C 54 29.27 -25.03 12.90
N LEU C 55 29.18 -24.04 12.02
CA LEU C 55 30.34 -23.25 11.62
C LEU C 55 30.74 -22.25 12.71
N VAL C 56 31.95 -22.42 13.25
CA VAL C 56 32.39 -21.61 14.37
C VAL C 56 33.53 -20.66 13.99
N ALA C 57 34.19 -20.96 12.89
CA ALA C 57 35.31 -20.13 12.42
C ALA C 57 35.58 -20.34 10.94
N MET C 58 36.14 -19.31 10.29
CA MET C 58 36.46 -19.39 8.87
C MET C 58 37.52 -18.37 8.49
N GLU C 59 38.45 -18.76 7.62
CA GLU C 59 39.43 -17.85 7.05
C GLU C 59 39.61 -18.11 5.56
N THR C 60 39.99 -17.08 4.82
CA THR C 60 40.13 -17.20 3.38
C THR C 60 41.49 -16.71 2.90
N TRP C 61 42.17 -17.55 2.13
CA TRP C 61 43.48 -17.19 1.60
C TRP C 61 43.33 -16.29 0.39
N ALA C 62 43.13 -15.00 0.63
CA ALA C 62 42.85 -14.03 -0.43
C ALA C 62 44.10 -13.63 -1.20
N THR C 63 45.25 -13.65 -0.55
CA THR C 63 46.49 -13.24 -1.19
C THR C 63 47.05 -14.37 -2.04
N ASP C 64 47.35 -15.49 -1.39
CA ASP C 64 47.89 -16.64 -2.07
C ASP C 64 47.80 -17.87 -1.20
N ASN C 65 48.14 -19.01 -1.80
CA ASN C 65 48.16 -20.30 -1.08
C ASN C 65 49.26 -20.34 -0.01
N LYS C 66 48.93 -20.91 1.14
CA LYS C 66 49.92 -21.03 2.22
C LYS C 66 50.91 -22.17 1.97
N PHE C 67 50.48 -23.15 1.17
CA PHE C 67 51.35 -24.26 0.77
C PHE C 67 50.93 -24.79 -0.59
N ALA C 68 51.74 -25.64 -1.21
CA ALA C 68 51.39 -26.13 -2.54
C ALA C 68 50.31 -27.20 -2.45
N ILE C 69 49.15 -26.93 -3.06
CA ILE C 69 48.06 -27.90 -3.09
C ILE C 69 48.29 -28.94 -4.19
N SER C 70 48.23 -30.21 -3.81
CA SER C 70 48.48 -31.31 -4.74
C SER C 70 47.19 -31.86 -5.34
N GLU C 71 47.30 -32.46 -6.52
CA GLU C 71 46.16 -33.11 -7.15
C GLU C 71 45.75 -34.34 -6.33
N ASN C 72 46.69 -34.87 -5.56
CA ASN C 72 46.41 -35.96 -4.64
C ASN C 72 45.82 -35.42 -3.34
N PRO C 73 44.58 -35.84 -3.02
CA PRO C 73 43.88 -35.36 -1.82
C PRO C 73 44.55 -35.78 -0.51
N LEU C 74 45.16 -36.96 -0.48
CA LEU C 74 45.85 -37.45 0.72
C LEU C 74 47.08 -36.60 1.03
N ILE C 75 47.81 -36.22 -0.01
CA ILE C 75 48.97 -35.34 0.15
C ILE C 75 48.52 -33.97 0.61
N THR C 76 47.46 -33.49 -0.02
CA THR C 76 46.88 -32.19 0.32
C THR C 76 46.36 -32.20 1.75
N LEU C 77 45.71 -33.28 2.14
CA LEU C 77 45.18 -33.42 3.49
C LEU C 77 46.25 -33.24 4.57
N ARG C 78 47.40 -33.87 4.37
CA ARG C 78 48.49 -33.83 5.35
C ARG C 78 49.13 -32.46 5.48
N GLU C 79 49.43 -31.83 4.35
CA GLU C 79 50.06 -30.51 4.37
C GLU C 79 49.12 -29.49 5.01
N PHE C 80 47.82 -29.70 4.86
CA PHE C 80 46.84 -28.81 5.45
C PHE C 80 46.80 -28.96 6.97
N MET C 81 46.89 -30.19 7.45
CA MET C 81 46.88 -30.44 8.89
C MET C 81 48.17 -29.96 9.54
N LYS C 82 49.26 -29.94 8.78
CA LYS C 82 50.50 -29.36 9.29
C LYS C 82 50.33 -27.85 9.46
N TYR C 83 49.64 -27.24 8.50
CA TYR C 83 49.37 -25.80 8.55
C TYR C 83 48.47 -25.42 9.70
N ARG C 84 47.42 -26.21 9.92
CA ARG C 84 46.48 -25.96 10.98
C ARG C 84 47.19 -26.05 12.33
N ARG C 85 48.13 -26.97 12.44
CA ARG C 85 48.87 -27.17 13.69
C ARG C 85 49.75 -25.98 14.05
N ASP C 86 50.37 -25.35 13.05
CA ASP C 86 51.34 -24.30 13.30
C ASP C 86 50.78 -22.89 13.17
N PHE C 87 49.70 -22.74 12.41
CA PHE C 87 49.19 -21.41 12.11
C PHE C 87 47.76 -21.18 12.60
N ILE C 88 46.95 -22.24 12.60
CA ILE C 88 45.57 -22.12 13.09
C ILE C 88 45.53 -22.32 14.59
N LYS C 89 45.02 -21.33 15.32
CA LYS C 89 45.01 -21.40 16.77
C LYS C 89 43.60 -21.24 17.36
N GLU C 90 42.60 -21.16 16.49
CA GLU C 90 41.22 -21.10 16.96
C GLU C 90 40.66 -22.50 17.25
N LYS C 91 39.73 -22.58 18.19
CA LYS C 91 39.21 -23.86 18.64
C LYS C 91 38.06 -24.38 17.78
N SER C 92 38.14 -25.66 17.42
CA SER C 92 37.12 -26.30 16.62
C SER C 92 37.23 -27.81 16.72
N ASP C 93 36.10 -28.50 16.53
CA ASP C 93 36.08 -29.95 16.61
C ASP C 93 36.72 -30.53 15.34
N ALA C 94 36.66 -29.79 14.25
CA ALA C 94 37.28 -30.21 12.99
C ALA C 94 37.59 -29.03 12.07
N VAL C 95 38.70 -29.11 11.35
CA VAL C 95 39.06 -28.07 10.39
C VAL C 95 39.12 -28.63 8.96
N HIS C 96 38.26 -28.12 8.09
CA HIS C 96 38.20 -28.63 6.73
C HIS C 96 38.59 -27.59 5.67
N LEU C 97 39.35 -28.03 4.69
CA LEU C 97 39.80 -27.16 3.61
C LEU C 97 38.83 -27.22 2.43
N PHE C 98 38.37 -26.03 2.00
CA PHE C 98 37.59 -25.92 0.77
C PHE C 98 38.49 -25.49 -0.39
N SER C 99 38.78 -26.44 -1.29
CA SER C 99 39.68 -26.19 -2.40
C SER C 99 38.93 -25.88 -3.69
N GLY C 100 39.36 -24.84 -4.38
CA GLY C 100 38.76 -24.45 -5.64
C GLY C 100 39.21 -25.35 -6.78
N SER C 101 40.25 -26.13 -6.52
CA SER C 101 40.78 -27.05 -7.52
C SER C 101 39.95 -28.33 -7.59
N GLN C 102 40.40 -29.25 -8.44
CA GLN C 102 39.77 -30.55 -8.57
C GLN C 102 40.81 -31.65 -8.42
N PHE C 103 40.51 -32.64 -7.58
CA PHE C 103 41.46 -33.70 -7.29
C PHE C 103 41.49 -34.75 -8.39
N GLU C 104 42.65 -35.38 -8.56
CA GLU C 104 42.81 -36.42 -9.55
C GLU C 104 42.65 -37.80 -8.95
N SER C 105 41.78 -37.92 -7.95
CA SER C 105 41.45 -39.20 -7.32
C SER C 105 40.01 -39.59 -7.64
N SER C 106 39.62 -40.76 -7.14
CA SER C 106 38.25 -41.25 -7.30
C SER C 106 37.29 -40.56 -6.35
N ARG C 107 37.81 -39.97 -5.29
CA ARG C 107 36.97 -39.29 -4.32
C ARG C 107 37.11 -37.78 -4.46
N SER C 108 36.03 -37.05 -4.14
CA SER C 108 36.04 -35.60 -4.25
C SER C 108 36.70 -34.96 -3.03
N GLY C 109 37.18 -35.79 -2.11
CA GLY C 109 37.86 -35.31 -0.92
C GLY C 109 38.51 -36.43 -0.10
N ALA C 110 39.17 -36.04 0.98
CA ALA C 110 39.81 -37.00 1.88
C ALA C 110 39.78 -36.51 3.33
N ALA C 111 39.65 -37.45 4.26
CA ALA C 111 39.59 -37.14 5.69
C ALA C 111 40.00 -38.34 6.55
N TYR C 112 40.71 -38.07 7.63
CA TYR C 112 41.18 -39.13 8.53
C TYR C 112 40.02 -39.78 9.28
N ILE C 113 40.05 -41.10 9.33
CA ILE C 113 38.98 -41.87 9.98
C ILE C 113 39.09 -41.80 11.49
N GLY C 114 37.99 -41.44 12.15
CA GLY C 114 37.95 -41.28 13.58
C GLY C 114 38.81 -40.12 14.04
N GLY C 115 38.99 -39.15 13.16
CA GLY C 115 39.95 -38.08 13.37
C GLY C 115 39.45 -36.91 14.20
N ILE C 116 38.14 -36.77 14.31
CA ILE C 116 37.56 -35.61 14.99
C ILE C 116 38.03 -35.49 16.43
N CYS C 117 38.02 -34.26 16.94
CA CYS C 117 38.48 -33.87 18.28
C CYS C 117 40.01 -33.93 18.42
N SER C 118 40.70 -34.30 17.34
CA SER C 118 42.16 -34.37 17.33
C SER C 118 42.78 -33.16 16.65
N LEU C 119 44.04 -32.89 16.96
CA LEU C 119 44.73 -31.72 16.43
C LEU C 119 45.39 -32.02 15.08
N LEU C 120 45.89 -33.24 14.93
CA LEU C 120 46.55 -33.65 13.70
C LEU C 120 45.63 -34.43 12.77
N LYS C 121 44.64 -35.10 13.34
CA LYS C 121 43.72 -35.92 12.55
C LYS C 121 42.35 -35.26 12.40
N GLY C 122 42.09 -34.22 13.18
CA GLY C 122 40.79 -33.58 13.18
C GLY C 122 40.57 -32.67 11.99
N GLY C 123 40.42 -33.26 10.81
CA GLY C 123 40.21 -32.46 9.62
C GLY C 123 40.06 -33.25 8.35
N GLY C 124 39.80 -32.54 7.26
CA GLY C 124 39.64 -33.15 5.95
C GLY C 124 39.78 -32.12 4.86
N VAL C 125 39.80 -32.58 3.62
CA VAL C 125 39.91 -31.67 2.48
C VAL C 125 38.80 -31.94 1.45
N ASN C 126 38.22 -30.88 0.91
CA ASN C 126 37.09 -30.99 -0.01
C ASN C 126 37.27 -30.16 -1.28
N GLU C 127 37.00 -30.76 -2.43
CA GLU C 127 37.17 -30.07 -3.71
C GLU C 127 35.94 -29.24 -4.05
N PHE C 128 36.11 -28.29 -4.96
CA PHE C 128 35.02 -27.41 -5.34
C PHE C 128 33.95 -28.14 -6.16
N GLY C 129 32.72 -27.68 -6.06
CA GLY C 129 31.61 -28.21 -6.83
C GLY C 129 30.39 -27.34 -6.61
N LYS C 130 29.25 -27.73 -7.17
CA LYS C 130 28.03 -26.98 -6.89
C LYS C 130 27.66 -27.14 -5.42
N THR C 131 26.88 -26.20 -4.90
CA THR C 131 26.53 -26.17 -3.49
C THR C 131 26.01 -27.51 -2.97
N ASP C 132 25.06 -28.10 -3.69
CA ASP C 132 24.49 -29.37 -3.28
C ASP C 132 25.52 -30.50 -3.28
N LEU C 133 26.40 -30.49 -4.27
CA LEU C 133 27.39 -31.54 -4.42
C LEU C 133 28.47 -31.46 -3.33
N MET C 134 28.97 -30.25 -3.07
CA MET C 134 30.02 -30.08 -2.08
C MET C 134 29.49 -30.39 -0.68
N ALA C 135 28.20 -30.18 -0.49
CA ALA C 135 27.54 -30.51 0.77
C ALA C 135 27.66 -32.01 1.04
N VAL C 136 27.47 -32.80 -0.01
CA VAL C 136 27.63 -34.26 0.09
C VAL C 136 29.09 -34.60 0.36
N THR C 137 29.99 -33.90 -0.33
CA THR C 137 31.42 -34.11 -0.16
C THR C 137 31.85 -33.83 1.28
N LEU C 138 31.35 -32.74 1.85
CA LEU C 138 31.63 -32.40 3.23
C LEU C 138 31.01 -33.43 4.17
N ALA C 139 29.83 -33.94 3.79
CA ALA C 139 29.13 -34.93 4.59
C ALA C 139 29.93 -36.21 4.70
N GLN C 140 30.47 -36.67 3.59
CA GLN C 140 31.22 -37.92 3.60
C GLN C 140 32.62 -37.75 4.20
N SER C 141 33.15 -36.53 4.14
CA SER C 141 34.43 -36.24 4.78
C SER C 141 34.30 -36.18 6.29
N LEU C 142 33.29 -35.46 6.79
CA LEU C 142 33.03 -35.42 8.21
C LEU C 142 32.60 -36.80 8.73
N ALA C 143 32.01 -37.61 7.85
CA ALA C 143 31.62 -38.97 8.20
C ALA C 143 32.83 -39.82 8.57
N HIS C 144 33.91 -39.70 7.80
CA HIS C 144 35.14 -40.39 8.12
C HIS C 144 35.65 -39.97 9.50
N ASN C 145 35.70 -38.65 9.73
CA ASN C 145 36.12 -38.12 11.03
C ASN C 145 35.24 -38.65 12.14
N ILE C 146 33.93 -38.69 11.87
CA ILE C 146 32.94 -39.06 12.87
C ILE C 146 32.91 -40.58 13.09
N GLY C 147 33.64 -41.33 12.27
CA GLY C 147 33.78 -42.76 12.48
C GLY C 147 33.02 -43.60 11.49
N ILE C 148 32.31 -42.93 10.58
CA ILE C 148 31.52 -43.62 9.57
C ILE C 148 32.38 -44.06 8.39
N ILE C 149 32.52 -45.37 8.22
CA ILE C 149 33.21 -45.92 7.07
C ILE C 149 32.34 -46.98 6.42
N SER C 150 32.23 -46.96 5.11
CA SER C 150 31.41 -47.93 4.41
C SER C 150 32.06 -49.30 4.53
N ASP C 151 31.53 -50.12 5.45
CA ASP C 151 32.10 -51.43 5.75
C ASP C 151 32.11 -52.33 4.52
N LYS C 152 33.29 -52.51 3.93
CA LYS C 152 33.45 -53.30 2.70
C LYS C 152 33.16 -54.78 2.95
N ARG C 153 33.45 -55.24 4.17
CA ARG C 153 33.20 -56.61 4.55
C ARG C 153 31.70 -56.91 4.55
N LYS C 154 30.93 -55.98 5.09
CA LYS C 154 29.48 -56.13 5.14
C LYS C 154 28.83 -55.78 3.80
N LEU C 155 29.49 -54.95 3.00
CA LEU C 155 29.01 -54.61 1.66
C LEU C 155 29.09 -55.81 0.73
N ALA C 156 30.28 -56.42 0.68
CA ALA C 156 30.52 -57.56 -0.18
C ALA C 156 29.66 -58.75 0.24
N SER C 157 29.50 -58.92 1.55
CA SER C 157 28.71 -60.02 2.07
C SER C 157 27.22 -59.78 1.85
N GLY C 158 26.84 -58.52 1.67
CA GLY C 158 25.45 -58.15 1.48
C GLY C 158 24.77 -57.87 2.81
N GLU C 159 25.57 -57.79 3.86
CA GLU C 159 25.06 -57.53 5.20
C GLU C 159 24.54 -56.09 5.29
N CYS C 160 25.26 -55.17 4.65
CA CYS C 160 24.82 -53.78 4.56
C CYS C 160 24.68 -53.35 3.11
N LYS C 161 23.49 -52.88 2.74
CA LYS C 161 23.24 -52.36 1.39
C LYS C 161 22.36 -51.12 1.42
N CYS C 162 22.59 -50.23 0.46
CA CYS C 162 21.77 -49.03 0.31
C CYS C 162 20.45 -49.36 -0.37
N GLU C 163 19.36 -49.10 0.34
CA GLU C 163 18.01 -49.42 -0.12
C GLU C 163 17.54 -48.42 -1.17
N ASP C 164 18.28 -47.32 -1.31
CA ASP C 164 17.94 -46.30 -2.32
C ASP C 164 18.55 -46.68 -3.66
N THR C 165 17.68 -47.06 -4.59
CA THR C 165 18.12 -47.57 -5.89
C THR C 165 18.60 -46.45 -6.81
N TRP C 166 18.02 -45.26 -6.65
CA TRP C 166 18.22 -44.18 -7.60
C TRP C 166 19.32 -43.17 -7.21
N SER C 167 19.21 -42.59 -6.02
CA SER C 167 20.15 -41.56 -5.62
C SER C 167 21.36 -42.16 -4.90
N GLY C 168 21.21 -43.41 -4.45
CA GLY C 168 22.27 -44.07 -3.72
C GLY C 168 22.46 -43.48 -2.34
N CYS C 169 23.61 -43.77 -1.72
CA CYS C 169 23.88 -43.29 -0.37
C CYS C 169 25.17 -42.47 -0.29
N ILE C 170 25.32 -41.72 0.79
CA ILE C 170 26.39 -40.74 0.91
C ILE C 170 27.81 -41.31 0.80
N MET C 171 28.08 -42.43 1.45
CA MET C 171 29.43 -42.99 1.44
C MET C 171 29.75 -43.74 0.15
N GLY C 172 28.81 -43.72 -0.79
CA GLY C 172 29.02 -44.36 -2.08
C GLY C 172 29.53 -43.37 -3.11
N ASP C 173 29.88 -43.87 -4.29
CA ASP C 173 30.35 -43.02 -5.37
C ASP C 173 29.29 -42.02 -5.79
N THR C 174 29.68 -40.76 -5.88
CA THR C 174 28.73 -39.70 -6.19
C THR C 174 28.65 -39.42 -7.69
N GLY C 175 27.44 -39.23 -8.19
CA GLY C 175 27.22 -38.88 -9.58
C GLY C 175 26.35 -37.64 -9.65
N TYR C 176 25.71 -37.43 -10.80
CA TYR C 176 24.84 -36.27 -10.98
C TYR C 176 23.68 -36.26 -9.99
N TYR C 177 22.96 -37.37 -9.92
CA TYR C 177 21.88 -37.51 -8.94
C TYR C 177 22.44 -37.80 -7.55
N LEU C 178 22.42 -36.78 -6.69
CA LEU C 178 23.08 -36.82 -5.39
C LEU C 178 22.34 -37.63 -4.32
N PRO C 179 23.09 -38.32 -3.46
CA PRO C 179 22.52 -39.06 -2.32
C PRO C 179 22.04 -38.10 -1.25
N LYS C 180 21.19 -38.58 -0.35
CA LYS C 180 20.60 -37.76 0.69
C LYS C 180 20.64 -38.46 2.05
N LYS C 181 20.91 -39.75 2.03
CA LYS C 181 20.74 -40.58 3.21
C LYS C 181 21.97 -41.43 3.53
N PHE C 182 22.22 -41.62 4.82
CA PHE C 182 23.16 -42.63 5.28
C PHE C 182 22.44 -43.97 5.37
N THR C 183 23.20 -45.06 5.30
CA THR C 183 22.62 -46.38 5.48
C THR C 183 22.42 -46.62 6.98
N GLN C 184 21.59 -47.60 7.32
CA GLN C 184 21.41 -47.98 8.73
C GLN C 184 22.72 -48.50 9.31
N CYS C 185 23.51 -49.12 8.45
CA CYS C 185 24.82 -49.66 8.85
C CYS C 185 25.75 -48.52 9.25
N ASN C 186 25.66 -47.40 8.54
CA ASN C 186 26.46 -46.22 8.87
C ASN C 186 26.12 -45.66 10.24
N ILE C 187 24.84 -45.67 10.58
CA ILE C 187 24.37 -45.19 11.88
C ILE C 187 24.99 -46.01 13.00
N GLU C 188 25.02 -47.33 12.81
CA GLU C 188 25.56 -48.23 13.82
C GLU C 188 27.05 -47.97 14.03
N GLU C 189 27.75 -47.71 12.93
CA GLU C 189 29.18 -47.42 13.00
C GLU C 189 29.45 -46.16 13.80
N TYR C 190 28.59 -45.16 13.61
CA TYR C 190 28.67 -43.90 14.34
C TYR C 190 28.37 -44.12 15.82
N HIS C 191 27.37 -44.94 16.11
CA HIS C 191 27.02 -45.27 17.48
C HIS C 191 28.15 -46.07 18.13
N ASP C 192 28.72 -47.01 17.38
CA ASP C 192 29.83 -47.82 17.84
C ASP C 192 31.04 -46.93 18.16
N PHE C 193 31.22 -45.89 17.36
CA PHE C 193 32.33 -44.96 17.53
C PHE C 193 32.18 -44.16 18.82
N LEU C 194 30.97 -43.70 19.11
CA LEU C 194 30.69 -42.95 20.31
C LEU C 194 30.82 -43.84 21.54
N ASN C 195 30.34 -45.08 21.43
CA ASN C 195 30.42 -46.04 22.51
C ASN C 195 31.85 -46.48 22.76
N SER C 196 32.72 -46.28 21.77
CA SER C 196 34.13 -46.64 21.89
C SER C 196 34.93 -45.54 22.59
N GLY C 197 34.29 -44.41 22.87
CA GLY C 197 34.96 -43.33 23.56
C GLY C 197 35.39 -42.21 22.64
N GLY C 198 34.93 -42.27 21.39
CA GLY C 198 35.27 -41.27 20.40
C GLY C 198 34.26 -40.13 20.33
N GLY C 199 34.69 -39.00 19.77
CA GLY C 199 33.83 -37.84 19.62
C GLY C 199 33.44 -37.16 20.92
N ALA C 200 34.41 -37.03 21.84
CA ALA C 200 34.15 -36.41 23.14
C ALA C 200 33.86 -34.90 23.07
N CYS C 201 34.48 -34.20 22.13
CA CYS C 201 34.36 -32.74 21.98
C CYS C 201 33.08 -32.32 21.26
N LEU C 202 32.21 -33.31 21.05
CA LEU C 202 31.00 -33.16 20.25
C LEU C 202 29.77 -32.92 21.11
N PHE C 203 29.99 -32.74 22.41
CA PHE C 203 28.87 -32.67 23.34
C PHE C 203 28.74 -31.28 23.98
N ASN C 204 29.59 -30.36 23.54
CA ASN C 204 29.44 -28.95 23.89
C ASN C 204 28.49 -28.28 22.90
N LYS C 205 27.40 -27.71 23.40
CA LYS C 205 26.43 -27.08 22.51
C LYS C 205 26.80 -25.62 22.29
N PRO C 206 27.09 -25.25 21.03
CA PRO C 206 27.41 -23.87 20.65
C PRO C 206 26.23 -22.94 20.91
N SER C 207 26.51 -21.67 21.21
CA SER C 207 25.45 -20.71 21.49
C SER C 207 25.36 -19.65 20.39
N LYS C 208 26.32 -18.73 20.38
CA LYS C 208 26.31 -17.63 19.41
C LYS C 208 26.92 -18.07 18.09
N LEU C 209 26.13 -18.02 17.02
CA LEU C 209 26.58 -18.44 15.70
C LEU C 209 27.23 -17.29 14.92
N LEU C 210 27.57 -17.55 13.66
CA LEU C 210 28.15 -16.52 12.80
C LEU C 210 27.10 -15.81 11.95
N ASP C 211 25.83 -15.96 12.34
CA ASP C 211 24.72 -15.42 11.57
C ASP C 211 23.82 -14.58 12.47
N PRO C 212 22.95 -13.76 11.87
CA PRO C 212 21.95 -13.01 12.66
C PRO C 212 21.11 -13.94 13.53
N PRO C 213 20.83 -13.53 14.77
CA PRO C 213 20.07 -14.33 15.73
C PRO C 213 18.74 -14.82 15.21
N GLU C 214 18.46 -16.11 15.43
CA GLU C 214 17.19 -16.65 14.99
C GLU C 214 16.52 -17.58 16.02
N CYS C 215 15.44 -17.02 16.56
CA CYS C 215 14.54 -17.68 17.47
C CYS C 215 13.78 -18.79 16.73
N GLY C 216 14.06 -20.03 17.12
CA GLY C 216 13.45 -21.18 16.50
C GLY C 216 14.48 -21.92 15.66
N ASN C 217 15.73 -21.79 16.07
CA ASN C 217 16.87 -22.41 15.41
C ASN C 217 17.46 -23.53 16.25
N GLY C 218 17.07 -23.54 17.52
CA GLY C 218 17.57 -24.51 18.47
C GLY C 218 18.90 -24.02 19.00
N PHE C 219 19.12 -22.71 18.88
CA PHE C 219 20.34 -22.10 19.38
C PHE C 219 20.07 -20.73 20.01
N ILE C 220 20.60 -20.66 21.23
CA ILE C 220 20.57 -19.50 22.12
C ILE C 220 21.60 -18.50 21.67
N GLU C 221 21.16 -17.54 20.89
CA GLU C 221 22.04 -16.53 20.33
C GLU C 221 21.89 -15.23 21.11
N THR C 222 22.48 -14.16 20.58
CA THR C 222 22.44 -12.87 21.26
C THR C 222 21.02 -12.33 21.32
N GLY C 223 20.65 -11.78 22.46
CA GLY C 223 19.33 -11.19 22.62
C GLY C 223 18.31 -12.17 23.18
N GLU C 224 18.40 -13.43 22.74
CA GLU C 224 17.45 -14.45 23.17
C GLU C 224 18.01 -15.15 24.43
N GLU C 225 17.14 -15.46 25.38
CA GLU C 225 17.55 -16.07 26.64
C GLU C 225 17.66 -17.59 26.51
N CYS C 226 16.75 -18.15 25.73
CA CYS C 226 16.78 -19.56 25.38
C CYS C 226 16.26 -19.73 23.97
N ASP C 227 16.28 -20.96 23.48
CA ASP C 227 15.83 -21.26 22.12
C ASP C 227 15.57 -22.75 22.01
N CYS C 228 14.32 -23.10 22.28
CA CYS C 228 13.87 -24.48 22.27
C CYS C 228 13.92 -25.16 20.89
N GLY C 229 13.57 -24.43 19.82
CA GLY C 229 13.60 -25.02 18.49
C GLY C 229 12.41 -24.74 17.59
N THR C 230 11.76 -25.79 17.09
CA THR C 230 10.60 -25.60 16.24
C THR C 230 9.41 -25.61 17.16
N PRO C 231 8.35 -24.86 16.83
CA PRO C 231 7.19 -24.83 17.73
C PRO C 231 6.67 -26.26 17.95
N ALA C 232 6.82 -27.07 16.92
CA ALA C 232 6.45 -28.48 16.93
C ALA C 232 7.33 -29.33 17.85
N GLU C 233 8.65 -29.20 17.76
CA GLU C 233 9.53 -30.01 18.62
C GLU C 233 9.64 -29.34 19.99
N CYS C 234 9.12 -28.11 20.09
CA CYS C 234 9.10 -27.40 21.37
C CYS C 234 8.13 -28.08 22.32
N VAL C 235 7.08 -28.67 21.75
CA VAL C 235 6.06 -29.36 22.51
C VAL C 235 6.63 -30.49 23.36
N LEU C 236 7.56 -31.24 22.77
CA LEU C 236 8.21 -32.36 23.46
C LEU C 236 8.98 -31.86 24.68
N GLU C 237 9.75 -30.79 24.49
CA GLU C 237 10.57 -30.24 25.54
C GLU C 237 10.79 -28.74 25.37
N GLY C 238 10.41 -27.96 26.37
CA GLY C 238 10.67 -26.52 26.35
C GLY C 238 9.45 -25.66 26.09
N ALA C 239 8.32 -26.29 25.81
CA ALA C 239 7.09 -25.55 25.52
C ALA C 239 6.66 -24.68 26.71
N GLU C 240 6.53 -25.30 27.88
CA GLU C 240 6.13 -24.57 29.08
C GLU C 240 7.22 -23.61 29.56
N CYS C 241 8.47 -23.98 29.29
CA CYS C 241 9.60 -23.23 29.84
C CYS C 241 9.94 -21.98 29.03
N CYS C 242 9.95 -22.11 27.71
CA CYS C 242 10.37 -21.01 26.86
C CYS C 242 9.25 -20.57 25.92
N LYS C 243 9.01 -19.26 25.88
CA LYS C 243 8.01 -18.71 24.98
C LYS C 243 8.61 -17.56 24.19
N LYS C 244 8.72 -17.76 22.86
CA LYS C 244 9.32 -16.79 21.96
C LYS C 244 10.73 -16.39 22.40
N CYS C 245 11.57 -17.38 22.66
CA CYS C 245 12.97 -17.21 23.04
C CYS C 245 13.17 -16.34 24.28
N THR C 246 12.20 -16.41 25.19
CA THR C 246 12.28 -15.69 26.45
C THR C 246 11.80 -16.64 27.53
N LEU C 247 12.57 -16.74 28.61
CA LEU C 247 12.24 -17.64 29.71
C LEU C 247 10.95 -17.22 30.37
N THR C 248 10.14 -18.21 30.79
CA THR C 248 8.88 -17.90 31.43
C THR C 248 9.15 -17.32 32.81
N GLN C 249 8.09 -16.94 33.52
CA GLN C 249 8.28 -16.22 34.78
C GLN C 249 9.03 -17.05 35.84
N ASP C 250 8.62 -18.31 36.06
CA ASP C 250 9.32 -19.18 37.02
C ASP C 250 9.99 -20.38 36.39
N SER C 251 11.03 -20.11 35.61
CA SER C 251 11.80 -21.16 34.95
C SER C 251 13.26 -20.72 34.89
N GLN C 252 14.17 -21.65 35.20
CA GLN C 252 15.59 -21.33 35.18
C GLN C 252 16.20 -21.72 33.85
N CYS C 253 15.54 -22.62 33.15
CA CYS C 253 16.03 -23.10 31.85
C CYS C 253 14.88 -23.54 30.95
N SER C 254 15.21 -23.96 29.75
CA SER C 254 14.19 -24.37 28.78
C SER C 254 14.30 -25.85 28.46
N ASP C 255 15.45 -26.26 27.94
CA ASP C 255 15.68 -27.65 27.57
C ASP C 255 17.09 -28.09 27.89
N GLY C 256 17.34 -29.39 27.78
CA GLY C 256 18.64 -29.95 28.07
C GLY C 256 18.54 -31.13 29.02
N LEU C 257 19.63 -31.89 29.12
CA LEU C 257 19.67 -33.05 29.98
C LEU C 257 19.66 -32.65 31.45
N CYS C 258 20.14 -31.44 31.73
CA CYS C 258 20.16 -30.95 33.10
C CYS C 258 19.01 -29.99 33.37
N CYS C 259 17.98 -30.04 32.52
CA CYS C 259 16.79 -29.24 32.74
C CYS C 259 15.56 -30.14 32.86
N LYS C 260 14.90 -30.09 34.01
CA LYS C 260 13.72 -30.91 34.24
C LYS C 260 12.58 -30.04 34.74
N LYS C 261 11.53 -29.93 33.93
CA LYS C 261 10.34 -29.12 34.24
C LYS C 261 10.71 -27.67 34.50
N CYS C 262 11.44 -27.08 33.56
CA CYS C 262 11.81 -25.67 33.60
C CYS C 262 12.73 -25.30 34.76
N LYS C 263 13.29 -26.30 35.43
CA LYS C 263 14.18 -26.05 36.56
C LYS C 263 15.52 -26.76 36.37
N PHE C 264 16.56 -26.20 36.96
CA PHE C 264 17.89 -26.81 36.90
C PHE C 264 17.89 -28.13 37.64
N GLN C 265 18.62 -29.10 37.11
CA GLN C 265 18.81 -30.38 37.78
C GLN C 265 19.86 -30.21 38.86
N PRO C 266 19.58 -30.72 40.07
CA PRO C 266 20.51 -30.56 41.20
C PRO C 266 21.92 -31.08 40.92
N MET C 267 22.91 -30.42 41.53
CA MET C 267 24.30 -30.78 41.33
C MET C 267 24.60 -32.21 41.78
N GLY C 268 25.34 -32.95 40.96
CA GLY C 268 25.69 -34.32 41.29
C GLY C 268 24.87 -35.33 40.50
N THR C 269 23.90 -34.84 39.74
CA THR C 269 23.04 -35.69 38.93
C THR C 269 23.76 -36.18 37.68
N VAL C 270 23.77 -37.49 37.46
CA VAL C 270 24.44 -38.08 36.31
C VAL C 270 23.71 -37.72 35.02
N CYS C 271 24.39 -36.98 34.14
CA CYS C 271 23.78 -36.61 32.87
C CYS C 271 24.39 -37.40 31.71
N ARG C 272 25.56 -37.99 31.94
CA ARG C 272 26.22 -38.80 30.92
C ARG C 272 27.15 -39.83 31.56
N GLU C 273 26.74 -41.09 31.52
CA GLU C 273 27.51 -42.17 32.11
C GLU C 273 28.73 -42.51 31.26
N ALA C 274 29.76 -43.06 31.87
CA ALA C 274 30.97 -43.45 31.15
C ALA C 274 30.67 -44.55 30.13
N VAL C 275 31.08 -44.32 28.89
CA VAL C 275 30.82 -45.27 27.82
C VAL C 275 31.79 -46.46 27.88
N ASN C 276 32.96 -46.25 28.46
CA ASN C 276 33.96 -47.29 28.62
C ASN C 276 34.90 -47.00 29.78
N ASP C 277 35.91 -47.84 29.96
CA ASP C 277 36.83 -47.69 31.08
C ASP C 277 37.87 -46.59 30.84
N CYS C 278 37.76 -45.93 29.69
CA CYS C 278 38.58 -44.76 29.40
C CYS C 278 37.82 -43.48 29.70
N ASP C 279 36.51 -43.60 30.00
CA ASP C 279 35.72 -42.39 30.14
C ASP C 279 35.46 -41.99 31.60
N ILE C 280 35.19 -40.70 31.79
CA ILE C 280 34.79 -40.16 33.09
C ILE C 280 33.33 -39.69 33.01
N ARG C 281 32.53 -40.07 34.00
CA ARG C 281 31.12 -39.67 34.08
C ARG C 281 30.95 -38.16 34.21
N GLU C 282 29.85 -37.60 33.70
CA GLU C 282 29.61 -36.16 33.81
C GLU C 282 28.38 -35.92 34.69
N THR C 283 28.50 -34.95 35.58
CA THR C 283 27.41 -34.57 36.45
C THR C 283 26.93 -33.16 36.14
N CYS C 284 25.64 -32.92 36.37
CA CYS C 284 25.08 -31.60 36.20
C CYS C 284 25.70 -30.65 37.21
N SER C 285 26.05 -29.45 36.75
CA SER C 285 26.65 -28.44 37.61
C SER C 285 25.60 -27.86 38.57
N GLY C 286 24.34 -27.93 38.15
CA GLY C 286 23.24 -27.37 38.91
C GLY C 286 23.02 -25.92 38.55
N ASN C 287 23.98 -25.36 37.80
CA ASN C 287 23.93 -23.96 37.40
C ASN C 287 23.78 -23.82 35.89
N SER C 288 23.70 -24.97 35.20
CA SER C 288 23.61 -24.98 33.75
C SER C 288 22.55 -25.96 33.24
N SER C 289 21.94 -25.63 32.12
CA SER C 289 20.94 -26.49 31.50
C SER C 289 21.62 -27.58 30.66
N GLN C 290 22.86 -27.32 30.24
CA GLN C 290 23.60 -28.26 29.43
C GLN C 290 24.30 -29.26 30.33
N CYS C 291 24.47 -30.49 29.85
CA CYS C 291 25.28 -31.48 30.56
C CYS C 291 26.74 -31.06 30.47
N ALA C 292 27.51 -31.39 31.51
CA ALA C 292 28.93 -31.02 31.55
C ALA C 292 29.67 -31.52 30.30
N PRO C 293 30.67 -30.74 29.84
CA PRO C 293 31.50 -31.11 28.69
C PRO C 293 32.05 -32.53 28.79
N ASN C 294 31.81 -33.35 27.77
CA ASN C 294 32.24 -34.74 27.81
C ASN C 294 33.76 -34.84 27.85
N ILE C 295 34.29 -35.20 29.02
CA ILE C 295 35.73 -35.39 29.17
C ILE C 295 36.00 -36.85 29.54
N HIS C 296 37.24 -37.28 29.44
CA HIS C 296 37.59 -38.66 29.75
C HIS C 296 38.96 -38.71 30.38
N LYS C 297 39.45 -39.92 30.65
CA LYS C 297 40.78 -40.08 31.20
C LYS C 297 41.85 -39.66 30.20
N MET C 298 42.95 -39.10 30.71
CA MET C 298 44.07 -38.69 29.88
C MET C 298 44.69 -39.87 29.13
N ASP C 299 45.51 -39.55 28.13
CA ASP C 299 46.27 -40.56 27.41
C ASP C 299 47.32 -41.17 28.32
N GLY C 300 47.27 -42.47 28.51
CA GLY C 300 48.22 -43.16 29.37
C GLY C 300 47.56 -44.14 30.31
N TYR C 301 46.32 -43.85 30.70
CA TYR C 301 45.55 -44.74 31.56
C TYR C 301 45.33 -46.08 30.88
N SER C 302 45.30 -47.14 31.68
CA SER C 302 45.12 -48.48 31.14
C SER C 302 43.64 -48.77 30.91
N CYS C 303 43.37 -49.73 30.04
CA CYS C 303 42.00 -50.14 29.76
C CYS C 303 41.98 -51.61 29.36
N ASP C 304 40.81 -52.22 29.46
CA ASP C 304 40.67 -53.67 29.27
C ASP C 304 41.67 -54.37 30.17
N GLY C 305 41.68 -53.97 31.44
CA GLY C 305 42.69 -54.46 32.35
C GLY C 305 44.02 -53.80 32.11
N VAL C 306 45.01 -54.60 31.74
CA VAL C 306 46.34 -54.10 31.47
C VAL C 306 46.61 -54.29 29.97
N GLN C 307 45.62 -54.84 29.26
CA GLN C 307 45.77 -55.19 27.85
C GLN C 307 45.81 -53.98 26.92
N GLY C 308 45.26 -52.85 27.37
CA GLY C 308 45.20 -51.66 26.55
C GLY C 308 45.56 -50.38 27.29
N ILE C 309 45.70 -49.30 26.53
CA ILE C 309 45.98 -47.98 27.08
C ILE C 309 45.19 -46.91 26.34
N CYS C 310 44.53 -46.04 27.10
CA CYS C 310 43.63 -45.03 26.53
C CYS C 310 44.35 -43.98 25.69
N PHE C 311 43.79 -43.69 24.52
CA PHE C 311 44.25 -42.61 23.67
C PHE C 311 43.05 -41.93 23.03
N GLY C 312 42.83 -40.67 23.39
CA GLY C 312 41.70 -39.92 22.89
C GLY C 312 40.37 -40.50 23.32
N GLY C 313 40.36 -41.12 24.50
CA GLY C 313 39.15 -41.72 25.03
C GLY C 313 38.87 -43.11 24.50
N ARG C 314 39.74 -43.57 23.60
CA ARG C 314 39.56 -44.89 22.98
C ARG C 314 40.66 -45.86 23.43
N CYS C 315 40.29 -47.13 23.56
CA CYS C 315 41.21 -48.14 24.05
C CYS C 315 42.00 -48.78 22.91
N LYS C 316 43.32 -48.62 22.96
CA LYS C 316 44.19 -49.22 21.95
C LYS C 316 44.68 -50.60 22.36
N THR C 317 44.03 -51.64 21.84
CA THR C 317 44.49 -53.01 22.05
C THR C 317 44.74 -53.70 20.71
N ARG C 318 45.60 -54.71 20.71
CA ARG C 318 45.83 -55.49 19.51
C ARG C 318 44.57 -56.25 19.14
N ASP C 319 43.77 -56.57 20.14
CA ASP C 319 42.52 -57.29 19.93
C ASP C 319 41.50 -56.40 19.21
N ARG C 320 41.42 -55.15 19.63
CA ARG C 320 40.50 -54.20 19.00
C ARG C 320 40.98 -53.81 17.61
N GLN C 321 42.30 -53.71 17.45
CA GLN C 321 42.89 -53.35 16.16
C GLN C 321 42.59 -54.43 15.13
N CYS C 322 42.59 -55.69 15.56
CA CYS C 322 42.23 -56.79 14.68
C CYS C 322 40.75 -56.74 14.33
N LYS C 323 39.91 -56.39 15.31
CA LYS C 323 38.48 -56.25 15.07
C LYS C 323 38.18 -55.07 14.17
N TYR C 324 38.99 -54.02 14.30
CA TYR C 324 38.80 -52.80 13.51
C TYR C 324 39.06 -53.04 12.04
N ILE C 325 40.03 -53.89 11.74
CA ILE C 325 40.45 -54.12 10.36
C ILE C 325 39.69 -55.24 9.68
N TRP C 326 39.56 -56.38 10.37
CA TRP C 326 39.07 -57.58 9.72
C TRP C 326 37.65 -57.98 10.12
N GLY C 327 37.15 -57.44 11.23
CA GLY C 327 35.79 -57.72 11.64
C GLY C 327 35.63 -58.10 13.10
N GLN C 328 34.41 -57.99 13.61
CA GLN C 328 34.13 -58.23 15.02
C GLN C 328 34.38 -59.67 15.43
N LYS C 329 34.20 -60.60 14.50
CA LYS C 329 34.37 -62.02 14.78
C LYS C 329 35.84 -62.39 14.94
N VAL C 330 36.72 -61.50 14.49
CA VAL C 330 38.16 -61.72 14.54
C VAL C 330 38.74 -61.42 15.93
N THR C 331 39.61 -62.29 16.40
CA THR C 331 40.29 -62.08 17.68
C THR C 331 41.79 -62.03 17.50
N ALA C 332 42.50 -61.43 18.45
CA ALA C 332 43.94 -61.32 18.39
C ALA C 332 44.62 -62.67 18.61
N SER C 333 45.80 -62.84 18.02
CA SER C 333 46.56 -64.07 18.17
C SER C 333 47.19 -64.15 19.55
N ASP C 334 47.57 -65.36 19.95
CA ASP C 334 48.27 -65.57 21.21
C ASP C 334 49.64 -64.89 21.17
N LYS C 335 50.15 -64.53 22.34
CA LYS C 335 51.43 -63.83 22.43
C LYS C 335 52.59 -64.68 21.91
N TYR C 336 52.41 -65.99 21.90
CA TYR C 336 53.43 -66.92 21.40
C TYR C 336 53.63 -66.77 19.89
N CYS C 337 52.56 -66.45 19.19
CA CYS C 337 52.60 -66.25 17.73
C CYS C 337 53.57 -65.14 17.38
N TYR C 338 53.52 -64.09 18.18
CA TYR C 338 54.37 -62.94 18.01
C TYR C 338 55.83 -63.23 18.34
N GLU C 339 56.05 -63.88 19.48
CA GLU C 339 57.39 -64.12 20.03
C GLU C 339 58.33 -64.96 19.18
N LYS C 340 57.81 -65.60 18.15
CA LYS C 340 58.62 -66.47 17.30
C LYS C 340 58.78 -65.91 15.91
N LEU C 341 57.65 -65.55 15.33
CA LEU C 341 57.55 -65.11 13.96
C LEU C 341 58.18 -63.74 13.66
N ASN C 342 57.99 -62.77 14.56
CA ASN C 342 58.46 -61.41 14.31
C ASN C 342 59.98 -61.25 14.18
N ILE C 343 60.72 -62.03 14.96
CA ILE C 343 62.19 -61.99 14.93
C ILE C 343 62.72 -62.41 13.56
N GLU C 344 62.05 -63.38 12.94
CA GLU C 344 62.47 -63.94 11.66
C GLU C 344 62.51 -62.93 10.51
N GLY C 345 61.87 -61.78 10.68
CA GLY C 345 61.91 -60.73 9.67
C GLY C 345 61.51 -61.13 8.26
N THR C 346 60.62 -62.12 8.15
CA THR C 346 60.10 -62.58 6.87
C THR C 346 58.81 -61.84 6.50
N GLU C 347 58.17 -62.25 5.39
CA GLU C 347 56.88 -61.66 5.03
C GLU C 347 55.79 -62.00 6.03
N LYS C 348 55.91 -63.18 6.62
CA LYS C 348 54.90 -63.64 7.57
C LYS C 348 55.07 -62.95 8.93
N GLY C 349 55.93 -61.93 8.96
CA GLY C 349 56.17 -61.17 10.17
C GLY C 349 57.45 -60.37 10.23
N ASN C 350 57.32 -59.11 10.58
CA ASN C 350 58.46 -58.21 10.62
C ASN C 350 58.17 -56.95 11.41
N CYS C 351 59.19 -56.12 11.55
CA CYS C 351 59.05 -54.87 12.29
C CYS C 351 59.04 -53.65 11.34
N CYS C 361 63.69 -57.92 13.88
CA CYS C 361 63.12 -57.28 15.05
C CYS C 361 63.83 -57.72 16.33
N ASN C 362 63.96 -56.82 17.29
CA ASN C 362 64.60 -57.16 18.57
C ASN C 362 63.63 -57.96 19.45
N LYS C 363 64.16 -58.64 20.47
CA LYS C 363 63.35 -59.53 21.29
C LYS C 363 62.37 -58.82 22.23
N ARG C 364 62.70 -57.62 22.68
CA ARG C 364 61.75 -56.82 23.47
C ARG C 364 60.72 -56.11 22.59
N ASP C 365 61.14 -55.67 21.41
CA ASP C 365 60.26 -54.93 20.52
C ASP C 365 59.43 -55.86 19.66
N VAL C 366 59.11 -57.01 20.22
CA VAL C 366 58.42 -58.05 19.49
C VAL C 366 56.93 -57.70 19.46
N LEU C 367 56.40 -57.10 20.51
CA LEU C 367 54.95 -56.79 20.55
C LEU C 367 54.59 -55.53 19.76
N CYS C 368 55.59 -54.91 19.15
CA CYS C 368 55.37 -53.69 18.40
C CYS C 368 55.61 -53.89 16.90
N GLY C 369 55.57 -55.14 16.46
CA GLY C 369 55.85 -55.46 15.08
C GLY C 369 54.63 -55.77 14.24
N TYR C 370 54.69 -56.87 13.49
CA TYR C 370 53.62 -57.27 12.59
C TYR C 370 52.40 -57.77 13.36
N LEU C 371 51.24 -57.18 13.09
CA LEU C 371 50.01 -57.54 13.78
C LEU C 371 49.54 -58.94 13.38
N LEU C 372 49.15 -59.72 14.38
CA LEU C 372 48.68 -61.09 14.14
C LEU C 372 47.27 -61.29 14.68
N CYS C 373 46.40 -61.88 13.87
CA CYS C 373 45.02 -62.11 14.24
C CYS C 373 44.63 -63.58 14.03
N THR C 374 43.47 -63.96 14.56
CA THR C 374 42.92 -65.31 14.37
C THR C 374 41.53 -65.18 13.78
N ASN C 375 41.05 -66.22 13.09
CA ASN C 375 39.73 -66.19 12.47
C ASN C 375 39.60 -65.03 11.47
N ILE C 376 40.65 -64.83 10.68
CA ILE C 376 40.68 -63.74 9.71
C ILE C 376 39.91 -64.08 8.44
N GLY C 377 39.49 -63.05 7.72
CA GLY C 377 38.82 -63.21 6.45
C GLY C 377 39.76 -62.89 5.30
N ASN C 378 39.20 -62.48 4.17
CA ASN C 378 40.00 -62.13 3.01
C ASN C 378 39.69 -60.74 2.48
N ILE C 379 38.93 -59.97 3.25
CA ILE C 379 38.56 -58.61 2.86
C ILE C 379 38.47 -57.70 4.08
N PRO C 380 39.34 -56.68 4.12
CA PRO C 380 39.35 -55.75 5.25
C PRO C 380 38.12 -54.86 5.27
N ARG C 381 37.77 -54.34 6.44
CA ARG C 381 36.61 -53.45 6.57
C ARG C 381 36.88 -52.12 5.89
N LEU C 382 38.16 -51.76 5.82
CA LEU C 382 38.59 -50.48 5.26
C LEU C 382 39.92 -50.61 4.55
N GLY C 383 40.21 -49.66 3.66
CA GLY C 383 41.47 -49.63 2.95
C GLY C 383 41.62 -50.71 1.89
N GLU C 384 42.80 -50.78 1.31
CA GLU C 384 43.09 -51.74 0.24
C GLU C 384 44.08 -52.80 0.71
N LEU C 385 43.82 -54.06 0.36
CA LEU C 385 44.72 -55.15 0.70
C LEU C 385 45.86 -55.22 -0.31
N ASP C 386 47.09 -55.11 0.18
CA ASP C 386 48.27 -55.17 -0.67
C ASP C 386 48.99 -56.50 -0.48
N GLY C 387 48.73 -57.45 -1.38
CA GLY C 387 49.38 -58.74 -1.30
C GLY C 387 48.43 -59.89 -0.94
N GLU C 388 48.97 -60.87 -0.21
CA GLU C 388 48.19 -62.03 0.17
C GLU C 388 47.99 -62.12 1.68
N ILE C 389 47.23 -63.11 2.11
CA ILE C 389 46.94 -63.31 3.53
C ILE C 389 48.03 -64.15 4.19
N THR C 390 48.69 -63.62 5.22
CA THR C 390 49.68 -64.41 5.92
C THR C 390 48.96 -65.38 6.84
N SER C 391 49.33 -66.66 6.73
CA SER C 391 48.73 -67.71 7.54
C SER C 391 49.81 -68.69 8.01
N ASN C 402 46.81 -70.24 15.56
CA ASN C 402 46.71 -69.74 14.20
C ASN C 402 47.03 -68.26 14.03
N CYS C 403 48.28 -67.96 13.66
CA CYS C 403 48.73 -66.60 13.41
C CYS C 403 48.35 -66.08 12.01
N SER C 404 47.48 -65.06 11.93
CA SER C 404 46.98 -64.49 10.66
C SER C 404 47.13 -62.97 10.65
N GLY C 405 47.39 -62.40 9.47
CA GLY C 405 47.54 -60.97 9.29
C GLY C 405 47.36 -60.56 7.85
N GLY C 406 47.62 -59.29 7.55
CA GLY C 406 47.55 -58.78 6.20
C GLY C 406 48.01 -57.35 6.14
N HIS C 407 48.50 -56.92 4.98
CA HIS C 407 48.93 -55.54 4.81
C HIS C 407 47.81 -54.69 4.20
N VAL C 408 47.22 -53.84 5.03
CA VAL C 408 46.14 -52.96 4.59
C VAL C 408 46.61 -51.51 4.52
N LYS C 409 46.52 -50.92 3.33
CA LYS C 409 47.00 -49.56 3.14
C LYS C 409 45.84 -48.60 2.95
N LEU C 410 45.64 -47.72 3.93
CA LEU C 410 44.70 -46.62 3.81
C LEU C 410 45.36 -45.57 2.95
N GLU C 411 46.61 -45.29 3.33
CA GLU C 411 47.47 -44.36 2.63
C GLU C 411 48.73 -45.09 2.17
N GLU C 412 49.44 -44.53 1.21
CA GLU C 412 50.74 -45.07 0.81
C GLU C 412 51.79 -45.05 1.93
N ASP C 413 51.73 -44.09 2.84
CA ASP C 413 52.70 -44.06 3.94
C ASP C 413 52.20 -44.91 5.10
N VAL C 414 50.91 -44.77 5.39
CA VAL C 414 50.26 -45.50 6.48
C VAL C 414 49.88 -46.93 6.11
N ASP C 415 50.36 -47.89 6.89
CA ASP C 415 50.07 -49.30 6.62
C ASP C 415 49.42 -49.98 7.82
N LEU C 416 48.17 -50.41 7.66
CA LEU C 416 47.48 -51.20 8.68
C LEU C 416 47.89 -52.66 8.54
N GLY C 417 48.16 -53.31 9.67
CA GLY C 417 48.68 -54.66 9.66
C GLY C 417 49.88 -54.75 10.57
N TYR C 418 50.30 -53.58 11.06
CA TYR C 418 51.35 -53.48 12.06
C TYR C 418 50.77 -52.95 13.37
N VAL C 419 51.43 -53.25 14.48
CA VAL C 419 50.94 -52.85 15.79
C VAL C 419 50.87 -51.33 15.91
N GLU C 420 49.66 -50.83 16.17
CA GLU C 420 49.41 -49.40 16.28
C GLU C 420 50.24 -48.75 17.38
N ASP C 421 50.69 -47.53 17.13
CA ASP C 421 51.49 -46.80 18.12
C ASP C 421 50.66 -46.50 19.37
N GLY C 422 51.26 -46.74 20.53
CA GLY C 422 50.57 -46.53 21.79
C GLY C 422 50.07 -47.82 22.40
N THR C 423 50.11 -48.89 21.61
CA THR C 423 49.67 -50.20 22.08
C THR C 423 50.66 -50.76 23.10
N PRO C 424 50.14 -51.21 24.27
CA PRO C 424 50.97 -51.75 25.34
C PRO C 424 51.80 -52.95 24.90
N CYS C 425 53.07 -52.98 25.29
CA CYS C 425 53.95 -54.09 24.96
C CYS C 425 54.61 -54.63 26.23
N GLY C 426 54.02 -54.28 27.37
CA GLY C 426 54.53 -54.70 28.65
C GLY C 426 54.23 -53.70 29.74
N PRO C 427 54.62 -54.01 30.99
CA PRO C 427 54.40 -53.13 32.15
C PRO C 427 55.03 -51.75 31.96
N GLN C 428 54.20 -50.72 31.92
CA GLN C 428 54.64 -49.34 31.73
C GLN C 428 55.46 -49.16 30.46
N MET C 429 55.13 -49.93 29.43
CA MET C 429 55.83 -49.83 28.15
C MET C 429 54.84 -49.83 26.99
N MET C 430 55.15 -49.02 25.97
CA MET C 430 54.29 -48.90 24.80
C MET C 430 55.08 -48.98 23.50
N CYS C 431 54.36 -49.07 22.38
CA CYS C 431 54.99 -49.14 21.07
C CYS C 431 55.13 -47.75 20.45
N LEU C 432 56.32 -47.47 19.91
CA LEU C 432 56.58 -46.20 19.24
C LEU C 432 57.51 -46.45 18.05
N GLU C 433 56.95 -46.35 16.85
CA GLU C 433 57.68 -46.61 15.60
C GLU C 433 58.31 -47.99 15.62
N HIS C 434 57.48 -49.00 15.88
CA HIS C 434 57.90 -50.41 15.92
C HIS C 434 58.99 -50.67 16.96
N ARG C 435 58.94 -49.93 18.06
CA ARG C 435 59.88 -50.11 19.16
C ARG C 435 59.17 -50.03 20.52
N CYS C 436 59.50 -50.98 21.40
CA CYS C 436 58.89 -51.01 22.73
C CYS C 436 59.61 -50.06 23.68
N LEU C 437 58.99 -48.93 23.97
CA LEU C 437 59.59 -47.90 24.79
C LEU C 437 58.81 -47.66 26.07
N PRO C 438 59.51 -47.26 27.15
CA PRO C 438 58.86 -46.95 28.43
C PRO C 438 57.87 -45.79 28.31
N VAL C 439 57.05 -45.60 29.35
CA VAL C 439 56.02 -44.57 29.35
C VAL C 439 56.60 -43.15 29.30
N ALA C 440 57.82 -43.01 29.81
CA ALA C 440 58.48 -41.70 29.86
C ALA C 440 58.89 -41.23 28.47
N SER C 441 58.96 -42.16 27.52
CA SER C 441 59.37 -41.84 26.16
C SER C 441 58.29 -41.08 25.40
N PHE C 442 57.05 -41.15 25.90
CA PHE C 442 55.93 -40.50 25.24
C PHE C 442 55.68 -39.12 25.81
N ASN C 443 56.40 -38.76 26.86
CA ASN C 443 56.33 -37.45 27.48
C ASN C 443 54.91 -37.02 27.88
N PHE C 444 54.20 -37.91 28.57
CA PHE C 444 52.84 -37.60 29.02
C PHE C 444 52.85 -36.53 30.09
N SER C 445 51.91 -35.59 30.01
CA SER C 445 51.77 -34.56 31.03
C SER C 445 51.13 -35.16 32.26
N THR C 446 51.17 -34.44 33.38
CA THR C 446 50.59 -34.96 34.61
C THR C 446 49.79 -33.88 35.34
N CYS C 447 48.74 -34.29 36.03
CA CYS C 447 47.95 -33.37 36.84
C CYS C 447 48.67 -33.01 38.13
N LEU C 448 48.07 -32.12 38.90
CA LEU C 448 48.63 -31.72 40.19
C LEU C 448 48.40 -32.80 41.23
N SER C 449 49.44 -33.08 42.02
CA SER C 449 49.35 -34.07 43.08
C SER C 449 50.17 -33.66 44.29
N SER C 450 49.61 -33.82 45.47
CA SER C 450 50.30 -33.46 46.70
C SER C 450 50.76 -34.69 47.47
N LYS C 451 50.58 -35.86 46.87
CA LYS C 451 51.04 -37.11 47.46
C LYS C 451 51.91 -37.87 46.47
N GLU C 452 53.09 -38.27 46.92
CA GLU C 452 54.07 -38.92 46.06
C GLU C 452 53.60 -40.26 45.52
N GLY C 453 53.83 -40.48 44.23
CA GLY C 453 53.52 -41.74 43.59
C GLY C 453 52.04 -41.94 43.29
N THR C 454 51.23 -40.92 43.52
CA THR C 454 49.80 -41.01 43.27
C THR C 454 49.34 -39.93 42.30
N ILE C 455 48.25 -40.20 41.58
CA ILE C 455 47.68 -39.24 40.67
C ILE C 455 46.58 -38.45 41.38
N CYS C 456 46.69 -37.12 41.34
CA CYS C 456 45.74 -36.24 42.00
C CYS C 456 45.57 -36.59 43.48
N SER C 457 46.70 -36.73 44.16
CA SER C 457 46.75 -37.02 45.60
C SER C 457 46.04 -38.33 45.97
N GLY C 458 45.89 -39.22 44.99
CA GLY C 458 45.23 -40.49 45.20
C GLY C 458 43.75 -40.33 45.52
N ASN C 459 43.17 -39.21 45.09
CA ASN C 459 41.75 -38.94 45.35
C ASN C 459 41.03 -38.43 44.12
N GLY C 460 41.66 -38.58 42.96
CA GLY C 460 41.07 -38.10 41.73
C GLY C 460 41.65 -38.76 40.49
N VAL C 461 41.04 -38.45 39.35
CA VAL C 461 41.51 -38.96 38.06
C VAL C 461 41.88 -37.79 37.14
N CYS C 462 43.04 -37.89 36.51
CA CYS C 462 43.52 -36.84 35.63
C CYS C 462 42.78 -36.89 34.28
N SER C 463 42.00 -35.85 33.98
CA SER C 463 41.21 -35.82 32.75
C SER C 463 42.06 -35.45 31.54
N ASN C 464 41.44 -35.48 30.36
CA ASN C 464 42.11 -35.12 29.12
C ASN C 464 42.35 -33.62 29.02
N GLU C 465 41.72 -32.85 29.89
CA GLU C 465 41.95 -31.41 29.97
C GLU C 465 43.06 -31.11 30.98
N LEU C 466 43.74 -32.16 31.42
CA LEU C 466 44.81 -32.06 32.43
C LEU C 466 44.30 -31.43 33.72
N LYS C 467 43.08 -31.79 34.12
CA LYS C 467 42.51 -31.33 35.37
C LYS C 467 42.14 -32.53 36.23
N CYS C 468 42.18 -32.35 37.54
CA CYS C 468 41.84 -33.43 38.46
C CYS C 468 40.34 -33.53 38.69
N VAL C 469 39.77 -34.68 38.38
CA VAL C 469 38.38 -34.96 38.73
C VAL C 469 38.37 -35.70 40.06
N CYS C 470 38.11 -34.95 41.13
CA CYS C 470 38.18 -35.50 42.49
C CYS C 470 37.09 -36.52 42.77
N ASN C 471 37.38 -37.47 43.66
CA ASN C 471 36.37 -38.42 44.08
C ASN C 471 35.36 -37.74 45.00
N ARG C 472 34.32 -38.48 45.37
CA ARG C 472 33.27 -37.95 46.23
C ARG C 472 33.88 -37.60 47.59
N HIS C 473 33.35 -36.54 48.21
CA HIS C 473 33.84 -36.01 49.49
C HIS C 473 35.26 -35.45 49.40
N TRP C 474 35.72 -35.19 48.18
CA TRP C 474 37.03 -34.56 47.98
C TRP C 474 36.95 -33.36 47.04
N ILE C 475 37.63 -32.28 47.39
CA ILE C 475 37.67 -31.08 46.55
C ILE C 475 39.11 -30.59 46.38
N GLY C 476 39.27 -29.49 45.65
CA GLY C 476 40.59 -28.92 45.40
C GLY C 476 41.14 -29.30 44.05
N SER C 477 42.05 -28.47 43.53
CA SER C 477 42.65 -28.73 42.22
C SER C 477 43.59 -29.93 42.25
N ASP C 478 44.03 -30.31 43.44
CA ASP C 478 44.90 -31.47 43.61
C ASP C 478 44.15 -32.59 44.32
N CYS C 479 42.88 -32.33 44.62
CA CYS C 479 42.01 -33.28 45.30
C CYS C 479 42.58 -33.71 46.65
N ASN C 480 43.23 -32.79 47.34
CA ASN C 480 43.81 -33.09 48.64
C ASN C 480 42.98 -32.51 49.79
N THR C 481 42.14 -31.53 49.48
CA THR C 481 41.31 -30.87 50.49
C THR C 481 40.05 -31.70 50.75
N TYR C 482 39.77 -31.96 52.02
CA TYR C 482 38.66 -32.82 52.38
C TYR C 482 37.39 -32.00 52.69
N PHE C 483 36.26 -32.38 52.07
CA PHE C 483 34.97 -31.68 52.20
C PHE C 483 33.84 -32.66 52.49
N PRO C 484 33.40 -32.74 53.76
CA PRO C 484 32.50 -33.81 54.21
C PRO C 484 31.02 -33.57 53.97
N HIS C 485 30.40 -34.52 53.29
CA HIS C 485 28.99 -34.43 52.94
C HIS C 485 28.38 -35.81 52.71
N ASN C 486 27.73 -36.34 53.74
CA ASN C 486 27.01 -37.61 53.65
C ASN C 486 26.08 -37.63 52.44
N ASN D 1 -0.77 57.39 103.43
CA ASN D 1 -1.57 56.82 104.52
C ASN D 1 -0.99 55.52 105.08
N VAL D 2 -1.86 54.57 105.37
CA VAL D 2 -1.43 53.32 106.00
C VAL D 2 -1.28 52.22 104.96
N GLU D 3 -1.86 52.43 103.79
CA GLU D 3 -1.79 51.44 102.73
C GLU D 3 -0.81 51.84 101.64
N GLU D 4 -0.38 53.10 101.65
CA GLU D 4 0.61 53.55 100.69
C GLU D 4 2.03 53.39 101.26
N GLU D 5 2.10 53.05 102.54
CA GLU D 5 3.39 52.77 103.17
C GLU D 5 3.84 51.36 102.81
N THR D 6 5.14 51.12 102.88
CA THR D 6 5.69 49.80 102.66
C THR D 6 5.66 49.03 103.98
N LYS D 7 4.98 47.89 103.99
CA LYS D 7 4.91 47.07 105.20
C LYS D 7 6.04 46.06 105.20
N TYR D 8 6.43 45.63 106.41
CA TYR D 8 7.49 44.66 106.57
C TYR D 8 7.07 43.57 107.54
N ILE D 9 7.04 42.33 107.08
CA ILE D 9 6.70 41.21 107.95
C ILE D 9 7.98 40.58 108.49
N GLU D 10 8.28 40.87 109.75
CA GLU D 10 9.44 40.31 110.41
C GLU D 10 9.15 38.83 110.72
N LEU D 11 9.68 37.91 109.91
CA LEU D 11 9.29 36.50 110.02
C LEU D 11 10.33 35.59 110.68
N MET D 12 9.85 34.68 111.53
CA MET D 12 10.67 33.61 112.09
C MET D 12 10.21 32.25 111.59
N ILE D 13 11.16 31.40 111.20
CA ILE D 13 10.85 30.07 110.71
C ILE D 13 11.37 28.98 111.65
N VAL D 14 10.51 28.04 111.99
CA VAL D 14 10.93 26.88 112.78
C VAL D 14 10.87 25.63 111.94
N ASN D 15 12.01 24.96 111.78
CA ASN D 15 12.07 23.71 111.03
C ASN D 15 11.96 22.52 111.98
N ASP D 16 10.93 21.69 111.78
CA ASP D 16 10.73 20.53 112.63
C ASP D 16 11.70 19.42 112.25
N HIS D 17 11.62 18.28 112.93
CA HIS D 17 12.60 17.22 112.74
C HIS D 17 12.52 16.61 111.35
N LEU D 18 11.30 16.49 110.82
CA LEU D 18 11.08 15.88 109.52
C LEU D 18 11.60 16.77 108.39
N MET D 19 11.51 18.09 108.58
CA MET D 19 12.06 19.03 107.60
C MET D 19 13.57 18.88 107.58
N PHE D 20 14.15 18.61 108.74
CA PHE D 20 15.59 18.43 108.86
C PHE D 20 16.00 17.12 108.19
N LYS D 21 15.17 16.10 108.34
CA LYS D 21 15.41 14.81 107.72
C LYS D 21 15.33 14.90 106.21
N LYS D 22 14.43 15.77 105.71
CA LYS D 22 14.27 15.95 104.27
C LYS D 22 15.52 16.50 103.60
N HIS D 23 16.31 17.24 104.36
CA HIS D 23 17.56 17.79 103.84
C HIS D 23 18.78 17.04 104.35
N ARG D 24 18.60 15.73 104.58
CA ARG D 24 19.70 14.85 104.93
C ARG D 24 20.49 15.30 106.16
N LEU D 25 19.77 15.71 107.20
CA LEU D 25 20.36 16.11 108.47
C LEU D 25 21.39 17.24 108.31
N SER D 26 21.15 18.13 107.37
CA SER D 26 22.08 19.24 107.11
C SER D 26 21.49 20.60 107.51
N VAL D 27 22.18 21.29 108.41
CA VAL D 27 21.71 22.57 108.90
C VAL D 27 21.81 23.65 107.83
N VAL D 28 22.95 23.71 107.16
CA VAL D 28 23.19 24.75 106.16
C VAL D 28 22.23 24.59 104.98
N HIS D 29 21.87 23.34 104.68
CA HIS D 29 20.96 23.06 103.59
C HIS D 29 19.52 23.39 103.98
N THR D 30 19.14 23.11 105.22
CA THR D 30 17.80 23.46 105.70
C THR D 30 17.59 24.97 105.73
N ASN D 31 18.62 25.70 106.14
CA ASN D 31 18.56 27.16 106.22
C ASN D 31 18.40 27.79 104.85
N THR D 32 19.28 27.40 103.92
CA THR D 32 19.26 27.96 102.58
C THR D 32 17.97 27.60 101.86
N TYR D 33 17.44 26.41 102.14
CA TYR D 33 16.20 25.98 101.53
C TYR D 33 15.05 26.85 102.03
N ALA D 34 15.04 27.10 103.34
CA ALA D 34 14.02 27.94 103.94
C ALA D 34 14.17 29.40 103.50
N LYS D 35 15.40 29.88 103.36
CA LYS D 35 15.63 31.23 102.88
C LYS D 35 15.09 31.39 101.47
N SER D 36 15.26 30.37 100.63
CA SER D 36 14.76 30.40 99.26
C SER D 36 13.24 30.51 99.20
N VAL D 37 12.55 29.74 100.05
CA VAL D 37 11.10 29.77 100.13
C VAL D 37 10.61 31.16 100.54
N VAL D 38 11.25 31.74 101.55
CA VAL D 38 10.88 33.07 102.04
C VAL D 38 11.15 34.12 100.96
N ASN D 39 12.31 34.00 100.32
CA ASN D 39 12.71 34.92 99.27
C ASN D 39 11.71 34.94 98.12
N MET D 40 11.24 33.76 97.72
CA MET D 40 10.27 33.68 96.63
C MET D 40 8.90 34.18 97.06
N ALA D 41 8.53 33.91 98.31
CA ALA D 41 7.28 34.44 98.85
C ALA D 41 7.36 35.96 98.94
N ASP D 42 8.56 36.46 99.22
CA ASP D 42 8.80 37.90 99.32
C ASP D 42 8.56 38.60 97.98
N LEU D 43 9.12 38.03 96.91
CA LEU D 43 8.97 38.60 95.58
C LEU D 43 7.50 38.71 95.16
N ILE D 44 6.70 37.77 95.65
CA ILE D 44 5.26 37.79 95.43
C ILE D 44 4.59 38.95 96.18
N TYR D 45 4.91 39.07 97.46
CA TYR D 45 4.34 40.11 98.31
C TYR D 45 4.82 41.51 97.93
N LYS D 46 6.10 41.62 97.62
CA LYS D 46 6.71 42.91 97.30
C LYS D 46 6.02 43.58 96.11
N ASP D 47 5.60 42.78 95.13
CA ASP D 47 5.05 43.30 93.89
C ASP D 47 3.63 43.82 94.03
N GLN D 48 2.79 43.08 94.75
CA GLN D 48 1.36 43.38 94.78
C GLN D 48 0.85 43.96 96.12
N LEU D 49 1.28 43.39 97.24
CA LEU D 49 0.79 43.83 98.55
C LEU D 49 1.60 44.99 99.14
N LYS D 50 2.66 45.39 98.41
CA LYS D 50 3.59 46.40 98.87
C LYS D 50 4.13 46.03 100.25
N THR D 51 4.42 44.74 100.42
CA THR D 51 4.88 44.23 101.70
C THR D 51 6.10 43.35 101.50
N ARG D 52 7.05 43.45 102.42
CA ARG D 52 8.25 42.63 102.34
C ARG D 52 8.20 41.48 103.35
N ILE D 53 8.62 40.30 102.92
CA ILE D 53 8.76 39.17 103.84
C ILE D 53 10.23 39.07 104.22
N VAL D 54 10.56 39.46 105.45
CA VAL D 54 11.94 39.45 105.89
C VAL D 54 12.17 38.39 106.97
N LEU D 55 13.08 37.46 106.68
CA LEU D 55 13.47 36.45 107.66
C LEU D 55 14.39 37.05 108.73
N VAL D 56 13.94 37.04 109.97
CA VAL D 56 14.69 37.69 111.05
C VAL D 56 15.24 36.71 112.09
N ALA D 57 14.69 35.50 112.11
CA ALA D 57 15.12 34.46 113.04
C ALA D 57 14.71 33.09 112.51
N MET D 58 15.45 32.06 112.93
CA MET D 58 15.15 30.68 112.53
C MET D 58 15.81 29.69 113.49
N GLU D 59 15.13 28.60 113.78
CA GLU D 59 15.73 27.51 114.56
C GLU D 59 15.31 26.19 113.93
N THR D 60 16.13 25.15 114.13
CA THR D 60 15.88 23.86 113.54
C THR D 60 15.93 22.75 114.57
N TRP D 61 14.88 21.94 114.61
CA TRP D 61 14.83 20.83 115.57
C TRP D 61 15.63 19.64 115.05
N ALA D 62 16.94 19.69 115.26
CA ALA D 62 17.85 18.68 114.71
C ALA D 62 17.81 17.37 115.49
N THR D 63 17.53 17.44 116.77
CA THR D 63 17.50 16.25 117.62
C THR D 63 16.20 15.47 117.45
N ASP D 64 15.10 16.12 117.80
CA ASP D 64 13.77 15.51 117.70
C ASP D 64 12.68 16.58 117.78
N ASN D 65 11.44 16.17 117.55
CA ASN D 65 10.30 17.09 117.64
C ASN D 65 10.03 17.50 119.08
N LYS D 66 9.71 18.78 119.29
CA LYS D 66 9.41 19.28 120.63
C LYS D 66 8.02 18.86 121.04
N PHE D 67 7.18 18.56 120.06
CA PHE D 67 5.84 18.03 120.32
C PHE D 67 5.41 17.16 119.15
N ALA D 68 4.31 16.43 119.34
CA ALA D 68 3.80 15.52 118.32
C ALA D 68 3.11 16.28 117.20
N ILE D 69 3.62 16.12 115.98
CA ILE D 69 3.01 16.74 114.81
C ILE D 69 1.82 15.91 114.33
N SER D 70 0.67 16.56 114.20
CA SER D 70 -0.55 15.88 113.81
C SER D 70 -0.80 16.01 112.31
N GLU D 71 -1.52 15.05 111.73
CA GLU D 71 -1.89 15.12 110.33
C GLU D 71 -2.88 16.27 110.10
N ASN D 72 -3.57 16.67 111.16
CA ASN D 72 -4.46 17.81 111.13
C ASN D 72 -3.67 19.10 111.32
N PRO D 73 -3.69 20.00 110.32
CA PRO D 73 -2.93 21.25 110.37
C PRO D 73 -3.41 22.18 111.48
N LEU D 74 -4.70 22.17 111.78
CA LEU D 74 -5.27 23.01 112.83
C LEU D 74 -4.76 22.60 114.23
N ILE D 75 -4.70 21.29 114.47
CA ILE D 75 -4.17 20.79 115.73
C ILE D 75 -2.67 21.11 115.85
N THR D 76 -1.93 20.91 114.76
CA THR D 76 -0.50 21.21 114.74
C THR D 76 -0.27 22.69 115.00
N LEU D 77 -1.12 23.53 114.41
CA LEU D 77 -1.02 24.98 114.57
C LEU D 77 -1.10 25.39 116.04
N ARG D 78 -2.03 24.80 116.78
CA ARG D 78 -2.21 25.14 118.19
C ARG D 78 -1.04 24.71 119.06
N GLU D 79 -0.59 23.48 118.87
CA GLU D 79 0.51 22.97 119.67
C GLU D 79 1.78 23.76 119.40
N PHE D 80 1.92 24.26 118.18
CA PHE D 80 3.08 25.05 117.80
C PHE D 80 3.05 26.42 118.47
N MET D 81 1.87 27.04 118.51
CA MET D 81 1.74 28.35 119.14
C MET D 81 1.88 28.27 120.66
N LYS D 82 1.56 27.12 121.23
CA LYS D 82 1.80 26.88 122.65
C LYS D 82 3.30 26.82 122.90
N TYR D 83 4.02 26.18 121.99
CA TYR D 83 5.48 26.05 122.08
C TYR D 83 6.15 27.41 121.97
N ARG D 84 5.67 28.19 121.01
CA ARG D 84 6.16 29.54 120.76
C ARG D 84 5.98 30.43 121.97
N ARG D 85 4.85 30.27 122.64
CA ARG D 85 4.51 31.06 123.81
C ARG D 85 5.46 30.77 124.97
N ASP D 86 5.84 29.51 125.13
CA ASP D 86 6.60 29.08 126.30
C ASP D 86 8.10 28.94 126.06
N PHE D 87 8.50 28.71 124.82
CA PHE D 87 9.91 28.40 124.54
C PHE D 87 10.58 29.39 123.59
N ILE D 88 9.82 29.96 122.68
CA ILE D 88 10.38 30.95 121.75
C ILE D 88 10.39 32.34 122.38
N LYS D 89 11.56 32.94 122.46
CA LYS D 89 11.71 34.24 123.11
C LYS D 89 12.33 35.31 122.23
N GLU D 90 12.59 34.97 120.97
CA GLU D 90 13.07 35.97 120.02
C GLU D 90 11.90 36.73 119.42
N LYS D 91 12.16 37.99 119.05
CA LYS D 91 11.11 38.87 118.57
C LYS D 91 10.87 38.74 117.08
N SER D 92 9.59 38.66 116.70
CA SER D 92 9.18 38.55 115.31
C SER D 92 7.73 38.94 115.14
N ASP D 93 7.36 39.39 113.94
CA ASP D 93 5.99 39.78 113.66
C ASP D 93 5.14 38.53 113.48
N ALA D 94 5.75 37.43 113.04
CA ALA D 94 5.04 36.16 112.89
C ALA D 94 6.00 34.98 112.95
N VAL D 95 5.56 33.87 113.55
CA VAL D 95 6.38 32.66 113.61
C VAL D 95 5.70 31.51 112.86
N HIS D 96 6.35 31.03 111.80
CA HIS D 96 5.77 29.97 110.98
C HIS D 96 6.56 28.66 111.00
N LEU D 97 5.85 27.55 111.11
CA LEU D 97 6.47 26.24 111.15
C LEU D 97 6.60 25.64 109.76
N PHE D 98 7.81 25.23 109.41
CA PHE D 98 8.05 24.46 108.19
C PHE D 98 8.12 22.99 108.55
N SER D 99 7.07 22.25 108.21
CA SER D 99 7.00 20.83 108.56
C SER D 99 7.37 19.95 107.37
N GLY D 100 8.21 18.95 107.63
CA GLY D 100 8.62 18.01 106.60
C GLY D 100 7.54 16.99 106.28
N SER D 101 6.52 16.94 107.12
CA SER D 101 5.41 16.01 106.92
C SER D 101 4.42 16.54 105.89
N GLN D 102 3.36 15.77 105.65
CA GLN D 102 2.30 16.21 104.75
C GLN D 102 0.95 16.10 105.44
N PHE D 103 0.16 17.17 105.36
CA PHE D 103 -1.11 17.23 106.06
C PHE D 103 -2.24 16.53 105.32
N GLU D 104 -3.20 16.01 106.07
CA GLU D 104 -4.33 15.32 105.48
C GLU D 104 -5.53 16.24 105.33
N SER D 105 -5.26 17.50 105.05
CA SER D 105 -6.32 18.48 104.81
C SER D 105 -6.32 18.91 103.35
N SER D 106 -7.28 19.75 102.98
CA SER D 106 -7.36 20.27 101.62
C SER D 106 -6.32 21.35 101.37
N ARG D 107 -5.82 21.94 102.44
CA ARG D 107 -4.79 22.97 102.31
C ARG D 107 -3.44 22.46 102.79
N SER D 108 -2.39 23.01 102.20
CA SER D 108 -1.04 22.61 102.55
C SER D 108 -0.56 23.29 103.83
N GLY D 109 -1.45 24.08 104.44
CA GLY D 109 -1.13 24.74 105.68
C GLY D 109 -2.33 25.41 106.34
N ALA D 110 -2.11 25.98 107.52
CA ALA D 110 -3.17 26.65 108.26
C ALA D 110 -2.61 27.85 109.02
N ALA D 111 -3.42 28.90 109.14
CA ALA D 111 -2.98 30.11 109.81
C ALA D 111 -4.16 30.94 110.33
N TYR D 112 -3.99 31.54 111.50
CA TYR D 112 -5.02 32.36 112.11
C TYR D 112 -5.27 33.66 111.34
N ILE D 113 -6.54 33.98 111.14
CA ILE D 113 -6.91 35.17 110.38
C ILE D 113 -6.71 36.43 111.22
N GLY D 114 -5.98 37.40 110.66
CA GLY D 114 -5.67 38.64 111.36
C GLY D 114 -4.77 38.39 112.55
N GLY D 115 -4.00 37.31 112.50
CA GLY D 115 -3.26 36.86 113.66
C GLY D 115 -1.94 37.55 113.88
N ILE D 116 -1.39 38.17 112.84
CA ILE D 116 -0.06 38.78 112.92
C ILE D 116 0.03 39.83 114.03
N CYS D 117 1.24 40.06 114.53
CA CYS D 117 1.54 40.98 115.63
C CYS D 117 1.03 40.46 116.99
N SER D 118 0.42 39.28 116.97
CA SER D 118 -0.08 38.66 118.21
C SER D 118 0.86 37.55 118.67
N LEU D 119 0.78 37.19 119.94
CA LEU D 119 1.68 36.18 120.49
C LEU D 119 1.12 34.77 120.34
N LEU D 120 -0.21 34.64 120.44
CA LEU D 120 -0.86 33.34 120.33
C LEU D 120 -1.45 33.09 118.94
N LYS D 121 -1.78 34.15 118.23
CA LYS D 121 -2.38 34.01 116.90
C LYS D 121 -1.38 34.36 115.80
N GLY D 122 -0.27 34.96 116.18
CA GLY D 122 0.73 35.40 115.22
C GLY D 122 1.60 34.29 114.68
N GLY D 123 1.02 33.42 113.87
CA GLY D 123 1.77 32.31 113.32
C GLY D 123 0.95 31.43 112.41
N GLY D 124 1.61 30.45 111.82
CA GLY D 124 0.97 29.50 110.93
C GLY D 124 1.83 28.28 110.74
N VAL D 125 1.30 27.27 110.05
CA VAL D 125 2.06 26.05 109.79
C VAL D 125 2.04 25.70 108.30
N ASN D 126 3.18 25.27 107.78
CA ASN D 126 3.30 24.96 106.36
C ASN D 126 3.97 23.62 106.09
N GLU D 127 3.37 22.82 105.21
CA GLU D 127 3.90 21.49 104.91
C GLU D 127 5.00 21.56 103.88
N PHE D 128 5.79 20.50 103.78
CA PHE D 128 6.92 20.46 102.85
C PHE D 128 6.46 20.39 101.40
N GLY D 129 7.28 20.94 100.51
CA GLY D 129 7.03 20.88 99.09
C GLY D 129 8.20 21.45 98.32
N LYS D 130 8.08 21.56 97.00
CA LYS D 130 9.13 22.21 96.24
C LYS D 130 9.23 23.67 96.61
N THR D 131 10.39 24.25 96.35
CA THR D 131 10.67 25.63 96.70
C THR D 131 9.57 26.57 96.22
N ASP D 132 9.21 26.46 94.94
CA ASP D 132 8.20 27.30 94.34
C ASP D 132 6.83 27.07 94.98
N LEU D 133 6.52 25.81 95.28
CA LEU D 133 5.24 25.45 95.87
C LEU D 133 5.08 25.93 97.31
N MET D 134 6.11 25.68 98.13
CA MET D 134 6.03 26.05 99.54
C MET D 134 5.97 27.55 99.71
N ALA D 135 6.57 28.28 98.76
CA ALA D 135 6.51 29.74 98.79
C ALA D 135 5.06 30.20 98.67
N VAL D 136 4.30 29.53 97.80
CA VAL D 136 2.87 29.80 97.65
C VAL D 136 2.13 29.46 98.93
N THR D 137 2.50 28.34 99.54
CA THR D 137 1.91 27.92 100.80
C THR D 137 2.17 28.95 101.89
N LEU D 138 3.40 29.44 101.93
CA LEU D 138 3.78 30.47 102.89
C LEU D 138 3.03 31.77 102.61
N ALA D 139 2.84 32.06 101.33
CA ALA D 139 2.16 33.27 100.91
C ALA D 139 0.72 33.30 101.38
N GLN D 140 0.01 32.18 101.21
CA GLN D 140 -1.40 32.12 101.59
C GLN D 140 -1.59 31.98 103.10
N SER D 141 -0.60 31.43 103.79
CA SER D 141 -0.62 31.34 105.25
C SER D 141 -0.40 32.72 105.88
N LEU D 142 0.61 33.44 105.40
CA LEU D 142 0.85 34.80 105.86
C LEU D 142 -0.30 35.72 105.46
N ALA D 143 -0.97 35.36 104.36
CA ALA D 143 -2.13 36.11 103.91
C ALA D 143 -3.24 36.07 104.95
N HIS D 144 -3.48 34.90 105.53
CA HIS D 144 -4.47 34.77 106.60
C HIS D 144 -4.07 35.66 107.79
N ASN D 145 -2.81 35.57 108.21
CA ASN D 145 -2.32 36.42 109.29
C ASN D 145 -2.51 37.89 108.94
N ILE D 146 -2.23 38.22 107.69
CA ILE D 146 -2.27 39.60 107.22
C ILE D 146 -3.72 40.07 106.96
N GLY D 147 -4.67 39.15 107.05
CA GLY D 147 -6.08 39.51 106.99
C GLY D 147 -6.74 39.12 105.68
N ILE D 148 -5.97 38.53 104.78
CA ILE D 148 -6.48 38.13 103.47
C ILE D 148 -7.18 36.78 103.51
N ILE D 149 -8.49 36.81 103.26
CA ILE D 149 -9.28 35.60 103.12
C ILE D 149 -10.07 35.67 101.82
N SER D 150 -10.10 34.57 101.09
CA SER D 150 -10.85 34.55 99.85
C SER D 150 -12.33 34.64 100.17
N ASP D 151 -12.89 35.83 100.00
CA ASP D 151 -14.27 36.10 100.37
C ASP D 151 -15.25 35.21 99.63
N LYS D 152 -15.79 34.21 100.33
CA LYS D 152 -16.68 33.22 99.74
C LYS D 152 -18.00 33.86 99.30
N ARG D 153 -18.40 34.91 100.01
CA ARG D 153 -19.64 35.62 99.67
C ARG D 153 -19.50 36.32 98.33
N LYS D 154 -18.36 36.96 98.10
CA LYS D 154 -18.11 37.68 96.86
C LYS D 154 -17.69 36.71 95.74
N LEU D 155 -17.12 35.57 96.13
CA LEU D 155 -16.74 34.55 95.16
C LEU D 155 -18.00 33.92 94.56
N ALA D 156 -18.92 33.51 95.42
CA ALA D 156 -20.15 32.87 94.97
C ALA D 156 -21.01 33.85 94.17
N SER D 157 -21.04 35.10 94.62
CA SER D 157 -21.83 36.14 93.95
C SER D 157 -21.18 36.56 92.65
N GLY D 158 -19.86 36.36 92.56
CA GLY D 158 -19.11 36.74 91.38
C GLY D 158 -18.57 38.16 91.45
N GLU D 159 -18.65 38.75 92.64
CA GLU D 159 -18.15 40.10 92.86
C GLU D 159 -16.63 40.14 92.78
N CYS D 160 -15.99 39.09 93.29
CA CYS D 160 -14.54 38.92 93.19
C CYS D 160 -14.22 37.66 92.41
N LYS D 161 -13.41 37.80 91.37
CA LYS D 161 -13.04 36.68 90.52
C LYS D 161 -11.55 36.74 90.17
N CYS D 162 -10.91 35.59 90.03
CA CYS D 162 -9.51 35.54 89.63
C CYS D 162 -9.36 35.70 88.11
N GLU D 163 -8.68 36.75 87.69
CA GLU D 163 -8.55 37.06 86.26
C GLU D 163 -7.56 36.13 85.57
N ASP D 164 -6.81 35.37 86.36
CA ASP D 164 -5.85 34.41 85.82
C ASP D 164 -6.55 33.10 85.51
N THR D 165 -6.69 32.82 84.23
CA THR D 165 -7.46 31.67 83.76
C THR D 165 -6.72 30.34 83.93
N TRP D 166 -5.40 30.39 83.82
CA TRP D 166 -4.59 29.18 83.78
C TRP D 166 -4.01 28.80 85.14
N SER D 167 -3.30 29.73 85.76
CA SER D 167 -2.59 29.45 87.01
C SER D 167 -3.46 29.72 88.24
N GLY D 168 -4.56 30.44 88.04
CA GLY D 168 -5.43 30.77 89.15
C GLY D 168 -4.75 31.77 90.06
N CYS D 169 -5.27 31.90 91.29
CA CYS D 169 -4.72 32.83 92.25
C CYS D 169 -4.28 32.15 93.54
N ILE D 170 -3.48 32.87 94.32
CA ILE D 170 -2.82 32.33 95.51
C ILE D 170 -3.79 31.75 96.54
N MET D 171 -4.87 32.46 96.82
CA MET D 171 -5.81 32.02 97.83
C MET D 171 -6.72 30.89 97.35
N GLY D 172 -6.51 30.45 96.11
CA GLY D 172 -7.27 29.35 95.55
C GLY D 172 -6.55 28.02 95.72
N ASP D 173 -7.22 26.93 95.35
CA ASP D 173 -6.62 25.60 95.45
C ASP D 173 -5.39 25.50 94.57
N THR D 174 -4.31 25.00 95.14
CA THR D 174 -3.05 24.93 94.42
C THR D 174 -2.89 23.60 93.68
N GLY D 175 -2.41 23.68 92.45
CA GLY D 175 -2.11 22.49 91.66
C GLY D 175 -0.69 22.54 91.14
N TYR D 176 -0.40 21.78 90.09
CA TYR D 176 0.93 21.76 89.52
C TYR D 176 1.35 23.13 89.00
N TYR D 177 0.49 23.74 88.20
CA TYR D 177 0.72 25.09 87.72
C TYR D 177 0.41 26.12 88.80
N LEU D 178 1.47 26.67 89.40
CA LEU D 178 1.34 27.54 90.57
C LEU D 178 0.85 28.94 90.23
N PRO D 179 0.04 29.52 91.14
CA PRO D 179 -0.45 30.90 91.00
C PRO D 179 0.65 31.92 91.22
N LYS D 180 0.39 33.17 90.82
CA LYS D 180 1.38 34.22 90.94
C LYS D 180 0.78 35.51 91.51
N LYS D 181 -0.55 35.61 91.48
CA LYS D 181 -1.21 36.88 91.79
C LYS D 181 -2.30 36.77 92.85
N PHE D 182 -2.44 37.82 93.66
CA PHE D 182 -3.62 37.99 94.49
C PHE D 182 -4.69 38.68 93.64
N THR D 183 -5.95 38.50 94.01
CA THR D 183 -7.03 39.20 93.33
C THR D 183 -7.09 40.63 93.85
N GLN D 184 -7.77 41.51 93.12
CA GLN D 184 -7.95 42.87 93.59
C GLN D 184 -8.75 42.87 94.87
N CYS D 185 -9.64 41.88 94.99
CA CYS D 185 -10.47 41.73 96.17
C CYS D 185 -9.60 41.43 97.38
N ASN D 186 -8.54 40.64 97.18
CA ASN D 186 -7.59 40.34 98.24
C ASN D 186 -6.85 41.58 98.74
N ILE D 187 -6.46 42.45 97.81
CA ILE D 187 -5.76 43.69 98.14
C ILE D 187 -6.63 44.58 99.02
N GLU D 188 -7.91 44.68 98.66
CA GLU D 188 -8.85 45.52 99.39
C GLU D 188 -9.02 44.99 100.81
N GLU D 189 -9.08 43.67 100.94
CA GLU D 189 -9.21 43.03 102.24
C GLU D 189 -8.00 43.35 103.11
N TYR D 190 -6.84 43.36 102.49
CA TYR D 190 -5.59 43.70 103.17
C TYR D 190 -5.62 45.17 103.60
N HIS D 191 -6.09 46.03 102.71
CA HIS D 191 -6.20 47.45 103.01
C HIS D 191 -7.21 47.68 104.13
N ASP D 192 -8.33 46.96 104.06
CA ASP D 192 -9.38 47.05 105.07
C ASP D 192 -8.83 46.62 106.43
N PHE D 193 -7.93 45.65 106.42
CA PHE D 193 -7.33 45.14 107.65
C PHE D 193 -6.43 46.20 108.29
N LEU D 194 -5.66 46.90 107.46
CA LEU D 194 -4.78 47.96 107.95
C LEU D 194 -5.59 49.15 108.45
N ASN D 195 -6.64 49.51 107.72
CA ASN D 195 -7.51 50.61 108.10
C ASN D 195 -8.34 50.31 109.34
N SER D 196 -8.48 49.02 109.66
CA SER D 196 -9.21 48.59 110.84
C SER D 196 -8.34 48.64 112.09
N GLY D 197 -7.05 48.91 111.90
CA GLY D 197 -6.13 49.03 113.02
C GLY D 197 -5.26 47.79 113.22
N GLY D 198 -5.29 46.89 112.24
CA GLY D 198 -4.50 45.67 112.31
C GLY D 198 -3.14 45.81 111.67
N GLY D 199 -2.21 44.94 112.05
CA GLY D 199 -0.86 44.98 111.50
C GLY D 199 -0.01 46.16 111.92
N ALA D 200 -0.06 46.52 113.20
CA ALA D 200 0.71 47.65 113.73
C ALA D 200 2.24 47.40 113.75
N CYS D 201 2.66 46.15 113.98
CA CYS D 201 4.09 45.77 114.10
C CYS D 201 4.79 45.62 112.76
N LEU D 202 4.09 46.03 111.70
CA LEU D 202 4.54 45.83 110.32
C LEU D 202 5.18 47.06 109.73
N PHE D 203 5.39 48.07 110.56
CA PHE D 203 5.84 49.36 110.04
C PHE D 203 7.26 49.70 110.49
N ASN D 204 7.88 48.76 111.20
CA ASN D 204 9.31 48.84 111.49
C ASN D 204 10.11 48.22 110.35
N LYS D 205 10.99 48.98 109.73
CA LYS D 205 11.78 48.45 108.63
C LYS D 205 13.07 47.83 109.13
N PRO D 206 13.25 46.52 108.90
CA PRO D 206 14.45 45.78 109.29
C PRO D 206 15.71 46.32 108.62
N SER D 207 16.85 46.21 109.30
CA SER D 207 18.12 46.72 108.77
C SER D 207 19.07 45.58 108.42
N LYS D 208 19.64 44.95 109.43
CA LYS D 208 20.58 43.86 109.23
C LYS D 208 19.87 42.53 109.01
N LEU D 209 20.06 41.94 107.83
CA LEU D 209 19.43 40.68 107.49
C LEU D 209 20.29 39.49 107.91
N LEU D 210 19.87 38.29 107.54
CA LEU D 210 20.63 37.08 107.85
C LEU D 210 21.55 36.69 106.69
N ASP D 211 21.77 37.62 105.77
CA ASP D 211 22.56 37.36 104.56
C ASP D 211 23.66 38.40 104.40
N PRO D 212 24.67 38.10 103.56
CA PRO D 212 25.73 39.08 103.28
C PRO D 212 25.15 40.39 102.75
N PRO D 213 25.69 41.53 103.22
CA PRO D 213 25.25 42.87 102.81
C PRO D 213 25.26 43.02 101.29
N GLU D 214 24.19 43.60 100.77
CA GLU D 214 24.05 43.82 99.33
C GLU D 214 23.54 45.23 99.06
N CYS D 215 24.40 46.05 98.46
CA CYS D 215 24.01 47.40 98.06
C CYS D 215 23.04 47.35 96.89
N GLY D 216 21.80 47.79 97.11
CA GLY D 216 20.78 47.76 96.07
C GLY D 216 19.73 46.71 96.40
N ASN D 217 19.53 46.49 97.68
CA ASN D 217 18.58 45.52 98.20
C ASN D 217 17.40 46.22 98.85
N GLY D 218 17.60 47.51 99.12
CA GLY D 218 16.60 48.33 99.76
C GLY D 218 16.65 48.16 101.26
N PHE D 219 17.80 47.73 101.77
CA PHE D 219 17.99 47.55 103.20
C PHE D 219 19.39 47.99 103.64
N ILE D 220 19.41 48.81 104.69
CA ILE D 220 20.64 49.34 105.27
C ILE D 220 21.32 48.29 106.14
N GLU D 221 22.28 47.60 105.56
CA GLU D 221 22.99 46.52 106.23
C GLU D 221 24.34 46.97 106.76
N THR D 222 25.15 46.02 107.21
CA THR D 222 26.44 46.33 107.81
C THR D 222 27.38 46.94 106.77
N GLY D 223 28.11 47.99 107.17
CA GLY D 223 29.09 48.60 106.30
C GLY D 223 28.52 49.76 105.49
N GLU D 224 27.28 49.62 105.04
CA GLU D 224 26.64 50.63 104.22
C GLU D 224 25.92 51.63 105.12
N GLU D 225 25.97 52.91 104.77
CA GLU D 225 25.36 53.97 105.59
C GLU D 225 23.89 54.14 105.24
N CYS D 226 23.58 53.99 103.96
CA CYS D 226 22.21 54.03 103.47
C CYS D 226 22.06 53.05 102.31
N ASP D 227 20.84 52.89 101.81
CA ASP D 227 20.57 51.96 100.72
C ASP D 227 19.23 52.26 100.10
N CYS D 228 19.22 53.10 99.08
CA CYS D 228 17.97 53.48 98.42
C CYS D 228 17.28 52.33 97.68
N GLY D 229 18.07 51.49 96.99
CA GLY D 229 17.51 50.34 96.29
C GLY D 229 18.03 50.10 94.89
N THR D 230 17.16 49.61 94.01
CA THR D 230 17.54 49.38 92.62
C THR D 230 17.86 50.76 92.04
N PRO D 231 18.79 50.83 91.08
CA PRO D 231 19.15 52.13 90.52
C PRO D 231 17.94 52.85 89.93
N ALA D 232 17.02 52.05 89.39
CA ALA D 232 15.77 52.55 88.85
C ALA D 232 14.85 53.13 89.93
N GLU D 233 14.70 52.42 91.05
CA GLU D 233 13.76 52.88 92.06
C GLU D 233 14.31 53.96 92.98
N CYS D 234 15.63 54.17 92.96
CA CYS D 234 16.22 55.26 93.73
C CYS D 234 15.97 56.62 93.11
N VAL D 235 15.83 56.63 91.78
CA VAL D 235 15.61 57.86 91.04
C VAL D 235 14.43 58.62 91.63
N LEU D 236 13.41 57.87 92.00
CA LEU D 236 12.18 58.39 92.58
C LEU D 236 12.49 59.08 93.91
N GLU D 237 13.27 58.39 94.74
CA GLU D 237 13.64 58.89 96.06
C GLU D 237 14.98 58.35 96.55
N GLY D 238 15.90 59.26 96.85
CA GLY D 238 17.18 58.88 97.42
C GLY D 238 18.35 58.98 96.46
N ALA D 239 18.05 59.31 95.19
CA ALA D 239 19.07 59.38 94.16
C ALA D 239 20.14 60.43 94.49
N GLU D 240 19.72 61.66 94.75
CA GLU D 240 20.65 62.73 95.07
C GLU D 240 21.32 62.52 96.43
N CYS D 241 20.62 61.82 97.32
CA CYS D 241 21.08 61.67 98.70
C CYS D 241 22.13 60.59 98.86
N CYS D 242 21.93 59.46 98.20
CA CYS D 242 22.79 58.29 98.39
C CYS D 242 23.52 57.88 97.11
N LYS D 243 24.83 57.69 97.24
CA LYS D 243 25.66 57.23 96.12
C LYS D 243 26.45 55.99 96.51
N LYS D 244 26.13 54.86 95.88
CA LYS D 244 26.76 53.58 96.17
C LYS D 244 26.70 53.26 97.67
N CYS D 245 25.50 53.35 98.23
CA CYS D 245 25.25 53.07 99.64
C CYS D 245 26.07 53.94 100.60
N THR D 246 26.34 55.16 100.18
CA THR D 246 27.09 56.10 101.00
C THR D 246 26.47 57.49 100.92
N LEU D 247 26.28 58.12 102.09
CA LEU D 247 25.68 59.45 102.14
C LEU D 247 26.56 60.49 101.46
N THR D 248 25.93 61.41 100.74
CA THR D 248 26.66 62.49 100.09
C THR D 248 27.06 63.52 101.15
N GLN D 249 27.73 64.58 100.72
CA GLN D 249 28.21 65.61 101.65
C GLN D 249 27.08 66.31 102.40
N ASP D 250 26.04 66.71 101.67
CA ASP D 250 24.96 67.47 102.30
C ASP D 250 23.73 66.59 102.44
N SER D 251 23.87 65.51 103.21
CA SER D 251 22.78 64.59 103.43
C SER D 251 22.85 63.92 104.80
N GLN D 252 21.71 63.90 105.51
CA GLN D 252 21.63 63.21 106.79
C GLN D 252 20.97 61.85 106.60
N CYS D 253 20.22 61.72 105.51
CA CYS D 253 19.53 60.48 105.20
C CYS D 253 19.37 60.33 103.69
N SER D 254 18.77 59.22 103.27
CA SER D 254 18.59 58.95 101.85
C SER D 254 17.12 58.94 101.47
N ASP D 255 16.36 58.06 102.10
CA ASP D 255 14.93 57.95 101.83
C ASP D 255 14.15 57.66 103.11
N GLY D 256 12.83 57.74 103.00
CA GLY D 256 11.94 57.52 104.14
C GLY D 256 10.93 58.63 104.31
N LEU D 257 9.91 58.37 105.11
CA LEU D 257 8.84 59.34 105.34
C LEU D 257 9.34 60.50 106.19
N CYS D 258 10.34 60.26 107.03
CA CYS D 258 10.92 61.32 107.86
C CYS D 258 12.20 61.84 107.23
N CYS D 259 12.36 61.58 105.95
CA CYS D 259 13.50 62.05 105.18
C CYS D 259 12.99 62.94 104.04
N LYS D 260 13.45 64.18 104.01
CA LYS D 260 13.00 65.11 102.98
C LYS D 260 14.17 65.72 102.24
N LYS D 261 14.37 65.27 101.00
CA LYS D 261 15.40 65.80 100.12
C LYS D 261 16.77 65.81 100.80
N CYS D 262 17.16 64.63 101.27
CA CYS D 262 18.45 64.37 101.93
C CYS D 262 18.56 65.01 103.32
N LYS D 263 17.45 65.51 103.84
CA LYS D 263 17.46 66.07 105.19
C LYS D 263 16.38 65.43 106.06
N PHE D 264 16.67 65.37 107.36
CA PHE D 264 15.74 64.85 108.35
C PHE D 264 14.52 65.77 108.46
N GLN D 265 13.34 65.16 108.65
CA GLN D 265 12.11 65.91 108.88
C GLN D 265 12.02 66.35 110.34
N PRO D 266 11.71 67.64 110.58
CA PRO D 266 11.68 68.17 111.95
C PRO D 266 10.75 67.41 112.89
N MET D 267 11.13 67.35 114.16
CA MET D 267 10.36 66.63 115.18
C MET D 267 8.95 67.18 115.33
N GLY D 268 7.97 66.29 115.40
CA GLY D 268 6.59 66.67 115.56
C GLY D 268 5.78 66.58 114.29
N THR D 269 6.45 66.27 113.19
CA THR D 269 5.79 66.15 111.90
C THR D 269 5.01 64.84 111.80
N VAL D 270 3.72 64.95 111.48
CA VAL D 270 2.87 63.77 111.37
C VAL D 270 3.25 62.93 110.16
N CYS D 271 3.71 61.71 110.42
CA CYS D 271 4.13 60.81 109.35
C CYS D 271 3.13 59.67 109.15
N ARG D 272 2.27 59.45 110.15
CA ARG D 272 1.24 58.43 110.04
C ARG D 272 0.05 58.77 110.93
N GLU D 273 -1.05 59.13 110.28
CA GLU D 273 -2.26 59.54 110.99
C GLU D 273 -2.97 58.30 111.56
N ALA D 274 -3.75 58.50 112.62
CA ALA D 274 -4.51 57.41 113.23
C ALA D 274 -5.56 56.86 112.25
N VAL D 275 -5.57 55.54 112.03
CA VAL D 275 -6.49 54.91 111.07
C VAL D 275 -7.85 54.77 111.73
N ASN D 276 -7.87 54.73 113.06
CA ASN D 276 -9.14 54.63 113.79
C ASN D 276 -9.00 55.17 115.21
N ASP D 277 -10.07 55.10 115.99
CA ASP D 277 -10.07 55.65 117.33
C ASP D 277 -9.37 54.74 118.35
N CYS D 278 -8.83 53.62 117.88
CA CYS D 278 -8.00 52.78 118.72
C CYS D 278 -6.54 53.09 118.53
N ASP D 279 -6.23 53.92 117.53
CA ASP D 279 -4.84 54.17 117.20
C ASP D 279 -4.32 55.51 117.71
N ILE D 280 -3.00 55.55 117.84
CA ILE D 280 -2.28 56.77 118.17
C ILE D 280 -1.46 57.25 116.96
N ARG D 281 -1.56 58.54 116.64
CA ARG D 281 -0.80 59.14 115.55
C ARG D 281 0.70 59.06 115.80
N GLU D 282 1.48 59.00 114.73
CA GLU D 282 2.93 58.89 114.83
C GLU D 282 3.62 60.13 114.30
N THR D 283 4.58 60.65 115.05
CA THR D 283 5.33 61.82 114.61
C THR D 283 6.80 61.48 114.41
N CYS D 284 7.45 62.18 113.47
CA CYS D 284 8.87 61.98 113.22
C CYS D 284 9.68 62.38 114.44
N SER D 285 10.68 61.57 114.78
CA SER D 285 11.53 61.84 115.93
C SER D 285 12.48 63.00 115.66
N GLY D 286 12.76 63.23 114.38
CA GLY D 286 13.69 64.26 114.00
C GLY D 286 15.11 63.76 113.94
N ASN D 287 15.33 62.56 114.47
CA ASN D 287 16.67 61.96 114.50
C ASN D 287 16.74 60.69 113.64
N SER D 288 15.62 60.34 113.00
CA SER D 288 15.54 59.12 112.19
C SER D 288 14.84 59.38 110.86
N SER D 289 15.24 58.63 109.83
CA SER D 289 14.65 58.74 108.49
C SER D 289 13.35 57.97 108.41
N GLN D 290 13.21 57.00 109.31
CA GLN D 290 12.00 56.19 109.40
C GLN D 290 10.91 56.85 110.22
N CYS D 291 9.66 56.57 109.86
CA CYS D 291 8.53 57.02 110.65
C CYS D 291 8.54 56.21 111.94
N ALA D 292 8.12 56.80 113.04
CA ALA D 292 8.08 56.11 114.33
C ALA D 292 7.30 54.79 114.24
N PRO D 293 7.74 53.77 115.00
CA PRO D 293 7.05 52.46 115.06
C PRO D 293 5.56 52.60 115.31
N ASN D 294 4.74 52.01 114.44
CA ASN D 294 3.30 52.15 114.55
C ASN D 294 2.77 51.54 115.83
N ILE D 295 2.37 52.40 116.76
CA ILE D 295 1.78 51.96 118.01
C ILE D 295 0.36 52.47 118.13
N HIS D 296 -0.37 51.92 119.09
CA HIS D 296 -1.76 52.29 119.32
C HIS D 296 -2.13 52.24 120.80
N LYS D 297 -3.39 52.52 121.10
CA LYS D 297 -3.89 52.47 122.46
C LYS D 297 -3.88 51.03 122.99
N MET D 298 -3.64 50.89 124.29
CA MET D 298 -3.65 49.58 124.93
C MET D 298 -5.01 48.90 124.81
N ASP D 299 -5.04 47.60 125.09
CA ASP D 299 -6.29 46.88 125.14
C ASP D 299 -7.10 47.32 126.35
N GLY D 300 -8.31 47.80 126.10
CA GLY D 300 -9.17 48.27 127.17
C GLY D 300 -9.83 49.59 126.85
N TYR D 301 -9.16 50.42 126.05
CA TYR D 301 -9.73 51.69 125.61
C TYR D 301 -11.02 51.47 124.82
N SER D 302 -11.95 52.41 124.94
CA SER D 302 -13.22 52.29 124.25
C SER D 302 -13.10 52.79 122.81
N CYS D 303 -14.02 52.33 121.97
CA CYS D 303 -14.09 52.76 120.58
C CYS D 303 -15.52 52.68 120.06
N ASP D 304 -15.79 53.39 118.97
CA ASP D 304 -17.14 53.54 118.44
C ASP D 304 -18.05 54.03 119.55
N GLY D 305 -17.63 55.10 120.22
CA GLY D 305 -18.32 55.58 121.40
C GLY D 305 -18.01 54.68 122.57
N VAL D 306 -19.04 54.04 123.12
CA VAL D 306 -18.87 53.11 124.21
C VAL D 306 -19.23 51.71 123.73
N GLN D 307 -19.61 51.62 122.46
CA GLN D 307 -20.09 50.37 121.89
C GLN D 307 -19.01 49.30 121.75
N GLY D 308 -17.75 49.72 121.71
CA GLY D 308 -16.66 48.78 121.52
C GLY D 308 -15.47 49.00 122.42
N ILE D 309 -14.56 48.04 122.44
CA ILE D 309 -13.33 48.14 123.23
C ILE D 309 -12.14 47.63 122.42
N CYS D 310 -11.07 48.42 122.40
CA CYS D 310 -9.89 48.12 121.57
C CYS D 310 -9.15 46.86 122.01
N PHE D 311 -8.83 46.03 121.03
CA PHE D 311 -8.00 44.84 121.22
C PHE D 311 -7.07 44.68 120.03
N GLY D 312 -5.77 44.79 120.27
CA GLY D 312 -4.78 44.69 119.22
C GLY D 312 -4.94 45.79 118.19
N GLY D 313 -5.41 46.95 118.63
CA GLY D 313 -5.62 48.10 117.76
C GLY D 313 -6.91 48.05 116.97
N ARG D 314 -7.68 46.97 117.17
CA ARG D 314 -8.94 46.77 116.45
C ARG D 314 -10.13 46.85 117.39
N CYS D 315 -11.23 47.41 116.89
CA CYS D 315 -12.40 47.63 117.71
C CYS D 315 -13.33 46.41 117.70
N LYS D 316 -13.56 45.83 118.86
CA LYS D 316 -14.44 44.67 118.97
C LYS D 316 -15.88 45.10 119.27
N THR D 317 -16.71 45.13 118.23
CA THR D 317 -18.13 45.38 118.43
C THR D 317 -18.96 44.24 117.86
N ARG D 318 -20.17 44.08 118.37
CA ARG D 318 -21.07 43.09 117.81
C ARG D 318 -21.44 43.47 116.37
N ASP D 319 -21.45 44.77 116.12
CA ASP D 319 -21.79 45.28 114.79
C ASP D 319 -20.71 44.92 113.77
N ARG D 320 -19.45 45.08 114.16
CA ARG D 320 -18.34 44.74 113.28
C ARG D 320 -18.23 43.22 113.14
N GLN D 321 -18.53 42.51 114.22
CA GLN D 321 -18.47 41.04 114.21
C GLN D 321 -19.51 40.49 113.24
N CYS D 322 -20.66 41.15 113.16
CA CYS D 322 -21.66 40.77 112.18
C CYS D 322 -21.18 41.09 110.77
N LYS D 323 -20.52 42.22 110.61
CA LYS D 323 -19.98 42.61 109.31
C LYS D 323 -18.84 41.68 108.91
N TYR D 324 -18.09 41.22 109.90
CA TYR D 324 -16.95 40.35 109.66
C TYR D 324 -17.37 38.98 109.13
N ILE D 325 -18.50 38.48 109.62
CA ILE D 325 -18.94 37.14 109.26
C ILE D 325 -19.84 37.12 108.03
N TRP D 326 -20.83 38.01 107.99
CA TRP D 326 -21.88 37.91 106.99
C TRP D 326 -21.82 38.97 105.88
N GLY D 327 -21.08 40.05 106.11
CA GLY D 327 -20.92 41.06 105.08
C GLY D 327 -21.13 42.48 105.57
N GLN D 328 -20.64 43.44 104.80
CA GLN D 328 -20.69 44.86 105.18
C GLN D 328 -22.11 45.40 105.28
N LYS D 329 -23.02 44.86 104.47
CA LYS D 329 -24.40 45.31 104.45
C LYS D 329 -25.15 44.88 105.70
N VAL D 330 -24.58 43.92 106.42
CA VAL D 330 -25.17 43.37 107.63
C VAL D 330 -24.92 44.26 108.84
N THR D 331 -25.95 44.49 109.64
CA THR D 331 -25.82 45.26 110.87
C THR D 331 -26.26 44.43 112.07
N ALA D 332 -25.80 44.82 113.26
CA ALA D 332 -26.15 44.10 114.49
C ALA D 332 -27.61 44.30 114.83
N SER D 333 -28.20 43.31 115.50
CA SER D 333 -29.59 43.39 115.91
C SER D 333 -29.74 44.35 117.09
N ASP D 334 -30.96 44.80 117.33
CA ASP D 334 -31.25 45.67 118.47
C ASP D 334 -31.03 44.89 119.78
N LYS D 335 -30.75 45.62 120.85
CA LYS D 335 -30.45 44.99 122.14
C LYS D 335 -31.65 44.22 122.69
N TYR D 336 -32.85 44.57 122.23
CA TYR D 336 -34.07 43.91 122.67
C TYR D 336 -34.09 42.46 122.17
N CYS D 337 -33.50 42.23 121.00
CA CYS D 337 -33.42 40.89 120.42
C CYS D 337 -32.62 39.96 121.32
N TYR D 338 -31.53 40.49 121.87
CA TYR D 338 -30.68 39.72 122.78
C TYR D 338 -31.35 39.50 124.11
N GLU D 339 -31.94 40.56 124.66
CA GLU D 339 -32.50 40.55 126.01
C GLU D 339 -33.64 39.55 126.22
N LYS D 340 -34.15 38.98 125.14
CA LYS D 340 -35.26 38.03 125.23
C LYS D 340 -34.85 36.62 124.85
N LEU D 341 -34.20 36.50 123.70
CA LEU D 341 -33.88 35.20 123.12
C LEU D 341 -32.83 34.39 123.86
N ASN D 342 -31.79 35.05 124.36
CA ASN D 342 -30.64 34.35 124.95
C ASN D 342 -30.92 33.49 126.18
N ILE D 343 -31.85 33.91 127.03
CA ILE D 343 -32.20 33.15 128.23
C ILE D 343 -32.77 31.78 127.91
N GLU D 344 -33.55 31.70 126.84
CA GLU D 344 -34.19 30.46 126.44
C GLU D 344 -33.17 29.38 126.16
N GLY D 345 -33.44 28.17 126.65
CA GLY D 345 -32.56 27.04 126.42
C GLY D 345 -32.48 26.71 124.94
N THR D 346 -33.39 27.32 124.18
CA THR D 346 -33.45 27.12 122.74
C THR D 346 -32.20 27.57 122.01
N GLU D 347 -32.07 27.07 120.79
CA GLU D 347 -31.02 27.43 119.85
C GLU D 347 -31.22 28.88 119.46
N LYS D 348 -32.46 29.34 119.61
CA LYS D 348 -32.90 30.67 119.21
C LYS D 348 -32.17 31.76 119.95
N GLY D 349 -31.28 31.35 120.85
CA GLY D 349 -30.47 32.24 121.64
C GLY D 349 -30.02 31.48 122.86
N ASN D 350 -28.72 31.44 123.08
CA ASN D 350 -28.15 30.69 124.19
C ASN D 350 -26.70 31.09 124.44
N CYS D 351 -26.11 30.51 125.47
CA CYS D 351 -24.71 30.77 125.80
C CYS D 351 -23.80 29.61 125.47
N CYS D 361 -28.62 30.87 129.86
CA CYS D 361 -27.79 32.06 130.10
C CYS D 361 -28.37 32.97 131.17
N ASN D 362 -27.48 33.64 131.91
CA ASN D 362 -27.90 34.55 132.96
C ASN D 362 -28.41 35.86 132.34
N LYS D 363 -29.15 36.63 133.13
CA LYS D 363 -29.77 37.85 132.65
C LYS D 363 -28.75 38.97 132.45
N ARG D 364 -27.67 38.93 133.23
CA ARG D 364 -26.58 39.88 133.06
C ARG D 364 -25.66 39.48 131.91
N ASP D 365 -25.46 38.17 131.75
CA ASP D 365 -24.55 37.65 130.74
C ASP D 365 -25.26 37.46 129.40
N VAL D 366 -26.23 38.32 129.13
CA VAL D 366 -27.08 38.20 127.94
C VAL D 366 -26.38 38.73 126.68
N LEU D 367 -25.53 39.74 126.86
CA LEU D 367 -24.82 40.35 125.74
C LEU D 367 -23.59 39.55 125.35
N CYS D 368 -23.33 38.46 126.08
CA CYS D 368 -22.15 37.63 125.81
C CYS D 368 -22.53 36.26 125.27
N GLY D 369 -23.76 36.15 124.77
CA GLY D 369 -24.28 34.87 124.29
C GLY D 369 -24.29 34.74 122.78
N TYR D 370 -25.42 34.28 122.26
CA TYR D 370 -25.58 34.05 120.83
C TYR D 370 -25.66 35.36 120.05
N LEU D 371 -24.78 35.53 119.07
CA LEU D 371 -24.74 36.75 118.26
C LEU D 371 -25.96 36.86 117.35
N LEU D 372 -26.55 38.05 117.30
CA LEU D 372 -27.72 38.29 116.48
C LEU D 372 -27.49 39.44 115.51
N CYS D 373 -27.84 39.23 114.24
CA CYS D 373 -27.62 40.21 113.19
C CYS D 373 -28.90 40.52 112.42
N THR D 374 -28.85 41.57 111.60
CA THR D 374 -29.98 41.93 110.74
C THR D 374 -29.53 41.94 109.29
N ASN D 375 -30.47 41.73 108.37
CA ASN D 375 -30.17 41.69 106.93
C ASN D 375 -29.11 40.63 106.64
N ILE D 376 -29.28 39.45 107.23
CA ILE D 376 -28.29 38.38 107.09
C ILE D 376 -28.45 37.69 105.73
N GLY D 377 -27.39 37.01 105.30
CA GLY D 377 -27.44 36.25 104.07
C GLY D 377 -27.56 34.77 104.36
N ASN D 378 -27.09 33.93 103.43
CA ASN D 378 -27.11 32.49 103.63
C ASN D 378 -25.73 31.89 103.40
N ILE D 379 -24.73 32.75 103.26
CA ILE D 379 -23.35 32.31 103.06
C ILE D 379 -22.37 33.25 103.74
N PRO D 380 -21.63 32.73 104.73
CA PRO D 380 -20.63 33.53 105.46
C PRO D 380 -19.42 33.87 104.60
N ARG D 381 -18.71 34.93 104.95
CA ARG D 381 -17.52 35.35 104.21
C ARG D 381 -16.37 34.37 104.40
N LEU D 382 -16.36 33.68 105.55
CA LEU D 382 -15.30 32.74 105.89
C LEU D 382 -15.84 31.57 106.70
N GLY D 383 -15.08 30.49 106.74
CA GLY D 383 -15.44 29.32 107.55
C GLY D 383 -16.59 28.50 107.01
N GLU D 384 -17.04 27.53 107.81
CA GLU D 384 -18.11 26.63 107.38
C GLU D 384 -19.38 26.86 108.18
N LEU D 385 -20.50 26.90 107.48
CA LEU D 385 -21.80 27.06 108.12
C LEU D 385 -22.30 25.73 108.64
N ASP D 386 -22.57 25.66 109.94
CA ASP D 386 -23.06 24.42 110.56
C ASP D 386 -24.54 24.55 110.87
N GLY D 387 -25.38 24.02 109.98
CA GLY D 387 -26.81 24.05 110.17
C GLY D 387 -27.51 24.97 109.19
N CYS D 403 -34.43 39.58 113.34
CA CYS D 403 -33.34 39.20 114.23
C CYS D 403 -32.77 37.86 113.75
N SER D 404 -31.54 37.89 113.26
CA SER D 404 -30.95 36.73 112.59
C SER D 404 -29.61 36.24 113.15
N GLY D 405 -29.35 34.94 113.02
CA GLY D 405 -28.09 34.36 113.47
C GLY D 405 -27.61 33.21 112.60
N GLY D 406 -26.51 32.58 113.02
CA GLY D 406 -25.93 31.45 112.30
C GLY D 406 -24.68 30.92 112.96
N HIS D 407 -24.45 29.63 112.87
CA HIS D 407 -23.26 29.02 113.47
C HIS D 407 -22.15 28.80 112.46
N VAL D 408 -21.11 29.63 112.52
CA VAL D 408 -19.97 29.49 111.61
C VAL D 408 -18.72 29.00 112.34
N LYS D 409 -18.23 27.83 111.93
CA LYS D 409 -17.08 27.21 112.60
C LYS D 409 -15.82 27.20 111.73
N LEU D 410 -14.81 27.94 112.17
CA LEU D 410 -13.49 27.90 111.56
C LEU D 410 -12.80 26.63 112.02
N GLU D 411 -12.87 26.39 113.33
CA GLU D 411 -12.35 25.17 113.91
C GLU D 411 -13.52 24.45 114.58
N GLU D 412 -13.37 23.17 114.86
CA GLU D 412 -14.37 22.45 115.60
C GLU D 412 -14.54 23.08 116.99
N ASP D 413 -13.46 23.65 117.51
CA ASP D 413 -13.52 24.30 118.81
C ASP D 413 -13.93 25.78 118.75
N VAL D 414 -13.35 26.52 117.82
CA VAL D 414 -13.67 27.95 117.69
C VAL D 414 -14.96 28.15 116.88
N ASP D 415 -15.94 28.85 117.46
CA ASP D 415 -17.22 29.04 116.79
C ASP D 415 -17.61 30.52 116.64
N LEU D 416 -17.68 30.98 115.39
CA LEU D 416 -18.19 32.30 115.10
C LEU D 416 -19.72 32.24 115.05
N GLY D 417 -20.37 33.23 115.66
CA GLY D 417 -21.81 33.21 115.77
C GLY D 417 -22.20 33.45 117.21
N TYR D 418 -21.20 33.45 118.07
CA TYR D 418 -21.35 33.82 119.47
C TYR D 418 -20.54 35.08 119.73
N VAL D 419 -20.93 35.83 120.75
CA VAL D 419 -20.28 37.10 121.06
C VAL D 419 -18.80 36.90 121.38
N GLU D 420 -17.96 37.54 120.58
CA GLU D 420 -16.51 37.44 120.74
C GLU D 420 -16.06 37.94 122.10
N ASP D 421 -15.04 37.29 122.65
CA ASP D 421 -14.47 37.68 123.92
C ASP D 421 -13.83 39.06 123.85
N GLY D 422 -14.11 39.89 124.85
CA GLY D 422 -13.59 41.24 124.88
C GLY D 422 -14.65 42.25 124.47
N THR D 423 -15.76 41.76 123.91
CA THR D 423 -16.86 42.61 123.48
C THR D 423 -17.59 43.21 124.68
N PRO D 424 -17.78 44.54 124.69
CA PRO D 424 -18.46 45.23 125.78
C PRO D 424 -19.88 44.74 126.01
N CYS D 425 -20.25 44.53 127.27
CA CYS D 425 -21.59 44.09 127.60
C CYS D 425 -22.21 45.01 128.66
N GLY D 426 -21.62 46.20 128.80
CA GLY D 426 -22.08 47.17 129.77
C GLY D 426 -20.95 48.05 130.25
N PRO D 427 -21.27 49.01 131.15
CA PRO D 427 -20.28 49.93 131.70
C PRO D 427 -19.13 49.22 132.41
N GLN D 428 -17.92 49.35 131.88
CA GLN D 428 -16.73 48.72 132.42
C GLN D 428 -16.87 47.20 132.56
N MET D 429 -17.62 46.59 131.64
CA MET D 429 -17.81 45.16 131.66
C MET D 429 -17.62 44.55 130.27
N MET D 430 -17.02 43.37 130.21
CA MET D 430 -16.75 42.70 128.94
C MET D 430 -17.17 41.23 128.96
N CYS D 431 -17.13 40.60 127.80
CA CYS D 431 -17.49 39.19 127.71
C CYS D 431 -16.27 38.30 127.84
N LEU D 432 -16.40 37.26 128.67
CA LEU D 432 -15.32 36.30 128.84
C LEU D 432 -15.91 34.90 129.02
N GLU D 433 -15.75 34.07 127.99
CA GLU D 433 -16.29 32.72 127.97
C GLU D 433 -17.79 32.75 128.21
N HIS D 434 -18.51 33.54 127.41
CA HIS D 434 -19.96 33.69 127.51
C HIS D 434 -20.39 34.18 128.89
N ARG D 435 -19.56 35.00 129.52
CA ARG D 435 -19.88 35.58 130.81
C ARG D 435 -19.50 37.06 130.85
N CYS D 436 -20.41 37.88 131.36
CA CYS D 436 -20.16 39.32 131.45
C CYS D 436 -19.39 39.64 132.73
N LEU D 437 -18.10 39.93 132.57
CA LEU D 437 -17.22 40.19 133.70
C LEU D 437 -16.66 41.61 133.68
N PRO D 438 -16.41 42.18 134.87
CA PRO D 438 -15.82 43.52 134.98
C PRO D 438 -14.44 43.62 134.32
N VAL D 439 -13.96 44.85 134.15
CA VAL D 439 -12.68 45.09 133.49
C VAL D 439 -11.50 44.53 134.26
N ALA D 440 -11.65 44.40 135.58
CA ALA D 440 -10.57 43.89 136.42
C ALA D 440 -10.34 42.40 136.21
N SER D 441 -11.32 41.71 135.64
CA SER D 441 -11.22 40.27 135.42
C SER D 441 -10.25 39.92 134.29
N PHE D 442 -9.93 40.89 133.45
CA PHE D 442 -9.05 40.67 132.30
C PHE D 442 -7.59 40.97 132.62
N ASN D 443 -7.34 41.45 133.83
CA ASN D 443 -5.98 41.74 134.30
C ASN D 443 -5.19 42.67 133.38
N PHE D 444 -5.81 43.79 132.99
CA PHE D 444 -5.15 44.77 132.14
C PHE D 444 -4.02 45.49 132.88
N SER D 445 -2.90 45.67 132.20
CA SER D 445 -1.78 46.44 132.77
C SER D 445 -2.10 47.92 132.71
N THR D 446 -1.34 48.74 133.43
CA THR D 446 -1.60 50.17 133.42
C THR D 446 -0.29 50.95 133.35
N CYS D 447 -0.33 52.10 132.67
CA CYS D 447 0.83 52.97 132.57
C CYS D 447 1.10 53.74 133.86
N LEU D 448 2.17 54.51 133.85
CA LEU D 448 2.54 55.33 135.01
C LEU D 448 1.65 56.57 135.10
N SER D 449 1.19 56.88 136.30
CA SER D 449 0.33 58.05 136.51
C SER D 449 0.63 58.74 137.83
N SER D 450 0.66 60.06 137.81
CA SER D 450 0.94 60.85 139.01
C SER D 450 -0.33 61.53 139.51
N LYS D 451 -1.46 61.21 138.87
CA LYS D 451 -2.75 61.72 139.29
C LYS D 451 -3.73 60.57 139.50
N GLU D 452 -4.36 60.55 140.66
CA GLU D 452 -5.27 59.47 141.04
C GLU D 452 -6.50 59.41 140.15
N GLY D 453 -6.85 58.20 139.71
CA GLY D 453 -8.04 57.98 138.92
C GLY D 453 -7.91 58.39 137.47
N THR D 454 -6.70 58.77 137.05
CA THR D 454 -6.46 59.18 135.68
C THR D 454 -5.35 58.35 135.03
N ILE D 455 -5.40 58.24 133.71
CA ILE D 455 -4.36 57.54 132.97
C ILE D 455 -3.27 58.51 132.52
N CYS D 456 -2.04 58.18 132.87
CA CYS D 456 -0.87 59.01 132.54
C CYS D 456 -1.05 60.45 133.02
N SER D 457 -1.43 60.59 134.28
CA SER D 457 -1.61 61.89 134.93
C SER D 457 -2.62 62.80 134.21
N GLY D 458 -3.53 62.18 133.46
CA GLY D 458 -4.54 62.93 132.73
C GLY D 458 -3.96 63.82 131.65
N ASN D 459 -2.77 63.47 131.17
CA ASN D 459 -2.13 64.25 130.12
C ASN D 459 -1.53 63.37 129.02
N GLY D 460 -1.91 62.09 129.01
CA GLY D 460 -1.39 61.18 128.02
C GLY D 460 -2.25 59.95 127.82
N VAL D 461 -1.91 59.17 126.81
CA VAL D 461 -2.62 57.93 126.49
C VAL D 461 -1.66 56.74 126.60
N CYS D 462 -2.12 55.69 127.28
CA CYS D 462 -1.30 54.50 127.47
C CYS D 462 -1.23 53.65 126.21
N SER D 463 -0.04 53.53 125.63
CA SER D 463 0.12 52.81 124.38
C SER D 463 0.11 51.30 124.60
N ASN D 464 0.17 50.56 123.50
CA ASN D 464 0.22 49.11 123.55
C ASN D 464 1.58 48.61 124.03
N GLU D 465 2.57 49.50 124.04
CA GLU D 465 3.88 49.17 124.58
C GLU D 465 3.95 49.51 126.08
N LEU D 466 2.79 49.81 126.65
CA LEU D 466 2.66 50.21 128.05
C LEU D 466 3.50 51.43 128.39
N LYS D 467 3.54 52.39 127.47
CA LYS D 467 4.20 53.67 127.72
C LYS D 467 3.22 54.82 127.54
N CYS D 468 3.44 55.91 128.26
CA CYS D 468 2.57 57.08 128.17
C CYS D 468 2.94 57.95 126.99
N VAL D 469 1.98 58.16 126.09
CA VAL D 469 2.15 59.09 124.99
C VAL D 469 1.55 60.45 125.37
N CYS D 470 2.42 61.38 125.78
CA CYS D 470 1.98 62.69 126.26
C CYS D 470 1.39 63.57 125.17
N ASN D 471 0.49 64.46 125.55
CA ASN D 471 -0.03 65.47 124.63
C ASN D 471 1.00 66.55 124.35
N ARG D 472 0.67 67.49 123.47
CA ARG D 472 1.58 68.57 123.13
C ARG D 472 1.87 69.40 124.37
N HIS D 473 3.09 69.92 124.45
CA HIS D 473 3.56 70.73 125.57
C HIS D 473 3.60 69.95 126.88
N TRP D 474 3.59 68.62 126.78
CA TRP D 474 3.73 67.75 127.94
C TRP D 474 4.83 66.71 127.72
N ILE D 475 5.68 66.51 128.74
CA ILE D 475 6.76 65.54 128.66
C ILE D 475 6.80 64.67 129.92
N GLY D 476 7.77 63.76 129.98
CA GLY D 476 7.91 62.89 131.13
C GLY D 476 7.30 61.52 130.93
N SER D 477 7.79 60.52 131.66
CA SER D 477 7.29 59.16 131.55
C SER D 477 5.87 59.04 132.13
N ASP D 478 5.50 59.99 132.97
CA ASP D 478 4.17 60.01 133.56
C ASP D 478 3.35 61.17 133.01
N CYS D 479 3.95 61.90 132.07
CA CYS D 479 3.30 63.04 131.42
C CYS D 479 2.83 64.09 132.43
N ASN D 480 3.64 64.31 133.47
CA ASN D 480 3.29 65.27 134.51
C ASN D 480 4.05 66.60 134.37
N THR D 481 5.16 66.57 133.66
CA THR D 481 5.98 67.76 133.45
C THR D 481 5.50 68.58 132.25
N TYR D 482 5.32 69.88 132.46
CA TYR D 482 4.83 70.76 131.41
C TYR D 482 5.99 71.43 130.68
N PHE D 483 5.94 71.43 129.35
CA PHE D 483 7.02 72.00 128.54
C PHE D 483 6.45 72.95 127.49
N PRO D 484 6.54 74.26 127.75
CA PRO D 484 5.94 75.27 126.86
C PRO D 484 6.87 75.72 125.72
N HIS D 485 6.39 75.60 124.49
CA HIS D 485 7.18 76.01 123.34
C HIS D 485 6.25 76.27 122.14
N ASN D 486 5.90 77.53 121.92
CA ASN D 486 5.06 77.90 120.78
C ASN D 486 5.55 77.33 119.45
N ASN E 1 -8.27 -1.18 -103.35
CA ASN E 1 -8.46 0.23 -103.65
C ASN E 1 -9.81 0.74 -103.18
N VAL E 2 -10.46 1.59 -103.99
CA VAL E 2 -11.71 2.20 -103.60
C VAL E 2 -12.90 1.47 -104.21
N GLU E 3 -12.64 0.65 -105.23
CA GLU E 3 -13.71 -0.09 -105.89
C GLU E 3 -13.69 -1.57 -105.51
N GLU E 4 -12.60 -2.00 -104.87
CA GLU E 4 -12.52 -3.38 -104.38
C GLU E 4 -13.04 -3.47 -102.95
N GLU E 5 -13.30 -2.32 -102.34
CA GLU E 5 -13.88 -2.29 -101.00
C GLU E 5 -15.37 -2.54 -101.08
N THR E 6 -15.95 -3.02 -99.97
CA THR E 6 -17.39 -3.17 -99.89
C THR E 6 -17.96 -1.85 -99.40
N LYS E 7 -18.86 -1.27 -100.20
CA LYS E 7 -19.48 0.00 -99.83
C LYS E 7 -20.75 -0.27 -99.05
N TYR E 8 -21.14 0.69 -98.23
CA TYR E 8 -22.35 0.56 -97.42
C TYR E 8 -23.16 1.84 -97.54
N ILE E 9 -24.38 1.71 -98.04
CA ILE E 9 -25.28 2.86 -98.13
C ILE E 9 -26.19 2.87 -96.91
N GLU E 10 -25.90 3.76 -95.97
CA GLU E 10 -26.72 3.92 -94.78
C GLU E 10 -28.04 4.62 -95.17
N LEU E 11 -29.13 3.87 -95.31
CA LEU E 11 -30.38 4.40 -95.87
C LEU E 11 -31.46 4.69 -94.83
N MET E 12 -32.16 5.81 -95.02
CA MET E 12 -33.35 6.14 -94.25
C MET E 12 -34.59 6.16 -95.14
N ILE E 13 -35.67 5.57 -94.66
CA ILE E 13 -36.92 5.51 -95.40
C ILE E 13 -38.01 6.34 -94.73
N VAL E 14 -38.68 7.18 -95.51
CA VAL E 14 -39.82 7.94 -95.01
C VAL E 14 -41.08 7.46 -95.72
N ASN E 15 -42.05 6.96 -94.95
CA ASN E 15 -43.34 6.55 -95.50
C ASN E 15 -44.36 7.66 -95.38
N ASP E 16 -44.89 8.12 -96.51
CA ASP E 16 -45.88 9.19 -96.49
C ASP E 16 -47.22 8.64 -96.03
N HIS E 17 -48.23 9.49 -95.98
CA HIS E 17 -49.53 9.11 -95.44
C HIS E 17 -50.23 8.07 -96.29
N LEU E 18 -50.08 8.17 -97.61
CA LEU E 18 -50.76 7.26 -98.52
C LEU E 18 -50.15 5.87 -98.44
N MET E 19 -48.85 5.81 -98.18
CA MET E 19 -48.18 4.53 -98.01
C MET E 19 -48.73 3.85 -96.76
N PHE E 20 -49.05 4.67 -95.76
CA PHE E 20 -49.62 4.18 -94.51
C PHE E 20 -51.04 3.63 -94.72
N LYS E 21 -51.81 4.32 -95.57
CA LYS E 21 -53.16 3.87 -95.87
C LYS E 21 -53.14 2.58 -96.66
N LYS E 22 -52.14 2.42 -97.53
CA LYS E 22 -52.00 1.23 -98.34
C LYS E 22 -51.80 -0.01 -97.47
N HIS E 23 -51.23 0.18 -96.29
CA HIS E 23 -51.03 -0.94 -95.38
C HIS E 23 -52.06 -0.93 -94.26
N ARG E 24 -53.25 -0.43 -94.58
CA ARG E 24 -54.40 -0.46 -93.70
C ARG E 24 -54.12 0.19 -92.34
N LEU E 25 -53.44 1.34 -92.38
CA LEU E 25 -53.12 2.13 -91.19
C LEU E 25 -52.33 1.33 -90.15
N SER E 26 -51.47 0.43 -90.60
CA SER E 26 -50.70 -0.41 -89.69
C SER E 26 -49.21 -0.06 -89.71
N VAL E 27 -48.67 0.25 -88.53
CA VAL E 27 -47.28 0.65 -88.42
C VAL E 27 -46.34 -0.54 -88.64
N VAL E 28 -46.65 -1.66 -88.00
CA VAL E 28 -45.80 -2.84 -88.09
C VAL E 28 -45.79 -3.40 -89.51
N HIS E 29 -46.90 -3.20 -90.23
CA HIS E 29 -46.99 -3.67 -91.61
C HIS E 29 -46.22 -2.75 -92.56
N THR E 30 -46.27 -1.45 -92.31
CA THR E 30 -45.52 -0.49 -93.14
C THR E 30 -44.03 -0.71 -92.98
N ASN E 31 -43.58 -1.01 -91.76
CA ASN E 31 -42.16 -1.21 -91.49
C ASN E 31 -41.63 -2.46 -92.18
N THR E 32 -42.30 -3.58 -91.99
CA THR E 32 -41.86 -4.84 -92.58
C THR E 32 -41.93 -4.80 -94.09
N TYR E 33 -42.92 -4.08 -94.63
CA TYR E 33 -43.05 -3.96 -96.06
C TYR E 33 -41.88 -3.17 -96.64
N ALA E 34 -41.52 -2.08 -95.99
CA ALA E 34 -40.41 -1.24 -96.44
C ALA E 34 -39.08 -1.97 -96.30
N LYS E 35 -38.93 -2.72 -95.21
CA LYS E 35 -37.73 -3.52 -95.01
C LYS E 35 -37.57 -4.56 -96.10
N SER E 36 -38.69 -5.14 -96.55
CA SER E 36 -38.64 -6.12 -97.63
C SER E 36 -38.11 -5.51 -98.91
N VAL E 37 -38.59 -4.31 -99.23
CA VAL E 37 -38.17 -3.61 -100.42
C VAL E 37 -36.68 -3.32 -100.37
N VAL E 38 -36.22 -2.82 -99.22
CA VAL E 38 -34.80 -2.51 -99.03
C VAL E 38 -33.97 -3.78 -99.10
N ASN E 39 -34.44 -4.82 -98.43
CA ASN E 39 -33.73 -6.09 -98.40
C ASN E 39 -33.52 -6.67 -99.79
N MET E 40 -34.57 -6.63 -100.62
CA MET E 40 -34.49 -7.16 -101.98
C MET E 40 -33.62 -6.28 -102.85
N ALA E 41 -33.66 -4.98 -102.62
CA ALA E 41 -32.79 -4.06 -103.34
C ALA E 41 -31.34 -4.32 -102.95
N ASP E 42 -31.14 -4.70 -101.69
CA ASP E 42 -29.81 -5.00 -101.18
C ASP E 42 -29.19 -6.18 -101.92
N LEU E 43 -29.97 -7.26 -102.07
CA LEU E 43 -29.50 -8.46 -102.74
C LEU E 43 -29.08 -8.16 -104.17
N ILE E 44 -29.74 -7.18 -104.79
CA ILE E 44 -29.37 -6.71 -106.11
C ILE E 44 -28.01 -6.00 -106.07
N TYR E 45 -27.88 -5.08 -105.12
CA TYR E 45 -26.66 -4.30 -104.96
C TYR E 45 -25.48 -5.15 -104.45
N LYS E 46 -25.75 -6.02 -103.49
CA LYS E 46 -24.73 -6.86 -102.87
C LYS E 46 -24.02 -7.73 -103.90
N ASP E 47 -24.77 -8.21 -104.89
CA ASP E 47 -24.27 -9.16 -105.87
C ASP E 47 -23.35 -8.50 -106.90
N GLN E 48 -23.74 -7.32 -107.37
CA GLN E 48 -23.07 -6.70 -108.51
C GLN E 48 -22.22 -5.47 -108.20
N LEU E 49 -22.76 -4.55 -107.41
CA LEU E 49 -22.08 -3.29 -107.13
C LEU E 49 -21.14 -3.39 -105.94
N LYS E 50 -21.12 -4.56 -105.30
CA LYS E 50 -20.34 -4.78 -104.08
C LYS E 50 -20.70 -3.73 -103.03
N THR E 51 -21.99 -3.42 -102.96
CA THR E 51 -22.49 -2.39 -102.06
C THR E 51 -23.70 -2.91 -101.29
N ARG E 52 -23.78 -2.59 -100.00
CA ARG E 52 -24.89 -3.05 -99.19
C ARG E 52 -25.88 -1.92 -98.95
N ILE E 53 -27.17 -2.23 -99.01
CA ILE E 53 -28.19 -1.27 -98.66
C ILE E 53 -28.67 -1.57 -97.25
N VAL E 54 -28.28 -0.73 -96.30
CA VAL E 54 -28.62 -0.95 -94.90
C VAL E 54 -29.60 0.09 -94.38
N LEU E 55 -30.76 -0.38 -93.92
CA LEU E 55 -31.77 0.48 -93.32
C LEU E 55 -31.34 0.91 -91.91
N VAL E 56 -31.13 2.21 -91.72
CA VAL E 56 -30.61 2.70 -90.44
C VAL E 56 -31.62 3.55 -89.67
N ALA E 57 -32.64 4.03 -90.37
CA ALA E 57 -33.67 4.87 -89.75
C ALA E 57 -34.94 4.86 -90.59
N MET E 58 -36.07 5.11 -89.95
CA MET E 58 -37.36 5.16 -90.63
C MET E 58 -38.39 5.92 -89.81
N GLU E 59 -39.23 6.69 -90.49
CA GLU E 59 -40.37 7.33 -89.85
C GLU E 59 -41.58 7.25 -90.79
N THR E 60 -42.77 7.25 -90.21
CA THR E 60 -43.99 7.09 -90.98
C THR E 60 -45.01 8.18 -90.65
N TRP E 61 -45.51 8.84 -91.69
CA TRP E 61 -46.48 9.92 -91.50
C TRP E 61 -47.88 9.36 -91.26
N ALA E 62 -48.15 8.99 -90.02
CA ALA E 62 -49.40 8.32 -89.65
C ALA E 62 -50.58 9.30 -89.57
N THR E 63 -50.29 10.54 -89.21
CA THR E 63 -51.34 11.54 -89.05
C THR E 63 -51.76 12.12 -90.41
N ASP E 64 -50.80 12.75 -91.09
CA ASP E 64 -51.05 13.35 -92.40
C ASP E 64 -49.72 13.66 -93.10
N ASN E 65 -49.81 14.08 -94.36
CA ASN E 65 -48.63 14.48 -95.11
C ASN E 65 -48.04 15.77 -94.57
N LYS E 66 -46.71 15.84 -94.50
CA LYS E 66 -46.03 17.05 -94.03
C LYS E 66 -46.03 18.13 -95.11
N PHE E 67 -46.19 17.72 -96.35
CA PHE E 67 -46.33 18.64 -97.46
C PHE E 67 -47.15 18.01 -98.58
N ALA E 68 -47.54 18.81 -99.56
CA ALA E 68 -48.38 18.33 -100.66
C ALA E 68 -47.57 17.52 -101.66
N ILE E 69 -47.94 16.26 -101.83
CA ILE E 69 -47.29 15.39 -102.80
C ILE E 69 -47.81 15.68 -104.21
N SER E 70 -46.88 15.93 -105.13
CA SER E 70 -47.25 16.26 -106.50
C SER E 70 -47.20 15.03 -107.40
N GLU E 71 -47.99 15.05 -108.47
CA GLU E 71 -47.95 13.96 -109.45
C GLU E 71 -46.61 13.93 -110.18
N ASN E 72 -45.94 15.08 -110.20
CA ASN E 72 -44.61 15.19 -110.76
C ASN E 72 -43.59 14.77 -109.71
N PRO E 73 -42.82 13.72 -110.02
CA PRO E 73 -41.84 13.17 -109.06
C PRO E 73 -40.71 14.15 -108.74
N LEU E 74 -40.32 14.97 -109.71
CA LEU E 74 -39.27 15.95 -109.51
C LEU E 74 -39.72 17.02 -108.52
N ILE E 75 -40.97 17.45 -108.65
CA ILE E 75 -41.54 18.42 -107.71
C ILE E 75 -41.61 17.81 -106.32
N THR E 76 -42.07 16.57 -106.25
CA THR E 76 -42.17 15.86 -104.99
C THR E 76 -40.80 15.70 -104.34
N LEU E 77 -39.80 15.36 -105.17
CA LEU E 77 -38.43 15.19 -104.69
C LEU E 77 -37.92 16.44 -103.98
N ARG E 78 -38.20 17.59 -104.58
CA ARG E 78 -37.68 18.87 -104.09
C ARG E 78 -38.26 19.21 -102.74
N GLU E 79 -39.58 19.09 -102.63
CA GLU E 79 -40.26 19.40 -101.37
C GLU E 79 -39.84 18.43 -100.27
N PHE E 80 -39.52 17.20 -100.66
CA PHE E 80 -39.11 16.19 -99.70
C PHE E 80 -37.72 16.48 -99.14
N MET E 81 -36.81 16.91 -99.99
CA MET E 81 -35.46 17.22 -99.54
C MET E 81 -35.43 18.49 -98.70
N LYS E 82 -36.39 19.39 -98.93
CA LYS E 82 -36.54 20.56 -98.09
C LYS E 82 -37.01 20.12 -96.71
N TYR E 83 -37.90 19.14 -96.67
CA TYR E 83 -38.43 18.63 -95.42
C TYR E 83 -37.33 17.94 -94.62
N ARG E 84 -36.49 17.18 -95.33
CA ARG E 84 -35.35 16.49 -94.75
C ARG E 84 -34.36 17.46 -94.09
N ARG E 85 -34.16 18.58 -94.75
CA ARG E 85 -33.25 19.62 -94.30
C ARG E 85 -33.69 20.25 -92.98
N ASP E 86 -34.99 20.46 -92.84
CA ASP E 86 -35.51 21.22 -91.71
C ASP E 86 -36.05 20.36 -90.58
N PHE E 87 -36.47 19.14 -90.87
CA PHE E 87 -37.15 18.34 -89.85
C PHE E 87 -36.44 17.01 -89.54
N ILE E 88 -35.76 16.44 -90.53
CA ILE E 88 -35.04 15.18 -90.30
C ILE E 88 -33.65 15.46 -89.75
N LYS E 89 -33.33 14.89 -88.59
CA LYS E 89 -32.07 15.15 -87.94
C LYS E 89 -31.27 13.87 -87.66
N GLU E 90 -31.79 12.74 -88.13
CA GLU E 90 -31.02 11.50 -88.01
C GLU E 90 -30.01 11.34 -89.15
N LYS E 91 -28.92 10.65 -88.85
CA LYS E 91 -27.83 10.54 -89.79
C LYS E 91 -28.04 9.39 -90.76
N SER E 92 -27.82 9.66 -92.03
CA SER E 92 -27.96 8.67 -93.08
C SER E 92 -27.23 9.11 -94.35
N ASP E 93 -26.78 8.15 -95.14
CA ASP E 93 -26.04 8.46 -96.36
C ASP E 93 -27.03 8.93 -97.42
N ALA E 94 -28.29 8.48 -97.31
CA ALA E 94 -29.34 8.89 -98.24
C ALA E 94 -30.73 8.73 -97.61
N VAL E 95 -31.63 9.66 -97.92
CA VAL E 95 -33.01 9.57 -97.43
C VAL E 95 -34.00 9.48 -98.59
N HIS E 96 -34.73 8.36 -98.66
CA HIS E 96 -35.66 8.11 -99.75
C HIS E 96 -37.11 8.03 -99.29
N LEU E 97 -38.00 8.62 -100.09
CA LEU E 97 -39.43 8.63 -99.79
C LEU E 97 -40.17 7.45 -100.43
N PHE E 98 -40.92 6.71 -99.61
CA PHE E 98 -41.82 5.69 -100.12
C PHE E 98 -43.23 6.27 -100.21
N SER E 99 -43.68 6.55 -101.43
CA SER E 99 -44.99 7.16 -101.64
C SER E 99 -46.03 6.13 -102.01
N GLY E 100 -47.20 6.21 -101.36
CA GLY E 100 -48.30 5.32 -101.67
C GLY E 100 -48.97 5.73 -102.97
N SER E 101 -48.68 6.93 -103.45
CA SER E 101 -49.27 7.41 -104.69
C SER E 101 -48.54 6.88 -105.91
N GLN E 102 -49.01 7.26 -107.08
CA GLN E 102 -48.38 6.88 -108.33
C GLN E 102 -48.11 8.14 -109.17
N PHE E 103 -46.89 8.25 -109.67
CA PHE E 103 -46.49 9.45 -110.39
C PHE E 103 -46.97 9.47 -111.83
N GLU E 104 -47.20 10.66 -112.35
CA GLU E 104 -47.67 10.84 -113.72
C GLU E 104 -46.51 11.09 -114.67
N SER E 105 -45.38 10.48 -114.37
CA SER E 105 -44.21 10.59 -115.23
C SER E 105 -43.87 9.25 -115.88
N SER E 106 -42.84 9.27 -116.72
CA SER E 106 -42.36 8.08 -117.39
C SER E 106 -41.52 7.22 -116.44
N ARG E 107 -41.07 7.83 -115.36
CA ARG E 107 -40.25 7.11 -114.40
C ARG E 107 -41.04 6.78 -113.12
N SER E 108 -40.74 5.66 -112.50
CA SER E 108 -41.44 5.27 -111.28
C SER E 108 -40.85 5.96 -110.05
N GLY E 109 -39.83 6.78 -110.28
CA GLY E 109 -39.21 7.52 -109.20
C GLY E 109 -38.23 8.56 -109.70
N ALA E 110 -37.65 9.31 -108.77
CA ALA E 110 -36.69 10.34 -109.11
C ALA E 110 -35.64 10.47 -108.02
N ALA E 111 -34.41 10.76 -108.43
CA ALA E 111 -33.32 10.89 -107.48
C ALA E 111 -32.20 11.73 -108.07
N TYR E 112 -31.59 12.58 -107.23
CA TYR E 112 -30.50 13.43 -107.69
C TYR E 112 -29.25 12.61 -108.01
N ILE E 113 -28.62 12.94 -109.15
CA ILE E 113 -27.42 12.26 -109.59
C ILE E 113 -26.21 12.72 -108.80
N GLY E 114 -25.44 11.76 -108.28
CA GLY E 114 -24.28 12.05 -107.45
C GLY E 114 -24.67 12.63 -106.11
N GLY E 115 -25.86 12.29 -105.65
CA GLY E 115 -26.44 12.93 -104.48
C GLY E 115 -26.06 12.37 -103.12
N ILE E 116 -25.58 11.13 -103.05
CA ILE E 116 -25.28 10.53 -101.75
C ILE E 116 -24.27 11.37 -100.97
N CYS E 117 -24.34 11.24 -99.65
CA CYS E 117 -23.48 11.97 -98.70
C CYS E 117 -23.83 13.46 -98.59
N SER E 118 -24.81 13.90 -99.36
CA SER E 118 -25.24 15.29 -99.32
C SER E 118 -26.52 15.49 -98.51
N LEU E 119 -26.75 16.72 -98.06
CA LEU E 119 -27.91 17.02 -97.23
C LEU E 119 -29.12 17.40 -98.08
N LEU E 120 -28.84 18.10 -99.19
CA LEU E 120 -29.91 18.56 -100.07
C LEU E 120 -30.11 17.66 -101.28
N LYS E 121 -29.04 16.97 -101.69
CA LYS E 121 -29.11 16.10 -102.87
C LYS E 121 -29.14 14.62 -102.48
N GLY E 122 -28.86 14.33 -101.21
CA GLY E 122 -28.78 12.96 -100.73
C GLY E 122 -30.13 12.32 -100.50
N GLY E 123 -30.84 12.03 -101.58
CA GLY E 123 -32.14 11.42 -101.46
C GLY E 123 -32.85 11.17 -102.77
N GLY E 124 -34.01 10.54 -102.69
CA GLY E 124 -34.82 10.26 -103.86
C GLY E 124 -36.25 9.95 -103.46
N VAL E 125 -37.11 9.80 -104.45
CA VAL E 125 -38.51 9.46 -104.18
C VAL E 125 -38.95 8.25 -105.01
N ASN E 126 -39.71 7.36 -104.38
CA ASN E 126 -40.13 6.12 -105.04
C ASN E 126 -41.63 5.88 -104.86
N GLU E 127 -42.31 5.53 -105.94
CA GLU E 127 -43.75 5.31 -105.89
C GLU E 127 -44.07 3.89 -105.42
N PHE E 128 -45.29 3.69 -104.97
CA PHE E 128 -45.70 2.39 -104.47
C PHE E 128 -45.83 1.34 -105.58
N GLY E 129 -45.60 0.08 -105.19
CA GLY E 129 -45.79 -1.06 -106.07
C GLY E 129 -45.60 -2.31 -105.22
N LYS E 130 -45.69 -3.46 -105.85
CA LYS E 130 -45.40 -4.71 -105.15
C LYS E 130 -43.92 -4.77 -104.76
N THR E 131 -43.63 -5.58 -103.75
CA THR E 131 -42.31 -5.68 -103.15
C THR E 131 -41.17 -5.82 -104.15
N ASP E 132 -41.31 -6.78 -105.08
CA ASP E 132 -40.26 -7.02 -106.07
C ASP E 132 -40.04 -5.82 -106.98
N LEU E 133 -41.14 -5.15 -107.34
CA LEU E 133 -41.08 -4.01 -108.24
C LEU E 133 -40.45 -2.78 -107.59
N MET E 134 -40.86 -2.48 -106.36
CA MET E 134 -40.36 -1.29 -105.69
C MET E 134 -38.87 -1.41 -105.37
N ALA E 135 -38.40 -2.64 -105.20
CA ALA E 135 -36.98 -2.87 -104.96
C ALA E 135 -36.16 -2.41 -106.16
N VAL E 136 -36.64 -2.71 -107.35
CA VAL E 136 -36.00 -2.26 -108.59
C VAL E 136 -36.05 -0.74 -108.68
N THR E 137 -37.19 -0.17 -108.32
CA THR E 137 -37.38 1.28 -108.30
C THR E 137 -36.39 1.92 -107.33
N LEU E 138 -36.25 1.32 -106.16
CA LEU E 138 -35.31 1.81 -105.16
C LEU E 138 -33.88 1.66 -105.68
N ALA E 139 -33.62 0.57 -106.39
CA ALA E 139 -32.29 0.30 -106.93
C ALA E 139 -31.86 1.37 -107.93
N GLN E 140 -32.76 1.73 -108.84
CA GLN E 140 -32.44 2.72 -109.87
C GLN E 140 -32.41 4.14 -109.31
N SER E 141 -33.14 4.38 -108.23
CA SER E 141 -33.10 5.68 -107.55
C SER E 141 -31.77 5.85 -106.82
N LEU E 142 -31.40 4.82 -106.05
CA LEU E 142 -30.11 4.82 -105.36
C LEU E 142 -28.95 4.78 -106.35
N ALA E 143 -29.19 4.23 -107.53
CA ALA E 143 -28.21 4.20 -108.60
C ALA E 143 -27.85 5.61 -109.04
N HIS E 144 -28.87 6.46 -109.18
CA HIS E 144 -28.63 7.86 -109.51
C HIS E 144 -27.76 8.55 -108.48
N ASN E 145 -28.09 8.40 -107.20
CA ASN E 145 -27.30 9.00 -106.13
C ASN E 145 -25.85 8.56 -106.15
N ILE E 146 -25.61 7.26 -106.35
CA ILE E 146 -24.25 6.74 -106.32
C ILE E 146 -23.53 7.02 -107.64
N GLY E 147 -24.24 7.60 -108.61
CA GLY E 147 -23.60 8.05 -109.83
C GLY E 147 -23.90 7.25 -111.08
N ILE E 148 -24.73 6.22 -110.94
CA ILE E 148 -25.05 5.38 -112.09
C ILE E 148 -26.14 6.00 -112.94
N ILE E 149 -25.76 6.41 -114.15
CA ILE E 149 -26.71 6.91 -115.13
C ILE E 149 -26.47 6.20 -116.45
N SER E 150 -27.54 5.79 -117.11
CA SER E 150 -27.43 5.11 -118.39
C SER E 150 -26.96 6.09 -119.45
N ASP E 151 -25.68 5.99 -119.84
CA ASP E 151 -25.06 6.92 -120.79
C ASP E 151 -25.80 6.88 -122.12
N LYS E 152 -26.56 7.94 -122.40
CA LYS E 152 -27.38 8.00 -123.59
C LYS E 152 -26.49 8.07 -124.84
N ARG E 153 -25.32 8.67 -124.69
CA ARG E 153 -24.37 8.76 -125.78
C ARG E 153 -23.84 7.39 -126.13
N LYS E 154 -23.55 6.55 -125.13
CA LYS E 154 -23.06 5.18 -125.35
C LYS E 154 -24.19 4.16 -125.68
N LEU E 155 -25.41 4.50 -125.29
CA LEU E 155 -26.59 3.69 -125.61
C LEU E 155 -26.95 3.77 -127.10
N ALA E 156 -27.04 5.00 -127.61
CA ALA E 156 -27.39 5.29 -129.01
C ALA E 156 -26.31 4.82 -130.00
N SER E 157 -25.05 4.97 -129.59
CA SER E 157 -23.87 4.58 -130.36
C SER E 157 -23.73 3.06 -130.37
N GLY E 158 -24.29 2.42 -129.35
CA GLY E 158 -24.20 0.98 -129.23
C GLY E 158 -22.97 0.52 -128.46
N GLU E 159 -22.29 1.49 -127.84
CA GLU E 159 -21.11 1.22 -127.04
C GLU E 159 -21.47 0.45 -125.78
N CYS E 160 -22.60 0.79 -125.19
CA CYS E 160 -23.12 0.09 -124.03
C CYS E 160 -24.51 -0.50 -124.30
N LYS E 161 -24.63 -1.81 -124.10
CA LYS E 161 -25.89 -2.51 -124.29
C LYS E 161 -26.17 -3.55 -123.21
N CYS E 162 -27.45 -3.73 -122.89
CA CYS E 162 -27.88 -4.75 -121.93
C CYS E 162 -27.94 -6.13 -122.59
N GLU E 163 -27.12 -7.06 -122.09
CA GLU E 163 -27.02 -8.39 -122.68
C GLU E 163 -28.22 -9.27 -122.34
N ASP E 164 -29.03 -8.83 -121.38
CA ASP E 164 -30.20 -9.57 -120.99
C ASP E 164 -31.36 -9.23 -121.92
N THR E 165 -31.75 -10.19 -122.75
CA THR E 165 -32.75 -9.94 -123.78
C THR E 165 -34.20 -9.93 -123.26
N TRP E 166 -34.46 -10.70 -122.20
CA TRP E 166 -35.83 -10.92 -121.72
C TRP E 166 -36.25 -9.97 -120.58
N SER E 167 -35.45 -9.93 -119.51
CA SER E 167 -35.80 -9.13 -118.33
C SER E 167 -35.27 -7.70 -118.41
N GLY E 168 -34.32 -7.46 -119.31
CA GLY E 168 -33.72 -6.15 -119.47
C GLY E 168 -32.83 -5.84 -118.30
N CYS E 169 -32.48 -4.57 -118.14
CA CYS E 169 -31.63 -4.12 -117.04
C CYS E 169 -32.28 -3.02 -116.21
N ILE E 170 -31.73 -2.80 -115.02
CA ILE E 170 -32.32 -1.91 -114.02
C ILE E 170 -32.53 -0.48 -114.50
N MET E 171 -31.54 0.08 -115.19
CA MET E 171 -31.63 1.47 -115.63
C MET E 171 -32.50 1.63 -116.89
N GLY E 172 -33.08 0.52 -117.35
CA GLY E 172 -33.98 0.54 -118.49
C GLY E 172 -35.43 0.66 -118.06
N ASP E 173 -36.33 0.79 -119.04
CA ASP E 173 -37.76 0.85 -118.76
C ASP E 173 -38.25 -0.44 -118.12
N THR E 174 -38.94 -0.32 -116.99
CA THR E 174 -39.37 -1.49 -116.25
C THR E 174 -40.74 -1.95 -116.69
N GLY E 175 -40.90 -3.26 -116.84
CA GLY E 175 -42.18 -3.86 -117.17
C GLY E 175 -42.55 -4.94 -116.18
N TYR E 176 -43.43 -5.84 -116.58
CA TYR E 176 -43.87 -6.93 -115.71
C TYR E 176 -42.72 -7.84 -115.32
N TYR E 177 -41.98 -8.30 -116.33
CA TYR E 177 -40.79 -9.10 -116.08
C TYR E 177 -39.64 -8.19 -115.64
N LEU E 178 -39.35 -8.21 -114.34
CA LEU E 178 -38.41 -7.26 -113.73
C LEU E 178 -36.96 -7.60 -114.01
N PRO E 179 -36.12 -6.56 -114.20
CA PRO E 179 -34.69 -6.76 -114.39
C PRO E 179 -34.03 -7.16 -113.09
N LYS E 180 -32.81 -7.69 -113.16
CA LYS E 180 -32.12 -8.14 -111.96
C LYS E 180 -30.67 -7.67 -111.95
N LYS E 181 -30.19 -7.22 -113.11
CA LYS E 181 -28.76 -6.94 -113.29
C LYS E 181 -28.46 -5.56 -113.85
N PHE E 182 -27.33 -5.01 -113.41
CA PHE E 182 -26.76 -3.82 -114.02
C PHE E 182 -25.91 -4.23 -115.21
N THR E 183 -25.73 -3.31 -116.15
CA THR E 183 -24.83 -3.54 -117.28
C THR E 183 -23.40 -3.34 -116.82
N GLN E 184 -22.44 -3.84 -117.60
CA GLN E 184 -21.03 -3.63 -117.28
C GLN E 184 -20.68 -2.15 -117.37
N CYS E 185 -21.40 -1.44 -118.24
CA CYS E 185 -21.21 0.00 -118.40
C CYS E 185 -21.62 0.74 -117.14
N ASN E 186 -22.69 0.27 -116.48
CA ASN E 186 -23.15 0.86 -115.23
C ASN E 186 -22.14 0.72 -114.10
N ILE E 187 -21.49 -0.45 -114.04
CA ILE E 187 -20.48 -0.70 -113.03
C ILE E 187 -19.32 0.29 -113.17
N GLU E 188 -18.89 0.53 -114.40
CA GLU E 188 -17.77 1.43 -114.66
C GLU E 188 -18.13 2.85 -114.25
N GLU E 189 -19.38 3.23 -114.47
CA GLU E 189 -19.86 4.55 -114.09
C GLU E 189 -19.78 4.73 -112.59
N TYR E 190 -20.12 3.67 -111.87
CA TYR E 190 -20.06 3.66 -110.42
C TYR E 190 -18.62 3.73 -109.93
N HIS E 191 -17.74 2.99 -110.60
CA HIS E 191 -16.32 3.01 -110.28
C HIS E 191 -15.69 4.37 -110.54
N ASP E 192 -16.07 4.98 -111.66
CA ASP E 192 -15.57 6.30 -112.04
C ASP E 192 -16.00 7.34 -111.01
N PHE E 193 -17.20 7.17 -110.45
CA PHE E 193 -17.73 8.09 -109.47
C PHE E 193 -16.93 8.04 -108.17
N LEU E 194 -16.56 6.83 -107.76
CA LEU E 194 -15.76 6.66 -106.56
C LEU E 194 -14.35 7.19 -106.77
N ASN E 195 -13.78 6.92 -107.95
CA ASN E 195 -12.44 7.38 -108.28
C ASN E 195 -12.40 8.89 -108.46
N SER E 196 -13.56 9.50 -108.68
CA SER E 196 -13.68 10.94 -108.83
C SER E 196 -13.80 11.62 -107.47
N GLY E 197 -13.90 10.83 -106.41
CA GLY E 197 -14.00 11.36 -105.07
C GLY E 197 -15.39 11.36 -104.49
N GLY E 198 -16.32 10.68 -105.16
CA GLY E 198 -17.70 10.62 -104.72
C GLY E 198 -17.96 9.42 -103.82
N GLY E 199 -19.04 9.50 -103.04
CA GLY E 199 -19.42 8.41 -102.15
C GLY E 199 -18.48 8.19 -100.97
N ALA E 200 -18.02 9.26 -100.35
CA ALA E 200 -17.10 9.16 -99.21
C ALA E 200 -17.76 8.57 -97.95
N CYS E 201 -19.04 8.83 -97.75
CA CYS E 201 -19.78 8.40 -96.54
C CYS E 201 -20.24 6.93 -96.59
N LEU E 202 -19.76 6.24 -97.61
CA LEU E 202 -20.19 4.87 -97.94
C LEU E 202 -19.21 3.82 -97.45
N PHE E 203 -18.21 4.24 -96.67
CA PHE E 203 -17.14 3.32 -96.27
C PHE E 203 -17.18 3.03 -94.78
N ASN E 204 -18.18 3.57 -94.10
CA ASN E 204 -18.46 3.20 -92.71
C ASN E 204 -19.35 1.97 -92.68
N LYS E 205 -18.88 0.90 -92.05
CA LYS E 205 -19.67 -0.32 -91.99
C LYS E 205 -20.57 -0.31 -90.76
N PRO E 206 -21.89 -0.35 -90.99
CA PRO E 206 -22.91 -0.38 -89.92
C PRO E 206 -22.77 -1.62 -89.05
N SER E 207 -23.11 -1.50 -87.78
CA SER E 207 -22.98 -2.62 -86.85
C SER E 207 -24.34 -3.13 -86.40
N LYS E 208 -25.00 -2.36 -85.54
CA LYS E 208 -26.31 -2.74 -85.01
C LYS E 208 -27.42 -2.34 -85.98
N LEU E 209 -28.15 -3.33 -86.47
CA LEU E 209 -29.23 -3.09 -87.43
C LEU E 209 -30.57 -2.82 -86.74
N LEU E 210 -31.63 -2.70 -87.53
CA LEU E 210 -32.98 -2.52 -86.99
C LEU E 210 -33.72 -3.84 -86.85
N ASP E 211 -32.99 -4.95 -86.91
CA ASP E 211 -33.59 -6.28 -86.87
C ASP E 211 -32.92 -7.15 -85.81
N PRO E 212 -33.56 -8.25 -85.41
CA PRO E 212 -32.92 -9.20 -84.50
C PRO E 212 -31.59 -9.71 -85.04
N PRO E 213 -30.60 -9.84 -84.15
CA PRO E 213 -29.25 -10.32 -84.50
C PRO E 213 -29.26 -11.67 -85.23
N GLU E 214 -28.48 -11.75 -86.30
CA GLU E 214 -28.38 -12.95 -87.10
C GLU E 214 -26.92 -13.24 -87.40
N CYS E 215 -26.42 -14.33 -86.84
CA CYS E 215 -25.05 -14.79 -87.10
C CYS E 215 -24.92 -15.34 -88.52
N GLY E 216 -24.13 -14.68 -89.35
CA GLY E 216 -23.95 -15.11 -90.72
C GLY E 216 -24.61 -14.13 -91.67
N ASN E 217 -24.64 -12.88 -91.24
CA ASN E 217 -25.24 -11.79 -92.00
C ASN E 217 -24.15 -10.86 -92.53
N GLY E 218 -22.96 -11.00 -91.97
CA GLY E 218 -21.83 -10.17 -92.34
C GLY E 218 -21.88 -8.85 -91.59
N PHE E 219 -22.56 -8.86 -90.45
CA PHE E 219 -22.66 -7.66 -89.62
C PHE E 219 -22.58 -8.00 -88.13
N ILE E 220 -21.70 -7.25 -87.46
CA ILE E 220 -21.46 -7.38 -86.03
C ILE E 220 -22.57 -6.72 -85.24
N GLU E 221 -23.53 -7.53 -84.81
CA GLU E 221 -24.69 -7.03 -84.09
C GLU E 221 -24.58 -7.24 -82.57
N THR E 222 -25.67 -6.98 -81.86
CA THR E 222 -25.65 -7.09 -80.40
C THR E 222 -25.45 -8.53 -79.96
N GLY E 223 -24.60 -8.73 -78.96
CA GLY E 223 -24.37 -10.06 -78.42
C GLY E 223 -23.21 -10.79 -79.09
N GLU E 224 -23.08 -10.61 -80.40
CA GLU E 224 -22.05 -11.29 -81.17
C GLU E 224 -20.79 -10.40 -81.19
N GLU E 225 -19.61 -11.02 -81.09
CA GLU E 225 -18.35 -10.26 -81.04
C GLU E 225 -17.83 -9.93 -82.45
N CYS E 226 -18.02 -10.86 -83.38
CA CYS E 226 -17.68 -10.64 -84.78
C CYS E 226 -18.67 -11.37 -85.67
N ASP E 227 -18.51 -11.20 -86.98
CA ASP E 227 -19.42 -11.81 -87.95
C ASP E 227 -18.82 -11.79 -89.36
N CYS E 228 -18.21 -12.90 -89.77
CA CYS E 228 -17.50 -13.01 -91.06
C CYS E 228 -18.29 -12.82 -92.37
N GLY E 229 -19.55 -13.26 -92.41
CA GLY E 229 -20.35 -13.15 -93.63
C GLY E 229 -21.15 -14.42 -93.82
N THR E 230 -20.71 -15.32 -94.69
CA THR E 230 -21.38 -16.61 -94.82
C THR E 230 -20.32 -17.69 -94.67
N PRO E 231 -20.70 -18.87 -94.18
CA PRO E 231 -19.74 -19.97 -93.99
C PRO E 231 -18.96 -20.28 -95.28
N ALA E 232 -19.57 -20.03 -96.44
CA ALA E 232 -18.85 -20.20 -97.70
C ALA E 232 -17.74 -19.16 -97.91
N GLU E 233 -18.11 -17.88 -97.76
CA GLU E 233 -17.16 -16.79 -97.96
C GLU E 233 -16.31 -16.44 -96.70
N CYS E 234 -16.68 -17.01 -95.56
CA CYS E 234 -15.90 -16.84 -94.32
C CYS E 234 -14.54 -17.57 -94.43
N VAL E 235 -14.53 -18.63 -95.22
CA VAL E 235 -13.35 -19.40 -95.50
C VAL E 235 -12.26 -18.49 -96.05
N LEU E 236 -12.64 -17.57 -96.94
CA LEU E 236 -11.70 -16.62 -97.54
C LEU E 236 -11.07 -15.71 -96.50
N GLU E 237 -11.90 -15.19 -95.60
CA GLU E 237 -11.44 -14.29 -94.56
C GLU E 237 -12.28 -14.37 -93.30
N GLY E 238 -11.64 -14.70 -92.18
CA GLY E 238 -12.31 -14.72 -90.90
C GLY E 238 -12.59 -16.11 -90.37
N ALA E 239 -12.28 -17.12 -91.17
CA ALA E 239 -12.53 -18.51 -90.78
C ALA E 239 -11.77 -18.90 -89.53
N GLU E 240 -10.46 -18.70 -89.54
CA GLU E 240 -9.61 -19.02 -88.40
C GLU E 240 -9.88 -18.09 -87.23
N CYS E 241 -10.31 -16.87 -87.54
CA CYS E 241 -10.45 -15.82 -86.54
C CYS E 241 -11.76 -15.95 -85.75
N CYS E 242 -12.84 -16.24 -86.46
CA CYS E 242 -14.16 -16.23 -85.83
C CYS E 242 -14.85 -17.60 -85.85
N LYS E 243 -15.36 -18.00 -84.70
CA LYS E 243 -16.11 -19.24 -84.57
C LYS E 243 -17.46 -19.00 -83.91
N LYS E 244 -18.53 -19.21 -84.68
CA LYS E 244 -19.89 -18.98 -84.19
C LYS E 244 -20.06 -17.58 -83.62
N CYS E 245 -19.64 -16.58 -84.39
CA CYS E 245 -19.73 -15.16 -84.01
C CYS E 245 -19.01 -14.86 -82.70
N THR E 246 -17.95 -15.59 -82.42
CA THR E 246 -17.15 -15.38 -81.21
C THR E 246 -15.66 -15.47 -81.50
N LEU E 247 -14.90 -14.51 -80.99
CA LEU E 247 -13.45 -14.47 -81.23
C LEU E 247 -12.75 -15.68 -80.61
N THR E 248 -11.78 -16.22 -81.35
CA THR E 248 -11.00 -17.38 -80.92
C THR E 248 -9.97 -17.01 -79.84
N GLN E 249 -9.16 -18.00 -79.46
CA GLN E 249 -8.17 -17.84 -78.40
C GLN E 249 -7.16 -16.74 -78.70
N ASP E 250 -6.60 -16.78 -79.90
CA ASP E 250 -5.56 -15.83 -80.29
C ASP E 250 -6.05 -14.91 -81.40
N SER E 251 -7.06 -14.10 -81.12
CA SER E 251 -7.60 -13.20 -82.13
C SER E 251 -8.14 -11.89 -81.55
N GLN E 252 -7.79 -10.78 -82.19
CA GLN E 252 -8.29 -9.47 -81.81
C GLN E 252 -9.43 -9.03 -82.73
N CYS E 253 -9.47 -9.61 -83.92
CA CYS E 253 -10.50 -9.29 -84.90
C CYS E 253 -10.80 -10.46 -85.82
N SER E 254 -11.74 -10.29 -86.73
CA SER E 254 -12.14 -11.34 -87.64
C SER E 254 -11.81 -11.01 -89.08
N ASP E 255 -12.39 -9.92 -89.56
CA ASP E 255 -12.18 -9.48 -90.95
C ASP E 255 -12.09 -7.97 -91.04
N GLY E 256 -11.70 -7.48 -92.21
CA GLY E 256 -11.55 -6.05 -92.43
C GLY E 256 -10.21 -5.74 -93.06
N LEU E 257 -10.08 -4.52 -93.57
CA LEU E 257 -8.84 -4.10 -94.21
C LEU E 257 -7.73 -3.95 -93.18
N CYS E 258 -8.09 -3.67 -91.94
CA CYS E 258 -7.13 -3.52 -90.88
C CYS E 258 -7.01 -4.79 -90.02
N CYS E 259 -7.48 -5.92 -90.57
CA CYS E 259 -7.36 -7.20 -89.87
C CYS E 259 -6.57 -8.21 -90.68
N LYS E 260 -5.45 -8.68 -90.14
CA LYS E 260 -4.60 -9.64 -90.83
C LYS E 260 -4.30 -10.85 -89.97
N LYS E 261 -4.82 -11.99 -90.38
CA LYS E 261 -4.59 -13.25 -89.69
C LYS E 261 -5.03 -13.13 -88.23
N CYS E 262 -6.26 -12.64 -88.06
CA CYS E 262 -6.91 -12.52 -86.75
C CYS E 262 -6.28 -11.47 -85.83
N LYS E 263 -5.40 -10.63 -86.37
CA LYS E 263 -4.75 -9.59 -85.56
C LYS E 263 -4.92 -8.20 -86.17
N PHE E 264 -4.90 -7.19 -85.31
CA PHE E 264 -5.01 -5.79 -85.75
C PHE E 264 -3.80 -5.36 -86.57
N GLN E 265 -4.05 -4.52 -87.56
CA GLN E 265 -3.00 -3.91 -88.35
C GLN E 265 -2.43 -2.73 -87.57
N PRO E 266 -1.09 -2.61 -87.51
CA PRO E 266 -0.45 -1.53 -86.75
C PRO E 266 -0.88 -0.15 -87.23
N MET E 267 -0.95 0.80 -86.30
CA MET E 267 -1.39 2.16 -86.60
C MET E 267 -0.46 2.84 -87.61
N GLY E 268 -1.07 3.51 -88.59
CA GLY E 268 -0.32 4.22 -89.62
C GLY E 268 -0.28 3.49 -90.94
N THR E 269 -0.81 2.28 -90.96
CA THR E 269 -0.85 1.48 -92.19
C THR E 269 -1.94 1.98 -93.15
N VAL E 270 -1.55 2.25 -94.39
CA VAL E 270 -2.47 2.76 -95.39
C VAL E 270 -3.51 1.69 -95.79
N CYS E 271 -4.77 1.97 -95.49
CA CYS E 271 -5.86 1.04 -95.81
C CYS E 271 -6.71 1.54 -96.99
N ARG E 272 -6.59 2.82 -97.30
CA ARG E 272 -7.31 3.40 -98.43
C ARG E 272 -6.58 4.63 -98.97
N GLU E 273 -6.00 4.49 -100.16
CA GLU E 273 -5.22 5.55 -100.77
C GLU E 273 -6.15 6.63 -101.32
N ALA E 274 -5.65 7.86 -101.39
CA ALA E 274 -6.42 9.00 -101.91
C ALA E 274 -6.77 8.78 -103.37
N VAL E 275 -8.05 8.92 -103.71
CA VAL E 275 -8.51 8.67 -105.06
C VAL E 275 -8.20 9.85 -105.97
N ASN E 276 -8.08 11.04 -105.39
CA ASN E 276 -7.75 12.24 -106.16
C ASN E 276 -7.14 13.31 -105.27
N ASP E 277 -6.86 14.49 -105.83
CA ASP E 277 -6.21 15.54 -105.07
C ASP E 277 -7.20 16.26 -104.14
N CYS E 278 -8.44 15.80 -104.14
CA CYS E 278 -9.42 16.30 -103.18
C CYS E 278 -9.55 15.33 -102.00
N ASP E 279 -8.92 14.16 -102.10
CA ASP E 279 -9.11 13.16 -101.05
C ASP E 279 -7.96 13.12 -100.06
N ILE E 280 -8.26 12.64 -98.86
CA ILE E 280 -7.25 12.41 -97.83
C ILE E 280 -7.09 10.91 -97.61
N ARG E 281 -5.84 10.45 -97.58
CA ARG E 281 -5.54 9.06 -97.34
C ARG E 281 -6.00 8.64 -95.94
N GLU E 282 -6.34 7.35 -95.79
CA GLU E 282 -6.83 6.83 -94.52
C GLU E 282 -5.85 5.80 -93.94
N THR E 283 -5.56 5.90 -92.65
CA THR E 283 -4.66 4.94 -92.01
C THR E 283 -5.40 4.15 -90.94
N CYS E 284 -4.97 2.91 -90.71
CA CYS E 284 -5.56 2.07 -89.68
C CYS E 284 -5.30 2.66 -88.29
N SER E 285 -6.32 2.62 -87.44
CA SER E 285 -6.19 3.15 -86.09
C SER E 285 -5.35 2.22 -85.22
N GLY E 286 -5.32 0.94 -85.58
CA GLY E 286 -4.60 -0.06 -84.81
C GLY E 286 -5.46 -0.62 -83.70
N ASN E 287 -6.61 0.02 -83.47
CA ASN E 287 -7.53 -0.38 -82.42
C ASN E 287 -8.84 -0.88 -83.02
N SER E 288 -8.93 -0.86 -84.34
CA SER E 288 -10.14 -1.26 -85.05
C SER E 288 -9.82 -2.15 -86.25
N SER E 289 -10.73 -3.07 -86.56
CA SER E 289 -10.55 -3.97 -87.69
C SER E 289 -10.93 -3.32 -89.01
N GLN E 290 -11.82 -2.34 -88.93
CA GLN E 290 -12.27 -1.60 -90.12
C GLN E 290 -11.35 -0.43 -90.43
N CYS E 291 -11.24 -0.11 -91.72
CA CYS E 291 -10.49 1.07 -92.14
C CYS E 291 -11.21 2.33 -91.66
N ALA E 292 -10.43 3.36 -91.36
CA ALA E 292 -10.97 4.63 -90.89
C ALA E 292 -12.02 5.17 -91.86
N PRO E 293 -13.05 5.86 -91.34
CA PRO E 293 -14.10 6.49 -92.16
C PRO E 293 -13.52 7.35 -93.28
N ASN E 294 -13.96 7.09 -94.51
CA ASN E 294 -13.42 7.81 -95.67
C ASN E 294 -13.71 9.30 -95.63
N ILE E 295 -12.68 10.09 -95.35
CA ILE E 295 -12.82 11.53 -95.36
C ILE E 295 -11.91 12.13 -96.44
N HIS E 296 -12.13 13.41 -96.72
CA HIS E 296 -11.39 14.13 -97.74
C HIS E 296 -11.17 15.60 -97.34
N LYS E 297 -10.56 16.37 -98.23
CA LYS E 297 -10.35 17.79 -98.00
C LYS E 297 -11.68 18.51 -97.97
N MET E 298 -11.75 19.53 -97.12
CA MET E 298 -12.93 20.35 -96.99
C MET E 298 -13.27 21.05 -98.29
N ASP E 299 -14.48 21.59 -98.40
CA ASP E 299 -14.83 22.38 -99.57
C ASP E 299 -14.06 23.70 -99.54
N GLY E 300 -13.31 23.97 -100.59
CA GLY E 300 -12.52 25.19 -100.68
C GLY E 300 -11.12 24.93 -101.18
N TYR E 301 -10.60 23.74 -100.89
CA TYR E 301 -9.29 23.32 -101.38
C TYR E 301 -9.26 23.29 -102.90
N SER E 302 -8.11 23.62 -103.48
CA SER E 302 -7.98 23.63 -104.92
C SER E 302 -7.66 22.23 -105.44
N CYS E 303 -7.95 22.01 -106.71
CA CYS E 303 -7.65 20.74 -107.37
C CYS E 303 -7.40 20.95 -108.85
N ASP E 304 -6.72 19.99 -109.47
CA ASP E 304 -6.27 20.11 -110.86
C ASP E 304 -5.47 21.39 -111.01
N GLY E 305 -4.49 21.57 -110.12
CA GLY E 305 -3.74 22.80 -110.07
C GLY E 305 -4.57 23.90 -109.44
N VAL E 306 -4.82 24.95 -110.20
CA VAL E 306 -5.64 26.05 -109.74
C VAL E 306 -6.92 26.09 -110.57
N GLN E 307 -7.01 25.12 -111.49
CA GLN E 307 -8.12 25.05 -112.43
C GLN E 307 -9.44 24.65 -111.77
N GLY E 308 -9.35 24.00 -110.61
CA GLY E 308 -10.54 23.52 -109.93
C GLY E 308 -10.57 23.75 -108.44
N ILE E 309 -11.74 23.52 -107.86
CA ILE E 309 -11.93 23.64 -106.41
C ILE E 309 -12.82 22.51 -105.90
N CYS E 310 -12.36 21.86 -104.83
CA CYS E 310 -13.02 20.67 -104.28
C CYS E 310 -14.38 20.98 -103.67
N PHE E 311 -15.36 20.14 -104.00
CA PHE E 311 -16.69 20.19 -103.40
C PHE E 311 -17.19 18.77 -103.20
N GLY E 312 -17.36 18.36 -101.94
CA GLY E 312 -17.81 17.02 -101.64
C GLY E 312 -16.84 15.94 -102.11
N GLY E 313 -15.55 16.28 -102.09
CA GLY E 313 -14.51 15.37 -102.51
C GLY E 313 -14.33 15.32 -104.02
N ARG E 314 -15.14 16.09 -104.73
CA ARG E 314 -15.08 16.12 -106.20
C ARG E 314 -14.59 17.47 -106.72
N CYS E 315 -13.81 17.42 -107.79
CA CYS E 315 -13.21 18.62 -108.35
C CYS E 315 -14.14 19.27 -109.40
N LYS E 316 -14.55 20.51 -109.14
CA LYS E 316 -15.40 21.24 -110.07
C LYS E 316 -14.58 22.06 -111.04
N THR E 317 -14.38 21.53 -112.24
CA THR E 317 -13.74 22.29 -113.30
C THR E 317 -14.65 22.36 -114.51
N ARG E 318 -14.47 23.37 -115.35
CA ARG E 318 -15.23 23.48 -116.58
C ARG E 318 -14.88 22.32 -117.51
N ASP E 319 -13.64 21.84 -117.42
CA ASP E 319 -13.18 20.75 -118.26
C ASP E 319 -13.88 19.44 -117.93
N ARG E 320 -14.02 19.15 -116.64
CA ARG E 320 -14.70 17.95 -116.19
C ARG E 320 -16.19 18.06 -116.44
N GLN E 321 -16.71 19.28 -116.31
CA GLN E 321 -18.14 19.52 -116.52
C GLN E 321 -18.51 19.25 -117.98
N CYS E 322 -17.60 19.60 -118.88
CA CYS E 322 -17.81 19.32 -120.30
C CYS E 322 -17.75 17.82 -120.54
N LYS E 323 -16.82 17.16 -119.87
CA LYS E 323 -16.69 15.71 -119.99
C LYS E 323 -17.90 15.02 -119.38
N TYR E 324 -18.45 15.63 -118.34
CA TYR E 324 -19.58 15.07 -117.64
C TYR E 324 -20.84 15.05 -118.51
N ILE E 325 -20.99 16.07 -119.34
CA ILE E 325 -22.20 16.22 -120.14
C ILE E 325 -22.08 15.56 -121.52
N TRP E 326 -20.99 15.81 -122.22
CA TRP E 326 -20.90 15.44 -123.63
C TRP E 326 -19.97 14.26 -123.92
N GLY E 327 -19.09 13.92 -122.97
CA GLY E 327 -18.22 12.77 -123.14
C GLY E 327 -16.75 13.02 -122.83
N GLN E 328 -16.02 11.94 -122.60
CA GLN E 328 -14.62 12.01 -122.18
C GLN E 328 -13.72 12.62 -123.25
N LYS E 329 -14.08 12.44 -124.51
CA LYS E 329 -13.29 12.95 -125.61
C LYS E 329 -13.44 14.47 -125.73
N VAL E 330 -14.46 15.00 -125.07
CA VAL E 330 -14.75 16.44 -125.10
C VAL E 330 -13.88 17.21 -124.11
N THR E 331 -13.34 18.34 -124.55
CA THR E 331 -12.53 19.19 -123.68
C THR E 331 -13.14 20.59 -123.58
N ALA E 332 -12.79 21.31 -122.53
CA ALA E 332 -13.31 22.66 -122.32
C ALA E 332 -12.69 23.62 -123.33
N SER E 333 -13.44 24.67 -123.66
CA SER E 333 -12.98 25.68 -124.59
C SER E 333 -11.91 26.57 -123.98
N ASP E 334 -11.15 27.24 -124.84
CA ASP E 334 -10.15 28.19 -124.39
C ASP E 334 -10.84 29.37 -123.70
N LYS E 335 -10.12 30.02 -122.79
CA LYS E 335 -10.70 31.11 -122.02
C LYS E 335 -11.09 32.28 -122.93
N TYR E 336 -10.46 32.35 -124.09
CA TYR E 336 -10.77 33.38 -125.08
C TYR E 336 -12.16 33.19 -125.68
N CYS E 337 -12.59 31.93 -125.79
CA CYS E 337 -13.92 31.60 -126.29
C CYS E 337 -14.98 32.25 -125.40
N TYR E 338 -14.74 32.20 -124.10
CA TYR E 338 -15.65 32.81 -123.12
C TYR E 338 -15.59 34.33 -123.18
N GLU E 339 -14.36 34.86 -123.24
CA GLU E 339 -14.11 36.29 -123.13
C GLU E 339 -14.73 37.14 -124.25
N LYS E 340 -15.22 36.50 -125.31
CA LYS E 340 -15.83 37.24 -126.42
C LYS E 340 -17.31 36.98 -126.57
N LEU E 341 -17.69 35.72 -126.61
CA LEU E 341 -19.07 35.33 -126.91
C LEU E 341 -20.04 35.66 -125.78
N ASN E 342 -19.61 35.40 -124.55
CA ASN E 342 -20.46 35.57 -123.38
C ASN E 342 -20.83 37.03 -123.15
N ILE E 343 -19.90 37.93 -123.49
CA ILE E 343 -20.09 39.37 -123.38
C ILE E 343 -21.24 39.85 -124.28
N GLU E 344 -21.38 39.24 -125.45
CA GLU E 344 -22.42 39.61 -126.41
C GLU E 344 -23.84 39.42 -125.84
N GLY E 345 -24.03 38.42 -125.00
CA GLY E 345 -25.32 38.18 -124.39
C GLY E 345 -26.37 37.69 -125.38
N THR E 346 -25.89 36.99 -126.41
CA THR E 346 -26.75 36.41 -127.42
C THR E 346 -27.11 34.98 -127.04
N GLU E 347 -27.77 34.27 -127.94
CA GLU E 347 -28.10 32.86 -127.73
C GLU E 347 -26.84 32.01 -127.65
N LYS E 348 -25.80 32.42 -128.37
CA LYS E 348 -24.52 31.71 -128.41
C LYS E 348 -23.59 31.98 -127.20
N GLY E 349 -24.14 32.59 -126.16
CA GLY E 349 -23.38 32.85 -124.94
C GLY E 349 -24.02 33.91 -124.08
N ASN E 350 -24.25 33.56 -122.82
CA ASN E 350 -24.94 34.44 -121.88
C ASN E 350 -24.80 34.00 -120.42
N CYS E 351 -25.32 34.83 -119.51
CA CYS E 351 -25.37 34.51 -118.09
C CYS E 351 -26.80 34.21 -117.65
N GLY E 352 -27.54 33.52 -118.51
CA GLY E 352 -28.91 33.15 -118.20
C GLY E 352 -29.90 33.84 -119.12
N LYS E 353 -31.18 33.56 -118.94
CA LYS E 353 -32.23 34.16 -119.75
C LYS E 353 -33.28 34.81 -118.87
N ASP E 354 -33.64 36.05 -119.18
CA ASP E 354 -34.64 36.77 -118.41
C ASP E 354 -35.80 37.19 -119.31
N LYS E 355 -36.88 36.43 -119.24
CA LYS E 355 -38.10 36.70 -120.00
C LYS E 355 -37.83 36.87 -121.50
N ASP E 356 -37.52 35.75 -122.16
CA ASP E 356 -37.36 35.67 -123.61
C ASP E 356 -36.12 36.46 -124.11
N THR E 357 -35.34 36.99 -123.18
CA THR E 357 -34.16 37.76 -123.55
C THR E 357 -32.95 37.36 -122.69
N TRP E 358 -31.84 37.10 -123.34
CA TRP E 358 -30.61 36.70 -122.66
C TRP E 358 -29.93 37.88 -121.99
N ILE E 359 -29.26 37.61 -120.87
CA ILE E 359 -28.51 38.64 -120.15
C ILE E 359 -27.08 38.68 -120.65
N GLN E 360 -26.63 39.86 -121.05
CA GLN E 360 -25.25 40.02 -121.49
C GLN E 360 -24.30 40.05 -120.29
N CYS E 361 -23.44 39.05 -120.22
CA CYS E 361 -22.53 38.91 -119.08
C CYS E 361 -21.50 40.03 -119.01
N ASN E 362 -21.13 40.36 -117.79
CA ASN E 362 -20.10 41.36 -117.52
C ASN E 362 -18.72 40.77 -117.77
N LYS E 363 -17.73 41.65 -117.87
CA LYS E 363 -16.37 41.22 -118.20
C LYS E 363 -15.82 40.44 -117.02
N ARG E 364 -16.33 40.73 -115.82
CA ARG E 364 -15.92 40.02 -114.61
C ARG E 364 -16.59 38.65 -114.47
N ASP E 365 -17.89 38.57 -114.80
CA ASP E 365 -18.64 37.33 -114.65
C ASP E 365 -18.66 36.48 -115.91
N VAL E 366 -17.56 36.51 -116.66
CA VAL E 366 -17.50 35.84 -117.95
C VAL E 366 -17.26 34.34 -117.81
N LEU E 367 -16.53 33.94 -116.77
CA LEU E 367 -16.24 32.53 -116.54
C LEU E 367 -17.37 31.80 -115.80
N CYS E 368 -18.41 32.53 -115.43
CA CYS E 368 -19.52 31.93 -114.69
C CYS E 368 -20.79 31.93 -115.53
N GLY E 369 -20.64 32.07 -116.84
CA GLY E 369 -21.79 32.16 -117.71
C GLY E 369 -22.08 30.89 -118.47
N TYR E 370 -22.27 31.06 -119.76
CA TYR E 370 -22.60 29.95 -120.65
C TYR E 370 -21.39 29.04 -120.86
N LEU E 371 -21.55 27.75 -120.58
CA LEU E 371 -20.46 26.80 -120.69
C LEU E 371 -20.06 26.55 -122.15
N LEU E 372 -18.76 26.55 -122.42
CA LEU E 372 -18.26 26.32 -123.77
C LEU E 372 -17.28 25.14 -123.82
N CYS E 373 -17.49 24.25 -124.79
CA CYS E 373 -16.68 23.05 -124.92
C CYS E 373 -16.13 22.91 -126.32
N THR E 374 -15.19 21.98 -126.50
CA THR E 374 -14.61 21.71 -127.82
C THR E 374 -14.83 20.26 -128.21
N ASN E 375 -14.87 20.00 -129.53
CA ASN E 375 -15.09 18.66 -130.07
C ASN E 375 -16.38 18.06 -129.49
N ILE E 376 -17.43 18.87 -129.48
CA ILE E 376 -18.71 18.46 -128.91
C ILE E 376 -19.47 17.55 -129.86
N GLY E 377 -20.43 16.80 -129.31
CA GLY E 377 -21.27 15.94 -130.12
C GLY E 377 -22.65 16.55 -130.30
N ASN E 378 -23.65 15.70 -130.52
CA ASN E 378 -25.02 16.16 -130.69
C ASN E 378 -26.00 15.45 -129.76
N ILE E 379 -25.44 14.71 -128.81
CA ILE E 379 -26.25 13.98 -127.83
C ILE E 379 -25.55 13.93 -126.47
N PRO E 380 -26.16 14.55 -125.45
CA PRO E 380 -25.61 14.55 -124.10
C PRO E 380 -25.67 13.18 -123.41
N ARG E 381 -24.78 12.95 -122.45
CA ARG E 381 -24.74 11.69 -121.72
C ARG E 381 -25.96 11.50 -120.83
N LEU E 382 -26.52 12.62 -120.37
CA LEU E 382 -27.66 12.59 -119.46
C LEU E 382 -28.58 13.77 -119.71
N GLY E 383 -29.83 13.65 -119.26
CA GLY E 383 -30.80 14.73 -119.41
C GLY E 383 -31.31 14.89 -120.83
N GLU E 384 -32.09 15.94 -121.05
CA GLU E 384 -32.68 16.22 -122.35
C GLU E 384 -32.07 17.46 -122.98
N LEU E 385 -31.77 17.38 -124.28
CA LEU E 385 -31.23 18.52 -124.99
C LEU E 385 -32.35 19.48 -125.40
N ASP E 386 -32.25 20.72 -124.95
CA ASP E 386 -33.26 21.74 -125.24
C ASP E 386 -32.75 22.72 -126.29
N GLY E 387 -33.11 22.47 -127.54
CA GLY E 387 -32.71 23.34 -128.64
C GLY E 387 -31.72 22.66 -129.56
N GLU E 388 -30.82 23.46 -130.12
CA GLU E 388 -29.81 22.93 -131.04
C GLU E 388 -28.41 23.12 -130.44
N ILE E 389 -27.39 22.58 -131.10
CA ILE E 389 -26.03 22.72 -130.59
C ILE E 389 -25.41 24.02 -131.12
N THR E 390 -25.07 24.92 -130.20
CA THR E 390 -24.39 26.15 -130.59
C THR E 390 -22.91 25.89 -130.80
N SER E 391 -22.39 26.27 -131.97
CA SER E 391 -20.97 26.12 -132.25
C SER E 391 -20.48 27.34 -133.03
N THR E 392 -19.64 28.13 -132.39
CA THR E 392 -19.09 29.35 -132.99
C THR E 392 -17.57 29.27 -133.01
N LEU E 393 -16.97 29.79 -134.08
CA LEU E 393 -15.51 29.75 -134.19
C LEU E 393 -14.95 31.16 -134.12
N VAL E 394 -14.13 31.40 -133.10
CA VAL E 394 -13.47 32.69 -132.93
C VAL E 394 -11.96 32.56 -133.06
N VAL E 395 -11.30 33.67 -133.41
CA VAL E 395 -9.85 33.67 -133.61
C VAL E 395 -9.18 34.69 -132.70
N LEU E 401 -10.39 28.69 -133.15
CA LEU E 401 -10.95 27.98 -132.02
C LEU E 401 -12.47 27.85 -132.04
N ASN E 402 -12.93 26.60 -132.09
CA ASN E 402 -14.35 26.27 -132.14
C ASN E 402 -14.99 26.19 -130.77
N CYS E 403 -15.65 27.28 -130.40
CA CYS E 403 -16.40 27.35 -129.14
C CYS E 403 -17.76 26.66 -129.29
N SER E 404 -17.97 25.57 -128.58
CA SER E 404 -19.22 24.83 -128.70
C SER E 404 -19.91 24.65 -127.35
N GLY E 405 -21.24 24.68 -127.36
CA GLY E 405 -22.03 24.51 -126.15
C GLY E 405 -23.39 23.90 -126.44
N GLY E 406 -24.24 23.85 -125.42
CA GLY E 406 -25.58 23.29 -125.57
C GLY E 406 -26.38 23.38 -124.28
N HIS E 407 -27.71 23.48 -124.41
CA HIS E 407 -28.57 23.56 -123.24
C HIS E 407 -29.13 22.18 -122.89
N VAL E 408 -28.62 21.59 -121.82
CA VAL E 408 -29.05 20.28 -121.38
C VAL E 408 -29.89 20.39 -120.11
N LYS E 409 -31.13 19.91 -120.18
CA LYS E 409 -32.07 20.09 -119.09
C LYS E 409 -32.34 18.81 -118.34
N LEU E 410 -31.88 18.72 -117.10
CA LEU E 410 -32.26 17.63 -116.21
C LEU E 410 -33.64 17.95 -115.66
N GLU E 411 -33.78 19.17 -115.19
CA GLU E 411 -35.04 19.69 -114.68
C GLU E 411 -35.39 20.89 -115.56
N GLU E 412 -36.65 21.31 -115.56
CA GLU E 412 -37.03 22.52 -116.29
C GLU E 412 -36.32 23.74 -115.70
N ASP E 413 -36.03 23.68 -114.40
CA ASP E 413 -35.34 24.78 -113.71
C ASP E 413 -33.83 24.62 -113.79
N VAL E 414 -33.34 23.40 -113.54
CA VAL E 414 -31.91 23.14 -113.57
C VAL E 414 -31.43 22.91 -115.01
N ASP E 415 -30.47 23.72 -115.42
CA ASP E 415 -29.95 23.66 -116.79
C ASP E 415 -28.44 23.43 -116.83
N LEU E 416 -28.05 22.28 -117.38
CA LEU E 416 -26.65 22.00 -117.64
C LEU E 416 -26.28 22.66 -118.96
N GLY E 417 -25.13 23.31 -118.99
CA GLY E 417 -24.73 24.09 -120.15
C GLY E 417 -24.30 25.46 -119.68
N TYR E 418 -24.51 25.72 -118.39
CA TYR E 418 -23.99 26.92 -117.76
C TYR E 418 -22.97 26.52 -116.70
N VAL E 419 -22.04 27.42 -116.41
CA VAL E 419 -20.96 27.13 -115.47
C VAL E 419 -21.49 26.82 -114.09
N GLU E 420 -21.17 25.62 -113.62
CA GLU E 420 -21.60 25.12 -112.32
C GLU E 420 -21.12 26.01 -111.17
N ASP E 421 -21.96 26.16 -110.15
CA ASP E 421 -21.60 26.93 -108.98
C ASP E 421 -20.45 26.28 -108.22
N GLY E 422 -19.48 27.10 -107.83
CA GLY E 422 -18.31 26.61 -107.13
C GLY E 422 -17.11 26.50 -108.04
N THR E 423 -17.34 26.63 -109.34
CA THR E 423 -16.25 26.58 -110.32
C THR E 423 -15.39 27.84 -110.26
N PRO E 424 -14.07 27.67 -110.15
CA PRO E 424 -13.13 28.80 -110.06
C PRO E 424 -13.19 29.75 -111.25
N CYS E 425 -13.21 31.05 -110.98
CA CYS E 425 -13.24 32.06 -112.03
C CYS E 425 -12.12 33.08 -111.85
N GLY E 426 -11.11 32.72 -111.06
CA GLY E 426 -9.99 33.58 -110.79
C GLY E 426 -9.39 33.30 -109.41
N PRO E 427 -8.30 34.02 -109.08
CA PRO E 427 -7.62 33.86 -107.80
C PRO E 427 -8.55 34.10 -106.60
N GLN E 428 -8.79 33.04 -105.82
CA GLN E 428 -9.67 33.11 -104.66
C GLN E 428 -11.07 33.60 -105.03
N MET E 429 -11.53 33.24 -106.23
CA MET E 429 -12.86 33.63 -106.69
C MET E 429 -13.61 32.45 -107.32
N MET E 430 -14.91 32.37 -107.08
CA MET E 430 -15.71 31.27 -107.58
C MET E 430 -17.02 31.77 -108.20
N CYS E 431 -17.74 30.88 -108.87
CA CYS E 431 -19.02 31.22 -109.50
C CYS E 431 -20.19 30.94 -108.56
N LEU E 432 -21.11 31.90 -108.48
CA LEU E 432 -22.31 31.76 -107.67
C LEU E 432 -23.47 32.45 -108.39
N GLU E 433 -24.40 31.66 -108.93
CA GLU E 433 -25.55 32.16 -109.69
C GLU E 433 -25.09 33.06 -110.84
N HIS E 434 -24.20 32.51 -111.66
CA HIS E 434 -23.67 33.24 -112.82
C HIS E 434 -22.98 34.53 -112.42
N ARG E 435 -22.33 34.52 -111.25
CA ARG E 435 -21.58 35.69 -110.79
C ARG E 435 -20.25 35.26 -110.19
N CYS E 436 -19.18 35.96 -110.56
CA CYS E 436 -17.85 35.66 -110.03
C CYS E 436 -17.65 36.35 -108.68
N LEU E 437 -17.73 35.58 -107.60
CA LEU E 437 -17.62 36.12 -106.25
C LEU E 437 -16.40 35.58 -105.52
N PRO E 438 -15.83 36.40 -104.61
CA PRO E 438 -14.68 35.99 -103.79
C PRO E 438 -15.01 34.79 -102.90
N VAL E 439 -13.96 34.17 -102.34
CA VAL E 439 -14.12 32.98 -101.50
C VAL E 439 -14.91 33.26 -100.22
N ALA E 440 -14.86 34.50 -99.76
CA ALA E 440 -15.53 34.89 -98.53
C ALA E 440 -17.05 34.87 -98.70
N SER E 441 -17.51 34.92 -99.94
CA SER E 441 -18.94 34.93 -100.23
C SER E 441 -19.58 33.57 -99.99
N PHE E 442 -18.78 32.53 -99.93
CA PHE E 442 -19.29 31.18 -99.75
C PHE E 442 -19.31 30.77 -98.28
N ASN E 443 -18.73 31.63 -97.43
CA ASN E 443 -18.73 31.43 -95.98
C ASN E 443 -18.22 30.06 -95.54
N PHE E 444 -17.06 29.66 -96.06
CA PHE E 444 -16.46 28.40 -95.69
C PHE E 444 -15.99 28.45 -94.24
N SER E 445 -16.22 27.35 -93.51
CA SER E 445 -15.76 27.22 -92.13
C SER E 445 -14.26 27.00 -92.13
N THR E 446 -13.61 27.11 -90.96
CA THR E 446 -12.18 26.90 -90.88
C THR E 446 -11.79 26.06 -89.67
N CYS E 447 -10.74 25.26 -89.84
CA CYS E 447 -10.20 24.45 -88.74
C CYS E 447 -9.38 25.28 -87.77
N LEU E 448 -8.93 24.61 -86.73
CA LEU E 448 -8.09 25.24 -85.72
C LEU E 448 -6.69 25.41 -86.26
N SER E 449 -6.12 26.58 -86.03
CA SER E 449 -4.77 26.88 -86.47
C SER E 449 -4.08 27.75 -85.44
N SER E 450 -2.83 27.40 -85.13
CA SER E 450 -2.03 28.14 -84.17
C SER E 450 -0.98 28.96 -84.90
N LYS E 451 -1.07 28.97 -86.23
CA LYS E 451 -0.20 29.83 -87.03
C LYS E 451 -1.04 30.67 -88.01
N GLU E 452 -0.80 31.98 -87.99
CA GLU E 452 -1.56 32.90 -88.82
C GLU E 452 -1.32 32.66 -90.30
N GLY E 453 -2.39 32.68 -91.08
CA GLY E 453 -2.30 32.55 -92.52
C GLY E 453 -2.05 31.13 -92.99
N THR E 454 -2.08 30.18 -92.06
CA THR E 454 -1.86 28.79 -92.42
C THR E 454 -3.03 27.93 -91.93
N ILE E 455 -3.26 26.82 -92.62
CA ILE E 455 -4.29 25.88 -92.24
C ILE E 455 -3.70 24.82 -91.33
N CYS E 456 -4.32 24.61 -90.17
CA CYS E 456 -3.85 23.63 -89.18
C CYS E 456 -2.38 23.85 -88.85
N SER E 457 -2.04 25.09 -88.51
CA SER E 457 -0.69 25.47 -88.11
C SER E 457 0.36 25.17 -89.17
N GLY E 458 -0.08 25.05 -90.42
CA GLY E 458 0.81 24.74 -91.53
C GLY E 458 1.43 23.37 -91.44
N ASN E 459 0.78 22.46 -90.72
CA ASN E 459 1.28 21.10 -90.57
C ASN E 459 0.21 20.03 -90.75
N GLY E 460 -0.93 20.43 -91.30
CA GLY E 460 -2.02 19.50 -91.49
C GLY E 460 -3.01 19.95 -92.54
N VAL E 461 -3.94 19.07 -92.88
CA VAL E 461 -4.97 19.39 -93.86
C VAL E 461 -6.34 19.29 -93.22
N CYS E 462 -7.15 20.32 -93.46
CA CYS E 462 -8.47 20.38 -92.88
C CYS E 462 -9.49 19.49 -93.59
N SER E 463 -10.02 18.50 -92.88
CA SER E 463 -10.95 17.54 -93.47
C SER E 463 -12.35 18.09 -93.66
N ASN E 464 -13.20 17.28 -94.29
CA ASN E 464 -14.60 17.64 -94.50
C ASN E 464 -15.40 17.54 -93.20
N GLU E 465 -14.79 16.92 -92.18
CA GLU E 465 -15.40 16.86 -90.86
C GLU E 465 -14.94 18.05 -90.02
N LEU E 466 -14.29 19.00 -90.67
CA LEU E 466 -13.76 20.20 -90.01
C LEU E 466 -12.77 19.86 -88.90
N LYS E 467 -11.95 18.84 -89.14
CA LYS E 467 -10.88 18.47 -88.20
C LYS E 467 -9.54 18.51 -88.92
N CYS E 468 -8.47 18.78 -88.17
CA CYS E 468 -7.15 18.83 -88.75
C CYS E 468 -6.54 17.44 -88.88
N VAL E 469 -6.20 17.04 -90.10
CA VAL E 469 -5.47 15.80 -90.33
C VAL E 469 -3.99 16.11 -90.40
N CYS E 470 -3.28 15.89 -89.30
CA CYS E 470 -1.87 16.27 -89.19
C CYS E 470 -0.98 15.42 -90.07
N ASN E 471 0.13 16.01 -90.51
CA ASN E 471 1.15 15.26 -91.22
C ASN E 471 1.90 14.36 -90.25
N ARG E 472 2.82 13.58 -90.79
CA ARG E 472 3.63 12.66 -90.01
C ARG E 472 4.51 13.46 -89.01
N HIS E 473 4.74 12.90 -87.81
CA HIS E 473 5.44 13.59 -86.69
C HIS E 473 4.72 14.85 -86.18
N TRP E 474 3.44 14.98 -86.49
CA TRP E 474 2.66 16.10 -85.94
C TRP E 474 1.37 15.62 -85.27
N ILE E 475 1.08 16.15 -84.08
CA ILE E 475 -0.14 15.80 -83.36
C ILE E 475 -0.82 17.06 -82.85
N GLY E 476 -1.96 16.87 -82.17
CA GLY E 476 -2.71 17.98 -81.63
C GLY E 476 -3.87 18.33 -82.54
N SER E 477 -4.92 18.93 -81.98
CA SER E 477 -6.10 19.29 -82.75
C SER E 477 -5.78 20.42 -83.72
N ASP E 478 -4.68 21.12 -83.48
CA ASP E 478 -4.24 22.21 -84.34
C ASP E 478 -2.98 21.85 -85.11
N CYS E 479 -2.50 20.62 -84.92
CA CYS E 479 -1.30 20.11 -85.58
C CYS E 479 -0.08 20.99 -85.35
N ASN E 480 0.04 21.53 -84.14
CA ASN E 480 1.16 22.39 -83.83
C ASN E 480 2.21 21.67 -83.01
N THR E 481 1.81 20.60 -82.36
CA THR E 481 2.71 19.82 -81.52
C THR E 481 3.50 18.80 -82.33
N TYR E 482 4.82 18.79 -82.15
CA TYR E 482 5.68 17.89 -82.90
C TYR E 482 5.91 16.62 -82.11
N PHE E 483 5.80 15.46 -82.77
CA PHE E 483 5.91 14.18 -82.09
C PHE E 483 6.88 13.21 -82.74
N PRO E 484 8.09 13.07 -82.17
CA PRO E 484 9.18 12.22 -82.65
C PRO E 484 9.12 10.81 -82.07
N HIS E 485 9.12 9.79 -82.93
CA HIS E 485 9.02 8.39 -82.50
C HIS E 485 9.65 7.40 -83.50
N ASN E 486 10.50 7.90 -84.39
CA ASN E 486 11.23 7.03 -85.30
C ASN E 486 10.30 6.21 -86.19
N ASN F 1 -39.28 -48.70 -87.67
CA ASN F 1 -40.63 -49.03 -87.21
C ASN F 1 -41.63 -47.91 -87.46
N VAL F 2 -42.51 -47.66 -86.50
CA VAL F 2 -43.58 -46.68 -86.66
C VAL F 2 -43.23 -45.37 -85.98
N GLU F 3 -42.25 -45.41 -85.08
CA GLU F 3 -41.84 -44.21 -84.36
C GLU F 3 -40.53 -43.65 -84.90
N GLU F 4 -39.84 -44.43 -85.72
CA GLU F 4 -38.61 -43.95 -86.35
C GLU F 4 -38.92 -43.31 -87.71
N GLU F 5 -40.17 -43.43 -88.16
CA GLU F 5 -40.58 -42.79 -89.40
C GLU F 5 -40.86 -41.32 -89.16
N THR F 6 -40.77 -40.53 -90.22
CA THR F 6 -41.16 -39.13 -90.13
C THR F 6 -42.64 -39.03 -90.41
N LYS F 7 -43.39 -38.50 -89.45
CA LYS F 7 -44.83 -38.31 -89.60
C LYS F 7 -45.12 -36.93 -90.19
N TYR F 8 -46.27 -36.81 -90.86
CA TYR F 8 -46.66 -35.55 -91.48
C TYR F 8 -48.10 -35.19 -91.16
N ILE F 9 -48.31 -34.06 -90.51
CA ILE F 9 -49.65 -33.59 -90.21
C ILE F 9 -50.12 -32.62 -91.28
N GLU F 10 -50.96 -33.11 -92.17
CA GLU F 10 -51.61 -32.29 -93.18
C GLU F 10 -52.69 -31.44 -92.53
N LEU F 11 -52.37 -30.17 -92.29
CA LEU F 11 -53.24 -29.30 -91.50
C LEU F 11 -54.04 -28.33 -92.35
N MET F 12 -55.30 -28.12 -91.97
CA MET F 12 -56.12 -27.08 -92.57
C MET F 12 -56.44 -26.03 -91.53
N ILE F 13 -56.32 -24.77 -91.91
CA ILE F 13 -56.59 -23.66 -91.00
C ILE F 13 -57.83 -22.89 -91.43
N VAL F 14 -58.73 -22.65 -90.49
CA VAL F 14 -59.90 -21.83 -90.75
C VAL F 14 -59.83 -20.55 -89.94
N ASN F 15 -59.83 -19.41 -90.61
CA ASN F 15 -59.81 -18.12 -89.94
C ASN F 15 -61.21 -17.54 -89.78
N ASP F 16 -61.64 -17.33 -88.55
CA ASP F 16 -62.98 -16.80 -88.29
C ASP F 16 -63.03 -15.31 -88.61
N HIS F 17 -64.20 -14.70 -88.42
CA HIS F 17 -64.37 -13.31 -88.83
C HIS F 17 -63.52 -12.36 -88.00
N LEU F 18 -63.38 -12.67 -86.71
CA LEU F 18 -62.62 -11.81 -85.81
C LEU F 18 -61.12 -11.88 -86.11
N MET F 19 -60.67 -13.04 -86.56
CA MET F 19 -59.28 -13.19 -86.97
C MET F 19 -59.03 -12.32 -88.19
N PHE F 20 -60.05 -12.21 -89.03
CA PHE F 20 -59.99 -11.40 -90.23
C PHE F 20 -59.98 -9.92 -89.84
N LYS F 21 -60.75 -9.57 -88.81
CA LYS F 21 -60.78 -8.19 -88.32
C LYS F 21 -59.44 -7.79 -87.72
N LYS F 22 -58.78 -8.75 -87.07
CA LYS F 22 -57.48 -8.50 -86.45
C LYS F 22 -56.40 -8.15 -87.46
N HIS F 23 -56.56 -8.63 -88.70
CA HIS F 23 -55.58 -8.33 -89.75
C HIS F 23 -56.09 -7.26 -90.69
N ARG F 24 -56.92 -6.37 -90.16
CA ARG F 24 -57.41 -5.20 -90.89
C ARG F 24 -58.10 -5.59 -92.19
N LEU F 25 -58.93 -6.63 -92.11
CA LEU F 25 -59.73 -7.09 -93.25
C LEU F 25 -58.88 -7.43 -94.49
N SER F 26 -57.68 -7.96 -94.25
CA SER F 26 -56.77 -8.30 -95.35
C SER F 26 -56.58 -9.80 -95.49
N VAL F 27 -56.86 -10.31 -96.69
CA VAL F 27 -56.74 -11.74 -96.97
C VAL F 27 -55.29 -12.18 -97.01
N VAL F 28 -54.46 -11.41 -97.72
CA VAL F 28 -53.05 -11.78 -97.87
C VAL F 28 -52.32 -11.73 -96.53
N HIS F 29 -52.76 -10.84 -95.65
CA HIS F 29 -52.15 -10.73 -94.33
C HIS F 29 -52.57 -11.85 -93.40
N THR F 30 -53.84 -12.27 -93.48
CA THR F 30 -54.32 -13.37 -92.66
C THR F 30 -53.62 -14.66 -93.02
N ASN F 31 -53.38 -14.88 -94.32
CA ASN F 31 -52.73 -16.10 -94.77
C ASN F 31 -51.28 -16.18 -94.31
N THR F 32 -50.51 -15.12 -94.55
CA THR F 32 -49.11 -15.10 -94.19
C THR F 32 -48.93 -15.19 -92.68
N TYR F 33 -49.87 -14.59 -91.95
CA TYR F 33 -49.82 -14.63 -90.50
C TYR F 33 -50.06 -16.06 -90.02
N ALA F 34 -51.04 -16.73 -90.62
CA ALA F 34 -51.36 -18.10 -90.26
C ALA F 34 -50.24 -19.05 -90.67
N LYS F 35 -49.63 -18.79 -91.82
CA LYS F 35 -48.50 -19.57 -92.28
C LYS F 35 -47.34 -19.45 -91.29
N SER F 36 -47.14 -18.25 -90.74
CA SER F 36 -46.09 -18.02 -89.75
C SER F 36 -46.32 -18.85 -88.50
N VAL F 37 -47.58 -18.88 -88.04
CA VAL F 37 -47.94 -19.66 -86.87
C VAL F 37 -47.67 -21.14 -87.11
N VAL F 38 -48.08 -21.65 -88.27
CA VAL F 38 -47.87 -23.06 -88.60
C VAL F 38 -46.38 -23.38 -88.73
N ASN F 39 -45.65 -22.52 -89.42
CA ASN F 39 -44.23 -22.73 -89.64
C ASN F 39 -43.46 -22.82 -88.32
N MET F 40 -43.80 -21.95 -87.37
CA MET F 40 -43.13 -21.95 -86.07
C MET F 40 -43.54 -23.17 -85.23
N ALA F 41 -44.79 -23.58 -85.36
CA ALA F 41 -45.23 -24.81 -84.70
C ALA F 41 -44.54 -26.01 -85.32
N ASP F 42 -44.27 -25.91 -86.62
CA ASP F 42 -43.60 -26.97 -87.36
C ASP F 42 -42.18 -27.20 -86.86
N LEU F 43 -41.42 -26.11 -86.70
CA LEU F 43 -40.04 -26.20 -86.23
C LEU F 43 -39.96 -26.83 -84.85
N ILE F 44 -40.98 -26.59 -84.04
CA ILE F 44 -41.08 -27.22 -82.73
C ILE F 44 -41.26 -28.73 -82.87
N TYR F 45 -42.22 -29.11 -83.71
CA TYR F 45 -42.53 -30.53 -83.93
C TYR F 45 -41.42 -31.27 -84.67
N LYS F 46 -40.84 -30.61 -85.67
CA LYS F 46 -39.79 -31.19 -86.48
C LYS F 46 -38.57 -31.63 -85.65
N ASP F 47 -38.27 -30.83 -84.63
CA ASP F 47 -37.08 -31.04 -83.82
C ASP F 47 -37.22 -32.21 -82.86
N GLN F 48 -38.37 -32.33 -82.22
CA GLN F 48 -38.54 -33.28 -81.12
C GLN F 48 -39.42 -34.49 -81.41
N LEU F 49 -40.58 -34.25 -82.01
CA LEU F 49 -41.56 -35.32 -82.23
C LEU F 49 -41.32 -36.05 -83.54
N LYS F 50 -40.33 -35.59 -84.30
CA LYS F 50 -40.05 -36.12 -85.63
C LYS F 50 -41.30 -36.06 -86.50
N THR F 51 -42.02 -34.96 -86.37
CA THR F 51 -43.28 -34.77 -87.08
C THR F 51 -43.31 -33.40 -87.74
N ARG F 52 -43.81 -33.35 -88.97
CA ARG F 52 -43.91 -32.09 -89.68
C ARG F 52 -45.35 -31.60 -89.69
N ILE F 53 -45.54 -30.32 -89.45
CA ILE F 53 -46.87 -29.71 -89.57
C ILE F 53 -46.94 -29.00 -90.91
N VAL F 54 -47.67 -29.57 -91.85
CA VAL F 54 -47.74 -29.02 -93.20
C VAL F 54 -49.13 -28.46 -93.51
N LEU F 55 -49.17 -27.18 -93.84
CA LEU F 55 -50.41 -26.51 -94.22
C LEU F 55 -50.84 -26.91 -95.63
N VAL F 56 -51.99 -27.57 -95.75
CA VAL F 56 -52.43 -28.09 -97.04
C VAL F 56 -53.69 -27.38 -97.57
N ALA F 57 -54.39 -26.68 -96.70
CA ALA F 57 -55.61 -25.97 -97.08
C ALA F 57 -55.94 -24.86 -96.11
N MET F 58 -56.65 -23.84 -96.58
CA MET F 58 -57.05 -22.75 -95.72
C MET F 58 -58.24 -21.99 -96.30
N GLU F 59 -59.15 -21.57 -95.44
CA GLU F 59 -60.24 -20.69 -95.84
C GLU F 59 -60.44 -19.62 -94.78
N THR F 60 -60.95 -18.47 -95.20
CA THR F 60 -61.12 -17.34 -94.30
C THR F 60 -62.54 -16.78 -94.38
N TRP F 61 -63.17 -16.64 -93.22
CA TRP F 61 -64.52 -16.11 -93.15
C TRP F 61 -64.51 -14.59 -93.23
N ALA F 62 -64.44 -14.07 -94.46
CA ALA F 62 -64.30 -12.64 -94.70
C ALA F 62 -65.62 -11.89 -94.52
N THR F 63 -66.73 -12.54 -94.82
CA THR F 63 -68.04 -11.90 -94.72
C THR F 63 -68.53 -11.88 -93.28
N ASP F 64 -68.70 -13.08 -92.72
CA ASP F 64 -69.18 -13.20 -91.34
C ASP F 64 -68.93 -14.61 -90.80
N ASN F 65 -69.18 -14.79 -89.49
CA ASN F 65 -69.05 -16.09 -88.87
C ASN F 65 -70.11 -17.07 -89.35
N LYS F 66 -69.71 -18.31 -89.58
CA LYS F 66 -70.63 -19.34 -90.04
C LYS F 66 -71.49 -19.86 -88.90
N PHE F 67 -70.99 -19.67 -87.67
CA PHE F 67 -71.75 -20.00 -86.49
C PHE F 67 -71.33 -19.10 -85.33
N ALA F 68 -72.10 -19.16 -84.23
CA ALA F 68 -71.83 -18.31 -83.08
C ALA F 68 -70.63 -18.82 -82.28
N ILE F 69 -69.61 -17.98 -82.17
CA ILE F 69 -68.42 -18.31 -81.39
C ILE F 69 -68.66 -18.10 -79.89
N SER F 70 -68.38 -19.12 -79.11
CA SER F 70 -68.58 -19.04 -77.67
C SER F 70 -67.29 -18.67 -76.96
N GLU F 71 -67.40 -18.05 -75.80
CA GLU F 71 -66.23 -17.77 -74.99
C GLU F 71 -65.64 -19.07 -74.45
N ASN F 72 -66.48 -20.10 -74.37
CA ASN F 72 -66.05 -21.43 -73.99
C ASN F 72 -65.45 -22.18 -75.18
N PRO F 73 -64.16 -22.53 -75.09
CA PRO F 73 -63.44 -23.20 -76.18
C PRO F 73 -64.01 -24.58 -76.49
N LEU F 74 -64.50 -25.27 -75.46
CA LEU F 74 -65.11 -26.58 -75.65
C LEU F 74 -66.40 -26.48 -76.46
N ILE F 75 -67.21 -25.47 -76.16
CA ILE F 75 -68.44 -25.22 -76.91
C ILE F 75 -68.12 -24.83 -78.35
N THR F 76 -67.14 -23.95 -78.53
CA THR F 76 -66.70 -23.52 -79.85
C THR F 76 -66.17 -24.70 -80.67
N LEU F 77 -65.39 -25.55 -79.99
CA LEU F 77 -64.82 -26.73 -80.61
C LEU F 77 -65.92 -27.63 -81.20
N ARG F 78 -67.01 -27.78 -80.45
CA ARG F 78 -68.08 -28.68 -80.86
C ARG F 78 -68.75 -28.21 -82.13
N GLU F 79 -69.12 -26.92 -82.14
CA GLU F 79 -69.79 -26.31 -83.27
C GLU F 79 -68.91 -26.24 -84.51
N PHE F 80 -67.60 -26.14 -84.29
CA PHE F 80 -66.65 -26.05 -85.40
C PHE F 80 -66.53 -27.38 -86.13
N MET F 81 -66.48 -28.48 -85.38
CA MET F 81 -66.36 -29.79 -85.97
C MET F 81 -67.64 -30.20 -86.69
N LYS F 82 -68.77 -29.66 -86.25
CA LYS F 82 -70.03 -29.88 -86.93
C LYS F 82 -70.00 -29.15 -88.28
N TYR F 83 -69.45 -27.95 -88.26
CA TYR F 83 -69.32 -27.14 -89.47
C TYR F 83 -68.37 -27.81 -90.45
N ARG F 84 -67.30 -28.36 -89.90
CA ARG F 84 -66.29 -29.08 -90.67
C ARG F 84 -66.86 -30.28 -91.41
N ARG F 85 -67.76 -31.00 -90.75
CA ARG F 85 -68.39 -32.19 -91.34
C ARG F 85 -69.33 -31.88 -92.50
N ASP F 86 -70.06 -30.79 -92.39
CA ASP F 86 -71.12 -30.51 -93.35
C ASP F 86 -70.73 -29.55 -94.48
N PHE F 87 -69.72 -28.72 -94.24
CA PHE F 87 -69.38 -27.69 -95.22
C PHE F 87 -67.95 -27.81 -95.74
N ILE F 88 -67.05 -28.32 -94.93
CA ILE F 88 -65.67 -28.49 -95.37
C ILE F 88 -65.52 -29.83 -96.10
N LYS F 89 -65.05 -29.76 -97.35
CA LYS F 89 -64.94 -30.97 -98.17
C LYS F 89 -63.53 -31.23 -98.68
N GLU F 90 -62.58 -30.39 -98.29
CA GLU F 90 -61.18 -30.62 -98.65
C GLU F 90 -60.55 -31.60 -97.65
N LYS F 91 -59.57 -32.37 -98.13
CA LYS F 91 -58.97 -33.43 -97.32
C LYS F 91 -57.81 -32.92 -96.46
N SER F 92 -57.80 -33.35 -95.21
CA SER F 92 -56.76 -32.96 -94.26
C SER F 92 -56.74 -33.91 -93.07
N ASP F 93 -55.56 -34.05 -92.45
CA ASP F 93 -55.42 -34.94 -91.31
C ASP F 93 -56.03 -34.28 -90.07
N ALA F 94 -56.06 -32.94 -90.07
CA ALA F 94 -56.67 -32.18 -88.97
C ALA F 94 -57.11 -30.79 -89.41
N VAL F 95 -58.22 -30.30 -88.86
CA VAL F 95 -58.72 -28.95 -89.13
C VAL F 95 -58.79 -28.08 -87.87
N HIS F 96 -58.00 -27.01 -87.83
CA HIS F 96 -57.95 -26.15 -86.64
C HIS F 96 -58.46 -24.73 -86.90
N LEU F 97 -59.23 -24.22 -85.95
CA LEU F 97 -59.79 -22.87 -86.06
C LEU F 97 -58.88 -21.83 -85.42
N PHE F 98 -58.54 -20.78 -86.18
CA PHE F 98 -57.85 -19.63 -85.62
C PHE F 98 -58.87 -18.55 -85.29
N SER F 99 -59.14 -18.36 -84.02
CA SER F 99 -60.15 -17.39 -83.59
C SER F 99 -59.53 -16.07 -83.14
N GLY F 100 -60.09 -14.97 -83.64
CA GLY F 100 -59.62 -13.65 -83.28
C GLY F 100 -60.07 -13.26 -81.88
N SER F 101 -61.01 -14.03 -81.34
CA SER F 101 -61.52 -13.78 -79.99
C SER F 101 -60.60 -14.36 -78.92
N GLN F 102 -60.98 -14.20 -77.67
CA GLN F 102 -60.23 -14.73 -76.53
C GLN F 102 -61.14 -15.57 -75.64
N PHE F 103 -60.70 -16.77 -75.29
CA PHE F 103 -61.53 -17.69 -74.53
C PHE F 103 -61.52 -17.38 -73.05
N GLU F 104 -62.62 -17.71 -72.37
CA GLU F 104 -62.73 -17.47 -70.93
C GLU F 104 -62.39 -18.74 -70.16
N SER F 105 -61.47 -19.52 -70.69
CA SER F 105 -61.03 -20.74 -70.02
C SER F 105 -59.59 -20.62 -69.55
N SER F 106 -59.11 -21.68 -68.88
CA SER F 106 -57.73 -21.74 -68.41
C SER F 106 -56.78 -22.05 -69.56
N ARG F 107 -57.32 -22.59 -70.65
CA ARG F 107 -56.49 -22.91 -71.81
C ARG F 107 -56.75 -21.94 -72.97
N SER F 108 -55.72 -21.69 -73.76
CA SER F 108 -55.83 -20.79 -74.88
C SER F 108 -56.44 -21.52 -76.09
N GLY F 109 -56.78 -22.78 -75.89
CA GLY F 109 -57.41 -23.57 -76.94
C GLY F 109 -57.91 -24.91 -76.45
N ALA F 110 -58.57 -25.65 -77.33
CA ALA F 110 -59.08 -26.98 -76.97
C ALA F 110 -59.02 -27.90 -78.18
N ALA F 111 -58.76 -29.18 -77.95
CA ALA F 111 -58.65 -30.16 -79.02
C ALA F 111 -58.92 -31.56 -78.51
N TYR F 112 -59.61 -32.37 -79.30
CA TYR F 112 -59.96 -33.73 -78.91
C TYR F 112 -58.73 -34.62 -78.80
N ILE F 113 -58.65 -35.39 -77.73
CA ILE F 113 -57.50 -36.27 -77.51
C ILE F 113 -57.55 -37.49 -78.41
N GLY F 114 -56.46 -37.71 -79.14
CA GLY F 114 -56.37 -38.81 -80.09
C GLY F 114 -57.32 -38.62 -81.25
N GLY F 115 -57.65 -37.37 -81.52
CA GLY F 115 -58.68 -37.05 -82.47
C GLY F 115 -58.24 -37.04 -83.91
N ILE F 116 -56.93 -36.91 -84.14
CA ILE F 116 -56.40 -36.78 -85.50
C ILE F 116 -56.80 -37.97 -86.38
N CYS F 117 -56.84 -37.75 -87.69
CA CYS F 117 -57.24 -38.73 -88.73
C CYS F 117 -58.73 -39.06 -88.76
N SER F 118 -59.46 -38.43 -87.87
CA SER F 118 -60.90 -38.64 -87.73
C SER F 118 -61.64 -37.44 -88.33
N LEU F 119 -62.93 -37.60 -88.64
CA LEU F 119 -63.74 -36.56 -89.27
C LEU F 119 -64.46 -35.67 -88.27
N LEU F 120 -64.87 -36.25 -87.12
CA LEU F 120 -65.59 -35.52 -86.04
C LEU F 120 -64.73 -35.05 -84.83
N LYS F 121 -63.64 -35.77 -84.56
CA LYS F 121 -62.66 -35.49 -83.48
C LYS F 121 -61.34 -34.88 -84.04
N GLY F 122 -61.15 -34.93 -85.37
CA GLY F 122 -59.93 -34.47 -86.00
C GLY F 122 -59.82 -32.96 -86.16
N GLY F 123 -59.66 -32.28 -85.04
CA GLY F 123 -59.59 -30.84 -85.05
C GLY F 123 -59.42 -30.22 -83.69
N GLY F 124 -59.28 -28.90 -83.67
CA GLY F 124 -59.14 -28.16 -82.44
C GLY F 124 -59.41 -26.69 -82.68
N VAL F 125 -59.44 -25.91 -81.62
CA VAL F 125 -59.68 -24.48 -81.74
C VAL F 125 -58.58 -23.69 -81.02
N ASN F 126 -58.12 -22.60 -81.63
CA ASN F 126 -57.03 -21.80 -81.08
C ASN F 126 -57.34 -20.30 -81.06
N GLU F 127 -57.09 -19.66 -79.92
CA GLU F 127 -57.38 -18.23 -79.77
C GLU F 127 -56.22 -17.39 -80.32
N PHE F 128 -56.52 -16.12 -80.60
CA PHE F 128 -55.52 -15.23 -81.18
C PHE F 128 -54.43 -14.91 -80.15
N GLY F 129 -53.22 -14.65 -80.66
CA GLY F 129 -52.11 -14.27 -79.82
C GLY F 129 -50.95 -13.82 -80.68
N LYS F 130 -49.82 -13.51 -80.06
CA LYS F 130 -48.63 -13.16 -80.82
C LYS F 130 -48.20 -14.40 -81.61
N THR F 131 -47.48 -14.18 -82.70
CA THR F 131 -47.06 -15.27 -83.59
C THR F 131 -46.39 -16.42 -82.82
N ASP F 132 -45.43 -16.08 -81.99
CA ASP F 132 -44.69 -17.07 -81.20
C ASP F 132 -45.62 -17.80 -80.22
N LEU F 133 -46.54 -17.05 -79.64
CA LEU F 133 -47.46 -17.59 -78.65
C LEU F 133 -48.48 -18.53 -79.28
N MET F 134 -49.08 -18.11 -80.40
CA MET F 134 -50.11 -18.91 -81.05
C MET F 134 -49.51 -20.20 -81.59
N ALA F 135 -48.23 -20.15 -81.95
CA ALA F 135 -47.52 -21.34 -82.39
C ALA F 135 -47.47 -22.39 -81.28
N VAL F 136 -47.22 -21.93 -80.05
CA VAL F 136 -47.22 -22.82 -78.89
C VAL F 136 -48.63 -23.37 -78.66
N THR F 137 -49.62 -22.51 -78.80
CA THR F 137 -51.02 -22.88 -78.64
C THR F 137 -51.41 -23.97 -79.63
N LEU F 138 -50.99 -23.79 -80.88
CA LEU F 138 -51.27 -24.78 -81.92
C LEU F 138 -50.54 -26.08 -81.62
N ALA F 139 -49.32 -25.97 -81.10
CA ALA F 139 -48.51 -27.13 -80.78
C ALA F 139 -49.16 -27.99 -79.71
N GLN F 140 -49.69 -27.35 -78.67
CA GLN F 140 -50.30 -28.10 -77.58
C GLN F 140 -51.68 -28.63 -77.98
N SER F 141 -52.34 -27.95 -78.92
CA SER F 141 -53.62 -28.41 -79.43
C SER F 141 -53.47 -29.64 -80.32
N LEU F 142 -52.53 -29.56 -81.28
CA LEU F 142 -52.22 -30.69 -82.14
C LEU F 142 -51.65 -31.84 -81.32
N ALA F 143 -51.03 -31.52 -80.19
CA ALA F 143 -50.52 -32.53 -79.27
C ALA F 143 -51.66 -33.39 -78.73
N HIS F 144 -52.76 -32.74 -78.37
CA HIS F 144 -53.94 -33.46 -77.91
C HIS F 144 -54.43 -34.41 -79.00
N ASN F 145 -54.57 -33.89 -80.21
CA ASN F 145 -54.97 -34.72 -81.36
C ASN F 145 -54.02 -35.87 -81.59
N ILE F 146 -52.73 -35.59 -81.43
CA ILE F 146 -51.68 -36.56 -81.71
C ILE F 146 -51.54 -37.58 -80.57
N GLY F 147 -52.23 -37.34 -79.47
CA GLY F 147 -52.27 -38.30 -78.38
C GLY F 147 -51.49 -37.90 -77.14
N ILE F 148 -50.85 -36.74 -77.21
CA ILE F 148 -50.05 -36.24 -76.11
C ILE F 148 -50.90 -35.55 -75.05
N ILE F 149 -50.95 -36.15 -73.87
CA ILE F 149 -51.61 -35.52 -72.73
C ILE F 149 -50.67 -35.54 -71.55
N SER F 150 -50.57 -34.43 -70.83
CA SER F 150 -49.69 -34.38 -69.68
C SER F 150 -50.26 -35.27 -68.57
N ASP F 151 -49.66 -36.47 -68.42
CA ASP F 151 -50.15 -37.47 -67.47
C ASP F 151 -50.14 -36.92 -66.04
N LYS F 152 -51.32 -36.59 -65.54
CA LYS F 152 -51.47 -35.97 -64.22
C LYS F 152 -51.08 -36.91 -63.09
N ARG F 153 -51.28 -38.20 -63.29
CA ARG F 153 -50.91 -39.19 -62.29
C ARG F 153 -49.40 -39.22 -62.13
N LYS F 154 -48.69 -39.18 -63.26
CA LYS F 154 -47.23 -39.20 -63.26
C LYS F 154 -46.66 -37.82 -62.90
N LEU F 155 -47.44 -36.77 -63.17
CA LEU F 155 -47.02 -35.42 -62.80
C LEU F 155 -47.02 -35.25 -61.29
N ALA F 156 -48.13 -35.63 -60.66
CA ALA F 156 -48.29 -35.50 -59.22
C ALA F 156 -47.31 -36.39 -58.44
N SER F 157 -47.13 -37.61 -58.93
CA SER F 157 -46.23 -38.54 -58.27
C SER F 157 -44.76 -38.19 -58.53
N GLY F 158 -44.52 -37.44 -59.61
CA GLY F 158 -43.17 -37.03 -59.98
C GLY F 158 -42.36 -37.85 -60.98
N GLU F 159 -43.01 -38.81 -61.64
CA GLU F 159 -42.38 -39.68 -62.63
C GLU F 159 -42.01 -38.90 -63.88
N CYS F 160 -42.86 -37.96 -64.26
CA CYS F 160 -42.58 -37.08 -65.38
C CYS F 160 -42.51 -35.64 -64.91
N LYS F 161 -41.39 -35.00 -65.20
CA LYS F 161 -41.19 -33.61 -64.83
C LYS F 161 -40.53 -32.84 -65.97
N CYS F 162 -40.88 -31.57 -66.09
CA CYS F 162 -40.26 -30.70 -67.08
C CYS F 162 -38.91 -30.19 -66.57
N GLU F 163 -37.84 -30.55 -67.27
CA GLU F 163 -36.49 -30.21 -66.84
C GLU F 163 -36.14 -28.74 -67.11
N ASP F 164 -36.97 -28.06 -67.88
CA ASP F 164 -36.75 -26.65 -68.17
C ASP F 164 -37.34 -25.76 -67.09
N THR F 165 -36.45 -25.13 -66.34
CA THR F 165 -36.82 -24.36 -65.18
C THR F 165 -37.43 -22.99 -65.50
N TRP F 166 -36.98 -22.38 -66.60
CA TRP F 166 -37.34 -21.00 -66.89
C TRP F 166 -38.53 -20.91 -67.85
N SER F 167 -38.45 -21.58 -68.99
CA SER F 167 -39.48 -21.48 -70.01
C SER F 167 -40.59 -22.51 -69.83
N GLY F 168 -40.33 -23.55 -69.05
CA GLY F 168 -41.29 -24.61 -68.84
C GLY F 168 -41.48 -25.43 -70.10
N CYS F 169 -42.56 -26.21 -70.15
CA CYS F 169 -42.83 -27.04 -71.31
C CYS F 169 -44.19 -26.77 -71.95
N ILE F 170 -44.34 -27.23 -73.18
CA ILE F 170 -45.51 -26.92 -74.01
C ILE F 170 -46.86 -27.32 -73.42
N MET F 171 -46.95 -28.52 -72.85
CA MET F 171 -48.21 -28.99 -72.31
C MET F 171 -48.53 -28.37 -70.95
N GLY F 172 -47.65 -27.48 -70.48
CA GLY F 172 -47.88 -26.78 -69.24
C GLY F 172 -48.53 -25.43 -69.46
N ASP F 173 -48.88 -24.74 -68.36
CA ASP F 173 -49.47 -23.41 -68.45
C ASP F 173 -48.48 -22.45 -69.08
N THR F 174 -48.94 -21.72 -70.09
CA THR F 174 -48.10 -20.80 -70.84
C THR F 174 -48.14 -19.40 -70.25
N GLY F 175 -46.97 -18.77 -70.16
CA GLY F 175 -46.86 -17.40 -69.71
C GLY F 175 -46.10 -16.58 -70.73
N TYR F 176 -45.53 -15.46 -70.30
CA TYR F 176 -44.78 -14.59 -71.20
C TYR F 176 -43.57 -15.30 -71.80
N TYR F 177 -42.76 -15.93 -70.94
CA TYR F 177 -41.64 -16.72 -71.41
C TYR F 177 -42.12 -18.07 -71.95
N LEU F 178 -42.12 -18.19 -73.28
CA LEU F 178 -42.71 -19.32 -73.96
C LEU F 178 -41.85 -20.57 -73.90
N PRO F 179 -42.49 -21.74 -73.76
CA PRO F 179 -41.79 -23.02 -73.78
C PRO F 179 -41.34 -23.37 -75.20
N LYS F 180 -40.42 -24.31 -75.32
CA LYS F 180 -39.92 -24.69 -76.64
C LYS F 180 -39.85 -26.20 -76.78
N LYS F 181 -39.95 -26.91 -75.65
CA LYS F 181 -39.66 -28.34 -75.64
C LYS F 181 -40.79 -29.16 -75.03
N PHE F 182 -40.97 -30.36 -75.57
CA PHE F 182 -41.79 -31.40 -74.95
C PHE F 182 -40.96 -32.17 -73.94
N THR F 183 -41.62 -32.78 -72.96
CA THR F 183 -40.92 -33.65 -72.02
C THR F 183 -40.70 -35.01 -72.68
N GLN F 184 -39.78 -35.81 -72.11
CA GLN F 184 -39.56 -37.17 -72.60
C GLN F 184 -40.82 -38.01 -72.41
N CYS F 185 -41.58 -37.68 -71.37
CA CYS F 185 -42.82 -38.38 -71.07
C CYS F 185 -43.84 -38.15 -72.20
N ASN F 186 -43.84 -36.93 -72.74
CA ASN F 186 -44.69 -36.60 -73.87
C ASN F 186 -44.34 -37.41 -75.12
N ILE F 187 -43.05 -37.59 -75.34
CA ILE F 187 -42.56 -38.36 -76.48
C ILE F 187 -43.07 -39.79 -76.39
N GLU F 188 -42.99 -40.37 -75.19
CA GLU F 188 -43.42 -41.75 -74.97
C GLU F 188 -44.91 -41.90 -75.19
N GLU F 189 -45.68 -40.90 -74.77
CA GLU F 189 -47.14 -40.91 -74.98
C GLU F 189 -47.49 -40.89 -76.46
N TYR F 190 -46.72 -40.12 -77.23
CA TYR F 190 -46.90 -40.04 -78.67
C TYR F 190 -46.54 -41.37 -79.32
N HIS F 191 -45.45 -41.97 -78.84
CA HIS F 191 -45.01 -43.27 -79.34
C HIS F 191 -46.03 -44.35 -78.99
N ASP F 192 -46.57 -44.29 -77.78
CA ASP F 192 -47.59 -45.24 -77.35
C ASP F 192 -48.84 -45.12 -78.21
N PHE F 193 -49.15 -43.89 -78.62
CA PHE F 193 -50.32 -43.64 -79.46
C PHE F 193 -50.17 -44.25 -80.84
N LEU F 194 -48.97 -44.13 -81.41
CA LEU F 194 -48.68 -44.71 -82.70
C LEU F 194 -48.63 -46.23 -82.62
N ASN F 195 -48.03 -46.75 -81.56
CA ASN F 195 -47.94 -48.19 -81.37
C ASN F 195 -49.29 -48.83 -81.05
N SER F 196 -50.24 -48.02 -80.60
CA SER F 196 -51.58 -48.47 -80.30
C SER F 196 -52.47 -48.54 -81.54
N GLY F 197 -51.94 -48.04 -82.67
CA GLY F 197 -52.68 -48.08 -83.92
C GLY F 197 -53.27 -46.74 -84.34
N GLY F 198 -52.86 -45.68 -83.64
CA GLY F 198 -53.35 -44.34 -83.92
C GLY F 198 -52.49 -43.55 -84.87
N GLY F 199 -53.08 -42.52 -85.48
CA GLY F 199 -52.36 -41.68 -86.43
C GLY F 199 -51.97 -42.36 -87.72
N ALA F 200 -52.87 -43.16 -88.28
CA ALA F 200 -52.61 -43.87 -89.53
C ALA F 200 -52.45 -42.94 -90.73
N CYS F 201 -53.16 -41.81 -90.72
CA CYS F 201 -53.15 -40.87 -91.84
C CYS F 201 -51.93 -39.93 -91.84
N LEU F 202 -50.96 -40.21 -90.96
CA LEU F 202 -49.84 -39.31 -90.74
C LEU F 202 -48.60 -39.73 -91.50
N PHE F 203 -48.72 -40.73 -92.36
CA PHE F 203 -47.54 -41.31 -92.98
C PHE F 203 -47.45 -41.02 -94.47
N ASN F 204 -48.40 -40.26 -94.98
CA ASN F 204 -48.33 -39.73 -96.35
C ASN F 204 -47.55 -38.43 -96.39
N LYS F 205 -46.49 -38.39 -97.20
CA LYS F 205 -45.65 -37.20 -97.28
C LYS F 205 -46.18 -36.25 -98.36
N PRO F 206 -46.55 -35.02 -97.96
CA PRO F 206 -47.03 -33.99 -98.88
C PRO F 206 -45.97 -33.63 -99.91
N SER F 207 -46.38 -33.25 -101.10
CA SER F 207 -45.46 -32.88 -102.17
C SER F 207 -45.54 -31.38 -102.46
N LYS F 208 -46.63 -30.98 -103.12
CA LYS F 208 -46.81 -29.57 -103.48
C LYS F 208 -47.41 -28.78 -102.33
N LEU F 209 -46.67 -27.80 -101.84
CA LEU F 209 -47.10 -26.98 -100.72
C LEU F 209 -47.90 -25.78 -101.21
N LEU F 210 -48.27 -24.90 -100.28
CA LEU F 210 -48.98 -23.67 -100.61
C LEU F 210 -48.01 -22.49 -100.76
N ASP F 211 -46.72 -22.80 -100.90
CA ASP F 211 -45.68 -21.78 -100.97
C ASP F 211 -44.81 -21.99 -102.21
N PRO F 212 -44.04 -20.95 -102.60
CA PRO F 212 -43.09 -21.11 -103.69
C PRO F 212 -42.11 -22.25 -103.44
N PRO F 213 -41.81 -23.04 -104.48
CA PRO F 213 -40.88 -24.18 -104.37
C PRO F 213 -39.53 -23.78 -103.79
N GLU F 214 -39.02 -24.58 -102.87
CA GLU F 214 -37.74 -24.31 -102.25
C GLU F 214 -36.90 -25.58 -102.20
N CYS F 215 -35.81 -25.59 -102.96
CA CYS F 215 -34.86 -26.70 -102.94
C CYS F 215 -34.06 -26.67 -101.64
N GLY F 216 -34.24 -27.71 -100.82
CA GLY F 216 -33.57 -27.78 -99.53
C GLY F 216 -34.57 -27.60 -98.41
N ASN F 217 -35.80 -28.02 -98.69
CA ASN F 217 -36.91 -27.94 -97.76
C ASN F 217 -37.32 -29.33 -97.27
N GLY F 218 -36.83 -30.34 -97.99
CA GLY F 218 -37.14 -31.71 -97.66
C GLY F 218 -38.49 -32.10 -98.24
N PHE F 219 -38.92 -31.37 -99.27
CA PHE F 219 -40.18 -31.65 -99.92
C PHE F 219 -40.10 -31.48 -101.44
N ILE F 220 -40.56 -32.51 -102.14
CA ILE F 220 -40.57 -32.55 -103.60
C ILE F 220 -41.71 -31.71 -104.15
N GLU F 221 -41.41 -30.48 -104.53
CA GLU F 221 -42.40 -29.55 -105.02
C GLU F 221 -42.40 -29.46 -106.54
N THR F 222 -43.14 -28.49 -107.07
CA THR F 222 -43.26 -28.34 -108.52
C THR F 222 -41.92 -27.95 -109.14
N GLY F 223 -41.60 -28.56 -110.28
CA GLY F 223 -40.38 -28.23 -110.99
C GLY F 223 -39.20 -29.10 -110.60
N GLU F 224 -39.12 -29.43 -109.31
CA GLU F 224 -38.01 -30.23 -108.79
C GLU F 224 -38.38 -31.72 -108.87
N GLU F 225 -37.41 -32.58 -109.19
CA GLU F 225 -37.66 -34.01 -109.34
C GLU F 225 -37.56 -34.75 -108.00
N CYS F 226 -36.62 -34.30 -107.17
CA CYS F 226 -36.44 -34.81 -105.81
C CYS F 226 -35.99 -33.69 -104.88
N ASP F 227 -35.87 -33.98 -103.59
CA ASP F 227 -35.50 -32.97 -102.59
C ASP F 227 -35.09 -33.63 -101.26
N CYS F 228 -33.79 -33.87 -101.07
CA CYS F 228 -33.28 -34.59 -99.90
C CYS F 228 -33.49 -34.00 -98.50
N GLY F 229 -33.39 -32.66 -98.39
CA GLY F 229 -33.56 -31.95 -97.12
C GLY F 229 -32.53 -30.85 -97.02
N THR F 230 -31.77 -30.78 -95.92
CA THR F 230 -30.73 -29.76 -95.83
C THR F 230 -29.48 -30.45 -96.32
N PRO F 231 -28.53 -29.70 -96.87
CA PRO F 231 -27.33 -30.35 -97.42
C PRO F 231 -26.63 -31.19 -96.36
N ALA F 232 -26.76 -30.78 -95.10
CA ALA F 232 -26.16 -31.51 -93.98
C ALA F 232 -26.79 -32.90 -93.82
N GLU F 233 -28.12 -32.96 -93.81
CA GLU F 233 -28.82 -34.23 -93.64
C GLU F 233 -29.02 -34.99 -94.96
N CYS F 234 -28.74 -34.33 -96.08
CA CYS F 234 -28.82 -34.98 -97.38
C CYS F 234 -27.67 -35.98 -97.53
N VAL F 235 -26.55 -35.68 -96.87
CA VAL F 235 -25.38 -36.54 -96.85
C VAL F 235 -25.74 -37.94 -96.33
N LEU F 236 -26.56 -37.95 -95.29
CA LEU F 236 -27.00 -39.21 -94.67
C LEU F 236 -27.78 -40.07 -95.65
N GLU F 237 -28.69 -39.44 -96.40
CA GLU F 237 -29.51 -40.15 -97.37
C GLU F 237 -29.91 -39.25 -98.53
N GLY F 238 -29.52 -39.66 -99.75
CA GLY F 238 -29.91 -38.94 -100.94
C GLY F 238 -28.80 -38.12 -101.58
N ALA F 239 -27.64 -38.09 -100.94
CA ALA F 239 -26.52 -37.30 -101.43
C ALA F 239 -26.06 -37.74 -102.82
N GLU F 240 -25.77 -39.02 -102.96
CA GLU F 240 -25.34 -39.56 -104.25
C GLU F 240 -26.47 -39.53 -105.27
N CYS F 241 -27.70 -39.61 -104.79
CA CYS F 241 -28.87 -39.75 -105.64
C CYS F 241 -29.34 -38.44 -106.26
N CYS F 242 -29.35 -37.37 -105.46
CA CYS F 242 -29.96 -36.12 -105.89
C CYS F 242 -28.97 -34.96 -105.97
N LYS F 243 -29.02 -34.23 -107.08
CA LYS F 243 -28.19 -33.06 -107.30
C LYS F 243 -29.04 -31.83 -107.64
N LYS F 244 -29.04 -30.86 -106.73
CA LYS F 244 -29.82 -29.62 -106.91
C LYS F 244 -31.26 -29.92 -107.28
N CYS F 245 -31.89 -30.77 -106.47
CA CYS F 245 -33.28 -31.18 -106.66
C CYS F 245 -33.51 -31.82 -108.02
N THR F 246 -32.50 -32.50 -108.54
CA THR F 246 -32.60 -33.19 -109.82
C THR F 246 -31.94 -34.56 -109.74
N LEU F 247 -32.62 -35.58 -110.24
CA LEU F 247 -32.09 -36.94 -110.22
C LEU F 247 -30.85 -37.03 -111.10
N THR F 248 -29.84 -37.75 -110.63
CA THR F 248 -28.61 -37.98 -111.39
C THR F 248 -28.92 -38.96 -112.52
N GLN F 249 -27.93 -39.39 -113.28
CA GLN F 249 -28.16 -40.33 -114.40
C GLN F 249 -28.61 -41.76 -114.00
N ASP F 250 -27.99 -42.35 -112.99
CA ASP F 250 -28.28 -43.74 -112.55
C ASP F 250 -28.98 -43.75 -111.18
N SER F 251 -30.14 -43.12 -111.10
CA SER F 251 -30.98 -43.00 -109.88
C SER F 251 -32.45 -42.89 -110.26
N GLN F 252 -33.25 -43.66 -109.56
CA GLN F 252 -34.69 -43.63 -109.76
C GLN F 252 -35.36 -42.81 -108.67
N CYS F 253 -34.67 -42.66 -107.54
CA CYS F 253 -35.20 -41.90 -106.42
C CYS F 253 -34.07 -41.30 -105.60
N SER F 254 -34.43 -40.55 -104.56
CA SER F 254 -33.43 -39.90 -103.72
C SER F 254 -33.43 -40.46 -102.31
N ASP F 255 -34.57 -40.36 -101.64
CA ASP F 255 -34.70 -40.83 -100.27
C ASP F 255 -36.06 -41.48 -100.03
N GLY F 256 -36.20 -42.11 -98.87
CA GLY F 256 -37.44 -42.78 -98.52
C GLY F 256 -37.18 -44.21 -98.05
N LEU F 257 -38.19 -44.82 -97.45
CA LEU F 257 -38.07 -46.18 -96.96
C LEU F 257 -37.99 -47.18 -98.11
N CYS F 258 -38.57 -46.83 -99.26
CA CYS F 258 -38.55 -47.70 -100.43
C CYS F 258 -37.46 -47.27 -101.40
N CYS F 259 -36.50 -46.50 -100.92
CA CYS F 259 -35.38 -46.10 -101.75
C CYS F 259 -34.07 -46.58 -101.14
N LYS F 260 -33.35 -47.40 -101.90
CA LYS F 260 -32.08 -47.95 -101.45
C LYS F 260 -31.00 -47.74 -102.50
N LYS F 261 -30.01 -46.91 -102.18
CA LYS F 261 -28.89 -46.62 -103.08
C LYS F 261 -29.40 -46.09 -104.42
N CYS F 262 -30.24 -45.07 -104.34
CA CYS F 262 -30.75 -44.37 -105.52
C CYS F 262 -31.65 -45.25 -106.39
N LYS F 263 -32.05 -46.41 -105.88
CA LYS F 263 -32.91 -47.31 -106.65
C LYS F 263 -34.17 -47.68 -105.88
N PHE F 264 -35.24 -47.98 -106.64
CA PHE F 264 -36.51 -48.38 -106.06
C PHE F 264 -36.40 -49.73 -105.37
N GLN F 265 -37.13 -49.88 -104.27
CA GLN F 265 -37.22 -51.15 -103.57
C GLN F 265 -38.19 -52.08 -104.29
N PRO F 266 -37.82 -53.34 -104.49
CA PRO F 266 -38.69 -54.29 -105.20
C PRO F 266 -40.05 -54.44 -104.53
N MET F 267 -41.08 -54.65 -105.35
CA MET F 267 -42.45 -54.77 -104.85
C MET F 267 -42.60 -55.94 -103.88
N GLY F 268 -43.29 -55.70 -102.78
CA GLY F 268 -43.54 -56.73 -101.79
C GLY F 268 -42.66 -56.60 -100.56
N THR F 269 -41.72 -55.66 -100.60
CA THR F 269 -40.82 -55.44 -99.47
C THR F 269 -41.51 -54.72 -98.32
N VAL F 270 -41.45 -55.31 -97.13
CA VAL F 270 -42.08 -54.73 -95.94
C VAL F 270 -41.40 -53.43 -95.49
N CYS F 271 -42.15 -52.35 -95.56
CA CYS F 271 -41.63 -51.04 -95.16
C CYS F 271 -42.24 -50.55 -93.86
N ARG F 272 -43.35 -51.15 -93.45
CA ARG F 272 -43.99 -50.78 -92.20
C ARG F 272 -44.79 -51.96 -91.68
N GLU F 273 -44.29 -52.54 -90.60
CA GLU F 273 -44.91 -53.70 -89.99
C GLU F 273 -46.13 -53.28 -89.19
N ALA F 274 -47.10 -54.18 -89.07
CA ALA F 274 -48.32 -53.92 -88.33
C ALA F 274 -48.02 -53.66 -86.85
N VAL F 275 -48.54 -52.56 -86.32
CA VAL F 275 -48.27 -52.21 -84.92
C VAL F 275 -49.14 -53.04 -83.96
N ASN F 276 -50.28 -53.50 -84.45
CA ASN F 276 -51.19 -54.31 -83.64
C ASN F 276 -52.08 -55.18 -84.52
N ASP F 277 -53.01 -55.89 -83.89
CA ASP F 277 -53.88 -56.80 -84.62
C ASP F 277 -55.03 -56.06 -85.32
N CYS F 278 -55.04 -54.73 -85.21
CA CYS F 278 -55.96 -53.92 -85.97
C CYS F 278 -55.31 -53.37 -87.24
N ASP F 279 -53.99 -53.54 -87.36
CA ASP F 279 -53.29 -52.90 -88.48
C ASP F 279 -52.97 -53.85 -89.63
N ILE F 280 -52.80 -53.27 -90.81
CA ILE F 280 -52.37 -53.99 -92.00
C ILE F 280 -50.96 -53.55 -92.38
N ARG F 281 -50.09 -54.52 -92.61
CA ARG F 281 -48.72 -54.26 -93.02
C ARG F 281 -48.68 -53.56 -94.38
N GLU F 282 -47.64 -52.77 -94.60
CA GLU F 282 -47.50 -52.03 -95.86
C GLU F 282 -46.28 -52.51 -96.64
N THR F 283 -46.45 -52.72 -97.93
CA THR F 283 -45.35 -53.15 -98.77
C THR F 283 -45.03 -52.10 -99.82
N CYS F 284 -43.75 -52.03 -100.22
CA CYS F 284 -43.33 -51.10 -101.27
C CYS F 284 -43.98 -51.45 -102.59
N SER F 285 -44.46 -50.43 -103.31
CA SER F 285 -45.09 -50.65 -104.60
C SER F 285 -44.07 -51.00 -105.68
N GLY F 286 -42.83 -50.57 -105.47
CA GLY F 286 -41.77 -50.78 -106.43
C GLY F 286 -41.70 -49.65 -107.46
N ASN F 287 -42.74 -48.81 -107.44
CA ASN F 287 -42.83 -47.69 -108.37
C ASN F 287 -42.76 -46.35 -107.64
N SER F 288 -42.61 -46.41 -106.32
CA SER F 288 -42.56 -45.21 -105.49
C SER F 288 -41.43 -45.28 -104.46
N SER F 289 -40.86 -44.13 -104.13
CA SER F 289 -39.80 -44.08 -103.13
C SER F 289 -40.36 -44.09 -101.71
N GLN F 290 -41.61 -43.64 -101.57
CA GLN F 290 -42.29 -43.64 -100.28
C GLN F 290 -42.99 -44.95 -99.99
N CYS F 291 -43.08 -45.29 -98.71
CA CYS F 291 -43.83 -46.45 -98.28
C CYS F 291 -45.31 -46.19 -98.55
N ALA F 292 -46.04 -47.26 -98.86
CA ALA F 292 -47.47 -47.17 -99.14
C ALA F 292 -48.17 -46.47 -97.99
N PRO F 293 -49.22 -45.69 -98.30
CA PRO F 293 -50.03 -45.00 -97.29
C PRO F 293 -50.47 -45.93 -96.16
N ASN F 294 -50.18 -45.54 -94.92
CA ASN F 294 -50.50 -46.38 -93.76
C ASN F 294 -52.00 -46.59 -93.61
N ILE F 295 -52.44 -47.80 -93.94
CA ILE F 295 -53.84 -48.17 -93.78
C ILE F 295 -53.96 -49.32 -92.79
N HIS F 296 -55.18 -49.58 -92.35
CA HIS F 296 -55.44 -50.65 -91.39
C HIS F 296 -56.78 -51.33 -91.66
N LYS F 297 -57.13 -52.28 -90.79
CA LYS F 297 -58.40 -52.97 -90.92
C LYS F 297 -59.56 -52.01 -90.65
N MET F 298 -60.66 -52.22 -91.33
CA MET F 298 -61.84 -51.40 -91.13
C MET F 298 -62.39 -51.50 -89.72
N ASP F 299 -63.25 -50.57 -89.36
CA ASP F 299 -63.94 -50.63 -88.08
C ASP F 299 -64.93 -51.79 -88.08
N GLY F 300 -64.76 -52.69 -87.11
CA GLY F 300 -65.63 -53.86 -87.01
C GLY F 300 -64.85 -55.13 -86.76
N TYR F 301 -63.62 -55.17 -87.27
CA TYR F 301 -62.72 -56.31 -87.03
C TYR F 301 -62.46 -56.45 -85.55
N SER F 302 -62.31 -57.69 -85.09
CA SER F 302 -62.07 -57.94 -83.68
C SER F 302 -60.59 -57.79 -83.35
N CYS F 303 -60.28 -57.56 -82.08
CA CYS F 303 -58.91 -57.45 -81.62
C CYS F 303 -58.80 -57.91 -80.17
N ASP F 304 -57.58 -58.24 -79.75
CA ASP F 304 -57.33 -58.84 -78.45
C ASP F 304 -58.21 -60.08 -78.29
N GLY F 305 -58.16 -60.96 -79.28
CA GLY F 305 -59.04 -62.10 -79.32
C GLY F 305 -60.43 -61.65 -79.73
N VAL F 306 -61.39 -61.86 -78.84
CA VAL F 306 -62.76 -61.42 -79.08
C VAL F 306 -63.09 -60.33 -78.07
N GLN F 307 -62.12 -59.99 -77.23
CA GLN F 307 -62.29 -59.04 -76.15
C GLN F 307 -62.48 -57.61 -76.65
N GLY F 308 -62.00 -57.32 -77.85
CA GLY F 308 -62.07 -55.97 -78.40
C GLY F 308 -62.49 -55.88 -79.86
N ILE F 309 -62.78 -54.66 -80.30
CA ILE F 309 -63.15 -54.40 -81.69
C ILE F 309 -62.47 -53.13 -82.19
N CYS F 310 -61.86 -53.23 -83.37
CA CYS F 310 -61.08 -52.13 -83.93
C CYS F 310 -61.91 -50.92 -84.31
N PHE F 311 -61.43 -49.74 -83.92
CA PHE F 311 -62.02 -48.47 -84.34
C PHE F 311 -60.91 -47.46 -84.60
N GLY F 312 -60.78 -47.05 -85.85
CA GLY F 312 -59.73 -46.12 -86.23
C GLY F 312 -58.35 -46.72 -86.03
N GLY F 313 -58.26 -48.04 -86.19
CA GLY F 313 -57.00 -48.73 -86.02
C GLY F 313 -56.67 -49.04 -84.57
N ARG F 314 -57.56 -48.63 -83.67
CA ARG F 314 -57.34 -48.83 -82.24
C ARG F 314 -58.34 -49.83 -81.66
N CYS F 315 -57.88 -50.63 -80.70
CA CYS F 315 -58.69 -51.66 -80.10
C CYS F 315 -59.45 -51.12 -78.89
N LYS F 316 -60.77 -51.15 -78.95
CA LYS F 316 -61.59 -50.69 -77.84
C LYS F 316 -61.95 -51.83 -76.89
N THR F 317 -61.21 -51.93 -75.78
CA THR F 317 -61.54 -52.89 -74.74
C THR F 317 -61.75 -52.16 -73.43
N ARG F 318 -62.52 -52.79 -72.53
CA ARG F 318 -62.71 -52.23 -71.20
C ARG F 318 -61.39 -52.22 -70.44
N ASP F 319 -60.53 -53.18 -70.77
CA ASP F 319 -59.23 -53.29 -70.12
C ASP F 319 -58.32 -52.12 -70.52
N ARG F 320 -58.32 -51.79 -71.80
CA ARG F 320 -57.52 -50.67 -72.29
C ARG F 320 -58.09 -49.34 -71.83
N GLN F 321 -59.42 -49.25 -71.77
CA GLN F 321 -60.09 -48.03 -71.34
C GLN F 321 -59.78 -47.73 -69.88
N CYS F 322 -59.67 -48.78 -69.08
CA CYS F 322 -59.29 -48.61 -67.68
C CYS F 322 -57.84 -48.16 -67.59
N LYS F 323 -56.99 -48.72 -68.45
CA LYS F 323 -55.59 -48.33 -68.48
C LYS F 323 -55.46 -46.90 -68.98
N TYR F 324 -56.36 -46.52 -69.88
CA TYR F 324 -56.35 -45.19 -70.47
C TYR F 324 -56.67 -44.11 -69.44
N ILE F 325 -57.55 -44.44 -68.50
CA ILE F 325 -58.02 -43.47 -67.52
C ILE F 325 -57.16 -43.44 -66.25
N TRP F 326 -56.88 -44.62 -65.69
CA TRP F 326 -56.28 -44.68 -64.36
C TRP F 326 -54.81 -45.13 -64.35
N GLY F 327 -54.34 -45.74 -65.44
CA GLY F 327 -52.95 -46.13 -65.52
C GLY F 327 -52.72 -47.56 -65.99
N GLN F 328 -51.50 -47.84 -66.43
CA GLN F 328 -51.14 -49.12 -67.01
C GLN F 328 -51.23 -50.27 -66.01
N LYS F 329 -50.98 -49.97 -64.75
CA LYS F 329 -50.99 -50.99 -63.70
C LYS F 329 -52.42 -51.42 -63.39
N VAL F 330 -53.38 -50.63 -63.85
CA VAL F 330 -54.80 -50.89 -63.63
C VAL F 330 -55.33 -51.92 -64.62
N THR F 331 -56.12 -52.88 -64.14
CA THR F 331 -56.73 -53.87 -65.00
C THR F 331 -58.25 -53.83 -64.89
N ALA F 332 -58.94 -54.35 -65.91
CA ALA F 332 -60.39 -54.35 -65.91
C ALA F 332 -60.93 -55.34 -64.88
N SER F 333 -62.12 -55.04 -64.36
CA SER F 333 -62.76 -55.92 -63.39
C SER F 333 -63.30 -57.17 -64.07
N ASP F 334 -63.53 -58.21 -63.30
CA ASP F 334 -64.13 -59.43 -63.80
C ASP F 334 -65.56 -59.14 -64.26
N LYS F 335 -66.06 -59.95 -65.19
CA LYS F 335 -67.39 -59.74 -65.75
C LYS F 335 -68.50 -59.88 -64.69
N TYR F 336 -68.19 -60.58 -63.61
CA TYR F 336 -69.13 -60.78 -62.52
C TYR F 336 -69.40 -59.47 -61.78
N CYS F 337 -68.39 -58.60 -61.75
CA CYS F 337 -68.53 -57.29 -61.11
C CYS F 337 -69.61 -56.46 -61.80
N TYR F 338 -69.65 -56.54 -63.12
CA TYR F 338 -70.65 -55.84 -63.91
C TYR F 338 -72.01 -56.48 -63.70
N GLU F 339 -72.05 -57.81 -63.73
CA GLU F 339 -73.29 -58.58 -63.69
C GLU F 339 -74.12 -58.38 -62.42
N LYS F 340 -73.54 -57.74 -61.41
CA LYS F 340 -74.26 -57.51 -60.16
C LYS F 340 -74.53 -56.03 -59.92
N LEU F 341 -73.48 -55.21 -60.04
CA LEU F 341 -73.55 -53.80 -59.70
C LEU F 341 -74.37 -52.99 -60.72
N ASN F 342 -74.18 -53.29 -62.00
CA ASN F 342 -74.83 -52.51 -63.06
C ASN F 342 -76.35 -52.63 -63.05
N ILE F 343 -76.86 -53.78 -62.65
CA ILE F 343 -78.30 -54.01 -62.60
C ILE F 343 -78.93 -53.01 -61.62
N GLU F 344 -78.23 -52.75 -60.53
CA GLU F 344 -78.68 -51.78 -59.53
C GLU F 344 -78.73 -50.39 -60.15
N GLY F 345 -79.63 -49.55 -59.66
CA GLY F 345 -79.75 -48.19 -60.15
C GLY F 345 -79.09 -47.18 -59.21
N THR F 346 -78.07 -47.64 -58.50
CA THR F 346 -77.30 -46.81 -57.58
C THR F 346 -76.03 -46.22 -58.19
N GLU F 347 -75.25 -45.53 -57.35
CA GLU F 347 -73.94 -44.99 -57.74
C GLU F 347 -72.87 -46.05 -58.01
N LYS F 348 -72.98 -47.19 -57.33
CA LYS F 348 -71.98 -48.26 -57.45
C LYS F 348 -72.07 -49.06 -58.75
N GLY F 349 -72.90 -48.60 -59.67
CA GLY F 349 -73.04 -49.25 -60.97
C GLY F 349 -74.34 -48.86 -61.63
N ASN F 350 -74.27 -48.39 -62.87
CA ASN F 350 -75.45 -47.94 -63.59
C ASN F 350 -75.21 -47.75 -65.08
N CYS F 351 -76.29 -47.47 -65.81
CA CYS F 351 -76.19 -47.19 -67.24
C CYS F 351 -76.47 -45.73 -67.55
N GLY F 352 -75.97 -44.84 -66.70
CA GLY F 352 -76.16 -43.41 -66.91
C GLY F 352 -77.02 -42.79 -65.83
N LYS F 353 -77.24 -41.49 -65.92
CA LYS F 353 -78.04 -40.76 -64.93
C LYS F 353 -79.14 -39.96 -65.62
N ASP F 354 -80.37 -40.12 -65.13
CA ASP F 354 -81.50 -39.40 -65.71
C ASP F 354 -82.24 -38.55 -64.67
N LYS F 355 -81.94 -37.26 -64.67
CA LYS F 355 -82.60 -36.29 -63.81
C LYS F 355 -82.62 -36.70 -62.34
N ASP F 356 -81.47 -36.59 -61.69
CA ASP F 356 -81.30 -36.81 -60.24
C ASP F 356 -81.47 -38.28 -59.81
N THR F 357 -81.72 -39.16 -60.76
CA THR F 357 -81.87 -40.57 -60.44
C THR F 357 -81.18 -41.45 -61.48
N TRP F 358 -80.40 -42.43 -61.01
CA TRP F 358 -79.67 -43.33 -61.90
C TRP F 358 -80.61 -44.35 -62.55
N ILE F 359 -80.27 -44.77 -63.76
CA ILE F 359 -81.05 -45.79 -64.46
C ILE F 359 -80.58 -47.19 -64.14
N GLN F 360 -81.49 -48.05 -63.70
CA GLN F 360 -81.16 -49.44 -63.47
C GLN F 360 -81.06 -50.17 -64.81
N CYS F 361 -79.85 -50.63 -65.12
CA CYS F 361 -79.54 -51.26 -66.41
C CYS F 361 -80.23 -52.59 -66.65
N ASN F 362 -80.47 -52.88 -67.93
CA ASN F 362 -81.07 -54.14 -68.35
C ASN F 362 -80.02 -55.24 -68.21
N LYS F 363 -80.46 -56.48 -68.17
CA LYS F 363 -79.56 -57.60 -67.93
C LYS F 363 -78.66 -57.88 -69.14
N ARG F 364 -79.14 -57.58 -70.35
CA ARG F 364 -78.29 -57.72 -71.52
C ARG F 364 -77.36 -56.53 -71.69
N ASP F 365 -77.83 -55.33 -71.33
CA ASP F 365 -77.05 -54.12 -71.51
C ASP F 365 -76.14 -53.87 -70.31
N VAL F 366 -75.67 -54.95 -69.70
CA VAL F 366 -74.86 -54.87 -68.49
C VAL F 366 -73.40 -54.51 -68.76
N LEU F 367 -72.88 -54.95 -69.91
CA LEU F 367 -71.49 -54.68 -70.28
C LEU F 367 -71.29 -53.30 -70.90
N CYS F 368 -72.37 -52.55 -71.06
CA CYS F 368 -72.28 -51.23 -71.68
C CYS F 368 -72.58 -50.11 -70.69
N GLY F 369 -72.48 -50.42 -69.41
CA GLY F 369 -72.83 -49.46 -68.38
C GLY F 369 -71.64 -48.81 -67.72
N TYR F 370 -71.66 -48.82 -66.40
CA TYR F 370 -70.62 -48.19 -65.60
C TYR F 370 -69.32 -48.99 -65.64
N LEU F 371 -68.23 -48.33 -66.03
CA LEU F 371 -66.94 -49.01 -66.15
C LEU F 371 -66.38 -49.41 -64.79
N LEU F 372 -65.88 -50.64 -64.70
CA LEU F 372 -65.32 -51.14 -63.46
C LEU F 372 -63.88 -51.62 -63.65
N CYS F 373 -62.99 -51.20 -62.75
CA CYS F 373 -61.58 -51.54 -62.84
C CYS F 373 -61.05 -52.14 -61.54
N THR F 374 -59.84 -52.68 -61.60
CA THR F 374 -59.17 -53.23 -60.41
C THR F 374 -57.83 -52.53 -60.22
N ASN F 375 -57.36 -52.48 -58.98
CA ASN F 375 -56.09 -51.82 -58.63
C ASN F 375 -56.12 -50.35 -59.07
N ILE F 376 -57.22 -49.67 -58.77
CA ILE F 376 -57.41 -48.29 -59.18
C ILE F 376 -56.60 -47.35 -58.28
N GLY F 377 -56.35 -46.14 -58.77
CA GLY F 377 -55.67 -45.14 -57.98
C GLY F 377 -56.65 -44.11 -57.48
N ASN F 378 -56.17 -42.89 -57.20
CA ASN F 378 -57.05 -41.82 -56.76
C ASN F 378 -56.89 -40.56 -57.61
N ILE F 379 -56.18 -40.69 -58.72
CA ILE F 379 -55.95 -39.59 -59.65
C ILE F 379 -55.89 -40.08 -61.09
N PRO F 380 -56.84 -39.65 -61.92
CA PRO F 380 -56.88 -40.05 -63.33
C PRO F 380 -55.74 -39.44 -64.14
N ARG F 381 -55.39 -40.09 -65.25
CA ARG F 381 -54.33 -39.62 -66.13
C ARG F 381 -54.74 -38.34 -66.86
N LEU F 382 -56.04 -38.18 -67.07
CA LEU F 382 -56.57 -37.03 -67.79
C LEU F 382 -57.92 -36.61 -67.25
N GLY F 383 -58.32 -35.37 -67.53
CA GLY F 383 -59.62 -34.87 -67.12
C GLY F 383 -59.74 -34.60 -65.63
N GLU F 384 -60.97 -34.29 -65.21
CA GLU F 384 -61.26 -33.97 -63.82
C GLU F 384 -62.11 -35.06 -63.19
N LEU F 385 -61.78 -35.44 -61.96
CA LEU F 385 -62.54 -36.43 -61.23
C LEU F 385 -63.77 -35.81 -60.60
N ASP F 386 -64.95 -36.31 -60.96
CA ASP F 386 -66.21 -35.78 -60.43
C ASP F 386 -66.80 -36.71 -59.39
N GLY F 387 -66.54 -36.42 -58.12
CA GLY F 387 -67.08 -37.20 -57.02
C GLY F 387 -66.00 -38.00 -56.31
N GLU F 388 -66.39 -39.18 -55.82
CA GLU F 388 -65.47 -40.06 -55.11
C GLU F 388 -65.27 -41.36 -55.86
N ILE F 389 -64.37 -42.21 -55.36
CA ILE F 389 -64.10 -43.49 -55.98
C ILE F 389 -65.03 -44.57 -55.46
N THR F 390 -65.83 -45.17 -56.35
CA THR F 390 -66.66 -46.29 -55.94
C THR F 390 -65.81 -47.56 -55.86
N SER F 391 -65.91 -48.25 -54.72
CA SER F 391 -65.16 -49.48 -54.51
C SER F 391 -66.04 -50.51 -53.81
N THR F 392 -66.42 -51.57 -54.53
CA THR F 392 -67.26 -52.63 -53.97
C THR F 392 -66.57 -53.98 -54.15
N LEU F 393 -66.67 -54.85 -53.15
CA LEU F 393 -66.03 -56.16 -53.22
C LEU F 393 -67.05 -57.30 -53.22
N VAL F 394 -67.05 -58.08 -54.30
CA VAL F 394 -67.91 -59.26 -54.38
C VAL F 394 -67.05 -60.51 -54.47
N VAL F 395 -67.60 -61.65 -54.06
CA VAL F 395 -66.86 -62.90 -54.06
C VAL F 395 -67.53 -63.97 -54.89
N GLN F 396 -66.73 -64.78 -55.59
CA GLN F 396 -67.25 -65.86 -56.43
C GLN F 396 -66.36 -67.09 -56.38
N GLN F 397 -66.95 -68.20 -55.94
CA GLN F 397 -66.32 -69.54 -55.88
C GLN F 397 -64.85 -69.60 -55.44
N GLY F 398 -64.46 -68.72 -54.51
CA GLY F 398 -63.13 -68.79 -53.91
C GLY F 398 -62.17 -67.72 -54.41
N ARG F 399 -62.74 -66.61 -54.86
CA ARG F 399 -61.99 -65.48 -55.41
C ARG F 399 -62.56 -64.18 -54.87
N THR F 400 -61.70 -63.26 -54.46
CA THR F 400 -62.18 -61.99 -53.95
C THR F 400 -61.91 -60.93 -55.01
N LEU F 401 -62.98 -60.30 -55.47
CA LEU F 401 -62.91 -59.35 -56.58
C LEU F 401 -63.21 -57.91 -56.18
N ASN F 402 -62.19 -57.06 -56.32
CA ASN F 402 -62.31 -55.64 -56.00
C ASN F 402 -62.81 -54.82 -57.17
N CYS F 403 -64.10 -54.55 -57.18
CA CYS F 403 -64.71 -53.72 -58.22
C CYS F 403 -64.51 -52.23 -57.95
N SER F 404 -63.75 -51.55 -58.81
CA SER F 404 -63.45 -50.14 -58.62
C SER F 404 -63.83 -49.32 -59.85
N GLY F 405 -64.28 -48.09 -59.64
CA GLY F 405 -64.65 -47.20 -60.72
C GLY F 405 -64.41 -45.73 -60.39
N GLY F 406 -64.86 -44.83 -61.27
CA GLY F 406 -64.72 -43.40 -61.06
C GLY F 406 -65.33 -42.58 -62.18
N HIS F 407 -65.85 -41.39 -61.84
CA HIS F 407 -66.44 -40.49 -62.82
C HIS F 407 -65.43 -39.42 -63.23
N VAL F 408 -64.92 -39.54 -64.45
CA VAL F 408 -63.93 -38.58 -64.95
C VAL F 408 -64.54 -37.68 -66.02
N LYS F 409 -64.50 -36.36 -65.80
CA LYS F 409 -65.14 -35.45 -66.74
C LYS F 409 -64.15 -34.62 -67.56
N LEU F 410 -64.08 -34.94 -68.86
CA LEU F 410 -63.37 -34.11 -69.82
C LEU F 410 -64.23 -32.94 -70.28
N GLU F 411 -65.44 -33.28 -70.69
CA GLU F 411 -66.43 -32.32 -71.16
C GLU F 411 -67.69 -32.43 -70.30
N GLU F 412 -68.54 -31.42 -70.33
CA GLU F 412 -69.81 -31.46 -69.61
C GLU F 412 -70.70 -32.61 -70.10
N ASP F 413 -70.60 -32.91 -71.40
CA ASP F 413 -71.38 -33.99 -72.01
C ASP F 413 -70.68 -35.34 -71.99
N VAL F 414 -69.39 -35.35 -72.34
CA VAL F 414 -68.63 -36.59 -72.41
C VAL F 414 -68.15 -37.03 -71.03
N ASP F 415 -68.52 -38.24 -70.63
CA ASP F 415 -68.13 -38.72 -69.30
C ASP F 415 -67.35 -40.03 -69.38
N LEU F 416 -66.09 -39.96 -68.96
CA LEU F 416 -65.26 -41.15 -68.82
C LEU F 416 -65.56 -41.82 -67.49
N GLY F 417 -65.70 -43.14 -67.53
CA GLY F 417 -66.13 -43.89 -66.35
C GLY F 417 -67.28 -44.79 -66.75
N TYR F 418 -67.77 -44.58 -67.96
CA TYR F 418 -68.77 -45.45 -68.55
C TYR F 418 -68.18 -46.16 -69.77
N VAL F 419 -68.74 -47.31 -70.11
CA VAL F 419 -68.23 -48.13 -71.21
C VAL F 419 -68.31 -47.38 -72.54
N GLU F 420 -67.13 -47.20 -73.15
CA GLU F 420 -67.00 -46.49 -74.40
C GLU F 420 -67.83 -47.15 -75.51
N ASP F 421 -68.41 -46.34 -76.38
CA ASP F 421 -69.18 -46.84 -77.52
C ASP F 421 -68.28 -47.63 -78.47
N GLY F 422 -68.77 -48.78 -78.91
CA GLY F 422 -68.01 -49.63 -79.80
C GLY F 422 -67.37 -50.80 -79.06
N THR F 423 -67.38 -50.75 -77.74
CA THR F 423 -66.82 -51.80 -76.91
C THR F 423 -67.69 -53.06 -76.98
N PRO F 424 -67.07 -54.22 -77.27
CA PRO F 424 -67.81 -55.49 -77.38
C PRO F 424 -68.54 -55.87 -76.10
N CYS F 425 -69.78 -56.33 -76.24
CA CYS F 425 -70.58 -56.76 -75.10
C CYS F 425 -71.14 -58.16 -75.34
N GLY F 426 -70.54 -58.87 -76.29
CA GLY F 426 -70.98 -60.22 -76.64
C GLY F 426 -70.71 -60.55 -78.09
N PRO F 427 -71.04 -61.78 -78.49
CA PRO F 427 -70.84 -62.24 -79.88
C PRO F 427 -71.57 -61.36 -80.89
N GLN F 428 -70.80 -60.68 -81.74
CA GLN F 428 -71.37 -59.78 -82.76
C GLN F 428 -72.27 -58.70 -82.16
N MET F 429 -71.94 -58.24 -80.96
CA MET F 429 -72.71 -57.19 -80.31
C MET F 429 -71.79 -56.12 -79.70
N MET F 430 -72.22 -54.87 -79.80
CA MET F 430 -71.42 -53.74 -79.31
C MET F 430 -72.26 -52.78 -78.47
N CYS F 431 -71.60 -51.82 -77.83
CA CYS F 431 -72.28 -50.82 -77.01
C CYS F 431 -72.63 -49.57 -77.82
N LEU F 432 -73.85 -49.09 -77.64
CA LEU F 432 -74.30 -47.88 -78.30
C LEU F 432 -75.23 -47.12 -77.37
N GLU F 433 -74.74 -46.00 -76.83
CA GLU F 433 -75.49 -45.18 -75.88
C GLU F 433 -75.97 -46.04 -74.70
N HIS F 434 -75.02 -46.72 -74.07
CA HIS F 434 -75.28 -47.58 -72.92
C HIS F 434 -76.29 -48.69 -73.23
N ARG F 435 -76.26 -49.17 -74.47
CA ARG F 435 -77.12 -50.27 -74.90
C ARG F 435 -76.35 -51.27 -75.75
N CYS F 436 -76.54 -52.55 -75.47
CA CYS F 436 -75.87 -53.62 -76.21
C CYS F 436 -76.62 -53.95 -77.49
N LEU F 437 -76.09 -53.50 -78.63
CA LEU F 437 -76.75 -53.69 -79.92
C LEU F 437 -75.92 -54.55 -80.86
N PRO F 438 -76.57 -55.32 -81.74
CA PRO F 438 -75.90 -56.15 -82.75
C PRO F 438 -75.04 -55.34 -83.72
N VAL F 439 -74.20 -56.02 -84.48
CA VAL F 439 -73.28 -55.37 -85.42
C VAL F 439 -73.99 -54.65 -86.55
N ALA F 440 -75.20 -55.09 -86.88
CA ALA F 440 -75.96 -54.51 -87.98
C ALA F 440 -76.45 -53.10 -87.65
N SER F 441 -76.49 -52.78 -86.36
CA SER F 441 -76.95 -51.48 -85.88
C SER F 441 -75.98 -50.34 -86.17
N PHE F 442 -74.72 -50.69 -86.44
CA PHE F 442 -73.67 -49.70 -86.67
C PHE F 442 -73.47 -49.33 -88.13
N ASN F 443 -74.21 -49.98 -89.02
CA ASN F 443 -74.19 -49.67 -90.44
C ASN F 443 -72.79 -49.74 -91.04
N PHE F 444 -72.04 -50.80 -90.74
CA PHE F 444 -70.70 -50.95 -91.28
C PHE F 444 -70.73 -51.24 -92.77
N SER F 445 -69.84 -50.60 -93.51
CA SER F 445 -69.71 -50.84 -94.94
C SER F 445 -68.99 -52.17 -95.15
N THR F 446 -69.00 -52.68 -96.37
CA THR F 446 -68.33 -53.95 -96.63
C THR F 446 -67.57 -53.91 -97.95
N CYS F 447 -66.46 -54.64 -98.01
CA CYS F 447 -65.69 -54.75 -99.24
C CYS F 447 -66.33 -55.70 -100.25
N LEU F 448 -65.72 -55.80 -101.42
CA LEU F 448 -66.19 -56.70 -102.47
C LEU F 448 -65.83 -58.14 -102.13
N SER F 449 -66.76 -59.05 -102.33
CA SER F 449 -66.51 -60.46 -102.04
C SER F 449 -67.19 -61.38 -103.05
N SER F 450 -66.44 -62.39 -103.49
CA SER F 450 -66.93 -63.35 -104.47
C SER F 450 -67.24 -64.69 -103.84
N LYS F 451 -67.15 -64.77 -102.51
CA LYS F 451 -67.55 -65.97 -101.79
C LYS F 451 -68.50 -65.61 -100.65
N GLU F 452 -69.65 -66.28 -100.58
CA GLU F 452 -70.67 -65.96 -99.59
C GLU F 452 -70.17 -66.20 -98.17
N GLY F 453 -70.45 -65.24 -97.29
CA GLY F 453 -70.08 -65.36 -95.89
C GLY F 453 -68.61 -65.09 -95.61
N THR F 454 -67.88 -64.64 -96.62
CA THR F 454 -66.46 -64.36 -96.44
C THR F 454 -66.11 -62.92 -96.82
N ILE F 455 -65.05 -62.41 -96.20
CA ILE F 455 -64.57 -61.07 -96.50
C ILE F 455 -63.51 -61.15 -97.59
N CYS F 456 -63.71 -60.38 -98.65
CA CYS F 456 -62.80 -60.34 -99.80
C CYS F 456 -62.54 -61.75 -100.34
N SER F 457 -63.63 -62.47 -100.59
CA SER F 457 -63.59 -63.82 -101.16
C SER F 457 -62.79 -64.79 -100.29
N GLY F 458 -62.67 -64.46 -99.00
CA GLY F 458 -61.93 -65.30 -98.07
C GLY F 458 -60.45 -65.37 -98.37
N ASN F 459 -59.93 -64.36 -99.07
CA ASN F 459 -58.51 -64.31 -99.42
C ASN F 459 -57.90 -62.92 -99.19
N GLY F 460 -58.62 -62.08 -98.45
CA GLY F 460 -58.14 -60.74 -98.20
C GLY F 460 -58.77 -60.08 -97.00
N VAL F 461 -58.24 -58.91 -96.64
CA VAL F 461 -58.76 -58.14 -95.51
C VAL F 461 -59.27 -56.77 -95.96
N CYS F 462 -60.46 -56.40 -95.51
CA CYS F 462 -61.06 -55.13 -95.87
C CYS F 462 -60.42 -53.96 -95.11
N SER F 463 -59.79 -53.05 -95.86
CA SER F 463 -59.08 -51.93 -95.23
C SER F 463 -60.04 -50.84 -94.78
N ASN F 464 -59.49 -49.83 -94.12
CA ASN F 464 -60.28 -48.69 -93.68
C ASN F 464 -60.64 -47.79 -94.86
N GLU F 465 -59.99 -48.03 -95.99
CA GLU F 465 -60.33 -47.34 -97.23
C GLU F 465 -61.36 -48.12 -98.03
N LEU F 466 -61.92 -49.15 -97.39
CA LEU F 466 -62.91 -50.05 -98.02
C LEU F 466 -62.37 -50.75 -99.27
N LYS F 467 -61.10 -51.14 -99.22
CA LYS F 467 -60.51 -51.93 -100.31
C LYS F 467 -59.97 -53.24 -99.77
N CYS F 468 -59.96 -54.26 -100.62
CA CYS F 468 -59.48 -55.57 -100.24
C CYS F 468 -57.97 -55.64 -100.33
N VAL F 469 -57.33 -55.95 -99.21
CA VAL F 469 -55.90 -56.22 -99.20
C VAL F 469 -55.69 -57.73 -99.31
N CYS F 470 -55.39 -58.19 -100.51
CA CYS F 470 -55.28 -59.62 -100.79
C CYS F 470 -54.06 -60.23 -100.10
N ASN F 471 -54.15 -61.52 -99.78
CA ASN F 471 -53.00 -62.26 -99.27
C ASN F 471 -51.99 -62.49 -100.38
N ARG F 472 -50.87 -63.13 -100.05
CA ARG F 472 -49.82 -63.38 -101.02
C ARG F 472 -50.31 -64.25 -102.18
N HIS F 473 -49.83 -63.94 -103.38
CA HIS F 473 -50.20 -64.67 -104.59
C HIS F 473 -51.70 -64.61 -104.91
N TRP F 474 -52.38 -63.61 -104.36
CA TRP F 474 -53.78 -63.36 -104.69
C TRP F 474 -53.93 -61.93 -105.17
N ILE F 475 -54.67 -61.75 -106.26
CA ILE F 475 -54.90 -60.42 -106.82
C ILE F 475 -56.38 -60.19 -107.13
N GLY F 476 -56.69 -59.01 -107.66
CA GLY F 476 -58.06 -58.67 -107.98
C GLY F 476 -58.65 -57.79 -106.90
N SER F 477 -59.67 -57.00 -107.27
CA SER F 477 -60.32 -56.10 -106.33
C SER F 477 -61.14 -56.89 -105.31
N ASP F 478 -61.42 -58.14 -105.61
CA ASP F 478 -62.17 -59.01 -104.70
C ASP F 478 -61.28 -60.12 -104.15
N CYS F 479 -60.00 -60.10 -104.52
CA CYS F 479 -59.01 -61.09 -104.07
C CYS F 479 -59.42 -62.52 -104.40
N ASN F 480 -60.05 -62.73 -105.56
CA ASN F 480 -60.49 -64.07 -105.95
C ASN F 480 -59.57 -64.71 -106.98
N THR F 481 -58.80 -63.88 -107.67
CA THR F 481 -57.87 -64.35 -108.69
C THR F 481 -56.53 -64.78 -108.09
N TYR F 482 -56.08 -65.99 -108.41
CA TYR F 482 -54.84 -66.52 -107.87
C TYR F 482 -53.68 -66.23 -108.82
N PHE F 483 -52.57 -65.76 -108.26
CA PHE F 483 -51.41 -65.38 -109.07
C PHE F 483 -50.11 -65.99 -108.54
N PRO F 484 -49.65 -67.09 -109.15
CA PRO F 484 -48.45 -67.78 -108.65
C PRO F 484 -47.15 -67.25 -109.30
N HIS F 485 -46.22 -66.80 -108.47
CA HIS F 485 -44.95 -66.27 -108.97
C HIS F 485 -43.85 -66.29 -107.90
N ASN F 486 -43.00 -67.32 -107.93
CA ASN F 486 -41.87 -67.40 -107.01
C ASN F 486 -40.71 -68.20 -107.59
N THR G 7 25.73 44.31 134.94
CA THR G 7 26.79 45.05 134.28
C THR G 7 26.48 45.31 132.80
N GLU G 8 27.42 45.95 132.11
CA GLU G 8 27.27 46.32 130.71
C GLU G 8 28.62 46.67 130.11
N PHE G 9 28.77 46.44 128.81
CA PHE G 9 29.97 46.85 128.10
C PHE G 9 29.73 48.20 127.43
N ALA G 10 30.19 49.27 128.07
CA ALA G 10 30.00 50.62 127.54
C ALA G 10 31.13 50.98 126.59
N LYS G 11 30.81 51.79 125.59
CA LYS G 11 31.76 52.15 124.55
C LYS G 11 32.76 53.19 125.04
N SER G 12 34.04 52.80 125.08
CA SER G 12 35.10 53.69 125.54
C SER G 12 35.54 54.67 124.45
N GLN G 13 36.10 54.12 123.37
CA GLN G 13 36.55 54.94 122.25
C GLN G 13 36.68 54.11 120.99
N ASP G 14 36.63 54.77 119.83
CA ASP G 14 36.75 54.08 118.56
C ASP G 14 38.01 54.53 117.82
N LEU G 15 38.98 53.62 117.70
CA LEU G 15 40.24 53.91 117.03
C LEU G 15 40.04 53.90 115.51
N PRO G 16 40.37 55.02 114.86
CA PRO G 16 40.10 55.26 113.43
C PRO G 16 40.90 54.40 112.46
N TYR G 17 40.93 53.09 112.67
CA TYR G 17 41.59 52.19 111.73
C TYR G 17 41.10 50.75 111.86
N GLN G 18 41.48 49.92 110.90
CA GLN G 18 41.06 48.53 110.86
C GLN G 18 42.09 47.64 111.57
N SER G 19 41.66 46.46 111.96
CA SER G 19 42.54 45.54 112.66
C SER G 19 42.13 44.08 112.45
N LEU G 20 43.09 43.18 112.58
CA LEU G 20 42.81 41.76 112.43
C LEU G 20 42.90 41.07 113.78
N SER G 21 44.08 41.07 114.39
CA SER G 21 44.24 40.40 115.67
C SER G 21 44.76 41.37 116.72
N ILE G 22 44.17 41.28 117.92
CA ILE G 22 44.56 42.11 119.04
C ILE G 22 45.14 41.27 120.18
N ASP G 23 46.27 41.69 120.72
CA ASP G 23 46.89 40.95 121.81
C ASP G 23 47.28 41.85 122.97
N THR G 24 47.32 41.29 124.17
CA THR G 24 47.72 42.03 125.37
C THR G 24 48.82 41.32 126.13
N PHE G 25 49.64 42.08 126.84
CA PHE G 25 50.70 41.52 127.65
C PHE G 25 51.14 42.46 128.76
N SER G 26 51.99 41.96 129.65
CA SER G 26 52.50 42.76 130.75
C SER G 26 54.01 42.87 130.64
N TYR G 27 54.50 44.09 130.45
CA TYR G 27 55.93 44.33 130.32
C TYR G 27 56.39 45.35 131.35
N LEU G 28 57.25 44.90 132.25
CA LEU G 28 57.80 45.73 133.31
C LEU G 28 56.68 46.37 134.16
N ASN G 29 55.68 45.55 134.48
CA ASN G 29 54.51 45.96 135.28
C ASN G 29 53.59 47.00 134.66
N ASP G 30 53.56 47.04 133.34
CA ASP G 30 52.65 47.90 132.61
C ASP G 30 51.87 47.03 131.65
N GLU G 31 50.65 47.43 131.34
CA GLU G 31 49.80 46.66 130.44
C GLU G 31 49.82 47.27 129.06
N TYR G 32 50.12 46.45 128.05
CA TYR G 32 50.19 46.93 126.68
C TYR G 32 49.22 46.18 125.81
N VAL G 33 48.90 46.77 124.66
CA VAL G 33 48.00 46.13 123.71
C VAL G 33 48.63 46.18 122.33
N VAL G 34 48.74 45.02 121.69
CA VAL G 34 49.28 44.92 120.34
C VAL G 34 48.17 44.73 119.33
N ILE G 35 48.17 45.56 118.29
CA ILE G 35 47.16 45.51 117.27
C ILE G 35 47.81 45.27 115.91
N ALA G 36 47.38 44.21 115.23
CA ALA G 36 47.91 43.88 113.91
C ALA G 36 47.10 44.58 112.82
N GLN G 37 47.77 45.43 112.04
CA GLN G 37 47.12 46.08 110.91
C GLN G 37 47.48 45.39 109.60
N PRO G 38 46.50 44.74 108.99
CA PRO G 38 46.68 43.96 107.77
C PRO G 38 47.03 44.82 106.57
N PHE G 39 46.26 45.90 106.41
CA PHE G 39 46.26 46.66 105.17
C PHE G 39 47.38 47.70 105.08
N THR G 40 47.82 48.18 106.24
CA THR G 40 48.92 49.14 106.29
C THR G 40 50.22 48.37 106.44
N GLY G 41 50.34 47.63 107.53
CA GLY G 41 51.49 46.76 107.69
C GLY G 41 51.98 46.77 109.11
N LYS G 42 51.47 47.73 109.85
CA LYS G 42 51.97 48.02 111.18
C LYS G 42 51.46 47.03 112.22
N CYS G 43 52.34 46.73 113.17
CA CYS G 43 51.94 46.09 114.42
C CYS G 43 51.86 47.19 115.45
N ILE G 44 50.66 47.68 115.73
CA ILE G 44 50.49 48.85 116.60
C ILE G 44 50.46 48.47 118.08
N PHE G 45 51.42 48.99 118.83
CA PHE G 45 51.46 48.78 120.28
C PHE G 45 50.82 49.93 121.02
N LEU G 46 49.86 49.62 121.90
CA LEU G 46 49.18 50.65 122.68
C LEU G 46 49.67 50.65 124.13
N GLU G 47 49.69 51.84 124.71
CA GLU G 47 50.15 52.03 126.09
C GLU G 47 49.06 52.74 126.89
N TRP G 48 48.96 52.43 128.18
CA TRP G 48 47.96 53.05 129.04
C TRP G 48 48.46 54.33 129.70
N ASP G 49 47.68 55.40 129.56
CA ASP G 49 47.97 56.65 130.25
C ASP G 49 47.19 56.73 131.56
N HIS G 50 47.91 56.69 132.69
CA HIS G 50 47.25 56.71 133.99
C HIS G 50 46.78 58.12 134.35
N VAL G 51 47.27 59.12 133.63
CA VAL G 51 46.88 60.50 133.86
C VAL G 51 45.58 60.85 133.14
N GLU G 52 45.53 60.58 131.83
CA GLU G 52 44.38 60.93 131.01
C GLU G 52 43.38 59.79 130.88
N LYS G 53 43.72 58.64 131.44
CA LYS G 53 42.86 57.45 131.41
C LYS G 53 42.51 56.99 129.99
N THR G 54 43.43 57.15 129.06
CA THR G 54 43.24 56.72 127.68
C THR G 54 44.39 55.85 127.21
N PHE G 55 44.30 55.34 125.98
CA PHE G 55 45.37 54.52 125.41
C PHE G 55 46.19 55.31 124.40
N ARG G 56 47.50 55.43 124.64
CA ARG G 56 48.40 56.10 123.71
C ARG G 56 48.91 55.14 122.63
N ASN G 57 49.81 55.63 121.79
CA ASN G 57 50.47 54.81 120.78
C ASN G 57 51.93 54.60 121.14
N TYR G 58 52.21 53.47 121.79
CA TYR G 58 53.54 53.16 122.31
C TYR G 58 54.59 53.08 121.21
N ASP G 59 54.43 52.13 120.30
CA ASP G 59 55.40 51.93 119.22
C ASP G 59 54.77 51.12 118.09
N ASN G 60 55.43 51.06 116.94
CA ASN G 60 54.97 50.26 115.81
C ASN G 60 56.01 49.25 115.34
N ILE G 61 55.52 48.22 114.65
CA ILE G 61 56.39 47.27 113.95
C ILE G 61 55.89 47.08 112.52
N THR G 62 56.73 47.43 111.55
CA THR G 62 56.34 47.38 110.14
C THR G 62 56.57 46.02 109.48
N GLY G 63 55.52 45.48 108.86
CA GLY G 63 55.58 44.23 108.12
C GLY G 63 54.45 44.23 107.11
N THR G 64 54.78 43.96 105.85
CA THR G 64 53.85 44.20 104.75
C THR G 64 52.44 43.59 104.84
N SER G 65 52.32 42.37 105.34
CA SER G 65 50.99 41.77 105.48
C SER G 65 50.84 41.02 106.78
N THR G 66 50.81 41.74 107.89
CA THR G 66 50.75 41.10 109.20
C THR G 66 49.36 40.56 109.50
N VAL G 67 49.32 39.36 110.06
CA VAL G 67 48.07 38.70 110.42
C VAL G 67 47.96 38.56 111.93
N VAL G 68 49.06 38.16 112.55
CA VAL G 68 49.12 37.98 113.98
C VAL G 68 50.36 38.67 114.55
N CYS G 69 50.21 39.29 115.72
CA CYS G 69 51.35 39.86 116.44
C CYS G 69 51.38 39.31 117.86
N LYS G 70 51.85 38.08 118.03
CA LYS G 70 51.84 37.45 119.35
C LYS G 70 53.05 37.84 120.20
N PRO G 71 52.77 38.42 121.38
CA PRO G 71 53.78 38.79 122.38
C PRO G 71 54.13 37.61 123.27
N ILE G 72 55.42 37.38 123.49
CA ILE G 72 55.86 36.42 124.48
C ILE G 72 56.81 37.10 125.44
N VAL G 73 56.54 36.96 126.73
CA VAL G 73 57.41 37.51 127.76
C VAL G 73 58.15 36.39 128.48
N ILE G 74 59.45 36.32 128.23
CA ILE G 74 60.32 35.34 128.90
C ILE G 74 61.26 36.09 129.83
N GLU G 75 61.07 35.88 131.14
CA GLU G 75 61.90 36.48 132.21
C GLU G 75 62.08 37.98 132.05
N THR G 76 60.97 38.69 131.90
CA THR G 76 60.92 40.16 131.82
C THR G 76 61.40 40.70 130.49
N GLN G 77 61.77 39.80 129.57
CA GLN G 77 62.16 40.24 128.24
C GLN G 77 61.01 39.98 127.26
N LEU G 78 60.73 40.97 126.43
CA LEU G 78 59.58 40.91 125.52
C LEU G 78 59.98 40.51 124.11
N TYR G 79 59.28 39.50 123.59
CA TYR G 79 59.48 39.03 122.23
C TYR G 79 58.16 39.08 121.47
N VAL G 80 58.22 39.42 120.19
CA VAL G 80 57.01 39.49 119.37
C VAL G 80 57.14 38.65 118.10
N ILE G 81 56.21 37.72 117.90
CA ILE G 81 56.16 36.93 116.68
C ILE G 81 55.25 37.59 115.65
N VAL G 82 55.81 37.91 114.50
CA VAL G 82 55.06 38.62 113.47
C VAL G 82 54.77 37.72 112.26
N ALA G 83 53.54 37.25 112.17
CA ALA G 83 53.11 36.41 111.05
C ALA G 83 52.70 37.27 109.86
N GLN G 84 53.36 37.07 108.72
CA GLN G 84 53.06 37.85 107.53
C GLN G 84 52.68 36.96 106.35
N LEU G 85 51.75 37.43 105.53
CA LEU G 85 51.35 36.69 104.33
C LEU G 85 52.32 36.98 103.19
N PHE G 86 53.05 38.08 103.32
CA PHE G 86 54.02 38.48 102.32
C PHE G 86 55.41 38.65 102.92
N GLY G 87 56.41 38.25 102.16
CA GLY G 87 57.81 38.42 102.56
C GLY G 87 58.28 37.48 103.66
N GLY G 88 57.37 36.75 104.30
CA GLY G 88 57.73 35.79 105.33
C GLY G 88 57.52 36.28 106.76
N SER G 89 57.61 35.38 107.75
CA SER G 89 57.41 35.79 109.15
C SER G 89 58.73 36.05 109.88
N HIS G 90 58.70 36.96 110.85
CA HIS G 90 59.91 37.33 111.58
C HIS G 90 59.71 37.40 113.08
N ILE G 91 60.80 37.40 113.82
CA ILE G 91 60.74 37.50 115.27
C ILE G 91 61.47 38.74 115.77
N TYR G 92 60.79 39.56 116.56
CA TYR G 92 61.36 40.80 117.06
C TYR G 92 61.63 40.75 118.56
N LYS G 93 62.66 41.47 119.00
CA LYS G 93 62.97 41.57 120.42
C LYS G 93 63.03 43.03 120.87
N ARG G 94 62.34 43.33 121.97
CA ARG G 94 62.36 44.67 122.54
C ARG G 94 63.68 44.91 123.29
N ASP G 95 64.30 46.04 123.01
CA ASP G 95 65.53 46.45 123.68
C ASP G 95 65.22 47.52 124.71
N SER G 96 65.56 47.25 125.97
CA SER G 96 65.30 48.20 127.05
C SER G 96 66.22 49.42 126.96
N PHE G 97 67.44 49.21 126.51
CA PHE G 97 68.43 50.30 126.41
C PHE G 97 68.16 51.21 125.23
N ALA G 98 68.12 50.64 124.02
CA ALA G 98 67.91 51.41 122.79
C ALA G 98 66.46 51.84 122.64
N ASN G 99 65.60 51.30 123.50
CA ASN G 99 64.17 51.62 123.50
C ASN G 99 63.53 51.37 122.13
N LYS G 100 63.92 50.26 121.50
CA LYS G 100 63.40 49.91 120.18
C LYS G 100 63.13 48.41 120.06
N PHE G 101 62.49 48.02 118.96
CA PHE G 101 62.32 46.62 118.62
C PHE G 101 63.42 46.21 117.64
N ILE G 102 64.03 45.06 117.88
CA ILE G 102 65.10 44.58 117.01
C ILE G 102 64.70 43.28 116.32
N LYS G 103 64.98 43.19 115.02
CA LYS G 103 64.74 41.97 114.28
C LYS G 103 65.93 41.03 114.46
N ILE G 104 65.71 39.92 115.16
CA ILE G 104 66.80 39.03 115.52
C ILE G 104 66.72 37.65 114.86
N GLN G 105 65.55 37.30 114.35
CA GLN G 105 65.36 35.96 113.77
C GLN G 105 64.35 35.94 112.62
N ASP G 106 64.63 35.11 111.62
CA ASP G 106 63.74 35.00 110.47
C ASP G 106 63.17 33.59 110.34
N ILE G 107 61.86 33.50 110.27
CA ILE G 107 61.20 32.24 109.98
C ILE G 107 61.24 32.03 108.47
N GLU G 108 61.75 30.88 108.05
CA GLU G 108 61.93 30.56 106.63
C GLU G 108 60.62 30.64 105.87
N ILE G 109 60.65 31.27 104.71
CA ILE G 109 59.41 31.49 103.94
C ILE G 109 58.78 30.22 103.36
N LEU G 110 59.56 29.15 103.19
CA LEU G 110 59.03 27.94 102.56
C LEU G 110 58.31 26.97 103.50
N LYS G 111 58.70 26.93 104.78
CA LYS G 111 58.02 26.05 105.74
C LYS G 111 56.72 26.70 106.23
N ILE G 112 56.78 28.02 106.45
CA ILE G 112 55.59 28.78 106.83
C ILE G 112 55.26 29.84 105.77
N ARG G 113 54.16 29.61 105.06
CA ARG G 113 53.81 30.42 103.90
C ARG G 113 52.54 31.25 104.08
N LYS G 114 51.48 30.63 104.57
CA LYS G 114 50.22 31.33 104.79
C LYS G 114 49.71 31.19 106.23
N PRO G 115 50.37 31.88 107.17
CA PRO G 115 49.98 31.81 108.58
C PRO G 115 48.62 32.45 108.82
N ASN G 116 47.89 31.97 109.81
CA ASN G 116 46.56 32.49 110.09
C ASN G 116 46.29 32.68 111.58
N ASP G 117 47.10 32.05 112.43
CA ASP G 117 46.93 32.12 113.88
C ASP G 117 48.22 31.72 114.58
N ILE G 118 48.53 32.42 115.67
CA ILE G 118 49.67 32.07 116.51
C ILE G 118 49.22 31.93 117.95
N GLU G 119 49.60 30.83 118.59
CA GLU G 119 49.25 30.60 119.99
C GLU G 119 50.52 30.33 120.82
N THR G 120 50.54 30.79 122.07
CA THR G 120 51.68 30.54 122.94
C THR G 120 51.29 29.72 124.15
N PHE G 121 52.24 28.92 124.64
CA PHE G 121 52.02 28.10 125.82
C PHE G 121 53.33 27.72 126.48
N LYS G 122 53.23 27.22 127.71
CA LYS G 122 54.39 26.85 128.50
C LYS G 122 54.20 25.45 129.07
N ILE G 123 55.14 24.55 128.78
CA ILE G 123 55.08 23.19 129.30
C ILE G 123 56.34 22.88 130.10
N GLU G 124 56.17 22.57 131.39
CA GLU G 124 57.29 22.33 132.31
C GLU G 124 58.49 23.23 132.08
N ASN G 125 58.29 24.53 132.32
CA ASN G 125 59.31 25.58 132.21
C ASN G 125 59.94 25.74 130.83
N ASN G 126 59.31 25.19 129.79
CA ASN G 126 59.74 25.43 128.42
C ASN G 126 58.72 26.25 127.64
N TRP G 127 59.19 27.29 126.95
CA TRP G 127 58.31 28.16 126.17
C TRP G 127 58.22 27.74 124.71
N TYR G 128 57.00 27.76 124.18
CA TYR G 128 56.77 27.41 122.78
C TYR G 128 55.79 28.38 122.13
N PHE G 129 55.69 28.29 120.80
CA PHE G 129 54.57 28.88 120.08
C PHE G 129 54.28 28.09 118.82
N VAL G 130 53.02 28.09 118.40
CA VAL G 130 52.57 27.34 117.23
C VAL G 130 52.00 28.28 116.18
N VAL G 131 52.36 28.04 114.92
CA VAL G 131 51.84 28.83 113.82
C VAL G 131 50.97 27.99 112.88
N ALA G 132 49.69 28.30 112.82
CA ALA G 132 48.78 27.65 111.89
C ALA G 132 49.03 28.16 110.49
N ASP G 133 49.32 27.25 109.56
CA ASP G 133 49.52 27.62 108.17
C ASP G 133 48.33 27.15 107.35
N SER G 134 47.64 28.08 106.71
CA SER G 134 46.44 27.75 105.95
C SER G 134 46.75 27.26 104.53
N SER G 135 48.04 27.17 104.19
CA SER G 135 48.46 26.63 102.90
C SER G 135 48.76 25.14 102.99
N LYS G 136 48.74 24.45 101.86
CA LYS G 136 49.03 23.02 101.85
C LYS G 136 50.53 22.71 102.00
N ALA G 137 51.37 23.43 101.27
CA ALA G 137 52.82 23.21 101.33
C ALA G 137 53.39 23.65 102.67
N GLY G 138 52.76 24.64 103.29
CA GLY G 138 53.20 25.11 104.58
C GLY G 138 52.57 24.29 105.70
N PHE G 139 53.42 23.72 106.55
CA PHE G 139 52.97 22.89 107.65
C PHE G 139 52.88 23.68 108.97
N THR G 140 51.83 23.42 109.74
CA THR G 140 51.71 24.00 111.06
C THR G 140 52.89 23.54 111.94
N THR G 141 53.66 24.50 112.42
CA THR G 141 54.93 24.20 113.09
C THR G 141 54.99 24.77 114.51
N ILE G 142 55.51 23.95 115.42
CA ILE G 142 55.77 24.35 116.79
C ILE G 142 57.24 24.76 116.97
N TYR G 143 57.45 25.92 117.59
CA TYR G 143 58.81 26.39 117.86
C TYR G 143 59.11 26.34 119.35
N LYS G 144 60.38 26.21 119.69
CA LYS G 144 60.77 26.12 121.09
C LYS G 144 61.81 27.17 121.45
N TRP G 145 61.62 27.80 122.59
CA TRP G 145 62.57 28.75 123.14
C TRP G 145 63.80 28.03 123.71
N ASN G 146 64.98 28.36 123.19
CA ASN G 146 66.19 27.71 123.70
C ASN G 146 67.18 28.72 124.25
N GLY G 147 66.67 29.80 124.84
CA GLY G 147 67.51 30.80 125.47
C GLY G 147 67.93 31.96 124.58
N ASN G 148 68.19 31.71 123.31
CA ASN G 148 68.61 32.78 122.42
C ASN G 148 67.54 33.10 121.39
N GLY G 149 66.77 32.10 121.00
CA GLY G 149 65.73 32.28 120.01
C GLY G 149 64.78 31.10 119.92
N PHE G 150 63.97 31.07 118.87
CA PHE G 150 63.01 30.01 118.67
C PHE G 150 63.41 29.14 117.48
N TYR G 151 63.27 27.82 117.62
CA TYR G 151 63.64 26.90 116.56
C TYR G 151 62.60 25.82 116.40
N SER G 152 62.53 25.22 115.21
CA SER G 152 61.53 24.21 114.91
C SER G 152 61.57 23.05 115.90
N HIS G 153 60.39 22.63 116.34
CA HIS G 153 60.31 21.54 117.31
C HIS G 153 59.46 20.40 116.76
N GLN G 154 58.36 20.74 116.11
CA GLN G 154 57.45 19.71 115.58
C GLN G 154 56.49 20.29 114.55
N SER G 155 56.28 19.54 113.48
CA SER G 155 55.30 19.92 112.48
C SER G 155 54.06 19.04 112.61
N LEU G 156 52.89 19.61 112.33
CA LEU G 156 51.64 18.89 112.49
C LEU G 156 50.73 19.07 111.27
N HIS G 157 49.88 18.08 111.03
CA HIS G 157 48.83 18.18 110.01
C HIS G 157 49.36 18.55 108.62
N ALA G 158 50.17 17.67 108.04
CA ALA G 158 50.73 17.89 106.72
C ALA G 158 49.64 17.95 105.64
N TRP G 159 49.81 18.86 104.69
CA TRP G 159 48.89 19.06 103.55
C TRP G 159 47.51 19.52 103.98
N TYR G 160 47.41 20.01 105.21
CA TYR G 160 46.16 20.52 105.77
C TYR G 160 46.12 22.04 105.81
N ARG G 161 44.95 22.62 105.53
CA ARG G 161 44.79 24.06 105.57
C ARG G 161 44.39 24.52 106.96
N ASP G 162 45.33 24.45 107.89
CA ASP G 162 45.04 24.77 109.28
C ASP G 162 44.73 26.25 109.46
N THR G 163 43.61 26.53 110.11
CA THR G 163 43.14 27.88 110.30
C THR G 163 43.47 28.44 111.68
N ASP G 164 43.30 27.61 112.71
CA ASP G 164 43.56 28.06 114.07
C ASP G 164 44.25 27.02 114.92
N VAL G 165 45.02 27.51 115.89
CA VAL G 165 45.56 26.65 116.94
C VAL G 165 45.04 27.11 118.30
N GLU G 166 44.85 26.13 119.19
CA GLU G 166 44.41 26.39 120.54
C GLU G 166 45.11 25.44 121.50
N TYR G 167 45.72 26.01 122.54
CA TYR G 167 46.39 25.21 123.57
C TYR G 167 45.42 24.84 124.70
N LEU G 168 45.48 23.59 125.12
CA LEU G 168 44.57 23.09 126.14
C LEU G 168 45.30 22.29 127.21
N GLU G 169 44.81 22.40 128.43
CA GLU G 169 45.26 21.54 129.53
C GLU G 169 44.08 20.81 130.10
N ILE G 170 43.98 19.54 129.72
CA ILE G 170 42.80 18.75 129.99
C ILE G 170 43.12 17.44 130.75
N VAL G 171 42.14 16.92 131.49
CA VAL G 171 42.29 15.68 132.23
C VAL G 171 41.78 14.48 131.45
N ARG G 172 42.68 13.55 131.14
CA ARG G 172 42.31 12.31 130.46
C ARG G 172 41.97 11.21 131.44
N THR G 173 40.74 10.70 131.36
CA THR G 173 40.31 9.61 132.24
C THR G 173 41.23 8.40 132.10
N PRO G 174 41.64 7.82 133.25
CA PRO G 174 41.26 8.23 134.60
C PRO G 174 42.32 9.00 135.37
N GLN G 175 43.12 9.82 134.69
CA GLN G 175 44.11 10.67 135.35
C GLN G 175 43.44 11.73 136.22
N THR G 176 44.24 12.42 137.04
CA THR G 176 43.71 13.46 137.92
C THR G 176 44.39 14.80 137.67
N LEU G 177 45.38 14.81 136.78
CA LEU G 177 46.14 16.02 136.48
C LEU G 177 45.94 16.46 135.03
N ARG G 178 45.88 17.76 134.81
CA ARG G 178 45.73 18.31 133.46
C ARG G 178 47.02 18.18 132.64
N THR G 179 46.88 17.65 131.43
CA THR G 179 48.01 17.47 130.53
C THR G 179 47.84 18.34 129.28
N PRO G 180 48.95 18.86 128.73
CA PRO G 180 48.94 19.78 127.58
C PRO G 180 48.29 19.17 126.33
N HIS G 181 47.45 19.96 125.66
CA HIS G 181 46.81 19.50 124.44
C HIS G 181 46.81 20.62 123.40
N LEU G 182 46.72 20.23 122.13
CA LEU G 182 46.58 21.21 121.04
C LEU G 182 45.39 20.86 120.16
N ILE G 183 44.66 21.88 119.72
CA ILE G 183 43.55 21.66 118.81
C ILE G 183 43.77 22.39 117.50
N LEU G 184 43.67 21.67 116.39
CA LEU G 184 43.81 22.28 115.07
C LEU G 184 42.50 22.30 114.29
N SER G 185 42.17 23.46 113.73
CA SER G 185 40.99 23.62 112.89
C SER G 185 41.43 23.86 111.45
N SER G 186 40.89 23.08 110.52
CA SER G 186 41.25 23.22 109.11
C SER G 186 40.03 23.27 108.19
N SER G 187 40.21 23.84 107.00
CA SER G 187 39.11 24.02 106.05
C SER G 187 38.48 22.71 105.59
N SER G 188 37.15 22.66 105.64
CA SER G 188 36.38 21.49 105.23
C SER G 188 36.85 20.24 105.95
N GLN G 189 37.17 20.39 107.23
CA GLN G 189 37.74 19.28 108.00
C GLN G 189 37.33 19.34 109.46
N ARG G 190 37.46 18.22 110.16
CA ARG G 190 37.14 18.14 111.58
C ARG G 190 38.30 18.65 112.44
N PRO G 191 37.97 19.28 113.58
CA PRO G 191 38.98 19.71 114.55
C PRO G 191 39.77 18.52 115.10
N VAL G 192 41.08 18.70 115.28
CA VAL G 192 41.94 17.62 115.72
C VAL G 192 42.54 17.92 117.10
N ILE G 193 42.51 16.94 118.00
CA ILE G 193 43.07 17.09 119.34
C ILE G 193 44.38 16.33 119.49
N TYR G 194 45.48 17.06 119.67
CA TYR G 194 46.78 16.43 119.89
C TYR G 194 47.09 16.37 121.38
N GLN G 195 47.69 15.27 121.81
CA GLN G 195 48.08 15.11 123.21
C GLN G 195 49.60 15.18 123.35
N TRP G 196 50.06 15.84 124.42
CA TRP G 196 51.48 15.98 124.67
C TRP G 196 52.09 14.72 125.23
N ASN G 197 53.21 14.30 124.66
CA ASN G 197 53.95 13.14 125.13
C ASN G 197 55.29 13.56 125.73
N LYS G 198 55.44 13.37 127.04
CA LYS G 198 56.64 13.81 127.73
C LYS G 198 57.87 13.01 127.33
N ALA G 199 57.68 11.73 127.03
CA ALA G 199 58.78 10.85 126.66
C ALA G 199 59.46 11.32 125.37
N THR G 200 58.65 11.62 124.36
CA THR G 200 59.18 12.01 123.06
C THR G 200 59.24 13.54 122.90
N GLN G 201 58.66 14.23 123.88
CA GLN G 201 58.65 15.69 123.90
C GLN G 201 58.00 16.29 122.64
N LEU G 202 56.88 15.71 122.24
CA LEU G 202 56.13 16.21 121.08
C LEU G 202 54.68 15.74 121.12
N PHE G 203 53.80 16.47 120.44
CA PHE G 203 52.37 16.16 120.43
C PHE G 203 52.03 14.99 119.50
N THR G 204 51.28 14.03 120.02
CA THR G 204 50.86 12.87 119.24
C THR G 204 49.45 12.45 119.61
N ASN G 205 49.10 11.23 119.20
CA ASN G 205 47.81 10.61 119.49
C ASN G 205 46.63 11.49 119.12
N GLN G 206 46.53 11.87 117.84
CA GLN G 206 45.50 12.80 117.44
C GLN G 206 44.13 12.13 117.33
N THR G 207 43.10 12.88 117.70
CA THR G 207 41.72 12.42 117.62
C THR G 207 40.85 13.54 117.06
N ASP G 208 39.87 13.17 116.24
CA ASP G 208 38.99 14.16 115.65
C ASP G 208 37.85 14.50 116.58
N ILE G 209 37.32 15.72 116.45
CA ILE G 209 36.11 16.05 117.17
C ILE G 209 34.91 15.81 116.27
N PRO G 210 34.15 14.76 116.57
CA PRO G 210 33.01 14.36 115.76
C PRO G 210 31.93 15.41 115.94
N ASN G 211 30.98 15.48 115.01
CA ASN G 211 29.83 16.39 115.10
C ASN G 211 30.22 17.76 114.58
N MET G 212 31.49 17.94 114.28
CA MET G 212 31.92 19.25 113.82
C MET G 212 32.57 19.20 112.45
N GLU G 213 31.93 19.81 111.48
CA GLU G 213 32.48 19.84 110.14
C GLU G 213 32.71 21.32 109.83
N ASP G 214 33.87 21.64 109.25
CA ASP G 214 34.17 23.01 108.81
C ASP G 214 34.33 24.04 109.94
N VAL G 215 34.77 23.60 111.11
CA VAL G 215 35.01 24.53 112.23
C VAL G 215 36.18 25.45 111.90
N TYR G 216 35.98 26.74 112.15
CA TYR G 216 36.99 27.75 111.85
C TYR G 216 38.03 27.88 112.95
N ALA G 217 37.59 27.94 114.20
CA ALA G 217 38.51 28.15 115.32
C ALA G 217 37.95 27.58 116.63
N VAL G 218 38.85 27.31 117.57
CA VAL G 218 38.46 26.77 118.87
C VAL G 218 39.06 27.58 120.02
N LYS G 219 38.23 27.93 120.99
CA LYS G 219 38.70 28.65 122.18
C LYS G 219 38.08 28.10 123.46
N HIS G 220 38.89 27.95 124.51
CA HIS G 220 38.47 27.27 125.72
C HIS G 220 38.29 28.19 126.92
N PHE G 221 37.49 27.74 127.89
CA PHE G 221 37.32 28.46 129.16
C PHE G 221 37.02 27.45 130.27
N SER G 222 37.17 27.89 131.53
CA SER G 222 36.95 26.99 132.67
C SER G 222 35.97 27.55 133.69
N VAL G 223 34.94 26.77 134.01
CA VAL G 223 34.01 27.12 135.07
C VAL G 223 33.82 25.92 135.99
N LYS G 224 33.85 26.18 137.30
CA LYS G 224 33.67 25.14 138.32
C LYS G 224 34.72 24.03 138.19
N GLY G 225 35.87 24.37 137.61
CA GLY G 225 36.94 23.40 137.44
C GLY G 225 36.81 22.64 136.13
N ASP G 226 35.60 22.55 135.60
CA ASP G 226 35.36 21.86 134.34
C ASP G 226 35.91 22.68 133.18
N VAL G 227 36.26 22.00 132.08
CA VAL G 227 36.83 22.66 130.92
C VAL G 227 35.89 22.63 129.72
N TYR G 228 35.69 23.80 129.11
CA TYR G 228 34.79 23.91 127.97
C TYR G 228 35.53 24.50 126.78
N ILE G 229 34.92 24.39 125.60
CA ILE G 229 35.46 25.05 124.40
C ILE G 229 34.33 25.69 123.58
N CYS G 230 34.67 26.71 122.80
CA CYS G 230 33.73 27.39 121.91
C CYS G 230 34.14 27.14 120.45
N LEU G 231 33.26 26.48 119.69
CA LEU G 231 33.52 26.18 118.29
C LEU G 231 32.84 27.20 117.37
N THR G 232 33.61 27.82 116.49
CA THR G 232 33.08 28.87 115.62
C THR G 232 32.89 28.45 114.17
N ARG G 233 31.71 28.73 113.62
CA ARG G 233 31.53 28.60 112.18
C ARG G 233 31.15 29.91 111.55
N PHE G 234 31.41 30.03 110.26
CA PHE G 234 31.07 31.22 109.52
C PHE G 234 29.57 31.24 109.29
N ILE G 235 29.06 30.17 108.71
CA ILE G 235 27.62 29.99 108.54
C ILE G 235 27.27 28.68 109.18
N GLY G 236 25.99 28.50 109.51
CA GLY G 236 25.57 27.32 110.21
C GLY G 236 25.46 27.68 111.68
N ASP G 237 25.79 26.75 112.56
CA ASP G 237 25.67 27.03 113.98
C ASP G 237 26.95 26.78 114.76
N SER G 238 27.34 27.79 115.54
CA SER G 238 28.45 27.65 116.47
C SER G 238 27.98 26.78 117.62
N LYS G 239 28.92 26.14 118.30
CA LYS G 239 28.60 25.19 119.34
C LYS G 239 29.41 25.45 120.60
N VAL G 240 28.86 25.06 121.74
CA VAL G 240 29.58 25.10 123.00
C VAL G 240 29.64 23.69 123.55
N MET G 241 30.84 23.26 123.94
CA MET G 241 31.05 21.89 124.38
C MET G 241 31.75 21.79 125.73
N LYS G 242 31.38 20.77 126.50
CA LYS G 242 32.02 20.49 127.78
C LYS G 242 32.96 19.30 127.63
N TRP G 243 34.11 19.37 128.28
CA TRP G 243 35.03 18.23 128.28
C TRP G 243 34.69 17.28 129.41
N GLY G 244 34.53 16.01 129.07
CA GLY G 244 34.20 15.01 130.07
C GLY G 244 35.06 13.76 130.03
N GLY G 245 36.31 13.88 130.45
CA GLY G 245 37.13 12.71 130.64
C GLY G 245 37.84 12.30 129.37
N SER G 246 37.05 11.71 128.46
CA SER G 246 37.57 11.16 127.21
C SER G 246 37.24 12.02 125.99
N SER G 247 36.10 12.71 126.03
CA SER G 247 35.66 13.47 124.85
C SER G 247 34.78 14.68 125.18
N PHE G 248 34.56 15.53 124.18
CA PHE G 248 33.70 16.70 124.32
C PHE G 248 32.23 16.35 124.12
N GLN G 249 31.36 17.00 124.89
CA GLN G 249 29.93 16.74 124.84
C GLN G 249 29.15 18.01 124.51
N ASP G 250 27.99 17.85 123.87
CA ASP G 250 27.17 18.99 123.48
C ASP G 250 26.53 19.69 124.66
N ILE G 251 26.61 21.01 124.67
CA ILE G 251 25.93 21.82 125.67
C ILE G 251 24.81 22.64 125.04
N GLN G 252 25.16 23.40 124.01
CA GLN G 252 24.22 24.29 123.35
C GLN G 252 24.73 24.63 121.95
N ARG G 253 23.94 25.40 121.22
CA ARG G 253 24.34 25.82 119.89
C ARG G 253 23.71 27.17 119.57
N MET G 254 24.35 27.92 118.68
CA MET G 254 23.89 29.25 118.30
C MET G 254 24.05 29.47 116.81
N PRO G 255 23.12 30.23 116.20
CA PRO G 255 23.20 30.48 114.77
C PRO G 255 24.33 31.45 114.42
N SER G 256 25.20 31.05 113.50
CA SER G 256 26.30 31.91 113.09
C SER G 256 26.03 32.55 111.73
N ARG G 257 25.80 33.85 111.73
CA ARG G 257 25.57 34.59 110.50
C ARG G 257 26.85 35.32 110.06
N GLY G 258 27.73 34.60 109.38
CA GLY G 258 29.01 35.17 108.96
C GLY G 258 29.91 35.44 110.15
N SER G 259 30.10 34.42 110.99
CA SER G 259 30.89 34.56 112.20
C SER G 259 32.34 34.17 111.98
N MET G 260 33.23 34.90 112.63
CA MET G 260 34.66 34.61 112.57
C MET G 260 35.24 34.46 113.96
N VAL G 261 34.44 34.81 114.96
CA VAL G 261 34.89 34.74 116.35
C VAL G 261 33.81 34.23 117.29
N PHE G 262 34.23 33.39 118.23
CA PHE G 262 33.40 33.01 119.37
C PHE G 262 34.33 32.96 120.57
N GLN G 263 34.63 34.12 121.13
CA GLN G 263 35.66 34.23 122.17
C GLN G 263 35.09 34.23 123.58
N PRO G 264 35.49 33.26 124.40
CA PRO G 264 35.12 33.28 125.81
C PRO G 264 35.99 34.27 126.58
N LEU G 265 35.39 34.98 127.52
CA LEU G 265 36.13 35.96 128.31
C LEU G 265 35.68 35.88 129.77
N GLN G 266 36.63 36.00 130.69
CA GLN G 266 36.29 35.96 132.10
C GLN G 266 36.68 37.29 132.76
N ILE G 267 35.67 38.09 133.10
CA ILE G 267 35.86 39.40 133.72
C ILE G 267 35.28 39.49 135.12
N ASN G 268 36.12 39.86 136.09
CA ASN G 268 35.67 39.99 137.46
C ASN G 268 34.96 38.75 137.94
N ASN G 269 35.49 37.59 137.54
CA ASN G 269 34.97 36.31 137.95
C ASN G 269 33.59 36.05 137.31
N TYR G 270 33.30 36.82 136.26
CA TYR G 270 32.10 36.65 135.42
C TYR G 270 32.51 36.02 134.10
N GLN G 271 31.83 34.96 133.69
CA GLN G 271 32.17 34.28 132.45
C GLN G 271 31.32 34.78 131.28
N TYR G 272 31.97 35.42 130.31
CA TYR G 272 31.29 35.95 129.14
C TYR G 272 31.68 35.17 127.89
N ALA G 273 30.87 35.29 126.84
CA ALA G 273 31.17 34.70 125.54
C ALA G 273 30.64 35.59 124.43
N ILE G 274 31.55 36.12 123.63
CA ILE G 274 31.19 37.06 122.58
C ILE G 274 31.24 36.41 121.20
N LEU G 275 30.07 36.22 120.61
CA LEU G 275 29.94 35.65 119.27
C LEU G 275 29.86 36.75 118.22
N GLY G 276 30.91 36.89 117.41
CA GLY G 276 30.94 37.92 116.39
C GLY G 276 30.13 37.58 115.15
N SER G 277 29.81 38.60 114.36
CA SER G 277 29.04 38.40 113.14
C SER G 277 29.34 39.47 112.09
N ASP G 278 29.46 39.04 110.84
CA ASP G 278 29.70 39.96 109.74
C ASP G 278 28.41 40.51 109.15
N TYR G 279 27.32 39.74 109.26
CA TYR G 279 26.06 40.13 108.62
C TYR G 279 25.17 40.89 109.57
N SER G 280 25.25 40.54 110.85
CA SER G 280 24.38 41.16 111.82
C SER G 280 25.19 41.66 113.01
N PHE G 281 24.42 41.98 114.07
CA PHE G 281 24.94 42.54 115.35
C PHE G 281 25.74 41.44 116.15
N THR G 282 26.90 41.80 116.72
CA THR G 282 27.71 40.85 117.58
C THR G 282 27.02 40.57 118.93
N GLN G 283 26.78 39.30 119.23
CA GLN G 283 26.05 38.90 120.43
C GLN G 283 26.97 38.51 121.59
N VAL G 284 26.75 39.14 122.74
CA VAL G 284 27.49 38.81 123.96
C VAL G 284 26.68 37.85 124.84
N TYR G 285 27.32 36.77 125.27
CA TYR G 285 26.66 35.79 126.12
C TYR G 285 27.22 35.81 127.53
N ASN G 286 26.38 35.47 128.49
CA ASN G 286 26.82 35.31 129.87
C ASN G 286 26.52 33.91 130.37
N TRP G 287 27.38 33.39 131.24
CA TRP G 287 27.19 32.05 131.77
C TRP G 287 26.10 32.03 132.83
N ASP G 288 25.20 31.06 132.71
CA ASP G 288 24.13 30.91 133.69
C ASP G 288 24.41 29.72 134.59
N ALA G 289 24.48 29.96 135.89
CA ALA G 289 24.86 28.95 136.86
C ALA G 289 23.76 27.90 136.99
N GLU G 290 22.52 28.35 136.94
CA GLU G 290 21.38 27.46 137.07
C GLU G 290 21.19 26.63 135.80
N LYS G 291 21.35 27.30 134.66
CA LYS G 291 21.14 26.68 133.35
C LYS G 291 22.34 25.87 132.85
N ALA G 292 23.54 26.17 133.38
CA ALA G 292 24.78 25.56 132.90
C ALA G 292 24.88 25.77 131.40
N LYS G 293 24.68 27.02 130.99
CA LYS G 293 24.57 27.36 129.59
C LYS G 293 24.84 28.86 129.42
N PHE G 294 25.09 29.31 128.19
CA PHE G 294 25.23 30.73 127.92
C PHE G 294 23.88 31.35 127.59
N VAL G 295 23.64 32.55 128.12
CA VAL G 295 22.41 33.27 127.83
C VAL G 295 22.70 34.65 127.26
N LYS G 296 21.71 35.21 126.57
CA LYS G 296 21.84 36.52 125.94
C LYS G 296 22.12 37.55 127.02
N PHE G 297 23.04 38.47 126.73
CA PHE G 297 23.43 39.48 127.71
C PHE G 297 23.31 40.89 127.17
N GLN G 298 24.30 41.26 126.37
CA GLN G 298 24.36 42.56 125.79
C GLN G 298 24.68 42.42 124.37
N GLU G 299 24.26 43.44 123.70
CA GLU G 299 24.40 43.46 122.29
C GLU G 299 25.31 44.49 121.66
N LEU G 300 26.36 44.07 120.98
CA LEU G 300 27.29 45.06 120.40
C LEU G 300 27.11 45.28 118.89
N ASN G 301 27.75 46.34 118.37
CA ASN G 301 27.68 46.68 116.97
C ASN G 301 29.05 47.03 116.42
N VAL G 302 29.72 46.03 115.83
CA VAL G 302 31.04 46.23 115.26
C VAL G 302 31.08 45.62 113.85
N GLN G 303 31.78 46.29 112.94
CA GLN G 303 31.86 45.83 111.55
C GLN G 303 32.89 44.72 111.39
N ALA G 304 32.40 43.53 111.05
CA ALA G 304 33.27 42.37 110.80
C ALA G 304 34.27 42.13 111.91
N PRO G 305 33.80 41.73 113.10
CA PRO G 305 34.71 41.48 114.22
C PRO G 305 35.63 40.29 113.97
N ARG G 306 36.90 40.44 114.31
CA ARG G 306 37.90 39.40 114.10
C ARG G 306 38.46 38.83 115.39
N SER G 307 38.31 39.57 116.49
CA SER G 307 38.79 39.10 117.78
C SER G 307 38.18 39.91 118.93
N PHE G 308 38.23 39.34 120.12
CA PHE G 308 37.79 40.03 121.33
C PHE G 308 38.79 39.73 122.45
N THR G 309 39.39 40.78 123.01
CA THR G 309 40.40 40.59 124.05
C THR G 309 40.10 41.39 125.30
N HIS G 310 40.36 40.79 126.45
CA HIS G 310 40.13 41.44 127.73
C HIS G 310 41.38 42.11 128.24
N VAL G 311 41.26 43.38 128.62
CA VAL G 311 42.37 44.15 129.17
C VAL G 311 42.07 44.63 130.58
N SER G 312 42.87 44.15 131.53
CA SER G 312 42.69 44.49 132.93
C SER G 312 43.75 45.48 133.41
N ILE G 313 43.34 46.68 133.79
CA ILE G 313 44.27 47.67 134.33
C ILE G 313 43.71 48.29 135.63
N ASN G 314 44.32 47.98 136.77
CA ASN G 314 43.95 48.60 138.03
C ASN G 314 42.45 48.61 138.33
N LYS G 315 41.82 47.44 138.34
CA LYS G 315 40.38 47.33 138.63
C LYS G 315 39.51 47.87 137.51
N ARG G 316 40.12 48.27 136.40
CA ARG G 316 39.38 48.72 135.25
C ARG G 316 39.47 47.63 134.17
N ASN G 317 38.33 47.23 133.63
CA ASN G 317 38.31 46.17 132.63
C ASN G 317 37.86 46.68 131.27
N PHE G 318 38.73 46.49 130.27
CA PHE G 318 38.45 46.96 128.92
C PHE G 318 38.23 45.80 127.95
N LEU G 319 37.43 46.06 126.92
CA LEU G 319 37.13 45.06 125.91
C LEU G 319 37.49 45.59 124.53
N PHE G 320 38.53 45.02 123.94
CA PHE G 320 38.97 45.41 122.60
C PHE G 320 38.29 44.57 121.52
N ALA G 321 37.72 45.22 120.52
CA ALA G 321 37.06 44.53 119.42
C ALA G 321 37.67 44.92 118.08
N SER G 322 38.29 43.95 117.41
CA SER G 322 38.93 44.22 116.13
C SER G 322 37.91 44.30 115.01
N SER G 323 38.16 45.18 114.06
CA SER G 323 37.27 45.36 112.91
C SER G 323 38.06 45.21 111.61
N PHE G 324 37.54 44.40 110.70
CA PHE G 324 38.24 44.13 109.44
C PHE G 324 37.94 45.17 108.37
N LYS G 325 36.79 45.84 108.48
CA LYS G 325 36.39 46.86 107.51
C LYS G 325 36.10 48.21 108.18
N GLY G 326 35.62 48.16 109.41
CA GLY G 326 35.28 49.37 110.14
C GLY G 326 36.37 49.78 111.11
N ASN G 327 35.98 50.50 112.16
CA ASN G 327 36.91 50.97 113.18
C ASN G 327 36.99 50.01 114.36
N THR G 328 38.21 49.75 114.83
CA THR G 328 38.41 48.93 116.01
C THR G 328 37.88 49.67 117.24
N GLN G 329 37.13 48.96 118.09
CA GLN G 329 36.43 49.60 119.19
C GLN G 329 36.90 49.12 120.54
N ILE G 330 37.01 50.05 121.49
CA ILE G 330 37.37 49.73 122.87
C ILE G 330 36.14 49.91 123.74
N TYR G 331 35.87 48.92 124.58
CA TYR G 331 34.70 48.98 125.45
C TYR G 331 35.09 49.01 126.91
N LYS G 332 34.24 49.62 127.74
CA LYS G 332 34.43 49.64 129.18
C LYS G 332 33.44 48.70 129.84
N HIS G 333 33.93 47.88 130.77
CA HIS G 333 33.06 46.99 131.54
C HIS G 333 32.75 47.58 132.91
N VAL G 334 31.49 47.99 133.11
CA VAL G 334 31.08 48.59 134.36
C VAL G 334 29.96 47.78 135.04
N THR H 7 46.83 -7.49 32.05
CA THR H 7 45.66 -6.74 32.48
C THR H 7 44.35 -7.40 32.03
N GLU H 8 43.23 -6.77 32.37
CA GLU H 8 41.91 -7.31 32.05
C GLU H 8 40.84 -6.24 32.18
N PHE H 9 39.78 -6.34 31.38
CA PHE H 9 38.65 -5.44 31.51
C PHE H 9 37.58 -6.09 32.38
N ALA H 10 37.53 -5.69 33.65
CA ALA H 10 36.54 -6.24 34.58
C ALA H 10 35.26 -5.42 34.55
N LYS H 11 34.14 -6.08 34.80
CA LYS H 11 32.84 -5.45 34.72
C LYS H 11 32.56 -4.57 35.92
N SER H 12 32.41 -3.27 35.69
CA SER H 12 32.14 -2.30 36.76
C SER H 12 30.66 -2.29 37.13
N GLN H 13 29.83 -1.89 36.18
CA GLN H 13 28.38 -1.84 36.39
C GLN H 13 27.63 -1.83 35.07
N ASP H 14 26.36 -2.22 35.12
CA ASP H 14 25.51 -2.25 33.93
C ASP H 14 24.35 -1.27 34.07
N LEU H 15 24.38 -0.22 33.25
CA LEU H 15 23.33 0.80 33.26
C LEU H 15 22.08 0.28 32.55
N PRO H 16 20.95 0.24 33.28
CA PRO H 16 19.69 -0.38 32.81
C PRO H 16 19.01 0.38 31.67
N TYR H 17 19.74 0.70 30.61
CA TYR H 17 19.14 1.33 29.44
C TYR H 17 20.00 1.19 28.18
N GLN H 18 19.42 1.54 27.03
CA GLN H 18 20.11 1.42 25.76
C GLN H 18 20.83 2.72 25.38
N SER H 19 21.81 2.62 24.48
CA SER H 19 22.56 3.80 24.05
C SER H 19 23.14 3.66 22.64
N LEU H 20 23.40 4.78 22.00
CA LEU H 20 23.98 4.77 20.66
C LEU H 20 25.42 5.25 20.70
N SER H 21 25.62 6.50 21.13
CA SER H 21 26.98 7.06 21.19
C SER H 21 27.32 7.55 22.59
N ILE H 22 28.55 7.26 23.02
CA ILE H 22 29.03 7.70 24.32
C ILE H 22 30.22 8.66 24.18
N ASP H 23 30.18 9.77 24.89
CA ASP H 23 31.27 10.74 24.81
C ASP H 23 31.72 11.17 26.20
N THR H 24 32.98 11.56 26.32
CA THR H 24 33.52 12.03 27.59
C THR H 24 34.19 13.39 27.43
N PHE H 25 34.21 14.18 28.49
CA PHE H 25 34.88 15.48 28.47
C PHE H 25 35.26 15.98 29.86
N SER H 26 36.01 17.09 29.90
CA SER H 26 36.42 17.68 31.17
C SER H 26 35.88 19.11 31.30
N TYR H 27 35.04 19.30 32.31
CA TYR H 27 34.42 20.59 32.59
C TYR H 27 34.70 21.05 34.00
N LEU H 28 35.39 22.18 34.13
CA LEU H 28 35.76 22.74 35.41
C LEU H 28 36.56 21.74 36.24
N ASN H 29 37.53 21.09 35.58
CA ASN H 29 38.43 20.13 36.21
C ASN H 29 37.75 18.85 36.73
N ASP H 30 36.62 18.50 36.11
CA ASP H 30 35.91 17.26 36.44
C ASP H 30 35.68 16.45 35.19
N GLU H 31 35.59 15.13 35.34
CA GLU H 31 35.38 14.24 34.20
C GLU H 31 33.91 13.85 34.07
N TYR H 32 33.34 14.07 32.89
CA TYR H 32 31.95 13.75 32.64
C TYR H 32 31.80 12.78 31.48
N VAL H 33 30.65 12.12 31.42
CA VAL H 33 30.34 11.19 30.35
C VAL H 33 28.96 11.51 29.77
N VAL H 34 28.90 11.70 28.45
CA VAL H 34 27.63 11.97 27.78
C VAL H 34 27.13 10.73 27.05
N ILE H 35 25.89 10.35 27.30
CA ILE H 35 25.31 9.16 26.68
C ILE H 35 24.06 9.51 25.88
N ALA H 36 24.07 9.16 24.60
CA ALA H 36 22.93 9.42 23.71
C ALA H 36 21.93 8.27 23.75
N GLN H 37 20.69 8.58 24.14
CA GLN H 37 19.62 7.59 24.14
C GLN H 37 18.72 7.75 22.93
N PRO H 38 18.73 6.76 22.04
CA PRO H 38 17.98 6.84 20.78
C PRO H 38 16.47 6.84 20.97
N PHE H 39 15.97 5.89 21.77
CA PHE H 39 14.54 5.66 21.86
C PHE H 39 13.79 6.52 22.87
N THR H 40 14.47 7.05 23.89
CA THR H 40 13.84 7.93 24.85
C THR H 40 13.93 9.37 24.38
N GLY H 41 15.15 9.82 24.07
CA GLY H 41 15.34 11.13 23.49
C GLY H 41 16.41 11.87 24.26
N LYS H 42 16.74 11.32 25.42
CA LYS H 42 17.60 12.01 26.38
C LYS H 42 19.08 11.92 26.01
N CYS H 43 19.79 13.01 26.27
CA CYS H 43 21.24 13.00 26.30
C CYS H 43 21.64 12.91 27.75
N ILE H 44 21.97 11.71 28.20
CA ILE H 44 22.26 11.49 29.61
C ILE H 44 23.71 11.83 29.95
N PHE H 45 23.91 12.82 30.81
CA PHE H 45 25.24 13.19 31.27
C PHE H 45 25.55 12.51 32.60
N LEU H 46 26.66 11.82 32.67
CA LEU H 46 27.05 11.14 33.90
C LEU H 46 28.17 11.88 34.61
N GLU H 47 28.15 11.82 35.94
CA GLU H 47 29.15 12.50 36.76
C GLU H 47 29.81 11.50 37.70
N TRP H 48 31.09 11.72 37.99
CA TRP H 48 31.84 10.83 38.87
C TRP H 48 31.73 11.24 40.32
N ASP H 49 31.36 10.30 41.17
CA ASP H 49 31.32 10.51 42.61
C ASP H 49 32.63 10.01 43.22
N HIS H 50 33.43 10.92 43.77
CA HIS H 50 34.71 10.55 44.34
C HIS H 50 34.56 9.89 45.71
N VAL H 51 33.38 10.01 46.30
CA VAL H 51 33.14 9.40 47.60
C VAL H 51 32.74 7.92 47.45
N GLU H 52 31.73 7.67 46.62
CA GLU H 52 31.20 6.32 46.46
C GLU H 52 31.82 5.56 45.30
N LYS H 53 32.70 6.23 44.55
CA LYS H 53 33.40 5.64 43.40
C LYS H 53 32.47 5.06 42.33
N THR H 54 31.34 5.72 42.10
CA THR H 54 30.40 5.31 41.07
C THR H 54 30.05 6.47 40.17
N PHE H 55 29.23 6.22 39.15
CA PHE H 55 28.81 7.28 38.24
C PHE H 55 27.39 7.74 38.54
N ARG H 56 27.24 9.03 38.82
CA ARG H 56 25.95 9.65 39.10
C ARG H 56 25.25 10.07 37.82
N ASN H 57 24.09 10.68 37.97
CA ASN H 57 23.37 11.25 36.84
C ASN H 57 23.39 12.77 36.92
N TYR H 58 24.33 13.37 36.22
CA TYR H 58 24.55 14.81 36.28
C TYR H 58 23.35 15.61 35.80
N ASP H 59 23.01 15.46 34.52
CA ASP H 59 21.89 16.19 33.92
C ASP H 59 21.44 15.53 32.62
N ASN H 60 20.29 15.94 32.11
CA ASN H 60 19.78 15.41 30.85
C ASN H 60 19.51 16.51 29.83
N ILE H 61 19.47 16.14 28.55
CA ILE H 61 19.00 17.02 27.50
C ILE H 61 17.99 16.27 26.65
N THR H 62 16.74 16.73 26.63
CA THR H 62 15.67 16.04 25.92
C THR H 62 15.58 16.48 24.46
N GLY H 63 15.64 15.52 23.55
CA GLY H 63 15.51 15.79 22.13
C GLY H 63 15.08 14.56 21.36
N THR H 64 14.04 14.67 20.56
CA THR H 64 13.46 13.51 19.88
C THR H 64 14.48 12.74 19.01
N SER H 65 14.68 11.47 19.35
CA SER H 65 15.57 10.56 18.61
C SER H 65 16.99 11.08 18.39
N THR H 66 17.74 11.20 19.48
CA THR H 66 19.11 11.68 19.40
C THR H 66 20.05 10.58 18.94
N VAL H 67 21.02 10.95 18.11
CA VAL H 67 22.00 10.01 17.60
C VAL H 67 23.39 10.31 18.14
N VAL H 68 23.77 11.58 18.14
CA VAL H 68 25.08 11.99 18.63
C VAL H 68 24.95 13.14 19.62
N CYS H 69 25.73 13.08 20.70
CA CYS H 69 25.81 14.19 21.65
C CYS H 69 27.25 14.61 21.86
N LYS H 70 27.80 15.38 20.92
CA LYS H 70 29.20 15.77 20.97
C LYS H 70 29.44 16.99 21.86
N PRO H 71 30.32 16.85 22.87
CA PRO H 71 30.74 17.96 23.73
C PRO H 71 31.88 18.74 23.11
N ILE H 72 31.81 20.07 23.14
CA ILE H 72 32.94 20.90 22.75
C ILE H 72 33.27 21.89 23.85
N VAL H 73 34.54 21.94 24.24
CA VAL H 73 34.98 22.90 25.24
C VAL H 73 35.87 23.98 24.62
N ILE H 74 35.33 25.20 24.53
CA ILE H 74 36.08 26.35 24.04
C ILE H 74 36.28 27.32 25.20
N GLU H 75 37.53 27.49 25.63
CA GLU H 75 37.85 28.41 26.73
C GLU H 75 37.06 28.16 28.00
N THR H 76 37.02 26.89 28.42
CA THR H 76 36.38 26.46 29.67
C THR H 76 34.85 26.49 29.60
N GLN H 77 34.31 26.88 28.46
CA GLN H 77 32.86 26.91 28.30
C GLN H 77 32.41 25.67 27.54
N LEU H 78 31.35 25.03 28.02
CA LEU H 78 30.89 23.76 27.46
C LEU H 78 29.73 23.93 26.49
N TYR H 79 29.90 23.32 25.32
CA TYR H 79 28.88 23.32 24.28
C TYR H 79 28.58 21.89 23.88
N VAL H 80 27.32 21.60 23.57
CA VAL H 80 26.92 20.26 23.17
C VAL H 80 26.16 20.29 21.84
N ILE H 81 26.66 19.53 20.86
CA ILE H 81 25.96 19.38 19.59
C ILE H 81 25.06 18.16 19.64
N VAL H 82 23.77 18.36 19.47
CA VAL H 82 22.81 17.26 19.56
C VAL H 82 22.21 16.93 18.20
N ALA H 83 22.71 15.85 17.59
CA ALA H 83 22.21 15.40 16.31
C ALA H 83 20.95 14.54 16.47
N GLN H 84 19.86 14.98 15.85
CA GLN H 84 18.60 14.25 15.95
C GLN H 84 18.08 13.87 14.57
N LEU H 85 17.48 12.69 14.48
CA LEU H 85 16.87 12.23 13.22
C LEU H 85 15.47 12.81 13.04
N PHE H 86 14.89 13.28 14.14
CA PHE H 86 13.56 13.89 14.11
C PHE H 86 13.63 15.32 14.64
N GLY H 87 12.86 16.22 14.05
CA GLY H 87 12.78 17.58 14.56
C GLY H 87 13.99 18.46 14.31
N GLY H 88 15.09 17.88 13.88
CA GLY H 88 16.28 18.66 13.56
C GLY H 88 17.35 18.68 14.63
N SER H 89 18.54 19.16 14.27
CA SER H 89 19.66 19.22 15.19
C SER H 89 19.79 20.59 15.83
N HIS H 90 20.29 20.61 17.06
CA HIS H 90 20.41 21.85 17.83
C HIS H 90 21.74 21.94 18.55
N ILE H 91 22.10 23.14 19.00
CA ILE H 91 23.33 23.35 19.76
C ILE H 91 23.02 23.91 21.16
N TYR H 92 23.54 23.25 22.19
CA TYR H 92 23.27 23.65 23.56
C TYR H 92 24.52 24.20 24.25
N LYS H 93 24.31 25.13 25.18
CA LYS H 93 25.39 25.68 25.98
C LYS H 93 25.11 25.55 27.47
N ARG H 94 26.09 25.05 28.21
CA ARG H 94 25.97 24.91 29.65
C ARG H 94 26.13 26.28 30.31
N ASP H 95 25.21 26.59 31.22
CA ASP H 95 25.29 27.84 31.99
C ASP H 95 25.80 27.60 33.40
N SER H 96 26.91 28.24 33.75
CA SER H 96 27.49 28.08 35.07
C SER H 96 26.63 28.75 36.14
N PHE H 97 25.97 29.85 35.77
CA PHE H 97 25.13 30.58 36.72
C PHE H 97 23.83 29.85 37.01
N ALA H 98 23.04 29.62 35.96
CA ALA H 98 21.72 28.99 36.11
C ALA H 98 21.81 27.48 36.34
N ASN H 99 23.02 26.94 36.19
CA ASN H 99 23.27 25.50 36.36
C ASN H 99 22.35 24.66 35.47
N LYS H 100 22.15 25.12 34.24
CA LYS H 100 21.31 24.42 33.27
C LYS H 100 21.92 24.45 31.88
N PHE H 101 21.32 23.69 30.97
CA PHE H 101 21.69 23.74 29.57
C PHE H 101 20.75 24.67 28.81
N ILE H 102 21.32 25.53 27.97
CA ILE H 102 20.52 26.46 27.18
C ILE H 102 20.63 26.17 25.70
N LYS H 103 19.50 26.18 25.01
CA LYS H 103 19.47 26.02 23.57
C LYS H 103 19.74 27.37 22.91
N ILE H 104 20.89 27.49 22.25
CA ILE H 104 21.32 28.78 21.73
C ILE H 104 21.39 28.86 20.20
N GLN H 105 21.42 27.70 19.54
CA GLN H 105 21.56 27.69 18.09
C GLN H 105 20.87 26.49 17.45
N ASP H 106 20.27 26.71 16.29
CA ASP H 106 19.57 25.65 15.56
C ASP H 106 20.20 25.41 14.19
N ILE H 107 20.54 24.16 13.89
CA ILE H 107 20.97 23.77 12.56
C ILE H 107 19.75 23.59 11.65
N GLU H 108 19.75 24.26 10.50
CA GLU H 108 18.61 24.21 9.59
C GLU H 108 18.31 22.78 9.16
N ILE H 109 17.04 22.40 9.24
CA ILE H 109 16.63 21.01 9.05
C ILE H 109 16.83 20.52 7.61
N LEU H 110 16.92 21.43 6.66
CA LEU H 110 17.05 21.05 5.26
C LEU H 110 18.51 20.77 4.89
N LYS H 111 19.44 21.41 5.59
CA LYS H 111 20.85 21.20 5.33
C LYS H 111 21.37 19.93 5.99
N ILE H 112 20.94 19.68 7.23
CA ILE H 112 21.27 18.44 7.91
C ILE H 112 19.98 17.70 8.28
N ARG H 113 19.76 16.57 7.63
CA ARG H 113 18.48 15.86 7.74
C ARG H 113 18.62 14.52 8.44
N LYS H 114 19.60 13.74 8.02
CA LYS H 114 19.84 12.43 8.62
C LYS H 114 21.27 12.28 9.13
N PRO H 115 21.61 12.94 10.25
CA PRO H 115 22.96 12.87 10.81
C PRO H 115 23.25 11.48 11.36
N ASN H 116 24.52 11.07 11.33
CA ASN H 116 24.90 9.76 11.81
C ASN H 116 26.17 9.76 12.64
N ASP H 117 26.95 10.83 12.53
CA ASP H 117 28.24 10.93 13.23
C ASP H 117 28.67 12.39 13.31
N ILE H 118 29.20 12.79 14.46
CA ILE H 118 29.75 14.13 14.63
C ILE H 118 31.15 14.05 15.17
N GLU H 119 32.05 14.77 14.54
CA GLU H 119 33.43 14.79 15.00
C GLU H 119 33.92 16.20 15.24
N THR H 120 34.80 16.39 16.22
CA THR H 120 35.35 17.71 16.49
C THR H 120 36.87 17.76 16.30
N PHE H 121 37.37 18.93 15.92
CA PHE H 121 38.81 19.12 15.78
C PHE H 121 39.18 20.59 15.86
N LYS H 122 40.47 20.85 16.03
CA LYS H 122 40.97 22.21 16.18
C LYS H 122 42.11 22.44 15.20
N ILE H 123 41.95 23.44 14.34
CA ILE H 123 42.95 23.82 13.37
C ILE H 123 43.31 25.28 13.52
N GLU H 124 44.60 25.57 13.69
CA GLU H 124 45.09 26.93 13.84
C GLU H 124 44.24 27.76 14.79
N ASN H 125 44.13 27.36 16.05
CA ASN H 125 43.34 28.07 17.07
C ASN H 125 41.86 28.27 16.69
N ASN H 126 41.39 27.56 15.67
CA ASN H 126 39.99 27.62 15.28
C ASN H 126 39.28 26.29 15.56
N TRP H 127 38.11 26.37 16.20
CA TRP H 127 37.33 25.18 16.51
C TRP H 127 36.29 24.88 15.43
N TYR H 128 36.18 23.61 15.07
CA TYR H 128 35.21 23.18 14.06
C TYR H 128 34.49 21.93 14.53
N PHE H 129 33.44 21.55 13.82
CA PHE H 129 32.86 20.23 13.94
C PHE H 129 32.22 19.80 12.63
N VAL H 130 32.19 18.50 12.37
CA VAL H 130 31.64 17.95 11.14
C VAL H 130 30.47 17.04 11.45
N VAL H 131 29.41 17.13 10.65
CA VAL H 131 28.26 16.24 10.81
C VAL H 131 28.09 15.36 9.59
N ALA H 132 28.26 14.05 9.76
CA ALA H 132 28.03 13.12 8.68
C ALA H 132 26.53 12.96 8.47
N ASP H 133 26.08 13.23 7.25
CA ASP H 133 24.68 13.09 6.90
C ASP H 133 24.49 11.88 6.00
N SER H 134 23.70 10.92 6.46
CA SER H 134 23.48 9.67 5.74
C SER H 134 22.40 9.77 4.65
N SER H 135 21.80 10.96 4.52
CA SER H 135 20.82 11.21 3.48
C SER H 135 21.48 11.80 2.24
N LYS H 136 20.81 11.66 1.10
CA LYS H 136 21.32 12.22 -0.16
C LYS H 136 21.13 13.73 -0.22
N ALA H 137 19.96 14.20 0.18
CA ALA H 137 19.66 15.63 0.15
C ALA H 137 20.49 16.40 1.17
N GLY H 138 20.83 15.75 2.28
CA GLY H 138 21.63 16.38 3.30
C GLY H 138 23.12 16.25 3.03
N PHE H 139 23.83 17.37 3.00
CA PHE H 139 25.26 17.37 2.72
C PHE H 139 26.08 17.40 4.01
N THR H 140 27.15 16.61 4.05
CA THR H 140 28.08 16.62 5.17
C THR H 140 28.68 18.01 5.30
N THR H 141 28.46 18.65 6.45
CA THR H 141 28.83 20.05 6.61
C THR H 141 29.82 20.28 7.76
N ILE H 142 30.80 21.14 7.50
CA ILE H 142 31.72 21.59 8.53
C ILE H 142 31.30 22.94 9.08
N TYR H 143 31.23 23.06 10.39
CA TYR H 143 30.88 24.33 11.02
C TYR H 143 32.09 24.95 11.72
N LYS H 144 32.08 26.26 11.87
CA LYS H 144 33.20 26.94 12.50
C LYS H 144 32.76 27.80 13.68
N TRP H 145 33.52 27.72 14.76
CA TRP H 145 33.29 28.54 15.95
C TRP H 145 33.71 29.99 15.69
N ASN H 146 32.79 30.93 15.86
CA ASN H 146 33.14 32.32 15.64
C ASN H 146 32.97 33.17 16.91
N GLY H 147 33.24 32.56 18.06
CA GLY H 147 33.20 33.29 19.31
C GLY H 147 31.84 33.29 19.98
N ASN H 148 30.78 33.34 19.18
CA ASN H 148 29.44 33.37 19.73
C ASN H 148 28.65 32.09 19.43
N GLY H 149 28.93 31.47 18.29
CA GLY H 149 28.23 30.26 17.90
C GLY H 149 28.89 29.55 16.73
N PHE H 150 28.18 28.58 16.15
CA PHE H 150 28.73 27.83 15.03
C PHE H 150 27.97 28.13 13.74
N TYR H 151 28.71 28.29 12.65
CA TYR H 151 28.11 28.56 11.35
C TYR H 151 28.79 27.75 10.25
N SER H 152 28.06 27.51 9.16
CA SER H 152 28.55 26.70 8.04
C SER H 152 29.88 27.20 7.48
N HIS H 153 30.78 26.26 7.21
CA HIS H 153 32.09 26.59 6.68
C HIS H 153 32.35 25.91 5.34
N GLN H 154 31.97 24.64 5.24
CA GLN H 154 32.20 23.86 4.03
C GLN H 154 31.34 22.60 4.00
N SER H 155 30.78 22.31 2.83
CA SER H 155 30.03 21.07 2.63
C SER H 155 30.86 20.07 1.84
N LEU H 156 30.68 18.79 2.13
CA LEU H 156 31.46 17.74 1.48
C LEU H 156 30.56 16.61 0.98
N HIS H 157 31.00 15.94 -0.08
CA HIS H 157 30.34 14.75 -0.60
C HIS H 157 28.85 14.94 -0.90
N ALA H 158 28.56 15.79 -1.88
CA ALA H 158 27.18 16.02 -2.28
C ALA H 158 26.55 14.75 -2.83
N TRP H 159 25.30 14.53 -2.45
CA TRP H 159 24.48 13.39 -2.87
C TRP H 159 25.04 12.05 -2.37
N TYR H 160 25.93 12.10 -1.39
CA TYR H 160 26.51 10.89 -0.82
C TYR H 160 25.89 10.54 0.53
N ARG H 161 25.71 9.26 0.80
CA ARG H 161 25.16 8.81 2.07
C ARG H 161 26.28 8.60 3.09
N ASP H 162 26.85 9.70 3.57
CA ASP H 162 27.98 9.65 4.48
C ASP H 162 27.59 9.05 5.84
N THR H 163 28.36 8.07 6.29
CA THR H 163 28.09 7.37 7.53
C THR H 163 28.95 7.85 8.72
N ASP H 164 30.23 8.09 8.47
CA ASP H 164 31.13 8.52 9.53
C ASP H 164 32.12 9.58 9.06
N VAL H 165 32.54 10.43 9.99
CA VAL H 165 33.64 11.34 9.75
C VAL H 165 34.76 11.02 10.73
N GLU H 166 36.00 11.21 10.29
CA GLU H 166 37.17 11.00 11.12
C GLU H 166 38.21 12.08 10.85
N TYR H 167 38.67 12.76 11.90
CA TYR H 167 39.70 13.77 11.75
C TYR H 167 41.10 13.15 11.87
N LEU H 168 42.00 13.56 11.00
CA LEU H 168 43.32 12.98 10.93
C LEU H 168 44.41 14.05 10.85
N GLU H 169 45.55 13.76 11.46
CA GLU H 169 46.74 14.59 11.32
C GLU H 169 47.87 13.72 10.83
N ILE H 170 48.16 13.84 9.54
CA ILE H 170 49.05 12.95 8.85
C ILE H 170 50.19 13.69 8.13
N VAL H 171 51.31 13.01 7.89
CA VAL H 171 52.45 13.57 7.17
C VAL H 171 52.43 13.18 5.69
N ARG H 172 52.31 14.18 4.82
CA ARG H 172 52.34 13.97 3.38
C ARG H 172 53.75 14.08 2.84
N THR H 173 54.26 13.01 2.22
CA THR H 173 55.60 13.00 1.64
C THR H 173 55.79 14.10 0.58
N PRO H 174 56.90 14.84 0.68
CA PRO H 174 57.97 14.67 1.66
C PRO H 174 57.99 15.71 2.79
N GLN H 175 56.81 16.15 3.23
CA GLN H 175 56.73 17.07 4.36
C GLN H 175 57.21 16.40 5.65
N THR H 176 57.38 17.19 6.71
CA THR H 176 57.85 16.66 7.98
C THR H 176 56.85 16.97 9.10
N LEU H 177 55.80 17.71 8.77
CA LEU H 177 54.81 18.11 9.76
C LEU H 177 53.44 17.51 9.44
N ARG H 178 52.71 17.12 10.48
CA ARG H 178 51.38 16.55 10.31
C ARG H 178 50.37 17.62 9.92
N THR H 179 49.60 17.36 8.87
CA THR H 179 48.59 18.30 8.40
C THR H 179 47.19 17.70 8.55
N PRO H 180 46.20 18.56 8.82
CA PRO H 180 44.81 18.12 9.06
C PRO H 180 44.19 17.37 7.87
N HIS H 181 43.50 16.26 8.16
CA HIS H 181 42.82 15.47 7.13
C HIS H 181 41.45 15.02 7.63
N LEU H 182 40.54 14.75 6.71
CA LEU H 182 39.22 14.21 7.04
C LEU H 182 38.94 12.96 6.22
N ILE H 183 38.31 11.97 6.84
CA ILE H 183 37.89 10.76 6.14
C ILE H 183 36.38 10.58 6.19
N LEU H 184 35.76 10.40 5.02
CA LEU H 184 34.33 10.16 4.93
C LEU H 184 34.02 8.74 4.47
N SER H 185 33.13 8.07 5.20
CA SER H 185 32.67 6.75 4.83
C SER H 185 31.21 6.81 4.41
N SER H 186 30.90 6.28 3.23
CA SER H 186 29.52 6.30 2.72
C SER H 186 29.06 4.93 2.22
N SER H 187 27.75 4.74 2.15
CA SER H 187 27.16 3.46 1.75
C SER H 187 27.52 3.05 0.32
N SER H 188 27.94 1.80 0.17
CA SER H 188 28.35 1.23 -1.12
C SER H 188 29.41 2.08 -1.80
N GLN H 189 30.36 2.58 -1.00
CA GLN H 189 31.36 3.50 -1.52
C GLN H 189 32.70 3.34 -0.82
N ARG H 190 33.76 3.83 -1.46
CA ARG H 190 35.10 3.80 -0.88
C ARG H 190 35.28 4.99 0.04
N PRO H 191 36.03 4.82 1.13
CA PRO H 191 36.36 5.93 2.02
C PRO H 191 37.14 7.03 1.31
N VAL H 192 36.81 8.28 1.58
CA VAL H 192 37.48 9.39 0.92
C VAL H 192 38.26 10.22 1.93
N ILE H 193 39.52 10.53 1.62
CA ILE H 193 40.34 11.34 2.52
C ILE H 193 40.57 12.75 1.96
N TYR H 194 40.08 13.75 2.70
CA TYR H 194 40.24 15.14 2.32
C TYR H 194 41.45 15.77 2.99
N GLN H 195 42.15 16.64 2.25
CA GLN H 195 43.32 17.32 2.79
C GLN H 195 43.02 18.79 3.03
N TRP H 196 43.51 19.31 4.15
CA TRP H 196 43.30 20.71 4.50
C TRP H 196 44.20 21.64 3.71
N ASN H 197 43.60 22.69 3.17
CA ASN H 197 44.33 23.72 2.45
C ASN H 197 44.28 25.03 3.23
N LYS H 198 45.45 25.49 3.69
CA LYS H 198 45.51 26.69 4.51
C LYS H 198 45.17 27.96 3.71
N ALA H 199 45.52 28.00 2.42
CA ALA H 199 45.27 29.16 1.58
C ALA H 199 43.78 29.42 1.40
N THR H 200 43.02 28.38 1.12
CA THR H 200 41.59 28.52 0.86
C THR H 200 40.75 28.25 2.10
N GLN H 201 41.41 27.80 3.17
CA GLN H 201 40.75 27.52 4.44
C GLN H 201 39.61 26.51 4.30
N LEU H 202 39.86 25.46 3.53
CA LEU H 202 38.86 24.40 3.36
C LEU H 202 39.50 23.10 2.87
N PHE H 203 38.83 21.99 3.10
CA PHE H 203 39.35 20.68 2.72
C PHE H 203 39.16 20.43 1.22
N THR H 204 40.22 19.99 0.56
CA THR H 204 40.17 19.68 -0.86
C THR H 204 41.02 18.47 -1.23
N ASN H 205 41.27 18.30 -2.53
CA ASN H 205 42.11 17.23 -3.04
C ASN H 205 41.69 15.86 -2.52
N GLN H 206 40.45 15.49 -2.78
CA GLN H 206 39.93 14.24 -2.21
C GLN H 206 40.51 13.04 -2.95
N THR H 207 40.80 11.99 -2.20
CA THR H 207 41.31 10.75 -2.78
C THR H 207 40.65 9.56 -2.10
N ASP H 208 40.39 8.51 -2.87
CA ASP H 208 39.76 7.33 -2.30
C ASP H 208 40.79 6.45 -1.62
N ILE H 209 40.34 5.69 -0.62
CA ILE H 209 41.16 4.66 -0.01
C ILE H 209 40.87 3.39 -0.79
N PRO H 210 41.84 2.96 -1.60
CA PRO H 210 41.61 1.86 -2.55
C PRO H 210 41.42 0.46 -1.96
N ASN H 211 40.68 -0.37 -2.71
CA ASN H 211 40.45 -1.79 -2.45
C ASN H 211 39.42 -2.12 -1.37
N MET H 212 38.89 -1.10 -0.71
CA MET H 212 37.85 -1.32 0.28
C MET H 212 36.59 -0.51 0.04
N GLU H 213 35.49 -1.22 -0.18
CA GLU H 213 34.19 -0.58 -0.38
C GLU H 213 33.23 -0.98 0.73
N ASP H 214 32.30 -0.08 1.01
CA ASP H 214 31.27 -0.29 2.02
C ASP H 214 31.83 -0.25 3.44
N VAL H 215 32.92 0.48 3.62
CA VAL H 215 33.48 0.68 4.95
C VAL H 215 32.47 1.52 5.72
N TYR H 216 32.15 1.09 6.94
CA TYR H 216 31.16 1.79 7.74
C TYR H 216 31.77 2.96 8.50
N ALA H 217 32.94 2.74 9.09
CA ALA H 217 33.57 3.81 9.87
C ALA H 217 35.08 3.68 9.87
N VAL H 218 35.73 4.79 10.11
CA VAL H 218 37.19 4.85 10.18
C VAL H 218 37.61 5.54 11.47
N LYS H 219 38.53 4.91 12.19
CA LYS H 219 39.06 5.49 13.41
C LYS H 219 40.57 5.31 13.46
N HIS H 220 41.28 6.36 13.86
CA HIS H 220 42.74 6.32 13.81
C HIS H 220 43.40 6.25 15.18
N PHE H 221 44.63 5.75 15.20
CA PHE H 221 45.45 5.72 16.41
C PHE H 221 46.92 5.81 16.02
N SER H 222 47.76 6.20 16.97
CA SER H 222 49.18 6.34 16.70
C SER H 222 50.02 5.62 17.74
N VAL H 223 50.90 4.74 17.28
CA VAL H 223 51.88 4.10 18.15
C VAL H 223 53.26 4.14 17.49
N LYS H 224 54.28 4.42 18.29
CA LYS H 224 55.66 4.48 17.84
C LYS H 224 55.82 5.60 16.80
N GLY H 225 54.94 6.59 16.86
CA GLY H 225 54.97 7.73 15.96
C GLY H 225 54.20 7.54 14.66
N ASP H 226 54.06 6.29 14.24
CA ASP H 226 53.32 5.98 13.01
C ASP H 226 51.81 6.13 13.21
N VAL H 227 51.10 6.41 12.13
CA VAL H 227 49.65 6.58 12.21
C VAL H 227 48.90 5.46 11.53
N TYR H 228 47.92 4.89 12.23
CA TYR H 228 47.14 3.78 11.70
C TYR H 228 45.66 4.10 11.73
N ILE H 229 44.87 3.30 11.01
CA ILE H 229 43.43 3.46 11.03
C ILE H 229 42.73 2.09 11.12
N CYS H 230 41.52 2.10 11.64
CA CYS H 230 40.69 0.91 11.73
C CYS H 230 39.49 1.05 10.83
N LEU H 231 39.37 0.17 9.85
CA LEU H 231 38.26 0.18 8.90
C LEU H 231 37.17 -0.79 9.35
N THR H 232 35.94 -0.30 9.49
CA THR H 232 34.86 -1.14 9.99
C THR H 232 33.89 -1.60 8.91
N ARG H 233 33.64 -2.90 8.85
CA ARG H 233 32.56 -3.46 8.04
C ARG H 233 31.55 -4.20 8.89
N PHE H 234 30.32 -4.28 8.40
CA PHE H 234 29.28 -5.01 9.11
C PHE H 234 29.48 -6.50 8.91
N ILE H 235 29.53 -6.92 7.66
CA ILE H 235 29.83 -8.29 7.31
C ILE H 235 31.00 -8.24 6.38
N GLY H 236 31.71 -9.35 6.24
CA GLY H 236 32.88 -9.36 5.39
C GLY H 236 34.10 -9.20 6.27
N ASP H 237 35.08 -8.47 5.77
CA ASP H 237 36.30 -8.36 6.52
C ASP H 237 36.64 -6.96 6.94
N SER H 238 36.84 -6.76 8.24
CA SER H 238 37.34 -5.50 8.80
C SER H 238 38.86 -5.49 8.55
N LYS H 239 39.43 -4.30 8.48
CA LYS H 239 40.84 -4.12 8.11
C LYS H 239 41.60 -3.13 9.00
N VAL H 240 42.92 -3.31 9.12
CA VAL H 240 43.78 -2.33 9.79
C VAL H 240 44.90 -1.88 8.85
N MET H 241 45.10 -0.56 8.74
CA MET H 241 46.05 0.00 7.79
C MET H 241 47.06 0.97 8.39
N LYS H 242 48.27 0.96 7.84
CA LYS H 242 49.30 1.90 8.28
C LYS H 242 49.51 2.99 7.24
N TRP H 243 49.65 4.22 7.71
CA TRP H 243 49.97 5.32 6.81
C TRP H 243 51.48 5.50 6.68
N GLY H 244 51.95 5.46 5.44
CA GLY H 244 53.38 5.66 5.19
C GLY H 244 53.63 6.64 4.06
N GLY H 245 53.34 7.92 4.29
CA GLY H 245 53.67 8.94 3.30
C GLY H 245 52.58 9.31 2.30
N SER H 246 52.32 8.44 1.32
CA SER H 246 51.37 8.78 0.26
C SER H 246 50.02 8.07 0.38
N SER H 247 50.02 6.84 0.89
CA SER H 247 48.78 6.07 0.95
C SER H 247 48.80 5.07 2.10
N PHE H 248 47.63 4.49 2.38
CA PHE H 248 47.51 3.46 3.41
C PHE H 248 47.89 2.08 2.89
N GLN H 249 48.51 1.28 3.75
CA GLN H 249 48.97 -0.06 3.40
C GLN H 249 48.35 -1.12 4.32
N ASP H 250 48.16 -2.32 3.79
CA ASP H 250 47.55 -3.40 4.57
C ASP H 250 48.46 -3.90 5.68
N ILE H 251 47.89 -4.06 6.87
CA ILE H 251 48.60 -4.67 7.98
C ILE H 251 47.99 -6.02 8.34
N GLN H 252 46.69 -6.02 8.58
CA GLN H 252 45.99 -7.23 8.98
C GLN H 252 44.51 -7.11 8.68
N ARG H 253 43.77 -8.17 8.94
CA ARG H 253 42.34 -8.14 8.71
C ARG H 253 41.64 -9.10 9.68
N MET H 254 40.38 -8.83 9.96
CA MET H 254 39.62 -9.65 10.89
C MET H 254 38.19 -9.83 10.41
N PRO H 255 37.58 -10.99 10.70
CA PRO H 255 36.21 -11.27 10.29
C PRO H 255 35.21 -10.45 11.10
N SER H 256 34.30 -9.76 10.42
CA SER H 256 33.26 -8.98 11.10
C SER H 256 31.91 -9.68 11.06
N ARG H 257 31.46 -10.12 12.22
CA ARG H 257 30.16 -10.78 12.32
C ARG H 257 29.13 -9.78 12.85
N GLY H 258 28.58 -8.98 11.95
CA GLY H 258 27.63 -7.94 12.32
C GLY H 258 28.31 -6.86 13.14
N SER H 259 29.39 -6.31 12.62
CA SER H 259 30.17 -5.31 13.35
C SER H 259 29.75 -3.88 13.01
N MET H 260 29.73 -3.02 14.02
CA MET H 260 29.40 -1.62 13.82
C MET H 260 30.51 -0.73 14.35
N VAL H 261 31.46 -1.33 15.06
CA VAL H 261 32.57 -0.60 15.66
C VAL H 261 33.88 -1.34 15.58
N PHE H 262 34.94 -0.59 15.31
CA PHE H 262 36.30 -1.08 15.45
C PHE H 262 37.11 0.05 16.06
N GLN H 263 36.98 0.22 17.37
CA GLN H 263 37.51 1.39 18.06
C GLN H 263 38.86 1.15 18.72
N PRO H 264 39.87 1.93 18.31
CA PRO H 264 41.19 1.92 18.96
C PRO H 264 41.13 2.71 20.27
N LEU H 265 41.84 2.24 21.28
CA LEU H 265 41.87 2.90 22.59
C LEU H 265 43.27 2.93 23.17
N GLN H 266 43.59 4.03 23.86
CA GLN H 266 44.90 4.15 24.50
C GLN H 266 44.75 4.23 26.02
N ILE H 267 45.09 3.15 26.70
CA ILE H 267 45.02 3.12 28.16
C ILE H 267 46.38 2.85 28.80
N ASN H 268 46.87 3.79 29.61
CA ASN H 268 48.14 3.64 30.34
C ASN H 268 49.30 3.14 29.48
N ASN H 269 49.44 3.69 28.27
CA ASN H 269 50.46 3.29 27.29
C ASN H 269 50.19 1.91 26.71
N TYR H 270 48.98 1.39 26.88
CA TYR H 270 48.64 0.11 26.26
C TYR H 270 47.74 0.42 25.08
N GLN H 271 48.07 -0.11 23.91
CA GLN H 271 47.25 0.15 22.73
C GLN H 271 46.22 -0.96 22.54
N TYR H 272 44.95 -0.59 22.68
CA TYR H 272 43.86 -1.55 22.54
C TYR H 272 43.03 -1.28 21.30
N ALA H 273 42.29 -2.30 20.87
CA ALA H 273 41.35 -2.17 19.76
C ALA H 273 40.18 -3.11 19.97
N ILE H 274 38.99 -2.54 20.10
CA ILE H 274 37.80 -3.33 20.37
C ILE H 274 36.90 -3.47 19.15
N LEU H 275 36.82 -4.68 18.63
CA LEU H 275 35.95 -4.95 17.50
C LEU H 275 34.59 -5.46 17.99
N GLY H 276 33.56 -4.63 17.85
CA GLY H 276 32.23 -4.99 18.31
C GLY H 276 31.53 -5.93 17.35
N SER H 277 30.52 -6.63 17.84
CA SER H 277 29.78 -7.56 17.01
C SER H 277 28.35 -7.74 17.50
N ASP H 278 27.41 -7.81 16.56
CA ASP H 278 26.02 -8.03 16.92
C ASP H 278 25.69 -9.52 17.00
N TYR H 279 26.41 -10.34 16.25
CA TYR H 279 26.10 -11.76 16.17
C TYR H 279 26.90 -12.60 17.15
N SER H 280 28.12 -12.17 17.43
CA SER H 280 29.04 -12.97 18.25
C SER H 280 29.70 -12.14 19.34
N PHE H 281 30.73 -12.69 19.95
CA PHE H 281 31.45 -12.00 21.02
C PHE H 281 32.28 -10.86 20.46
N THR H 282 32.23 -9.72 21.15
CA THR H 282 33.05 -8.58 20.78
C THR H 282 34.49 -8.84 21.21
N GLN H 283 35.41 -8.76 20.27
CA GLN H 283 36.80 -9.10 20.53
C GLN H 283 37.68 -7.88 20.84
N VAL H 284 38.38 -7.94 21.97
CA VAL H 284 39.33 -6.90 22.33
C VAL H 284 40.73 -7.31 21.89
N TYR H 285 41.41 -6.41 21.18
CA TYR H 285 42.75 -6.69 20.67
C TYR H 285 43.80 -5.82 21.39
N ASN H 286 45.03 -6.30 21.49
CA ASN H 286 46.14 -5.51 21.97
C ASN H 286 47.24 -5.47 20.93
N TRP H 287 48.00 -4.39 20.91
CA TRP H 287 49.08 -4.23 19.97
C TRP H 287 50.29 -5.04 20.41
N ASP H 288 50.88 -5.79 19.47
CA ASP H 288 52.07 -6.57 19.74
C ASP H 288 53.29 -5.91 19.10
N ALA H 289 54.32 -5.65 19.90
CA ALA H 289 55.47 -4.88 19.45
C ALA H 289 56.30 -5.59 18.39
N GLU H 290 56.54 -6.89 18.55
CA GLU H 290 57.33 -7.64 17.57
C GLU H 290 56.53 -7.93 16.31
N LYS H 291 55.26 -8.28 16.47
CA LYS H 291 54.43 -8.62 15.31
C LYS H 291 53.99 -7.39 14.54
N ALA H 292 53.99 -6.22 15.20
CA ALA H 292 53.48 -4.99 14.63
C ALA H 292 52.06 -5.24 14.15
N LYS H 293 51.25 -5.76 15.05
CA LYS H 293 49.93 -6.25 14.71
C LYS H 293 49.04 -6.27 15.97
N PHE H 294 47.74 -6.40 15.78
CA PHE H 294 46.84 -6.59 16.92
C PHE H 294 46.73 -8.10 17.19
N VAL H 295 46.76 -8.50 18.46
CA VAL H 295 46.55 -9.90 18.79
C VAL H 295 45.38 -10.03 19.79
N LYS H 296 44.80 -11.22 19.87
CA LYS H 296 43.66 -11.50 20.72
C LYS H 296 44.00 -11.25 22.19
N PHE H 297 43.07 -10.66 22.93
CA PHE H 297 43.32 -10.30 24.31
C PHE H 297 42.24 -10.84 25.24
N GLN H 298 41.09 -10.17 25.25
CA GLN H 298 39.97 -10.57 26.08
C GLN H 298 38.68 -10.56 25.25
N GLU H 299 37.73 -11.41 25.62
CA GLU H 299 36.41 -11.45 24.97
C GLU H 299 35.31 -10.89 25.84
N LEU H 300 34.66 -9.83 25.34
CA LEU H 300 33.57 -9.18 26.05
C LEU H 300 32.21 -9.65 25.57
N ASN H 301 31.16 -9.31 26.32
CA ASN H 301 29.81 -9.72 25.97
C ASN H 301 28.82 -8.57 26.10
N VAL H 302 28.56 -7.87 25.00
CA VAL H 302 27.61 -6.77 24.99
C VAL H 302 26.65 -6.92 23.83
N GLN H 303 25.39 -6.56 24.05
CA GLN H 303 24.36 -6.68 23.03
C GLN H 303 24.41 -5.49 22.05
N ALA H 304 24.79 -5.80 20.81
CA ALA H 304 24.85 -4.80 19.75
C ALA H 304 25.64 -3.55 20.13
N PRO H 305 26.97 -3.68 20.28
CA PRO H 305 27.81 -2.52 20.63
C PRO H 305 27.88 -1.47 19.54
N ARG H 306 27.77 -0.20 19.91
CA ARG H 306 27.80 0.91 18.96
C ARG H 306 29.01 1.82 19.14
N SER H 307 29.63 1.75 20.32
CA SER H 307 30.80 2.57 20.58
C SER H 307 31.57 2.05 21.79
N PHE H 308 32.83 2.42 21.87
CA PHE H 308 33.67 2.09 23.00
C PHE H 308 34.49 3.33 23.34
N THR H 309 34.33 3.83 24.56
CA THR H 309 35.04 5.04 24.94
C THR H 309 35.82 4.85 26.23
N HIS H 310 37.02 5.42 26.25
CA HIS H 310 37.88 5.33 27.41
C HIS H 310 37.71 6.54 28.31
N VAL H 311 37.46 6.29 29.59
CA VAL H 311 37.31 7.36 30.58
C VAL H 311 38.37 7.25 31.66
N SER H 312 39.22 8.25 31.77
CA SER H 312 40.29 8.25 32.74
C SER H 312 40.01 9.22 33.90
N ILE H 313 39.90 8.66 35.11
CA ILE H 313 39.69 9.49 36.29
C ILE H 313 40.66 9.08 37.39
N ASN H 314 41.62 9.95 37.70
CA ASN H 314 42.53 9.72 38.80
C ASN H 314 43.16 8.34 38.83
N LYS H 315 43.83 7.96 37.75
CA LYS H 315 44.54 6.68 37.68
C LYS H 315 43.56 5.51 37.60
N ARG H 316 42.28 5.82 37.47
CA ARG H 316 41.27 4.79 37.26
C ARG H 316 40.83 4.87 35.80
N ASN H 317 40.86 3.74 35.10
CA ASN H 317 40.48 3.71 33.69
C ASN H 317 39.23 2.88 33.44
N PHE H 318 38.22 3.52 32.87
CA PHE H 318 36.95 2.86 32.61
C PHE H 318 36.70 2.66 31.12
N LEU H 319 35.93 1.63 30.80
CA LEU H 319 35.60 1.33 29.42
C LEU H 319 34.08 1.28 29.27
N PHE H 320 33.53 2.28 28.59
CA PHE H 320 32.10 2.37 28.36
C PHE H 320 31.71 1.67 27.06
N ALA H 321 30.70 0.80 27.14
CA ALA H 321 30.25 0.07 25.98
C ALA H 321 28.77 0.32 25.73
N SER H 322 28.46 0.96 24.61
CA SER H 322 27.08 1.29 24.29
C SER H 322 26.32 0.07 23.78
N SER H 323 25.04 -0.02 24.12
CA SER H 323 24.21 -1.12 23.66
C SER H 323 22.98 -0.58 22.95
N PHE H 324 22.72 -1.10 21.77
CA PHE H 324 21.58 -0.64 20.98
C PHE H 324 20.30 -1.38 21.36
N LYS H 325 20.45 -2.59 21.89
CA LYS H 325 19.30 -3.40 22.30
C LYS H 325 19.37 -3.82 23.77
N GLY H 326 20.58 -4.00 24.28
CA GLY H 326 20.76 -4.42 25.66
C GLY H 326 21.08 -3.27 26.60
N ASN H 327 21.77 -3.56 27.69
CA ASN H 327 22.17 -2.54 28.65
C ASN H 327 23.59 -2.04 28.38
N THR H 328 23.77 -0.73 28.47
CA THR H 328 25.09 -0.14 28.33
C THR H 328 25.95 -0.54 29.52
N GLN H 329 27.19 -0.95 29.25
CA GLN H 329 28.04 -1.52 30.28
C GLN H 329 29.30 -0.70 30.52
N ILE H 330 29.68 -0.58 31.78
CA ILE H 330 30.91 0.08 32.18
C ILE H 330 31.92 -0.97 32.66
N TYR H 331 33.14 -0.87 32.16
CA TYR H 331 34.18 -1.84 32.50
C TYR H 331 35.32 -1.20 33.26
N LYS H 332 35.99 -2.00 34.09
CA LYS H 332 37.17 -1.56 34.84
C LYS H 332 38.44 -2.10 34.21
N HIS H 333 39.44 -1.24 34.05
CA HIS H 333 40.74 -1.67 33.54
C HIS H 333 41.74 -1.86 34.68
N VAL H 334 42.10 -3.11 34.95
CA VAL H 334 43.01 -3.44 36.03
C VAL H 334 44.29 -4.11 35.52
N THR I 7 2.90 -22.35 -38.16
CA THR I 7 2.63 -23.66 -37.57
C THR I 7 2.42 -23.58 -36.06
N GLU I 8 2.21 -24.73 -35.45
CA GLU I 8 1.95 -24.83 -34.01
C GLU I 8 2.14 -26.27 -33.54
N PHE I 9 2.56 -26.42 -32.29
CA PHE I 9 2.66 -27.75 -31.70
C PHE I 9 1.38 -28.01 -30.91
N ALA I 10 0.47 -28.78 -31.49
CA ALA I 10 -0.78 -29.12 -30.83
C ALA I 10 -0.63 -30.38 -29.99
N LYS I 11 -1.38 -30.46 -28.91
CA LYS I 11 -1.26 -31.57 -27.97
C LYS I 11 -1.95 -32.82 -28.50
N SER I 12 -1.16 -33.87 -28.76
CA SER I 12 -1.70 -35.12 -29.26
C SER I 12 -2.27 -35.99 -28.15
N GLN I 13 -1.42 -36.41 -27.23
CA GLN I 13 -1.86 -37.23 -26.11
C GLN I 13 -0.86 -37.17 -24.96
N ASP I 14 -1.33 -37.48 -23.76
CA ASP I 14 -0.50 -37.47 -22.56
C ASP I 14 -0.37 -38.86 -21.96
N LEU I 15 0.84 -39.44 -22.03
CA LEU I 15 1.10 -40.76 -21.49
C LEU I 15 1.27 -40.73 -19.97
N PRO I 16 0.44 -41.49 -19.26
CA PRO I 16 0.32 -41.44 -17.79
C PRO I 16 1.54 -41.98 -17.04
N TYR I 17 2.74 -41.52 -17.38
CA TYR I 17 3.94 -41.90 -16.64
C TYR I 17 5.12 -40.95 -16.85
N GLN I 18 6.15 -41.10 -16.02
CA GLN I 18 7.31 -40.23 -16.07
C GLN I 18 8.39 -40.79 -16.99
N SER I 19 9.30 -39.92 -17.43
CA SER I 19 10.37 -40.32 -18.33
C SER I 19 11.59 -39.42 -18.22
N LEU I 20 12.75 -39.96 -18.58
CA LEU I 20 14.00 -39.20 -18.53
C LEU I 20 14.50 -38.92 -19.94
N SER I 21 14.78 -39.97 -20.70
CA SER I 21 15.28 -39.79 -22.05
C SER I 21 14.40 -40.50 -23.07
N ILE I 22 14.15 -39.82 -24.18
CA ILE I 22 13.33 -40.37 -25.25
C ILE I 22 14.16 -40.49 -26.53
N ASP I 23 14.08 -41.64 -27.18
CA ASP I 23 14.81 -41.85 -28.42
C ASP I 23 13.94 -42.47 -29.50
N THR I 24 14.26 -42.20 -30.76
CA THR I 24 13.51 -42.77 -31.85
C THR I 24 14.42 -43.48 -32.86
N PHE I 25 13.88 -44.48 -33.56
CA PHE I 25 14.65 -45.18 -34.58
C PHE I 25 13.75 -45.86 -35.61
N SER I 26 14.38 -46.40 -36.65
CA SER I 26 13.67 -47.09 -37.72
C SER I 26 14.14 -48.53 -37.78
N TYR I 27 13.22 -49.46 -37.56
CA TYR I 27 13.51 -50.88 -37.60
C TYR I 27 12.59 -51.57 -38.59
N LEU I 28 13.17 -52.15 -39.63
CA LEU I 28 12.40 -52.87 -40.66
C LEU I 28 11.35 -51.97 -41.31
N ASN I 29 11.73 -50.73 -41.64
CA ASN I 29 10.83 -49.76 -42.26
C ASN I 29 9.66 -49.30 -41.40
N ASP I 30 9.83 -49.36 -40.09
CA ASP I 30 8.82 -48.87 -39.16
C ASP I 30 9.47 -47.90 -38.19
N GLU I 31 8.68 -46.95 -37.69
CA GLU I 31 9.22 -45.96 -36.77
C GLU I 31 8.88 -46.33 -35.34
N TYR I 32 9.90 -46.39 -34.49
CA TYR I 32 9.71 -46.74 -33.09
C TYR I 32 10.21 -45.63 -32.19
N VAL I 33 9.74 -45.63 -30.96
CA VAL I 33 10.14 -44.66 -29.95
C VAL I 33 10.52 -45.36 -28.66
N VAL I 34 11.72 -45.10 -28.16
CA VAL I 34 12.17 -45.68 -26.89
C VAL I 34 12.09 -44.66 -25.76
N ILE I 35 11.44 -45.04 -24.67
CA ILE I 35 11.28 -44.16 -23.53
C ILE I 35 11.88 -44.76 -22.27
N ALA I 36 12.79 -44.04 -21.65
CA ALA I 36 13.44 -44.49 -20.42
C ALA I 36 12.65 -44.07 -19.19
N GLN I 37 12.22 -45.05 -18.41
CA GLN I 37 11.53 -44.77 -17.16
C GLN I 37 12.46 -44.93 -15.96
N PRO I 38 12.77 -43.82 -15.29
CA PRO I 38 13.73 -43.83 -14.18
C PRO I 38 13.26 -44.64 -12.97
N PHE I 39 12.03 -44.40 -12.52
CA PHE I 39 11.60 -44.94 -11.24
C PHE I 39 11.06 -46.38 -11.31
N THR I 40 10.59 -46.79 -12.48
CA THR I 40 10.12 -48.17 -12.67
C THR I 40 11.23 -49.07 -13.17
N GLY I 41 12.11 -48.52 -14.01
CA GLY I 41 13.25 -49.25 -14.52
C GLY I 41 13.13 -49.71 -15.96
N LYS I 42 11.93 -49.57 -16.48
CA LYS I 42 11.60 -50.09 -17.77
C LYS I 42 12.09 -49.20 -18.95
N CYS I 43 12.52 -49.84 -20.05
CA CYS I 43 12.75 -49.14 -21.32
C CYS I 43 11.55 -49.35 -22.23
N ILE I 44 10.64 -48.39 -22.28
CA ILE I 44 9.39 -48.56 -23.03
C ILE I 44 9.53 -48.28 -24.52
N PHE I 45 9.29 -49.30 -25.33
CA PHE I 45 9.33 -49.13 -26.79
C PHE I 45 7.92 -48.90 -27.31
N LEU I 46 7.73 -47.81 -28.04
CA LEU I 46 6.41 -47.49 -28.59
C LEU I 46 6.38 -47.77 -30.08
N GLU I 47 5.22 -48.18 -30.57
CA GLU I 47 5.04 -48.49 -31.98
C GLU I 47 3.88 -47.67 -32.56
N TRP I 48 3.98 -47.33 -33.85
CA TRP I 48 2.96 -46.53 -34.51
C TRP I 48 1.84 -47.37 -35.16
N ASP I 49 0.60 -47.00 -34.87
CA ASP I 49 -0.55 -47.63 -35.52
C ASP I 49 -1.04 -46.87 -36.75
N HIS I 50 -0.92 -47.48 -37.93
CA HIS I 50 -1.37 -46.85 -39.16
C HIS I 50 -2.88 -46.93 -39.28
N VAL I 51 -3.51 -47.79 -38.48
CA VAL I 51 -4.97 -47.89 -38.47
C VAL I 51 -5.64 -46.86 -37.55
N GLU I 52 -5.26 -46.85 -36.28
CA GLU I 52 -5.90 -45.98 -35.30
C GLU I 52 -5.16 -44.65 -35.13
N LYS I 53 -4.03 -44.51 -35.82
CA LYS I 53 -3.22 -43.29 -35.76
C LYS I 53 -2.76 -42.91 -34.36
N THR I 54 -2.45 -43.92 -33.55
CA THR I 54 -1.94 -43.71 -32.19
C THR I 54 -0.67 -44.52 -31.96
N PHE I 55 -0.07 -44.36 -30.78
CA PHE I 55 1.14 -45.07 -30.40
C PHE I 55 0.83 -46.24 -29.47
N ARG I 56 1.25 -47.43 -29.89
CA ARG I 56 1.08 -48.65 -29.12
C ARG I 56 2.24 -48.87 -28.15
N ASN I 57 2.20 -49.97 -27.41
CA ASN I 57 3.33 -50.36 -26.57
C ASN I 57 4.01 -51.58 -27.16
N TYR I 58 5.08 -51.38 -27.91
CA TYR I 58 5.75 -52.46 -28.63
C TYR I 58 6.33 -53.53 -27.69
N ASP I 59 7.28 -53.14 -26.85
CA ASP I 59 7.93 -54.07 -25.94
C ASP I 59 8.64 -53.32 -24.82
N ASN I 60 9.06 -54.04 -23.79
CA ASN I 60 9.83 -53.46 -22.70
C ASN I 60 11.18 -54.12 -22.46
N ILE I 61 12.07 -53.39 -21.80
CA ILE I 61 13.32 -53.94 -21.30
C ILE I 61 13.45 -53.54 -19.83
N THR I 62 13.49 -54.54 -18.95
CA THR I 62 13.52 -54.30 -17.51
C THR I 62 14.93 -54.09 -16.99
N GLY I 63 15.17 -52.96 -16.32
CA GLY I 63 16.47 -52.68 -15.75
C GLY I 63 16.47 -51.64 -14.64
N THR I 64 17.05 -51.98 -13.50
CA THR I 64 16.99 -51.12 -12.33
C THR I 64 17.51 -49.70 -12.63
N SER I 65 16.65 -48.71 -12.42
CA SER I 65 16.97 -47.29 -12.57
C SER I 65 17.67 -46.93 -13.88
N THR I 66 16.96 -47.06 -14.99
CA THR I 66 17.53 -46.74 -16.30
C THR I 66 17.55 -45.24 -16.52
N VAL I 67 18.62 -44.76 -17.14
CA VAL I 67 18.76 -43.34 -17.44
C VAL I 67 18.69 -43.08 -18.93
N VAL I 68 19.39 -43.90 -19.71
CA VAL I 68 19.40 -43.74 -21.15
C VAL I 68 19.12 -45.06 -21.86
N CYS I 69 18.33 -45.01 -22.93
CA CYS I 69 18.10 -46.18 -23.76
C CYS I 69 18.39 -45.88 -25.23
N LYS I 70 19.67 -45.89 -25.58
CA LYS I 70 20.07 -45.55 -26.94
C LYS I 70 19.97 -46.72 -27.91
N PRO I 71 19.20 -46.54 -28.99
CA PRO I 71 19.08 -47.52 -30.07
C PRO I 71 20.20 -47.37 -31.09
N ILE I 72 20.81 -48.48 -31.49
CA ILE I 72 21.74 -48.43 -32.62
C ILE I 72 21.32 -49.46 -33.65
N VAL I 73 21.19 -49.02 -34.90
CA VAL I 73 20.85 -49.93 -35.98
C VAL I 73 22.05 -50.15 -36.88
N ILE I 74 22.61 -51.36 -36.80
CA ILE I 74 23.72 -51.75 -37.65
C ILE I 74 23.26 -52.85 -38.59
N GLU I 75 23.18 -52.53 -39.88
CA GLU I 75 22.84 -53.51 -40.90
C GLU I 75 21.51 -54.23 -40.65
N THR I 76 20.46 -53.46 -40.36
CA THR I 76 19.10 -53.95 -40.15
C THR I 76 18.93 -54.67 -38.82
N GLN I 77 20.00 -54.74 -38.04
CA GLN I 77 19.92 -55.33 -36.71
C GLN I 77 19.85 -54.25 -35.65
N LEU I 78 18.94 -54.44 -34.69
CA LEU I 78 18.70 -53.44 -33.66
C LEU I 78 19.42 -53.78 -32.37
N TYR I 79 20.15 -52.80 -31.86
CA TYR I 79 20.85 -52.95 -30.59
C TYR I 79 20.43 -51.81 -29.68
N VAL I 80 20.33 -52.10 -28.38
CA VAL I 80 19.94 -51.09 -27.40
C VAL I 80 20.93 -51.02 -26.24
N ILE I 81 21.50 -49.84 -26.02
CA ILE I 81 22.38 -49.63 -24.88
C ILE I 81 21.58 -49.09 -23.69
N VAL I 82 21.61 -49.82 -22.59
CA VAL I 82 20.83 -49.44 -21.43
C VAL I 82 21.74 -48.98 -20.29
N ALA I 83 21.80 -47.66 -20.10
CA ALA I 83 22.57 -47.08 -19.01
C ALA I 83 21.76 -47.09 -17.72
N GLN I 84 22.29 -47.74 -16.69
CA GLN I 84 21.61 -47.84 -15.40
C GLN I 84 22.49 -47.33 -14.27
N LEU I 85 21.88 -46.67 -13.30
CA LEU I 85 22.59 -46.16 -12.13
C LEU I 85 22.80 -47.25 -11.08
N PHE I 86 22.00 -48.31 -11.17
CA PHE I 86 22.09 -49.41 -10.24
C PHE I 86 22.35 -50.72 -11.00
N GLY I 87 23.16 -51.60 -10.42
CA GLY I 87 23.40 -52.91 -11.01
C GLY I 87 24.25 -52.92 -12.27
N GLY I 88 24.52 -51.76 -12.84
CA GLY I 88 25.37 -51.67 -14.02
C GLY I 88 24.62 -51.54 -15.33
N SER I 89 25.37 -51.21 -16.39
CA SER I 89 24.79 -51.02 -17.72
C SER I 89 24.97 -52.28 -18.58
N HIS I 90 24.02 -52.48 -19.48
CA HIS I 90 24.03 -53.68 -20.34
C HIS I 90 23.69 -53.34 -21.80
N ILE I 91 23.98 -54.26 -22.71
CA ILE I 91 23.65 -54.07 -24.12
C ILE I 91 22.70 -55.16 -24.59
N TYR I 92 21.59 -54.74 -25.18
CA TYR I 92 20.56 -55.67 -25.65
C TYR I 92 20.47 -55.73 -27.17
N LYS I 93 20.09 -56.90 -27.68
CA LYS I 93 19.87 -57.07 -29.11
C LYS I 93 18.48 -57.64 -29.41
N ARG I 94 17.76 -57.00 -30.33
CA ARG I 94 16.46 -57.49 -30.75
C ARG I 94 16.64 -58.67 -31.71
N ASP I 95 15.94 -59.78 -31.45
CA ASP I 95 15.95 -60.94 -32.32
C ASP I 95 14.65 -61.02 -33.11
N SER I 96 14.74 -61.09 -34.43
CA SER I 96 13.55 -61.11 -35.27
C SER I 96 12.71 -62.37 -35.15
N PHE I 97 13.35 -63.54 -34.98
CA PHE I 97 12.61 -64.79 -34.89
C PHE I 97 11.94 -64.96 -33.53
N ALA I 98 12.72 -64.90 -32.46
CA ALA I 98 12.18 -65.13 -31.12
C ALA I 98 11.32 -63.96 -30.67
N ASN I 99 11.37 -62.87 -31.44
CA ASN I 99 10.59 -61.67 -31.19
C ASN I 99 10.78 -61.12 -29.78
N LYS I 100 12.03 -61.15 -29.30
CA LYS I 100 12.34 -60.67 -27.96
C LYS I 100 13.65 -59.90 -27.93
N PHE I 101 13.94 -59.27 -26.79
CA PHE I 101 15.24 -58.65 -26.58
C PHE I 101 16.15 -59.59 -25.82
N ILE I 102 17.39 -59.71 -26.27
CA ILE I 102 18.37 -60.57 -25.63
C ILE I 102 19.52 -59.73 -25.09
N LYS I 103 19.95 -60.03 -23.87
CA LYS I 103 21.11 -59.37 -23.29
C LYS I 103 22.37 -60.08 -23.77
N ILE I 104 23.19 -59.39 -24.55
CA ILE I 104 24.34 -60.03 -25.18
C ILE I 104 25.67 -59.54 -24.64
N GLN I 105 25.66 -58.39 -23.96
CA GLN I 105 26.91 -57.83 -23.47
C GLN I 105 26.71 -57.04 -22.18
N ASP I 106 27.70 -57.13 -21.29
CA ASP I 106 27.64 -56.40 -20.03
C ASP I 106 28.79 -55.42 -19.90
N ILE I 107 28.48 -54.15 -19.65
CA ILE I 107 29.51 -53.15 -19.35
C ILE I 107 29.95 -53.29 -17.90
N GLU I 108 31.26 -53.40 -17.68
CA GLU I 108 31.81 -53.59 -16.34
C GLU I 108 31.43 -52.44 -15.42
N ILE I 109 30.94 -52.77 -14.23
CA ILE I 109 30.38 -51.79 -13.30
C ILE I 109 31.43 -50.83 -12.74
N LEU I 110 32.69 -51.24 -12.78
CA LEU I 110 33.75 -50.42 -12.21
C LEU I 110 34.22 -49.35 -13.20
N LYS I 111 34.11 -49.64 -14.49
CA LYS I 111 34.52 -48.67 -15.52
C LYS I 111 33.45 -47.62 -15.75
N ILE I 112 32.19 -48.04 -15.79
CA ILE I 112 31.06 -47.11 -15.91
C ILE I 112 30.13 -47.25 -14.70
N ARG I 113 30.08 -46.22 -13.87
CA ARG I 113 29.38 -46.31 -12.59
C ARG I 113 28.15 -45.41 -12.53
N LYS I 114 28.29 -44.15 -12.94
CA LYS I 114 27.19 -43.21 -12.92
C LYS I 114 26.97 -42.57 -14.29
N PRO I 115 26.41 -43.35 -15.24
CA PRO I 115 26.17 -42.82 -16.59
C PRO I 115 25.08 -41.76 -16.60
N ASN I 116 25.16 -40.81 -17.52
CA ASN I 116 24.19 -39.73 -17.57
C ASN I 116 23.70 -39.38 -18.98
N ASP I 117 24.43 -39.85 -19.98
CA ASP I 117 24.13 -39.54 -21.37
C ASP I 117 24.82 -40.55 -22.26
N ILE I 118 24.14 -40.99 -23.32
CA ILE I 118 24.73 -41.86 -24.33
C ILE I 118 24.52 -41.26 -25.72
N GLU I 119 25.58 -41.18 -26.50
CA GLU I 119 25.51 -40.65 -27.85
C GLU I 119 26.09 -41.65 -28.85
N THR I 120 25.53 -41.70 -30.06
CA THR I 120 26.02 -42.62 -31.08
C THR I 120 26.56 -41.84 -32.28
N PHE I 121 27.54 -42.41 -32.98
CA PHE I 121 28.06 -41.80 -34.20
C PHE I 121 28.76 -42.82 -35.07
N LYS I 122 29.01 -42.42 -36.32
CA LYS I 122 29.63 -43.30 -37.30
C LYS I 122 30.78 -42.60 -38.01
N ILE I 123 31.97 -43.19 -37.95
CA ILE I 123 33.14 -42.63 -38.62
C ILE I 123 33.73 -43.65 -39.60
N GLU I 124 33.77 -43.30 -40.88
CA GLU I 124 34.25 -44.19 -41.96
C GLU I 124 33.87 -45.67 -41.74
N ASN I 125 32.58 -45.95 -41.84
CA ASN I 125 31.99 -47.28 -41.71
C ASN I 125 32.23 -47.98 -40.37
N ASN I 126 32.66 -47.24 -39.36
CA ASN I 126 32.79 -47.80 -38.02
C ASN I 126 31.77 -47.20 -37.05
N TRP I 127 31.06 -48.06 -36.33
CA TRP I 127 30.05 -47.60 -35.37
C TRP I 127 30.60 -47.49 -33.96
N TYR I 128 30.25 -46.40 -33.28
CA TYR I 128 30.70 -46.17 -31.92
C TYR I 128 29.56 -45.66 -31.05
N PHE I 129 29.80 -45.64 -29.74
CA PHE I 129 28.96 -44.88 -28.83
C PHE I 129 29.77 -44.45 -27.62
N VAL I 130 29.39 -43.32 -27.04
CA VAL I 130 30.08 -42.75 -25.89
C VAL I 130 29.13 -42.66 -24.71
N VAL I 131 29.62 -43.00 -23.52
CA VAL I 131 28.82 -42.90 -22.31
C VAL I 131 29.41 -41.87 -21.34
N ALA I 132 28.67 -40.80 -21.10
CA ALA I 132 29.08 -39.80 -20.12
C ALA I 132 28.88 -40.34 -18.72
N ASP I 133 29.94 -40.36 -17.93
CA ASP I 133 29.86 -40.81 -16.54
C ASP I 133 30.00 -39.61 -15.61
N SER I 134 28.99 -39.36 -14.81
CA SER I 134 29.01 -38.19 -13.92
C SER I 134 29.78 -38.45 -12.63
N SER I 135 30.34 -39.65 -12.47
CA SER I 135 31.16 -39.95 -11.29
C SER I 135 32.64 -39.69 -11.58
N LYS I 136 33.41 -39.50 -10.52
CA LYS I 136 34.84 -39.28 -10.65
C LYS I 136 35.58 -40.55 -11.00
N ALA I 137 35.23 -41.65 -10.32
CA ALA I 137 35.88 -42.93 -10.55
C ALA I 137 35.55 -43.50 -11.94
N GLY I 138 34.37 -43.15 -12.45
CA GLY I 138 33.95 -43.59 -13.76
C GLY I 138 34.40 -42.65 -14.86
N PHE I 139 35.11 -43.20 -15.85
CA PHE I 139 35.60 -42.38 -16.96
C PHE I 139 34.67 -42.48 -18.16
N THR I 140 34.43 -41.33 -18.80
CA THR I 140 33.67 -41.30 -20.03
C THR I 140 34.41 -42.14 -21.06
N THR I 141 33.73 -43.17 -21.56
CA THR I 141 34.37 -44.16 -22.41
C THR I 141 33.68 -44.29 -23.77
N ILE I 142 34.50 -44.41 -24.82
CA ILE I 142 34.02 -44.66 -26.17
C ILE I 142 34.12 -46.15 -26.50
N TYR I 143 33.02 -46.72 -27.01
CA TYR I 143 33.03 -48.13 -27.41
C TYR I 143 32.98 -48.28 -28.92
N LYS I 144 33.53 -49.38 -29.43
CA LYS I 144 33.58 -49.58 -30.87
C LYS I 144 32.93 -50.90 -31.26
N TRP I 145 32.12 -50.86 -32.31
CA TRP I 145 31.48 -52.05 -32.85
C TRP I 145 32.48 -52.94 -33.57
N ASN I 146 32.59 -54.19 -33.12
CA ASN I 146 33.53 -55.11 -33.73
C ASN I 146 32.86 -56.33 -34.35
N GLY I 147 31.65 -56.14 -34.88
CA GLY I 147 30.95 -57.20 -35.58
C GLY I 147 30.06 -58.06 -34.70
N ASN I 148 30.50 -58.33 -33.48
CA ASN I 148 29.72 -59.17 -32.58
C ASN I 148 29.19 -58.36 -31.40
N GLY I 149 29.93 -57.34 -31.00
CA GLY I 149 29.53 -56.51 -29.88
C GLY I 149 30.34 -55.24 -29.79
N PHE I 150 30.22 -54.54 -28.66
CA PHE I 150 30.95 -53.30 -28.46
C PHE I 150 32.03 -53.46 -27.41
N TYR I 151 33.19 -52.88 -27.66
CA TYR I 151 34.31 -52.98 -26.74
C TYR I 151 34.99 -51.63 -26.58
N SER I 152 35.66 -51.43 -25.45
CA SER I 152 36.30 -50.17 -25.13
C SER I 152 37.28 -49.72 -26.20
N HIS I 153 37.24 -48.45 -26.53
CA HIS I 153 38.10 -47.90 -27.55
C HIS I 153 38.98 -46.77 -27.02
N GLN I 154 38.39 -45.91 -26.20
CA GLN I 154 39.10 -44.75 -25.65
C GLN I 154 38.35 -44.15 -24.47
N SER I 155 39.08 -43.77 -23.44
CA SER I 155 38.49 -43.06 -22.30
C SER I 155 38.84 -41.58 -22.34
N LEU I 156 37.93 -40.74 -21.86
CA LEU I 156 38.13 -39.29 -21.89
C LEU I 156 37.80 -38.63 -20.56
N HIS I 157 38.46 -37.51 -20.30
CA HIS I 157 38.18 -36.66 -19.14
C HIS I 157 38.22 -37.40 -17.82
N ALA I 158 39.39 -37.93 -17.46
CA ALA I 158 39.55 -38.66 -16.21
C ALA I 158 39.27 -37.76 -15.01
N TRP I 159 38.58 -38.34 -14.02
CA TRP I 159 38.24 -37.66 -12.77
C TRP I 159 37.30 -36.47 -12.97
N TYR I 160 36.66 -36.39 -14.14
CA TYR I 160 35.72 -35.32 -14.42
C TYR I 160 34.29 -35.83 -14.32
N ARG I 161 33.39 -35.00 -13.79
CA ARG I 161 31.97 -35.36 -13.68
C ARG I 161 31.24 -34.98 -14.95
N ASP I 162 31.48 -35.74 -16.02
CA ASP I 162 30.90 -35.45 -17.31
C ASP I 162 29.39 -35.67 -17.31
N THR I 163 28.67 -34.66 -17.78
CA THR I 163 27.22 -34.71 -17.79
C THR I 163 26.65 -35.10 -19.14
N ASP I 164 27.22 -34.56 -20.21
CA ASP I 164 26.72 -34.86 -21.55
C ASP I 164 27.83 -35.05 -22.57
N VAL I 165 27.55 -35.88 -23.58
CA VAL I 165 28.41 -36.00 -24.74
C VAL I 165 27.62 -35.56 -25.97
N GLU I 166 28.33 -34.93 -26.91
CA GLU I 166 27.72 -34.52 -28.16
C GLU I 166 28.70 -34.73 -29.31
N TYR I 167 28.25 -35.42 -30.35
CA TYR I 167 29.06 -35.65 -31.53
C TYR I 167 28.88 -34.51 -32.55
N LEU I 168 29.99 -34.05 -33.11
CA LEU I 168 29.96 -32.93 -34.05
C LEU I 168 30.79 -33.22 -35.28
N GLU I 169 30.37 -32.68 -36.42
CA GLU I 169 31.17 -32.74 -37.63
C GLU I 169 31.42 -31.31 -38.08
N ILE I 170 32.65 -30.86 -37.86
CA ILE I 170 33.02 -29.46 -37.97
C ILE I 170 34.13 -29.23 -39.00
N VAL I 171 34.17 -28.03 -39.58
CA VAL I 171 35.23 -27.66 -40.52
C VAL I 171 36.32 -26.84 -39.83
N ARG I 172 37.54 -27.39 -39.78
CA ARG I 172 38.66 -26.68 -39.19
C ARG I 172 39.44 -25.89 -40.23
N THR I 173 39.53 -24.59 -40.03
CA THR I 173 40.26 -23.74 -40.96
C THR I 173 41.73 -24.17 -41.09
N PRO I 174 42.21 -24.26 -42.34
CA PRO I 174 41.48 -23.94 -43.56
C PRO I 174 41.02 -25.16 -44.37
N GLN I 175 40.64 -26.24 -43.68
CA GLN I 175 40.10 -27.41 -44.37
C GLN I 175 38.78 -27.10 -45.05
N THR I 176 38.30 -28.02 -45.88
CA THR I 176 37.03 -27.82 -46.58
C THR I 176 36.05 -28.95 -46.27
N LEU I 177 36.51 -29.94 -45.51
CA LEU I 177 35.69 -31.09 -45.16
C LEU I 177 35.44 -31.18 -43.66
N ARG I 178 34.24 -31.60 -43.30
CA ARG I 178 33.87 -31.75 -41.89
C ARG I 178 34.55 -32.96 -41.27
N THR I 179 35.15 -32.75 -40.10
CA THR I 179 35.83 -33.82 -39.37
C THR I 179 35.13 -34.08 -38.03
N PRO I 180 35.09 -35.35 -37.60
CA PRO I 180 34.39 -35.75 -36.37
C PRO I 180 34.90 -35.03 -35.11
N HIS I 181 33.96 -34.59 -34.27
CA HIS I 181 34.31 -33.94 -33.00
C HIS I 181 33.40 -34.42 -31.88
N LEU I 182 33.90 -34.32 -30.66
CA LEU I 182 33.12 -34.64 -29.47
C LEU I 182 33.15 -33.48 -28.48
N ILE I 183 32.01 -33.22 -27.85
CA ILE I 183 31.93 -32.19 -26.82
C ILE I 183 31.49 -32.78 -25.49
N LEU I 184 32.27 -32.52 -24.45
CA LEU I 184 31.95 -32.98 -23.10
C LEU I 184 31.58 -31.84 -22.16
N SER I 185 30.46 -31.99 -21.45
CA SER I 185 30.04 -31.03 -20.45
C SER I 185 30.20 -31.66 -19.07
N SER I 186 30.88 -30.95 -18.17
CA SER I 186 31.11 -31.46 -16.81
C SER I 186 30.79 -30.43 -15.72
N SER I 187 30.54 -30.90 -14.51
CA SER I 187 30.14 -30.04 -13.40
C SER I 187 31.19 -28.99 -13.01
N SER I 188 30.74 -27.74 -12.88
CA SER I 188 31.61 -26.62 -12.53
C SER I 188 32.83 -26.53 -13.44
N GLN I 189 32.62 -26.78 -14.73
CA GLN I 189 33.73 -26.85 -15.66
C GLN I 189 33.32 -26.35 -17.04
N ARG I 190 34.30 -25.98 -17.85
CA ARG I 190 34.05 -25.52 -19.20
C ARG I 190 33.91 -26.69 -20.16
N PRO I 191 33.05 -26.54 -21.18
CA PRO I 191 32.88 -27.56 -22.22
C PRO I 191 34.18 -27.84 -22.97
N VAL I 192 34.43 -29.11 -23.27
CA VAL I 192 35.68 -29.51 -23.94
C VAL I 192 35.42 -30.06 -25.34
N ILE I 193 36.21 -29.60 -26.30
CA ILE I 193 36.09 -30.05 -27.68
C ILE I 193 37.19 -31.01 -28.08
N TYR I 194 36.82 -32.26 -28.35
CA TYR I 194 37.79 -33.24 -28.81
C TYR I 194 37.76 -33.37 -30.32
N GLN I 195 38.93 -33.54 -30.92
CA GLN I 195 39.05 -33.72 -32.36
C GLN I 195 39.45 -35.14 -32.73
N TRP I 196 38.86 -35.67 -33.79
CA TRP I 196 39.19 -37.02 -34.22
C TRP I 196 40.50 -37.06 -34.97
N ASN I 197 41.36 -38.00 -34.60
CA ASN I 197 42.64 -38.21 -35.27
C ASN I 197 42.63 -39.55 -36.01
N LYS I 198 42.69 -39.47 -37.34
CA LYS I 198 42.60 -40.68 -38.16
C LYS I 198 43.83 -41.57 -37.99
N ALA I 199 44.98 -40.96 -37.75
CA ALA I 199 46.23 -41.72 -37.62
C ALA I 199 46.21 -42.64 -36.39
N THR I 200 45.77 -42.12 -35.25
CA THR I 200 45.75 -42.89 -34.01
C THR I 200 44.37 -43.48 -33.71
N GLN I 201 43.39 -43.14 -34.54
CA GLN I 201 42.03 -43.65 -34.39
C GLN I 201 41.45 -43.34 -33.01
N LEU I 202 41.67 -42.13 -32.54
CA LEU I 202 41.12 -41.70 -31.26
C LEU I 202 41.06 -40.17 -31.16
N PHE I 203 40.18 -39.68 -30.30
CA PHE I 203 40.00 -38.24 -30.13
C PHE I 203 41.12 -37.63 -29.30
N THR I 204 41.68 -36.52 -29.79
CA THR I 204 42.74 -35.82 -29.08
C THR I 204 42.61 -34.32 -29.26
N ASN I 205 43.69 -33.62 -28.91
CA ASN I 205 43.79 -32.18 -29.10
C ASN I 205 42.62 -31.41 -28.55
N GLN I 206 42.36 -31.56 -27.25
CA GLN I 206 41.18 -30.97 -26.64
C GLN I 206 41.32 -29.47 -26.41
N THR I 207 40.21 -28.76 -26.59
CA THR I 207 40.15 -27.32 -26.33
C THR I 207 38.85 -26.98 -25.61
N ASP I 208 38.93 -26.04 -24.67
CA ASP I 208 37.76 -25.65 -23.90
C ASP I 208 36.95 -24.60 -24.64
N ILE I 209 35.64 -24.58 -24.37
CA ILE I 209 34.80 -23.50 -24.87
C ILE I 209 34.76 -22.46 -23.77
N PRO I 210 35.45 -21.33 -23.97
CA PRO I 210 35.66 -20.30 -22.95
C PRO I 210 34.45 -19.45 -22.58
N ASN I 211 34.50 -18.90 -21.36
CA ASN I 211 33.56 -17.90 -20.83
C ASN I 211 32.22 -18.43 -20.32
N MET I 212 32.01 -19.75 -20.39
CA MET I 212 30.77 -20.33 -19.89
C MET I 212 31.06 -21.40 -18.84
N GLU I 213 30.48 -21.23 -17.64
CA GLU I 213 30.72 -22.19 -16.57
C GLU I 213 29.48 -23.00 -16.28
N ASP I 214 29.69 -24.26 -15.90
CA ASP I 214 28.63 -25.16 -15.45
C ASP I 214 27.64 -25.51 -16.55
N VAL I 215 28.11 -25.57 -17.79
CA VAL I 215 27.24 -25.97 -18.88
C VAL I 215 26.82 -27.42 -18.67
N TYR I 216 25.53 -27.67 -18.76
CA TYR I 216 24.98 -29.00 -18.51
C TYR I 216 25.04 -29.90 -19.75
N ALA I 217 24.66 -29.34 -20.89
CA ALA I 217 24.64 -30.13 -22.12
C ALA I 217 24.82 -29.27 -23.36
N VAL I 218 25.28 -29.90 -24.43
CA VAL I 218 25.48 -29.23 -25.71
C VAL I 218 24.82 -30.01 -26.84
N LYS I 219 24.06 -29.31 -27.67
CA LYS I 219 23.43 -29.93 -28.83
C LYS I 219 23.57 -29.04 -30.05
N HIS I 220 23.88 -29.65 -31.20
CA HIS I 220 24.19 -28.87 -32.39
C HIS I 220 23.11 -28.96 -33.47
N PHE I 221 23.10 -27.97 -34.35
CA PHE I 221 22.21 -27.94 -35.50
C PHE I 221 22.88 -27.20 -36.65
N SER I 222 22.35 -27.36 -37.87
CA SER I 222 22.95 -26.74 -39.04
C SER I 222 21.96 -25.91 -39.85
N VAL I 223 22.30 -24.65 -40.08
CA VAL I 223 21.55 -23.75 -40.95
C VAL I 223 22.52 -23.05 -41.89
N LYS I 224 22.17 -22.87 -43.16
CA LYS I 224 23.05 -22.21 -44.12
C LYS I 224 24.37 -22.98 -44.31
N GLY I 225 24.38 -24.27 -43.99
CA GLY I 225 25.59 -25.05 -44.13
C GLY I 225 26.46 -24.90 -42.90
N ASP I 226 26.29 -23.79 -42.21
CA ASP I 226 27.03 -23.50 -40.98
C ASP I 226 26.53 -24.34 -39.81
N VAL I 227 27.41 -24.57 -38.84
CA VAL I 227 27.07 -25.39 -37.68
C VAL I 227 26.95 -24.56 -36.42
N TYR I 228 25.87 -24.76 -35.68
CA TYR I 228 25.64 -24.02 -34.46
C TYR I 228 25.46 -25.00 -33.30
N ILE I 229 25.54 -24.50 -32.07
CA ILE I 229 25.28 -25.33 -30.88
C ILE I 229 24.43 -24.60 -29.85
N CYS I 230 23.72 -25.37 -29.04
CA CYS I 230 22.91 -24.83 -27.96
C CYS I 230 23.48 -25.23 -26.61
N LEU I 231 23.87 -24.24 -25.81
CA LEU I 231 24.43 -24.46 -24.49
C LEU I 231 23.34 -24.32 -23.43
N THR I 232 23.17 -25.35 -22.60
CA THR I 232 22.14 -25.32 -21.58
C THR I 232 22.74 -25.11 -20.21
N ARG I 233 22.22 -24.13 -19.47
CA ARG I 233 22.60 -23.98 -18.09
C ARG I 233 21.33 -24.13 -17.27
N PHE I 234 21.47 -24.52 -16.01
CA PHE I 234 20.32 -24.71 -15.14
C PHE I 234 19.73 -23.36 -14.73
N ILE I 235 20.58 -22.49 -14.19
CA ILE I 235 20.20 -21.14 -13.85
C ILE I 235 21.17 -20.23 -14.58
N GLY I 236 20.81 -18.98 -14.76
CA GLY I 236 21.65 -18.08 -15.51
C GLY I 236 21.07 -18.01 -16.91
N ASP I 237 21.96 -17.91 -17.91
CA ASP I 237 21.49 -17.82 -19.27
C ASP I 237 22.05 -18.90 -20.20
N SER I 238 21.14 -19.58 -20.88
CA SER I 238 21.51 -20.54 -21.93
C SER I 238 22.02 -19.72 -23.11
N LYS I 239 22.84 -20.34 -23.94
CA LYS I 239 23.50 -19.61 -25.02
C LYS I 239 23.38 -20.33 -26.36
N VAL I 240 23.42 -19.57 -27.45
CA VAL I 240 23.52 -20.15 -28.78
C VAL I 240 24.77 -19.63 -29.47
N MET I 241 25.54 -20.55 -30.04
CA MET I 241 26.83 -20.21 -30.61
C MET I 241 26.97 -20.71 -32.04
N LYS I 242 27.67 -19.93 -32.87
CA LYS I 242 27.96 -20.33 -34.23
C LYS I 242 29.42 -20.74 -34.34
N TRP I 243 29.69 -21.79 -35.10
CA TRP I 243 31.06 -22.18 -35.34
C TRP I 243 31.59 -21.42 -36.56
N GLY I 244 32.69 -20.71 -36.37
CA GLY I 244 33.28 -19.94 -37.45
C GLY I 244 34.77 -20.16 -37.60
N GLY I 245 35.13 -21.36 -38.05
CA GLY I 245 36.51 -21.68 -38.36
C GLY I 245 37.31 -22.31 -37.23
N SER I 246 37.71 -21.49 -36.25
CA SER I 246 38.59 -21.95 -35.19
C SER I 246 37.88 -22.16 -33.86
N SER I 247 36.83 -21.39 -33.59
CA SER I 247 36.13 -21.45 -32.32
C SER I 247 34.67 -21.04 -32.43
N PHE I 248 33.90 -21.28 -31.37
CA PHE I 248 32.50 -20.88 -31.35
C PHE I 248 32.36 -19.41 -30.99
N GLN I 249 31.37 -18.75 -31.60
CA GLN I 249 31.13 -17.32 -31.40
C GLN I 249 29.72 -17.06 -30.89
N ASP I 250 29.56 -16.00 -30.11
CA ASP I 250 28.26 -15.67 -29.53
C ASP I 250 27.23 -15.19 -30.55
N ILE I 251 26.03 -15.74 -30.46
CA ILE I 251 24.91 -15.29 -31.28
C ILE I 251 23.85 -14.61 -30.44
N GLN I 252 23.39 -15.31 -29.41
CA GLN I 252 22.34 -14.82 -28.54
C GLN I 252 22.36 -15.54 -27.20
N ARG I 253 21.48 -15.12 -26.30
CA ARG I 253 21.37 -15.76 -25.01
C ARG I 253 19.94 -15.63 -24.48
N MET I 254 19.55 -16.57 -23.63
CA MET I 254 18.21 -16.58 -23.06
C MET I 254 18.26 -16.99 -21.60
N PRO I 255 17.34 -16.47 -20.77
CA PRO I 255 17.33 -16.80 -19.34
C PRO I 255 16.89 -18.22 -19.09
N SER I 256 17.67 -18.96 -18.29
CA SER I 256 17.32 -20.33 -17.95
C SER I 256 16.75 -20.41 -16.55
N ARG I 257 15.46 -20.71 -16.45
CA ARG I 257 14.81 -20.86 -15.15
C ARG I 257 14.66 -22.34 -14.82
N GLY I 258 15.72 -22.94 -14.28
CA GLY I 258 15.69 -24.36 -13.97
C GLY I 258 15.64 -25.19 -15.24
N SER I 259 16.60 -24.93 -16.13
CA SER I 259 16.61 -25.61 -17.42
C SER I 259 17.47 -26.87 -17.41
N MET I 260 17.00 -27.90 -18.09
CA MET I 260 17.74 -29.15 -18.23
C MET I 260 17.92 -29.50 -19.70
N VAL I 261 17.21 -28.77 -20.57
CA VAL I 261 17.25 -29.02 -22.00
C VAL I 261 17.23 -27.76 -22.85
N PHE I 262 18.02 -27.76 -23.93
CA PHE I 262 17.92 -26.76 -24.98
C PHE I 262 18.11 -27.50 -26.30
N GLN I 263 17.05 -28.15 -26.76
CA GLN I 263 17.15 -29.05 -27.90
C GLN I 263 16.73 -28.40 -29.22
N PRO I 264 17.65 -28.35 -30.19
CA PRO I 264 17.32 -27.90 -31.55
C PRO I 264 16.60 -29.00 -32.33
N LEU I 265 15.62 -28.62 -33.13
CA LEU I 265 14.84 -29.59 -33.91
C LEU I 265 14.56 -29.11 -35.33
N GLN I 266 14.62 -30.04 -36.27
CA GLN I 266 14.31 -29.72 -37.67
C GLN I 266 13.09 -30.48 -38.18
N ILE I 267 12.01 -29.73 -38.34
CA ILE I 267 10.76 -30.30 -38.85
C ILE I 267 10.38 -29.58 -40.14
N ASN I 268 10.23 -30.33 -41.23
CA ASN I 268 9.83 -29.75 -42.51
C ASN I 268 10.67 -28.56 -42.94
N ASN I 269 12.00 -28.64 -42.77
CA ASN I 269 12.88 -27.56 -43.17
C ASN I 269 12.76 -26.33 -42.27
N TYR I 270 12.12 -26.51 -41.12
CA TYR I 270 11.99 -25.43 -40.14
C TYR I 270 12.93 -25.68 -38.96
N GLN I 271 13.73 -24.67 -38.60
CA GLN I 271 14.67 -24.84 -37.51
C GLN I 271 14.05 -24.35 -36.20
N TYR I 272 13.82 -25.28 -35.28
CA TYR I 272 13.23 -24.97 -33.99
C TYR I 272 14.25 -25.16 -32.87
N ALA I 273 13.96 -24.57 -31.72
CA ALA I 273 14.78 -24.75 -30.52
C ALA I 273 13.88 -24.67 -29.29
N ILE I 274 13.80 -25.78 -28.56
CA ILE I 274 12.92 -25.86 -27.42
C ILE I 274 13.73 -25.78 -26.13
N LEU I 275 13.58 -24.67 -25.42
CA LEU I 275 14.26 -24.48 -24.15
C LEU I 275 13.32 -24.88 -23.01
N GLY I 276 13.63 -26.00 -22.37
CA GLY I 276 12.79 -26.50 -21.29
C GLY I 276 13.03 -25.77 -19.98
N SER I 277 12.06 -25.87 -19.07
CA SER I 277 12.17 -25.21 -17.77
C SER I 277 11.36 -25.94 -16.71
N ASP I 278 11.95 -26.06 -15.52
CA ASP I 278 11.29 -26.72 -14.41
C ASP I 278 10.43 -25.76 -13.60
N TYR I 279 10.81 -24.49 -13.59
CA TYR I 279 10.14 -23.50 -12.76
C TYR I 279 9.05 -22.74 -13.53
N SER I 280 9.26 -22.55 -14.82
CA SER I 280 8.37 -21.71 -15.62
C SER I 280 7.95 -22.42 -16.90
N PHE I 281 7.38 -21.64 -17.83
CA PHE I 281 6.93 -22.19 -19.10
C PHE I 281 8.12 -22.51 -19.99
N THR I 282 8.08 -23.68 -20.63
CA THR I 282 9.10 -24.07 -21.60
C THR I 282 8.89 -23.30 -22.89
N GLN I 283 9.92 -22.60 -23.34
CA GLN I 283 9.80 -21.74 -24.51
C GLN I 283 10.29 -22.42 -25.79
N VAL I 284 9.45 -22.41 -26.81
CA VAL I 284 9.84 -22.94 -28.11
C VAL I 284 10.31 -21.80 -29.00
N TYR I 285 11.47 -21.95 -29.60
CA TYR I 285 12.02 -20.92 -30.47
C TYR I 285 12.04 -21.38 -31.91
N ASN I 286 11.89 -20.44 -32.83
CA ASN I 286 12.07 -20.71 -34.25
C ASN I 286 13.15 -19.81 -34.84
N TRP I 287 13.86 -20.35 -35.83
CA TRP I 287 14.95 -19.63 -36.44
C TRP I 287 14.44 -18.58 -37.40
N ASP I 288 14.97 -17.37 -37.28
CA ASP I 288 14.61 -16.32 -38.20
C ASP I 288 15.77 -16.11 -39.16
N ALA I 289 15.49 -16.21 -40.46
CA ALA I 289 16.52 -16.20 -41.50
C ALA I 289 17.24 -14.87 -41.67
N GLU I 290 16.51 -13.76 -41.60
CA GLU I 290 17.12 -12.43 -41.78
C GLU I 290 17.93 -11.98 -40.55
N LYS I 291 17.39 -12.26 -39.35
CA LYS I 291 18.02 -11.90 -38.06
C LYS I 291 19.16 -12.87 -37.71
N ALA I 292 19.12 -14.07 -38.29
CA ALA I 292 20.08 -15.13 -37.95
C ALA I 292 20.08 -15.39 -36.44
N LYS I 293 18.90 -15.67 -35.91
CA LYS I 293 18.68 -15.78 -34.48
C LYS I 293 17.44 -16.60 -34.20
N PHE I 294 17.28 -17.07 -32.95
CA PHE I 294 16.04 -17.71 -32.54
C PHE I 294 15.11 -16.67 -31.95
N VAL I 295 13.83 -16.76 -32.32
CA VAL I 295 12.82 -15.86 -31.77
C VAL I 295 11.68 -16.67 -31.14
N LYS I 296 10.92 -16.02 -30.25
CA LYS I 296 9.81 -16.68 -29.57
C LYS I 296 8.77 -17.19 -30.56
N PHE I 297 8.26 -18.38 -30.31
CA PHE I 297 7.30 -19.02 -31.21
C PHE I 297 6.04 -19.45 -30.47
N GLN I 298 6.13 -20.56 -29.74
CA GLN I 298 5.00 -21.09 -28.99
C GLN I 298 5.44 -21.39 -27.56
N GLU I 299 4.51 -21.31 -26.62
CA GLU I 299 4.82 -21.60 -25.23
C GLU I 299 4.17 -22.92 -24.80
N LEU I 300 4.99 -23.89 -24.41
CA LEU I 300 4.47 -25.20 -23.98
C LEU I 300 4.37 -25.31 -22.46
N ASN I 301 3.69 -26.35 -21.99
CA ASN I 301 3.52 -26.56 -20.55
C ASN I 301 3.77 -28.00 -20.16
N VAL I 302 5.00 -28.29 -19.75
CA VAL I 302 5.37 -29.63 -19.31
C VAL I 302 6.10 -29.56 -17.98
N GLN I 303 5.83 -30.53 -17.12
CA GLN I 303 6.45 -30.58 -15.80
C GLN I 303 7.85 -31.18 -15.89
N ALA I 304 8.85 -30.35 -15.61
CA ALA I 304 10.24 -30.77 -15.58
C ALA I 304 10.68 -31.52 -16.84
N PRO I 305 10.74 -30.83 -17.99
CA PRO I 305 11.16 -31.50 -19.22
C PRO I 305 12.61 -31.95 -19.20
N ARG I 306 12.88 -33.15 -19.68
CA ARG I 306 14.24 -33.68 -19.70
C ARG I 306 14.77 -33.86 -21.11
N SER I 307 13.87 -33.91 -22.08
CA SER I 307 14.29 -34.02 -23.48
C SER I 307 13.16 -33.69 -24.46
N PHE I 308 13.54 -33.38 -25.69
CA PHE I 308 12.59 -33.12 -26.75
C PHE I 308 13.07 -33.81 -28.02
N THR I 309 12.27 -34.73 -28.55
CA THR I 309 12.70 -35.48 -29.73
C THR I 309 11.65 -35.42 -30.85
N HIS I 310 12.13 -35.31 -32.09
CA HIS I 310 11.24 -35.24 -33.24
C HIS I 310 11.03 -36.62 -33.85
N VAL I 311 9.76 -36.99 -34.02
CA VAL I 311 9.41 -38.27 -34.63
C VAL I 311 8.62 -38.05 -35.91
N SER I 312 9.17 -38.50 -37.02
CA SER I 312 8.54 -38.32 -38.32
C SER I 312 7.95 -39.62 -38.85
N ILE I 313 6.64 -39.62 -39.04
CA ILE I 313 5.95 -40.78 -39.58
C ILE I 313 5.00 -40.40 -40.72
N ASN I 314 5.34 -40.80 -41.94
CA ASN I 314 4.47 -40.60 -43.09
C ASN I 314 3.89 -39.19 -43.21
N LYS I 315 4.76 -38.19 -43.25
CA LYS I 315 4.33 -36.79 -43.39
C LYS I 315 3.66 -36.26 -42.13
N ARG I 316 3.64 -37.06 -41.08
CA ARG I 316 3.13 -36.59 -39.80
C ARG I 316 4.30 -36.42 -38.87
N ASN I 317 4.37 -35.25 -38.25
CA ASN I 317 5.48 -34.94 -37.37
C ASN I 317 5.04 -34.81 -35.92
N PHE I 318 5.64 -35.61 -35.06
CA PHE I 318 5.30 -35.62 -33.65
C PHE I 318 6.44 -35.07 -32.81
N LEU I 319 6.08 -34.49 -31.66
CA LEU I 319 7.06 -33.94 -30.74
C LEU I 319 6.88 -34.58 -29.38
N PHE I 320 7.86 -35.40 -28.99
CA PHE I 320 7.83 -36.08 -27.70
C PHE I 320 8.54 -35.25 -26.63
N ALA I 321 7.85 -35.04 -25.51
CA ALA I 321 8.39 -34.27 -24.42
C ALA I 321 8.44 -35.11 -23.15
N SER I 322 9.65 -35.38 -22.66
CA SER I 322 9.82 -36.20 -21.46
C SER I 322 9.50 -35.42 -20.19
N SER I 323 8.92 -36.08 -19.20
CA SER I 323 8.59 -35.43 -17.94
C SER I 323 9.22 -36.20 -16.78
N PHE I 324 9.92 -35.49 -15.90
CA PHE I 324 10.60 -36.15 -14.78
C PHE I 324 9.70 -36.34 -13.56
N LYS I 325 8.67 -35.49 -13.44
CA LYS I 325 7.75 -35.57 -12.31
C LYS I 325 6.29 -35.73 -12.79
N GLY I 326 5.99 -35.16 -13.96
CA GLY I 326 4.65 -35.22 -14.52
C GLY I 326 4.49 -36.30 -15.58
N ASN I 327 3.53 -36.09 -16.48
CA ASN I 327 3.28 -37.03 -17.57
C ASN I 327 4.02 -36.65 -18.85
N THR I 328 4.62 -37.65 -19.49
CA THR I 328 5.28 -37.44 -20.77
C THR I 328 4.24 -37.11 -21.83
N GLN I 329 4.53 -36.10 -22.64
CA GLN I 329 3.55 -35.57 -23.58
C GLN I 329 3.97 -35.73 -25.04
N ILE I 330 3.01 -36.08 -25.89
CA ILE I 330 3.23 -36.16 -27.33
C ILE I 330 2.51 -35.00 -28.01
N TYR I 331 3.24 -34.29 -28.88
CA TYR I 331 2.67 -33.13 -29.55
C TYR I 331 2.57 -33.35 -31.05
N LYS I 332 1.61 -32.68 -31.66
CA LYS I 332 1.45 -32.71 -33.11
C LYS I 332 1.95 -31.43 -33.76
N HIS I 333 2.73 -31.55 -34.82
CA HIS I 333 3.17 -30.38 -35.56
C HIS I 333 2.30 -30.15 -36.79
N VAL I 334 1.49 -29.11 -36.75
CA VAL I 334 0.56 -28.81 -37.84
C VAL I 334 0.86 -27.45 -38.46
N THR J 7 17.77 4.30 60.62
CA THR J 7 16.62 5.18 60.41
C THR J 7 16.88 6.58 60.97
N GLU J 8 15.88 7.45 60.84
CA GLU J 8 16.01 8.84 61.26
C GLU J 8 14.65 9.52 61.39
N PHE J 9 14.54 10.49 62.30
CA PHE J 9 13.33 11.28 62.44
C PHE J 9 13.44 12.57 61.64
N ALA J 10 12.83 12.58 60.46
CA ALA J 10 12.86 13.75 59.59
C ALA J 10 11.70 14.69 59.90
N LYS J 11 11.92 15.98 59.71
CA LYS J 11 10.92 17.00 60.04
C LYS J 11 9.83 17.07 58.97
N SER J 12 8.62 16.73 59.36
CA SER J 12 7.49 16.74 58.43
C SER J 12 6.93 18.15 58.25
N GLN J 13 6.41 18.72 59.34
CA GLN J 13 5.86 20.07 59.32
C GLN J 13 5.78 20.64 60.73
N ASP J 14 5.71 21.96 60.82
CA ASP J 14 5.61 22.66 62.09
C ASP J 14 4.29 23.40 62.22
N LEU J 15 3.44 22.93 63.12
CA LEU J 15 2.13 23.53 63.35
C LEU J 15 2.24 24.82 64.18
N PRO J 16 1.77 25.94 63.62
CA PRO J 16 1.93 27.29 64.18
C PRO J 16 1.13 27.54 65.46
N TYR J 17 1.23 26.65 66.43
CA TYR J 17 0.57 26.85 67.72
C TYR J 17 1.18 26.00 68.83
N GLN J 18 0.79 26.30 70.07
CA GLN J 18 1.32 25.59 71.23
C GLN J 18 0.43 24.40 71.58
N SER J 19 0.98 23.46 72.34
CA SER J 19 0.23 22.27 72.74
C SER J 19 0.75 21.68 74.06
N LEU J 20 -0.12 20.97 74.75
CA LEU J 20 0.24 20.33 76.01
C LEU J 20 0.29 18.81 75.85
N SER J 21 -0.86 18.21 75.52
CA SER J 21 -0.91 16.77 75.35
C SER J 21 -1.43 16.38 73.97
N ILE J 22 -0.78 15.41 73.35
CA ILE J 22 -1.19 14.92 72.03
C ILE J 22 -1.62 13.46 72.11
N ASP J 23 -2.79 13.14 71.56
CA ASP J 23 -3.29 11.78 71.61
C ASP J 23 -3.76 11.29 70.26
N THR J 24 -3.69 9.98 70.05
CA THR J 24 -4.16 9.37 68.81
C THR J 24 -5.14 8.23 69.08
N PHE J 25 -6.00 8.00 68.11
CA PHE J 25 -6.97 6.92 68.22
C PHE J 25 -7.43 6.46 66.85
N SER J 26 -8.18 5.38 66.82
CA SER J 26 -8.70 4.82 65.59
C SER J 26 -10.23 4.82 65.61
N TYR J 27 -10.82 5.57 64.68
CA TYR J 27 -12.26 5.68 64.58
C TYR J 27 -12.69 5.27 63.18
N LEU J 28 -13.46 4.18 63.11
CA LEU J 28 -13.93 3.63 61.83
C LEU J 28 -12.76 3.31 60.89
N ASN J 29 -11.72 2.72 61.46
CA ASN J 29 -10.50 2.30 60.77
C ASN J 29 -9.73 3.46 60.16
N ASP J 30 -9.85 4.63 60.79
CA ASP J 30 -9.11 5.80 60.36
C ASP J 30 -8.32 6.34 61.54
N GLU J 31 -7.18 6.96 61.26
CA GLU J 31 -6.33 7.47 62.32
C GLU J 31 -6.52 8.97 62.50
N TYR J 32 -6.80 9.36 63.74
CA TYR J 32 -6.99 10.76 64.08
C TYR J 32 -6.00 11.19 65.15
N VAL J 33 -5.78 12.49 65.26
CA VAL J 33 -4.88 13.02 66.27
C VAL J 33 -5.56 14.14 67.05
N VAL J 34 -5.59 14.01 68.37
CA VAL J 34 -6.17 15.04 69.23
C VAL J 34 -5.07 15.84 69.92
N ILE J 35 -5.16 17.17 69.81
CA ILE J 35 -4.15 18.05 70.37
C ILE J 35 -4.76 19.02 71.38
N ALA J 36 -4.20 19.02 72.60
CA ALA J 36 -4.66 19.92 73.65
C ALA J 36 -3.91 21.25 73.59
N GLN J 37 -4.68 22.32 73.41
CA GLN J 37 -4.13 23.68 73.39
C GLN J 37 -4.40 24.36 74.73
N PRO J 38 -3.34 24.69 75.47
CA PRO J 38 -3.49 25.21 76.83
C PRO J 38 -4.16 26.58 76.86
N PHE J 39 -3.70 27.53 76.06
CA PHE J 39 -4.17 28.92 76.15
C PHE J 39 -5.40 29.23 75.30
N THR J 40 -5.67 28.44 74.26
CA THR J 40 -6.84 28.73 73.44
C THR J 40 -8.08 28.03 73.97
N GLY J 41 -7.88 26.95 74.72
CA GLY J 41 -9.00 26.25 75.30
C GLY J 41 -9.56 25.21 74.35
N LYS J 42 -9.14 25.27 73.09
CA LYS J 42 -9.70 24.39 72.08
C LYS J 42 -9.05 23.00 72.14
N CYS J 43 -9.84 21.96 71.87
CA CYS J 43 -9.30 20.63 71.59
C CYS J 43 -9.28 20.37 70.09
N ILE J 44 -8.11 20.50 69.48
CA ILE J 44 -7.98 20.37 68.03
C ILE J 44 -7.80 18.91 67.56
N PHE J 45 -8.76 18.44 66.76
CA PHE J 45 -8.69 17.10 66.17
C PHE J 45 -8.10 17.16 64.76
N LEU J 46 -7.08 16.35 64.50
CA LEU J 46 -6.46 16.33 63.19
C LEU J 46 -6.84 15.08 62.41
N GLU J 47 -6.97 15.25 61.10
CA GLU J 47 -7.35 14.15 60.22
C GLU J 47 -6.31 13.98 59.13
N TRP J 48 -6.10 12.75 58.68
CA TRP J 48 -5.11 12.48 57.65
C TRP J 48 -5.72 12.59 56.26
N ASP J 49 -5.09 13.40 55.42
CA ASP J 49 -5.49 13.48 54.02
C ASP J 49 -4.60 12.56 53.21
N HIS J 50 -5.19 11.48 52.71
CA HIS J 50 -4.46 10.49 51.93
C HIS J 50 -4.21 10.97 50.50
N VAL J 51 -4.87 12.05 50.10
CA VAL J 51 -4.67 12.63 48.79
C VAL J 51 -3.43 13.52 48.77
N GLU J 52 -3.38 14.49 49.69
CA GLU J 52 -2.28 15.44 49.74
C GLU J 52 -1.17 15.00 50.70
N LYS J 53 -1.38 13.86 51.36
CA LYS J 53 -0.42 13.30 52.30
C LYS J 53 -0.05 14.26 53.43
N THR J 54 -1.04 15.04 53.88
CA THR J 54 -0.84 15.97 54.99
C THR J 54 -1.90 15.79 56.06
N PHE J 55 -1.79 16.56 57.13
CA PHE J 55 -2.77 16.49 58.21
C PHE J 55 -3.75 17.66 58.15
N ARG J 56 -5.04 17.34 58.02
CA ARG J 56 -6.10 18.35 57.98
C ARG J 56 -6.53 18.75 59.38
N ASN J 57 -7.53 19.62 59.44
CA ASN J 57 -8.13 20.00 60.71
C ASN J 57 -9.53 19.43 60.82
N TYR J 58 -9.63 18.27 61.46
CA TYR J 58 -10.88 17.53 61.54
C TYR J 58 -11.97 18.33 62.25
N ASP J 59 -11.75 18.64 63.52
CA ASP J 59 -12.73 19.37 64.32
C ASP J 59 -12.08 19.97 65.57
N ASN J 60 -12.79 20.85 66.24
CA ASN J 60 -12.34 21.41 67.51
C ASN J 60 -13.34 21.17 68.63
N ILE J 61 -12.85 21.22 69.87
CA ILE J 61 -13.72 21.23 71.04
C ILE J 61 -13.27 22.35 71.96
N THR J 62 -14.14 23.32 72.19
CA THR J 62 -13.80 24.49 72.99
C THR J 62 -14.03 24.25 74.48
N GLY J 63 -12.99 24.46 75.28
CA GLY J 63 -13.11 24.33 76.72
C GLY J 63 -12.00 25.07 77.43
N THR J 64 -12.37 25.95 78.34
CA THR J 64 -11.40 26.86 78.96
C THR J 64 -10.23 26.14 79.65
N SER J 65 -9.02 26.45 79.21
CA SER J 65 -7.78 25.93 79.77
C SER J 65 -7.69 24.40 79.80
N THR J 66 -7.63 23.78 78.62
CA THR J 66 -7.54 22.33 78.53
C THR J 66 -6.14 21.81 78.81
N VAL J 67 -6.06 20.71 79.54
CA VAL J 67 -4.78 20.09 79.86
C VAL J 67 -4.64 18.75 79.16
N VAL J 68 -5.70 17.94 79.23
CA VAL J 68 -5.69 16.62 78.59
C VAL J 68 -6.96 16.45 77.76
N CYS J 69 -6.82 15.86 76.58
CA CYS J 69 -7.96 15.48 75.75
C CYS J 69 -7.87 14.00 75.39
N LYS J 70 -8.24 13.13 76.33
CA LYS J 70 -8.11 11.67 76.12
C LYS J 70 -9.28 11.11 75.33
N PRO J 71 -9.00 10.48 74.19
CA PRO J 71 -10.01 9.79 73.39
C PRO J 71 -10.25 8.37 73.86
N ILE J 72 -11.50 7.96 74.00
CA ILE J 72 -11.80 6.56 74.26
C ILE J 72 -12.76 6.04 73.21
N VAL J 73 -12.41 4.92 72.59
CA VAL J 73 -13.29 4.30 71.61
C VAL J 73 -13.88 3.01 72.15
N ILE J 74 -15.18 3.04 72.46
CA ILE J 74 -15.87 1.85 72.93
C ILE J 74 -16.88 1.39 71.89
N GLU J 75 -16.59 0.26 71.24
CA GLU J 75 -17.50 -0.34 70.28
C GLU J 75 -17.99 0.60 69.16
N THR J 76 -17.05 1.26 68.49
CA THR J 76 -17.32 2.18 67.37
C THR J 76 -17.87 3.51 67.85
N GLN J 77 -17.98 3.66 69.16
CA GLN J 77 -18.44 4.92 69.72
C GLN J 77 -17.26 5.71 70.24
N LEU J 78 -17.18 6.99 69.89
CA LEU J 78 -16.05 7.81 70.29
C LEU J 78 -16.40 8.72 71.46
N TYR J 79 -15.58 8.67 72.51
CA TYR J 79 -15.78 9.53 73.66
C TYR J 79 -14.51 10.30 73.95
N VAL J 80 -14.65 11.55 74.37
CA VAL J 80 -13.50 12.38 74.67
C VAL J 80 -13.57 12.96 76.08
N ILE J 81 -12.54 12.69 76.89
CA ILE J 81 -12.44 13.29 78.22
C ILE J 81 -11.62 14.57 78.17
N VAL J 82 -12.23 15.69 78.56
CA VAL J 82 -11.55 16.97 78.51
C VAL J 82 -11.26 17.49 79.90
N ALA J 83 -10.00 17.36 80.32
CA ALA J 83 -9.56 17.88 81.62
C ALA J 83 -9.21 19.36 81.53
N GLN J 84 -9.88 20.18 82.33
CA GLN J 84 -9.66 21.62 82.33
C GLN J 84 -9.28 22.13 83.71
N LEU J 85 -8.39 23.12 83.76
CA LEU J 85 -8.02 23.75 85.02
C LEU J 85 -9.04 24.81 85.44
N PHE J 86 -9.84 25.26 84.47
CA PHE J 86 -10.89 26.24 84.72
C PHE J 86 -12.24 25.72 84.26
N GLY J 87 -13.29 26.06 84.99
CA GLY J 87 -14.64 25.70 84.59
C GLY J 87 -15.00 24.23 84.79
N GLY J 88 -14.01 23.39 85.08
CA GLY J 88 -14.26 22.00 85.36
C GLY J 88 -14.03 21.09 84.18
N SER J 89 -14.02 19.79 84.43
CA SER J 89 -13.79 18.82 83.37
C SER J 89 -15.12 18.27 82.85
N HIS J 90 -15.16 17.92 81.57
CA HIS J 90 -16.39 17.46 80.95
C HIS J 90 -16.16 16.24 80.08
N ILE J 91 -17.24 15.53 79.74
CA ILE J 91 -17.14 14.38 78.87
C ILE J 91 -17.94 14.57 77.58
N TYR J 92 -17.28 14.38 76.45
CA TYR J 92 -17.91 14.57 75.15
C TYR J 92 -18.10 13.25 74.42
N LYS J 93 -19.19 13.16 73.62
CA LYS J 93 -19.42 12.01 72.78
C LYS J 93 -19.66 12.42 71.33
N ARG J 94 -18.98 11.75 70.41
CA ARG J 94 -19.13 12.01 68.98
C ARG J 94 -20.44 11.42 68.44
N ASP J 95 -21.17 12.22 67.68
CA ASP J 95 -22.39 11.80 67.00
C ASP J 95 -22.11 11.62 65.51
N SER J 96 -22.31 10.42 64.99
CA SER J 96 -22.08 10.16 63.56
C SER J 96 -23.15 10.85 62.70
N PHE J 97 -24.37 10.97 63.25
CA PHE J 97 -25.48 11.55 62.49
C PHE J 97 -25.30 13.05 62.29
N ALA J 98 -25.22 13.80 63.39
CA ALA J 98 -25.07 15.24 63.32
C ALA J 98 -23.63 15.65 62.96
N ASN J 99 -22.72 14.68 62.97
CA ASN J 99 -21.31 14.92 62.69
C ASN J 99 -20.70 15.98 63.60
N LYS J 100 -21.06 15.94 64.88
CA LYS J 100 -20.57 16.92 65.84
C LYS J 100 -20.20 16.26 67.16
N PHE J 101 -19.56 17.03 68.04
CA PHE J 101 -19.30 16.57 69.39
C PHE J 101 -20.37 17.08 70.34
N ILE J 102 -20.87 16.20 71.19
CA ILE J 102 -21.89 16.55 72.16
C ILE J 102 -21.37 16.40 73.58
N LYS J 103 -21.67 17.40 74.41
CA LYS J 103 -21.32 17.35 75.82
C LYS J 103 -22.40 16.58 76.57
N ILE J 104 -22.04 15.41 77.09
CA ILE J 104 -23.06 14.52 77.66
C ILE J 104 -22.90 14.35 79.16
N GLN J 105 -21.73 14.70 79.68
CA GLN J 105 -21.48 14.49 81.10
C GLN J 105 -20.52 15.51 81.67
N ASP J 106 -20.75 15.88 82.92
CA ASP J 106 -19.88 16.82 83.62
C ASP J 106 -19.24 16.16 84.82
N ILE J 107 -17.92 16.24 84.90
CA ILE J 107 -17.20 15.78 86.09
C ILE J 107 -17.31 16.86 87.17
N GLU J 108 -17.74 16.46 88.36
CA GLU J 108 -18.01 17.40 89.45
C GLU J 108 -16.75 18.20 89.80
N ILE J 109 -16.91 19.53 89.86
CA ILE J 109 -15.75 20.44 90.00
C ILE J 109 -15.05 20.35 91.33
N LEU J 110 -15.75 19.83 92.34
CA LEU J 110 -15.18 19.71 93.67
C LEU J 110 -14.35 18.43 93.83
N LYS J 111 -14.70 17.40 93.07
CA LYS J 111 -13.97 16.13 93.13
C LYS J 111 -12.69 16.20 92.32
N ILE J 112 -12.77 16.80 91.14
CA ILE J 112 -11.59 17.01 90.30
C ILE J 112 -11.38 18.50 90.04
N ARG J 113 -10.31 19.05 90.59
CA ARG J 113 -10.08 20.48 90.58
C ARG J 113 -8.88 20.87 89.75
N LYS J 114 -7.77 20.18 89.96
CA LYS J 114 -6.55 20.45 89.22
C LYS J 114 -6.00 19.20 88.52
N PRO J 115 -6.67 18.76 87.43
CA PRO J 115 -6.23 17.57 86.69
C PRO J 115 -4.91 17.81 85.97
N ASN J 116 -4.12 16.78 85.77
CA ASN J 116 -2.83 16.93 85.11
C ASN J 116 -2.52 15.85 84.08
N ASP J 117 -3.22 14.72 84.18
CA ASP J 117 -2.96 13.57 83.33
C ASP J 117 -4.18 12.66 83.35
N ILE J 118 -4.53 12.11 82.19
CA ILE J 118 -5.62 11.15 82.07
C ILE J 118 -5.13 9.90 81.35
N GLU J 119 -5.40 8.74 81.94
CA GLU J 119 -5.00 7.49 81.33
C GLU J 119 -6.22 6.58 81.17
N THR J 120 -6.24 5.79 80.09
CA THR J 120 -7.34 4.86 79.85
C THR J 120 -6.87 3.42 79.86
N PHE J 121 -7.74 2.50 80.27
CA PHE J 121 -7.41 1.07 80.24
C PHE J 121 -8.66 0.19 80.25
N LYS J 122 -8.47 -1.09 79.95
CA LYS J 122 -9.56 -2.04 79.87
C LYS J 122 -9.23 -3.29 80.70
N ILE J 123 -10.10 -3.62 81.64
CA ILE J 123 -9.92 -4.81 82.46
C ILE J 123 -11.11 -5.75 82.32
N GLU J 124 -10.82 -6.97 81.86
CA GLU J 124 -11.85 -7.98 81.57
C GLU J 124 -13.12 -7.37 80.97
N ASN J 125 -12.96 -6.82 79.76
CA ASN J 125 -14.06 -6.21 78.99
C ASN J 125 -14.79 -5.05 79.68
N ASN J 126 -14.19 -4.47 80.72
CA ASN J 126 -14.72 -3.24 81.32
C ASN J 126 -13.82 -2.04 81.05
N TRP J 127 -14.41 -0.93 80.61
CA TRP J 127 -13.63 0.27 80.30
C TRP J 127 -13.55 1.26 81.47
N TYR J 128 -12.35 1.79 81.69
CA TYR J 128 -12.12 2.77 82.75
C TYR J 128 -11.26 3.92 82.23
N PHE J 129 -11.16 4.98 83.02
CA PHE J 129 -10.12 5.99 82.84
C PHE J 129 -9.80 6.63 84.19
N VAL J 130 -8.56 7.07 84.35
CA VAL J 130 -8.11 7.68 85.61
C VAL J 130 -7.65 9.12 85.39
N VAL J 131 -8.03 10.02 86.30
CA VAL J 131 -7.60 11.40 86.21
C VAL J 131 -6.70 11.79 87.40
N ALA J 132 -5.45 12.09 87.11
CA ALA J 132 -4.51 12.55 88.13
C ALA J 132 -4.82 13.99 88.48
N ASP J 133 -5.07 14.25 89.77
CA ASP J 133 -5.36 15.59 90.24
C ASP J 133 -4.17 16.13 91.05
N SER J 134 -3.60 17.24 90.60
CA SER J 134 -2.42 17.80 91.24
C SER J 134 -2.74 18.66 92.48
N SER J 135 -4.03 18.78 92.79
CA SER J 135 -4.44 19.52 93.98
C SER J 135 -4.60 18.59 95.18
N LYS J 136 -4.56 19.16 96.38
CA LYS J 136 -4.76 18.39 97.59
C LYS J 136 -6.22 18.02 97.82
N ALA J 137 -7.11 18.99 97.63
CA ALA J 137 -8.53 18.74 97.84
C ALA J 137 -9.11 17.79 96.79
N GLY J 138 -8.54 17.83 95.60
CA GLY J 138 -8.99 16.97 94.51
C GLY J 138 -8.32 15.62 94.54
N PHE J 139 -9.12 14.56 94.58
CA PHE J 139 -8.58 13.20 94.63
C PHE J 139 -8.51 12.57 93.24
N THR J 140 -7.41 11.85 92.99
CA THR J 140 -7.27 11.07 91.77
C THR J 140 -8.40 10.02 91.74
N THR J 141 -9.21 10.07 90.69
CA THR J 141 -10.43 9.26 90.63
C THR J 141 -10.46 8.34 89.40
N ILE J 142 -10.90 7.11 89.62
CA ILE J 142 -11.13 6.17 88.53
C ILE J 142 -12.60 6.16 88.17
N TYR J 143 -12.90 6.30 86.89
CA TYR J 143 -14.27 6.25 86.41
C TYR J 143 -14.49 4.98 85.60
N LYS J 144 -15.73 4.52 85.56
CA LYS J 144 -16.05 3.27 84.88
C LYS J 144 -17.14 3.48 83.84
N TRP J 145 -16.96 2.86 82.68
CA TRP J 145 -17.96 2.89 81.63
C TRP J 145 -19.14 2.00 82.01
N ASN J 146 -20.33 2.59 82.07
CA ASN J 146 -21.53 1.85 82.46
C ASN J 146 -22.60 1.82 81.36
N GLY J 147 -22.15 1.82 80.11
CA GLY J 147 -23.05 1.71 78.98
C GLY J 147 -23.57 3.03 78.45
N ASN J 148 -23.84 3.96 79.36
CA ASN J 148 -24.37 5.25 78.95
C ASN J 148 -23.37 6.38 79.19
N GLY J 149 -22.54 6.21 80.22
CA GLY J 149 -21.55 7.20 80.56
C GLY J 149 -20.52 6.68 81.56
N PHE J 150 -19.77 7.60 82.15
CA PHE J 150 -18.74 7.25 83.12
C PHE J 150 -19.13 7.73 84.51
N TYR J 151 -18.88 6.90 85.51
CA TYR J 151 -19.22 7.26 86.88
C TYR J 151 -18.09 6.86 87.82
N SER J 152 -18.00 7.52 88.96
CA SER J 152 -16.94 7.27 89.94
C SER J 152 -16.85 5.81 90.36
N HIS J 153 -15.63 5.30 90.46
CA HIS J 153 -15.42 3.91 90.84
C HIS J 153 -14.54 3.79 92.09
N GLN J 154 -13.47 4.58 92.14
CA GLN J 154 -12.53 4.52 93.26
C GLN J 154 -11.66 5.78 93.30
N SER J 155 -11.41 6.29 94.51
CA SER J 155 -10.48 7.40 94.68
C SER J 155 -9.15 6.89 95.24
N LEU J 156 -8.06 7.52 94.85
CA LEU J 156 -6.72 7.08 95.27
C LEU J 156 -5.88 8.26 95.76
N HIS J 157 -4.94 7.97 96.64
CA HIS J 157 -3.95 8.95 97.09
C HIS J 157 -4.55 10.24 97.64
N ALA J 158 -5.30 10.12 98.73
CA ALA J 158 -5.94 11.28 99.35
C ALA J 158 -4.91 12.29 99.85
N TRP J 159 -5.21 13.56 99.64
CA TRP J 159 -4.36 14.68 100.07
C TRP J 159 -2.98 14.69 99.41
N TYR J 160 -2.86 13.95 98.31
CA TYR J 160 -1.62 13.87 97.54
C TYR J 160 -1.70 14.67 96.24
N ARG J 161 -0.61 15.31 95.87
CA ARG J 161 -0.56 16.07 94.63
C ARG J 161 -0.13 15.21 93.45
N ASP J 162 -1.01 14.33 93.00
CA ASP J 162 -0.68 13.40 91.93
C ASP J 162 -0.45 14.13 90.62
N THR J 163 0.66 13.84 89.98
CA THR J 163 1.05 14.49 88.73
C THR J 163 0.73 13.64 87.51
N ASP J 164 1.00 12.35 87.59
CA ASP J 164 0.76 11.43 86.48
C ASP J 164 0.17 10.12 86.97
N VAL J 165 -0.65 9.51 86.11
CA VAL J 165 -1.08 8.15 86.33
C VAL J 165 -0.59 7.29 85.15
N GLU J 166 -0.26 6.04 85.43
CA GLU J 166 0.19 5.09 84.40
C GLU J 166 -0.39 3.70 84.63
N TYR J 167 -1.01 3.14 83.60
CA TYR J 167 -1.55 1.79 83.69
C TYR J 167 -0.51 0.74 83.31
N LEU J 168 -0.45 -0.33 84.11
CA LEU J 168 0.52 -1.40 83.93
C LEU J 168 -0.13 -2.77 83.98
N GLU J 169 0.43 -3.71 83.21
CA GLU J 169 0.06 -5.10 83.31
C GLU J 169 1.33 -5.89 83.61
N ILE J 170 1.50 -6.28 84.87
CA ILE J 170 2.78 -6.80 85.32
C ILE J 170 2.63 -8.22 85.88
N VAL J 171 3.72 -8.98 85.88
CA VAL J 171 3.69 -10.33 86.44
C VAL J 171 4.24 -10.33 87.87
N ARG J 172 3.38 -10.69 88.81
CA ARG J 172 3.77 -10.81 90.21
C ARG J 172 4.20 -12.24 90.53
N THR J 173 5.44 -12.39 90.98
CA THR J 173 5.96 -13.70 91.37
C THR J 173 5.09 -14.30 92.48
N PRO J 174 4.68 -15.57 92.32
CA PRO J 174 5.01 -16.46 91.21
C PRO J 174 3.88 -16.68 90.21
N GLN J 175 3.06 -15.68 89.94
CA GLN J 175 2.03 -15.82 88.92
C GLN J 175 2.66 -15.96 87.53
N THR J 176 1.85 -16.33 86.55
CA THR J 176 2.35 -16.50 85.19
C THR J 176 1.58 -15.58 84.25
N LEU J 177 0.59 -14.88 84.80
CA LEU J 177 -0.24 -13.99 84.00
C LEU J 177 -0.08 -12.54 84.44
N ARG J 178 -0.11 -11.63 83.48
CA ARG J 178 0.00 -10.20 83.77
C ARG J 178 -1.29 -9.69 84.40
N THR J 179 -1.17 -8.96 85.50
CA THR J 179 -2.32 -8.41 86.19
C THR J 179 -2.27 -6.88 86.19
N PRO J 180 -3.44 -6.22 86.10
CA PRO J 180 -3.53 -4.75 86.01
C PRO J 180 -2.90 -4.00 87.19
N HIS J 181 -2.15 -2.95 86.86
CA HIS J 181 -1.52 -2.12 87.86
C HIS J 181 -1.64 -0.64 87.53
N LEU J 182 -1.57 0.20 88.56
CA LEU J 182 -1.55 1.65 88.37
C LEU J 182 -0.35 2.25 89.08
N ILE J 183 0.29 3.22 88.45
CA ILE J 183 1.38 3.94 89.07
C ILE J 183 1.04 5.42 89.17
N LEU J 184 1.15 5.96 90.37
CA LEU J 184 0.88 7.38 90.61
C LEU J 184 2.15 8.14 90.98
N SER J 185 2.38 9.27 90.31
CA SER J 185 3.50 10.13 90.63
C SER J 185 3.00 11.42 91.27
N SER J 186 3.57 11.77 92.41
CA SER J 186 3.15 12.96 93.13
C SER J 186 4.32 13.83 93.57
N SER J 187 4.04 15.11 93.82
CA SER J 187 5.05 16.09 94.19
C SER J 187 5.77 15.74 95.49
N SER J 188 7.10 15.79 95.46
CA SER J 188 7.93 15.50 96.62
C SER J 188 7.59 14.15 97.24
N GLN J 189 7.35 13.16 96.40
CA GLN J 189 6.90 11.87 96.89
C GLN J 189 7.41 10.73 96.00
N ARG J 190 7.41 9.51 96.55
CA ARG J 190 7.81 8.34 95.78
C ARG J 190 6.65 7.83 94.93
N PRO J 191 6.95 7.32 93.73
CA PRO J 191 5.90 6.73 92.92
C PRO J 191 5.24 5.55 93.62
N VAL J 192 3.93 5.44 93.51
CA VAL J 192 3.19 4.36 94.16
C VAL J 192 2.56 3.44 93.12
N ILE J 193 2.75 2.14 93.28
CA ILE J 193 2.18 1.16 92.36
C ILE J 193 1.00 0.41 92.99
N TYR J 194 -0.18 0.59 92.42
CA TYR J 194 -1.38 -0.07 92.90
C TYR J 194 -1.66 -1.36 92.13
N GLN J 195 -2.15 -2.37 92.84
CA GLN J 195 -2.50 -3.63 92.22
C GLN J 195 -4.01 -3.84 92.18
N TRP J 196 -4.49 -4.42 91.08
CA TRP J 196 -5.90 -4.66 90.89
C TRP J 196 -6.38 -5.88 91.67
N ASN J 197 -7.50 -5.71 92.35
CA ASN J 197 -8.13 -6.80 93.07
C ASN J 197 -9.47 -7.16 92.43
N LYS J 198 -9.57 -8.34 91.84
CA LYS J 198 -10.77 -8.74 91.13
C LYS J 198 -11.97 -8.94 92.07
N ALA J 199 -11.71 -9.40 93.28
CA ALA J 199 -12.78 -9.68 94.24
C ALA J 199 -13.53 -8.40 94.65
N THR J 200 -12.77 -7.35 94.94
CA THR J 200 -13.35 -6.09 95.40
C THR J 200 -13.52 -5.09 94.27
N GLN J 201 -13.00 -5.46 93.10
CA GLN J 201 -13.08 -4.64 91.90
C GLN J 201 -12.47 -3.25 92.10
N LEU J 202 -11.32 -3.19 92.75
CA LEU J 202 -10.64 -1.92 92.96
C LEU J 202 -9.16 -2.11 93.27
N PHE J 203 -8.36 -1.07 93.04
CA PHE J 203 -6.92 -1.15 93.25
C PHE J 203 -6.53 -1.03 94.72
N THR J 204 -5.68 -1.95 95.20
CA THR J 204 -5.20 -1.92 96.58
C THR J 204 -3.75 -2.35 96.67
N ASN J 205 -3.31 -2.67 97.89
CA ASN J 205 -1.96 -3.18 98.14
C ASN J 205 -0.88 -2.32 97.54
N GLN J 206 -0.85 -1.05 97.93
CA GLN J 206 0.08 -0.10 97.34
C GLN J 206 1.49 -0.26 97.90
N THR J 207 2.48 -0.05 97.03
CA THR J 207 3.87 -0.13 97.43
C THR J 207 4.65 1.00 96.77
N ASP J 208 5.61 1.56 97.51
CA ASP J 208 6.39 2.65 96.97
C ASP J 208 7.49 2.08 96.11
N ILE J 209 7.93 2.86 95.12
CA ILE J 209 9.11 2.47 94.37
C ILE J 209 10.29 3.14 95.05
N PRO J 210 11.13 2.35 95.72
CA PRO J 210 12.27 2.92 96.44
C PRO J 210 13.23 3.45 95.39
N ASN J 211 14.16 4.32 95.81
CA ASN J 211 15.20 4.94 94.98
C ASN J 211 14.70 6.21 94.32
N MET J 212 13.40 6.48 94.39
CA MET J 212 12.89 7.60 93.63
C MET J 212 12.04 8.63 94.35
N GLU J 213 12.53 9.83 94.59
CA GLU J 213 11.67 10.85 95.18
C GLU J 213 11.56 12.00 94.19
N ASP J 214 10.38 12.60 94.14
CA ASP J 214 10.06 13.70 93.23
C ASP J 214 9.97 13.28 91.75
N VAL J 215 9.63 12.02 91.48
CA VAL J 215 9.42 11.61 90.09
C VAL J 215 8.17 12.27 89.55
N TYR J 216 8.27 12.83 88.35
CA TYR J 216 7.19 13.57 87.74
C TYR J 216 6.18 12.66 87.03
N ALA J 217 6.69 11.70 86.26
CA ALA J 217 5.82 10.81 85.50
C ALA J 217 6.46 9.45 85.25
N VAL J 218 5.61 8.46 84.99
CA VAL J 218 6.07 7.12 84.70
C VAL J 218 5.41 6.59 83.44
N LYS J 219 6.22 6.03 82.54
CA LYS J 219 5.71 5.39 81.32
C LYS J 219 6.42 4.07 81.07
N HIS J 220 5.65 3.06 80.67
CA HIS J 220 6.20 1.72 80.53
C HIS J 220 6.31 1.26 79.09
N PHE J 221 7.19 0.30 78.85
CA PHE J 221 7.33 -0.34 77.55
C PHE J 221 7.79 -1.77 77.74
N SER J 222 7.59 -2.61 76.73
CA SER J 222 7.97 -4.01 76.81
C SER J 222 8.76 -4.48 75.59
N VAL J 223 9.93 -5.05 75.82
CA VAL J 223 10.69 -5.68 74.75
C VAL J 223 11.18 -7.07 75.16
N LYS J 224 11.08 -8.02 74.24
CA LYS J 224 11.52 -9.39 74.49
C LYS J 224 10.75 -10.03 75.64
N GLY J 225 9.53 -9.55 75.87
CA GLY J 225 8.69 -10.09 76.93
C GLY J 225 8.86 -9.42 78.29
N ASP J 226 10.03 -8.85 78.55
CA ASP J 226 10.27 -8.16 79.83
C ASP J 226 9.54 -6.82 79.86
N VAL J 227 9.21 -6.35 81.07
CA VAL J 227 8.51 -5.07 81.21
C VAL J 227 9.38 -4.00 81.87
N TYR J 228 9.45 -2.84 81.24
CA TYR J 228 10.28 -1.75 81.74
C TYR J 228 9.47 -0.48 81.98
N ILE J 229 10.05 0.47 82.71
CA ILE J 229 9.42 1.77 82.90
C ILE J 229 10.45 2.89 82.75
N CYS J 230 9.95 4.07 82.38
CA CYS J 230 10.80 5.25 82.25
C CYS J 230 10.41 6.28 83.31
N LEU J 231 11.36 6.59 84.19
CA LEU J 231 11.11 7.59 85.23
C LEU J 231 11.67 8.95 84.81
N THR J 232 10.80 9.96 84.76
CA THR J 232 11.22 11.30 84.37
C THR J 232 11.25 12.26 85.55
N ARG J 233 12.37 12.97 85.70
CA ARG J 233 12.49 14.02 86.70
C ARG J 233 12.75 15.35 86.00
N PHE J 234 12.41 16.46 86.64
CA PHE J 234 12.65 17.76 86.04
C PHE J 234 14.13 18.10 86.11
N ILE J 235 14.69 18.02 87.32
CA ILE J 235 16.11 18.26 87.52
C ILE J 235 16.70 17.00 88.13
N GLY J 236 18.02 16.83 88.02
CA GLY J 236 18.64 15.63 88.52
C GLY J 236 18.84 14.65 87.38
N ASP J 237 18.64 13.37 87.67
CA ASP J 237 18.82 12.34 86.68
C ASP J 237 17.55 11.50 86.49
N SER J 238 17.11 11.38 85.25
CA SER J 238 16.01 10.49 84.91
C SER J 238 16.51 9.04 84.94
N LYS J 239 15.61 8.10 85.15
CA LYS J 239 15.99 6.70 85.34
C LYS J 239 15.21 5.75 84.44
N VAL J 240 15.82 4.63 84.10
CA VAL J 240 15.15 3.55 83.38
C VAL J 240 15.23 2.26 84.19
N MET J 241 14.09 1.60 84.35
CA MET J 241 14.01 0.43 85.21
C MET J 241 13.40 -0.82 84.57
N LYS J 242 13.89 -1.98 84.99
CA LYS J 242 13.32 -3.27 84.57
C LYS J 242 12.50 -3.87 85.70
N TRP J 243 11.36 -4.45 85.35
CA TRP J 243 10.55 -5.19 86.31
C TRP J 243 10.97 -6.65 86.33
N GLY J 244 11.33 -7.16 87.50
CA GLY J 244 11.75 -8.54 87.61
C GLY J 244 11.08 -9.30 88.73
N GLY J 245 9.78 -9.55 88.57
CA GLY J 245 9.06 -10.38 89.51
C GLY J 245 8.41 -9.64 90.65
N SER J 246 9.23 -9.20 91.60
CA SER J 246 8.72 -8.58 92.82
C SER J 246 8.88 -7.07 92.85
N SER J 247 9.93 -6.56 92.21
CA SER J 247 10.24 -5.13 92.27
C SER J 247 10.98 -4.62 91.04
N PHE J 248 11.07 -3.30 90.91
CA PHE J 248 11.81 -2.68 89.81
C PHE J 248 13.29 -2.61 90.12
N GLN J 249 14.12 -2.80 89.09
CA GLN J 249 15.57 -2.80 89.24
C GLN J 249 16.21 -1.76 88.33
N ASP J 250 17.36 -1.22 88.76
CA ASP J 250 18.08 -0.21 87.99
C ASP J 250 18.71 -0.78 86.72
N ILE J 251 18.53 -0.06 85.61
CA ILE J 251 19.20 -0.41 84.36
C ILE J 251 20.21 0.66 83.99
N GLN J 252 19.73 1.91 83.94
CA GLN J 252 20.56 3.05 83.56
C GLN J 252 19.93 4.35 84.03
N ARG J 253 20.62 5.46 83.78
CA ARG J 253 20.13 6.78 84.15
C ARG J 253 20.66 7.87 83.21
N MET J 254 19.94 8.98 83.13
CA MET J 254 20.36 10.09 82.28
C MET J 254 20.12 11.41 83.00
N PRO J 255 20.98 12.41 82.74
CA PRO J 255 20.81 13.72 83.36
C PRO J 255 19.62 14.47 82.74
N SER J 256 18.74 14.98 83.59
CA SER J 256 17.57 15.72 83.12
C SER J 256 17.76 17.22 83.25
N ARG J 257 17.83 17.90 82.11
CA ARG J 257 17.96 19.36 82.10
C ARG J 257 16.61 19.99 81.83
N GLY J 258 15.79 20.10 82.87
CA GLY J 258 14.45 20.65 82.71
C GLY J 258 13.59 19.71 81.89
N SER J 259 13.49 18.47 82.32
CA SER J 259 12.73 17.47 81.59
C SER J 259 11.28 17.36 82.10
N MET J 260 10.35 17.19 81.16
CA MET J 260 8.95 17.02 81.50
C MET J 260 8.42 15.72 80.89
N VAL J 261 9.23 15.13 80.00
CA VAL J 261 8.84 13.92 79.30
C VAL J 261 9.99 12.94 79.14
N PHE J 262 9.69 11.67 79.34
CA PHE J 262 10.59 10.58 79.01
C PHE J 262 9.74 9.44 78.44
N GLN J 263 9.36 9.58 77.17
CA GLN J 263 8.38 8.69 76.53
C GLN J 263 9.00 7.59 75.66
N PRO J 264 8.71 6.33 76.01
CA PRO J 264 9.10 5.20 75.18
C PRO J 264 8.20 5.06 73.96
N LEU J 265 8.76 4.70 72.82
CA LEU J 265 7.97 4.52 71.61
C LEU J 265 8.41 3.30 70.82
N GLN J 266 7.44 2.56 70.30
CA GLN J 266 7.74 1.45 69.44
C GLN J 266 7.10 1.70 68.07
N ILE J 267 7.94 2.13 67.13
CA ILE J 267 7.49 2.43 65.77
C ILE J 267 8.26 1.50 64.81
N ASN J 268 7.53 0.82 63.93
CA ASN J 268 8.13 -0.15 63.02
C ASN J 268 8.96 -1.20 63.74
N ASN J 269 8.45 -1.67 64.88
CA ASN J 269 9.10 -2.70 65.69
C ASN J 269 10.43 -2.29 66.30
N TYR J 270 10.70 -0.98 66.32
CA TYR J 270 11.91 -0.46 66.93
C TYR J 270 11.56 0.21 68.26
N GLN J 271 12.30 -0.10 69.30
CA GLN J 271 12.02 0.50 70.60
C GLN J 271 12.83 1.78 70.81
N TYR J 272 12.13 2.91 70.85
CA TYR J 272 12.75 4.20 71.07
C TYR J 272 12.36 4.80 72.42
N ALA J 273 13.12 5.79 72.86
CA ALA J 273 12.79 6.53 74.08
C ALA J 273 13.25 7.97 73.93
N ILE J 274 12.29 8.89 73.95
CA ILE J 274 12.58 10.30 73.73
C ILE J 274 12.55 11.08 75.04
N LEU J 275 13.72 11.53 75.47
CA LEU J 275 13.83 12.33 76.69
C LEU J 275 13.82 13.82 76.36
N GLY J 276 12.72 14.49 76.71
CA GLY J 276 12.56 15.90 76.43
C GLY J 276 13.32 16.78 77.42
N SER J 277 13.55 18.03 77.03
CA SER J 277 14.28 18.98 77.85
C SER J 277 13.87 20.41 77.53
N ASP J 278 13.73 21.23 78.55
CA ASP J 278 13.37 22.63 78.36
C ASP J 278 14.60 23.52 78.18
N TYR J 279 15.72 23.10 78.75
CA TYR J 279 16.93 23.92 78.73
C TYR J 279 17.83 23.59 77.55
N SER J 280 17.85 22.32 77.16
CA SER J 280 18.80 21.84 76.17
C SER J 280 18.13 21.00 75.10
N PHE J 281 18.95 20.29 74.33
CA PHE J 281 18.48 19.46 73.23
C PHE J 281 17.73 18.22 73.69
N THR J 282 16.62 17.94 73.03
CA THR J 282 15.84 16.74 73.30
C THR J 282 16.55 15.50 72.74
N GLN J 283 16.84 14.55 73.61
CA GLN J 283 17.60 13.37 73.20
C GLN J 283 16.72 12.18 72.88
N VAL J 284 16.90 11.62 71.68
CA VAL J 284 16.20 10.41 71.30
C VAL J 284 17.09 9.20 71.54
N TYR J 285 16.55 8.19 72.22
CA TYR J 285 17.31 6.99 72.50
C TYR J 285 16.74 5.80 71.74
N ASN J 286 17.61 4.86 71.38
CA ASN J 286 17.19 3.60 70.79
C ASN J 286 17.68 2.42 71.64
N TRP J 287 16.89 1.34 71.65
CA TRP J 287 17.24 0.17 72.45
C TRP J 287 18.33 -0.66 71.80
N ASP J 288 19.34 -1.02 72.59
CA ASP J 288 20.43 -1.87 72.13
C ASP J 288 20.25 -3.27 72.72
N ALA J 289 20.15 -4.29 71.88
CA ALA J 289 19.81 -5.62 72.34
C ALA J 289 20.92 -6.27 73.17
N GLU J 290 22.17 -6.10 72.74
CA GLU J 290 23.30 -6.70 73.43
C GLU J 290 23.63 -5.95 74.72
N LYS J 291 23.54 -4.64 74.68
CA LYS J 291 23.85 -3.79 75.83
C LYS J 291 22.73 -3.79 76.86
N ALA J 292 21.52 -4.12 76.41
CA ALA J 292 20.31 -4.11 77.22
C ALA J 292 20.10 -2.76 77.92
N LYS J 293 20.18 -1.69 77.14
CA LYS J 293 20.10 -0.33 77.65
C LYS J 293 19.77 0.61 76.51
N PHE J 294 19.40 1.84 76.83
CA PHE J 294 19.18 2.86 75.81
C PHE J 294 20.49 3.59 75.50
N VAL J 295 20.73 3.82 74.22
CA VAL J 295 21.91 4.58 73.78
C VAL J 295 21.46 5.77 72.93
N LYS J 296 22.31 6.78 72.85
CA LYS J 296 21.99 7.99 72.09
C LYS J 296 21.78 7.69 70.60
N PHE J 297 20.78 8.33 70.02
CA PHE J 297 20.40 8.09 68.63
C PHE J 297 20.40 9.38 67.82
N GLN J 298 19.36 10.19 67.98
CA GLN J 298 19.24 11.44 67.26
C GLN J 298 18.88 12.57 68.23
N GLU J 299 19.30 13.79 67.89
CA GLU J 299 19.00 14.93 68.74
C GLU J 299 17.97 15.83 68.07
N LEU J 300 16.82 16.01 68.72
CA LEU J 300 15.77 16.86 68.17
C LEU J 300 15.81 18.24 68.81
N ASN J 301 15.08 19.19 68.23
CA ASN J 301 15.07 20.54 68.73
C ASN J 301 13.65 21.09 68.83
N VAL J 302 13.07 20.98 70.02
CA VAL J 302 11.72 21.48 70.27
C VAL J 302 11.68 22.33 71.54
N GLN J 303 10.91 23.41 71.51
CA GLN J 303 10.84 24.33 72.64
C GLN J 303 9.88 23.80 73.70
N ALA J 304 10.44 23.44 74.85
CA ALA J 304 9.65 22.94 75.99
C ALA J 304 8.72 21.79 75.59
N PRO J 305 9.30 20.62 75.25
CA PRO J 305 8.43 19.49 74.86
C PRO J 305 7.58 19.01 76.02
N ARG J 306 6.32 18.73 75.76
CA ARG J 306 5.39 18.24 76.78
C ARG J 306 4.94 16.82 76.52
N SER J 307 5.10 16.36 75.29
CA SER J 307 4.70 15.00 74.96
C SER J 307 5.30 14.52 73.66
N PHE J 308 5.33 13.20 73.47
CA PHE J 308 5.75 12.61 72.22
C PHE J 308 4.81 11.45 71.89
N THR J 309 4.15 11.54 70.76
CA THR J 309 3.17 10.53 70.39
C THR J 309 3.44 9.96 69.00
N HIS J 310 3.27 8.66 68.85
CA HIS J 310 3.46 7.98 67.57
C HIS J 310 2.16 7.80 66.80
N VAL J 311 2.17 8.20 65.52
CA VAL J 311 1.02 8.04 64.64
C VAL J 311 1.37 7.15 63.44
N SER J 312 0.69 6.01 63.31
CA SER J 312 0.94 5.10 62.21
C SER J 312 -0.20 5.15 61.20
N ILE J 313 0.12 5.62 59.99
CA ILE J 313 -0.84 5.74 58.89
C ILE J 313 -0.28 5.20 57.57
N ASN J 314 -0.93 4.22 56.96
CA ASN J 314 -0.51 3.70 55.66
C ASN J 314 0.97 3.31 55.61
N LYS J 315 1.46 2.55 56.59
CA LYS J 315 2.88 2.16 56.59
C LYS J 315 3.80 3.36 56.74
N ARG J 316 3.20 4.52 57.00
CA ARG J 316 3.91 5.78 57.20
C ARG J 316 3.88 6.07 58.70
N ASN J 317 5.04 6.37 59.27
CA ASN J 317 5.10 6.61 60.72
C ASN J 317 5.46 8.04 61.06
N PHE J 318 4.59 8.68 61.83
CA PHE J 318 4.81 10.08 62.20
C PHE J 318 5.09 10.22 63.70
N LEU J 319 5.84 11.26 64.05
CA LEU J 319 6.17 11.52 65.43
C LEU J 319 5.74 12.94 65.80
N PHE J 320 4.72 13.04 66.64
CA PHE J 320 4.20 14.32 67.08
C PHE J 320 4.90 14.80 68.36
N ALA J 321 5.39 16.03 68.32
CA ALA J 321 6.08 16.60 69.47
C ALA J 321 5.39 17.88 69.93
N SER J 322 4.83 17.85 71.13
CA SER J 322 4.11 19.00 71.66
C SER J 322 5.06 20.07 72.16
N SER J 323 4.68 21.33 71.98
CA SER J 323 5.48 22.45 72.44
C SER J 323 4.65 23.37 73.33
N PHE J 324 5.17 23.71 74.50
CA PHE J 324 4.45 24.54 75.46
C PHE J 324 4.64 26.03 75.19
N LYS J 325 5.75 26.39 74.56
CA LYS J 325 6.04 27.79 74.26
C LYS J 325 6.28 28.02 72.76
N GLY J 326 6.83 27.01 72.08
CA GLY J 326 7.12 27.13 70.66
C GLY J 326 6.06 26.51 69.79
N ASN J 327 6.46 26.08 68.59
CA ASN J 327 5.54 25.46 67.65
C ASN J 327 5.52 23.94 67.78
N THR J 328 4.32 23.37 67.75
CA THR J 328 4.18 21.92 67.77
C THR J 328 4.70 21.33 66.47
N GLN J 329 5.50 20.27 66.57
CA GLN J 329 6.19 19.74 65.40
C GLN J 329 5.79 18.31 65.08
N ILE J 330 5.65 18.02 63.79
CA ILE J 330 5.40 16.67 63.31
C ILE J 330 6.64 16.13 62.64
N TYR J 331 7.03 14.91 63.00
CA TYR J 331 8.22 14.30 62.43
C TYR J 331 7.89 13.06 61.61
N LYS J 332 8.72 12.79 60.61
CA LYS J 332 8.62 11.58 59.81
C LYS J 332 9.73 10.61 60.17
N HIS J 333 9.38 9.33 60.29
CA HIS J 333 10.39 8.31 60.54
C HIS J 333 10.74 7.69 59.19
N VAL J 334 11.93 8.02 58.68
CA VAL J 334 12.38 7.59 57.36
C VAL J 334 13.67 6.77 57.44
N ILE J 335 13.80 5.82 56.52
CA ILE J 335 15.03 5.02 56.40
C ILE J 335 16.23 5.89 56.07
N THR K 7 -67.49 -36.10 -118.21
CA THR K 7 -66.37 -36.01 -119.13
C THR K 7 -65.04 -35.92 -118.39
N GLU K 8 -63.95 -35.80 -119.15
CA GLU K 8 -62.61 -35.78 -118.58
C GLU K 8 -61.59 -35.22 -119.58
N PHE K 9 -60.56 -34.56 -119.07
CA PHE K 9 -59.47 -34.09 -119.92
C PHE K 9 -58.32 -35.09 -119.94
N ALA K 10 -58.25 -35.88 -121.00
CA ALA K 10 -57.19 -36.88 -121.15
C ALA K 10 -55.97 -36.28 -121.84
N LYS K 11 -54.79 -36.78 -121.48
CA LYS K 11 -53.54 -36.25 -122.02
C LYS K 11 -53.27 -36.73 -123.44
N SER K 12 -53.25 -35.80 -124.39
CA SER K 12 -53.02 -36.13 -125.79
C SER K 12 -51.54 -36.34 -126.09
N GLN K 13 -50.75 -35.28 -125.92
CA GLN K 13 -49.31 -35.34 -126.18
C GLN K 13 -48.59 -34.20 -125.48
N ASP K 14 -47.29 -34.36 -125.26
CA ASP K 14 -46.50 -33.34 -124.58
C ASP K 14 -45.42 -32.77 -125.50
N LEU K 15 -45.57 -31.50 -125.87
CA LEU K 15 -44.61 -30.82 -126.73
C LEU K 15 -43.37 -30.40 -125.95
N PRO K 16 -42.19 -30.88 -126.36
CA PRO K 16 -40.92 -30.73 -125.64
C PRO K 16 -40.37 -29.30 -125.63
N TYR K 17 -41.19 -28.32 -125.27
CA TYR K 17 -40.71 -26.95 -125.14
C TYR K 17 -41.60 -26.09 -124.27
N GLN K 18 -41.11 -24.91 -123.92
CA GLN K 18 -41.85 -23.98 -123.08
C GLN K 18 -42.66 -23.02 -123.94
N SER K 19 -43.68 -22.40 -123.34
CA SER K 19 -44.53 -21.47 -124.06
C SER K 19 -45.15 -20.45 -123.12
N LEU K 20 -45.53 -19.30 -123.69
CA LEU K 20 -46.14 -18.23 -122.91
C LEU K 20 -47.62 -18.10 -123.25
N SER K 21 -47.92 -17.77 -124.50
CA SER K 21 -49.30 -17.61 -124.91
C SER K 21 -49.63 -18.51 -126.09
N ILE K 22 -50.79 -19.16 -126.04
CA ILE K 22 -51.22 -20.03 -127.13
C ILE K 22 -52.52 -19.51 -127.73
N ASP K 23 -52.56 -19.40 -129.05
CA ASP K 23 -53.76 -18.90 -129.72
C ASP K 23 -54.17 -19.80 -130.87
N THR K 24 -55.46 -19.79 -131.17
CA THR K 24 -56.00 -20.59 -132.27
C THR K 24 -56.82 -19.74 -133.22
N PHE K 25 -56.87 -20.16 -134.48
CA PHE K 25 -57.66 -19.45 -135.47
C PHE K 25 -58.07 -20.37 -136.61
N SER K 26 -58.94 -19.87 -137.47
CA SER K 26 -59.40 -20.63 -138.62
C SER K 26 -59.02 -19.90 -139.90
N TYR K 27 -58.19 -20.55 -140.71
CA TYR K 27 -57.74 -19.97 -141.96
C TYR K 27 -58.06 -20.91 -143.11
N LEU K 28 -58.91 -20.44 -144.03
CA LEU K 28 -59.33 -21.21 -145.19
C LEU K 28 -59.99 -22.54 -144.81
N ASN K 29 -60.88 -22.50 -143.81
CA ASN K 29 -61.59 -23.69 -143.31
C ASN K 29 -60.71 -24.75 -142.65
N ASP K 30 -59.57 -24.32 -142.13
CA ASP K 30 -58.69 -25.21 -141.40
C ASP K 30 -58.37 -24.60 -140.04
N GLU K 31 -58.12 -25.44 -139.05
CA GLU K 31 -57.84 -24.97 -137.70
C GLU K 31 -56.33 -24.96 -137.42
N TYR K 32 -55.83 -23.81 -137.00
CA TYR K 32 -54.40 -23.68 -136.70
C TYR K 32 -54.19 -23.27 -135.26
N VAL K 33 -52.97 -23.50 -134.76
CA VAL K 33 -52.62 -23.13 -133.40
C VAL K 33 -51.30 -22.35 -133.38
N VAL K 34 -51.32 -21.16 -132.79
CA VAL K 34 -50.11 -20.35 -132.65
C VAL K 34 -49.55 -20.41 -131.23
N ILE K 35 -48.27 -20.71 -131.11
CA ILE K 35 -47.64 -20.83 -129.80
C ILE K 35 -46.47 -19.85 -129.65
N ALA K 36 -46.53 -19.03 -128.61
CA ALA K 36 -45.47 -18.07 -128.33
C ALA K 36 -44.38 -18.67 -127.45
N GLN K 37 -43.16 -18.69 -127.96
CA GLN K 37 -41.99 -19.15 -127.20
C GLN K 37 -41.19 -17.97 -126.69
N PRO K 38 -41.12 -17.81 -125.35
CA PRO K 38 -40.46 -16.64 -124.76
C PRO K 38 -38.96 -16.57 -125.01
N PHE K 39 -38.22 -17.64 -124.72
CA PHE K 39 -36.76 -17.58 -124.74
C PHE K 39 -36.17 -17.82 -126.12
N THR K 40 -36.89 -18.56 -126.97
CA THR K 40 -36.44 -18.73 -128.34
C THR K 40 -37.10 -17.65 -129.18
N GLY K 41 -36.60 -17.42 -130.37
CA GLY K 41 -37.18 -16.40 -131.23
C GLY K 41 -38.49 -16.78 -131.92
N LYS K 42 -38.82 -18.05 -131.91
CA LYS K 42 -39.91 -18.55 -132.75
C LYS K 42 -41.34 -18.28 -132.25
N CYS K 43 -42.21 -17.96 -133.20
CA CYS K 43 -43.67 -18.02 -133.02
C CYS K 43 -44.14 -19.28 -133.75
N ILE K 44 -44.39 -20.35 -133.00
CA ILE K 44 -44.68 -21.64 -133.60
C ILE K 44 -46.14 -21.86 -134.01
N PHE K 45 -46.37 -22.06 -135.31
CA PHE K 45 -47.71 -22.35 -135.83
C PHE K 45 -47.93 -23.86 -136.00
N LEU K 46 -49.01 -24.35 -135.41
CA LEU K 46 -49.33 -25.77 -135.49
C LEU K 46 -50.46 -26.03 -136.47
N GLU K 47 -50.38 -27.18 -137.14
CA GLU K 47 -51.38 -27.57 -138.12
C GLU K 47 -51.92 -28.96 -137.78
N TRP K 48 -53.19 -29.19 -138.08
CA TRP K 48 -53.81 -30.46 -137.77
C TRP K 48 -53.69 -31.48 -138.91
N ASP K 49 -53.23 -32.68 -138.58
CA ASP K 49 -53.22 -33.78 -139.54
C ASP K 49 -54.46 -34.63 -139.43
N HIS K 50 -55.26 -34.65 -140.48
CA HIS K 50 -56.44 -35.50 -140.48
C HIS K 50 -56.04 -36.97 -140.71
N VAL K 51 -54.80 -37.20 -141.17
CA VAL K 51 -54.31 -38.56 -141.41
C VAL K 51 -53.76 -39.24 -140.13
N GLU K 52 -52.81 -38.59 -139.46
CA GLU K 52 -52.17 -39.17 -138.29
C GLU K 52 -52.83 -38.74 -136.98
N LYS K 53 -53.82 -37.86 -137.09
CA LYS K 53 -54.57 -37.33 -135.96
C LYS K 53 -53.66 -36.68 -134.91
N THR K 54 -52.60 -36.02 -135.37
CA THR K 54 -51.67 -35.32 -134.48
C THR K 54 -51.46 -33.88 -134.97
N PHE K 55 -50.67 -33.12 -134.22
CA PHE K 55 -50.37 -31.74 -134.61
C PHE K 55 -48.97 -31.61 -135.18
N ARG K 56 -48.86 -31.17 -136.44
CA ARG K 56 -47.56 -30.90 -137.05
C ARG K 56 -47.09 -29.49 -136.76
N ASN K 57 -45.95 -29.14 -137.36
CA ASN K 57 -45.41 -27.80 -137.30
C ASN K 57 -45.57 -27.07 -138.63
N TYR K 58 -46.62 -26.26 -138.71
CA TYR K 58 -46.97 -25.55 -139.93
C TYR K 58 -45.85 -24.60 -140.35
N ASP K 59 -45.56 -23.61 -139.50
CA ASP K 59 -44.53 -22.62 -139.79
C ASP K 59 -44.07 -21.92 -138.51
N ASN K 60 -42.98 -21.18 -138.60
CA ASN K 60 -42.47 -20.41 -137.47
C ASN K 60 -42.34 -18.93 -137.85
N ILE K 61 -42.32 -18.07 -136.84
CA ILE K 61 -42.00 -16.66 -137.01
C ILE K 61 -40.96 -16.22 -135.99
N THR K 62 -39.81 -15.75 -136.46
CA THR K 62 -38.71 -15.42 -135.58
C THR K 62 -38.79 -14.00 -135.00
N GLY K 63 -38.74 -13.92 -133.68
CA GLY K 63 -38.73 -12.67 -132.94
C GLY K 63 -38.12 -12.98 -131.59
N THR K 64 -37.06 -12.26 -131.22
CA THR K 64 -36.20 -12.63 -130.11
C THR K 64 -36.87 -12.85 -128.73
N SER K 65 -37.76 -11.94 -128.33
CA SER K 65 -38.46 -12.11 -127.06
C SER K 65 -39.96 -11.98 -127.23
N THR K 66 -40.57 -12.94 -127.91
CA THR K 66 -42.00 -12.87 -128.18
C THR K 66 -42.83 -13.22 -126.95
N VAL K 67 -43.90 -12.47 -126.74
CA VAL K 67 -44.78 -12.69 -125.61
C VAL K 67 -46.15 -13.16 -126.10
N VAL K 68 -46.66 -12.48 -127.12
CA VAL K 68 -47.95 -12.82 -127.69
C VAL K 68 -47.85 -12.93 -129.21
N CYS K 69 -48.55 -13.89 -129.77
CA CYS K 69 -48.67 -14.00 -131.23
C CYS K 69 -50.14 -14.06 -131.60
N LYS K 70 -50.79 -12.89 -131.63
CA LYS K 70 -52.23 -12.83 -131.89
C LYS K 70 -52.55 -12.86 -133.38
N PRO K 71 -53.36 -13.85 -133.79
CA PRO K 71 -53.84 -13.98 -135.17
C PRO K 71 -55.09 -13.15 -135.43
N ILE K 72 -55.12 -12.43 -136.54
CA ILE K 72 -56.35 -11.77 -136.99
C ILE K 72 -56.65 -12.20 -138.40
N VAL K 73 -57.87 -12.69 -138.63
CA VAL K 73 -58.30 -13.07 -139.97
C VAL K 73 -59.35 -12.10 -140.49
N ILE K 74 -58.97 -11.29 -141.46
CA ILE K 74 -59.90 -10.35 -142.09
C ILE K 74 -60.15 -10.75 -143.53
N GLU K 75 -61.38 -11.19 -143.80
CA GLU K 75 -61.84 -11.55 -145.14
C GLU K 75 -60.97 -12.57 -145.88
N THR K 76 -60.57 -13.62 -145.17
CA THR K 76 -59.70 -14.70 -145.66
C THR K 76 -58.22 -14.30 -145.69
N GLN K 77 -57.87 -13.10 -145.22
CA GLN K 77 -56.45 -12.73 -145.15
C GLN K 77 -55.99 -12.88 -143.69
N LEU K 78 -54.83 -13.48 -143.48
CA LEU K 78 -54.32 -13.75 -142.15
C LEU K 78 -53.27 -12.74 -141.69
N TYR K 79 -53.45 -12.20 -140.49
CA TYR K 79 -52.50 -11.25 -139.91
C TYR K 79 -52.05 -11.73 -138.54
N VAL K 80 -50.78 -11.50 -138.23
CA VAL K 80 -50.23 -11.90 -136.93
C VAL K 80 -49.55 -10.71 -136.23
N ILE K 81 -50.03 -10.39 -135.02
CA ILE K 81 -49.40 -9.35 -134.22
C ILE K 81 -48.39 -9.98 -133.27
N VAL K 82 -47.13 -9.56 -133.39
CA VAL K 82 -46.09 -10.16 -132.58
C VAL K 82 -45.55 -9.17 -131.55
N ALA K 83 -46.00 -9.34 -130.31
CA ALA K 83 -45.55 -8.50 -129.22
C ALA K 83 -44.24 -9.04 -128.69
N GLN K 84 -43.21 -8.20 -128.70
CA GLN K 84 -41.88 -8.59 -128.23
C GLN K 84 -41.36 -7.68 -127.12
N LEU K 85 -40.63 -8.26 -126.18
CA LEU K 85 -39.99 -7.49 -125.12
C LEU K 85 -38.69 -6.88 -125.60
N PHE K 86 -38.15 -7.46 -126.67
CA PHE K 86 -36.92 -6.97 -127.26
C PHE K 86 -37.08 -6.63 -128.74
N GLY K 87 -36.38 -5.59 -129.17
CA GLY K 87 -36.36 -5.19 -130.56
C GLY K 87 -37.64 -4.52 -131.05
N GLY K 88 -38.71 -4.58 -130.27
CA GLY K 88 -39.94 -3.93 -130.64
C GLY K 88 -40.95 -4.90 -131.25
N SER K 89 -42.17 -4.44 -131.43
CA SER K 89 -43.22 -5.29 -131.99
C SER K 89 -43.42 -5.07 -133.49
N HIS K 90 -43.85 -6.14 -134.16
CA HIS K 90 -44.07 -6.12 -135.60
C HIS K 90 -45.41 -6.74 -135.99
N ILE K 91 -45.84 -6.45 -137.22
CA ILE K 91 -47.08 -7.03 -137.74
C ILE K 91 -46.78 -7.84 -139.00
N TYR K 92 -47.21 -9.09 -138.99
CA TYR K 92 -46.94 -9.99 -140.11
C TYR K 92 -48.21 -10.31 -140.88
N LYS K 93 -48.07 -10.52 -142.19
CA LYS K 93 -49.20 -10.94 -143.03
C LYS K 93 -48.84 -12.20 -143.81
N ARG K 94 -49.75 -13.17 -143.80
CA ARG K 94 -49.55 -14.41 -144.55
C ARG K 94 -49.77 -14.20 -146.04
N ASP K 95 -48.82 -14.68 -146.84
CA ASP K 95 -48.91 -14.61 -148.29
C ASP K 95 -49.28 -15.98 -148.85
N SER K 96 -50.39 -16.04 -149.58
CA SER K 96 -50.88 -17.29 -150.15
C SER K 96 -49.99 -17.82 -151.28
N PHE K 97 -49.43 -16.89 -152.06
CA PHE K 97 -48.59 -17.26 -153.20
C PHE K 97 -47.20 -17.75 -152.77
N ALA K 98 -46.48 -16.91 -152.02
CA ALA K 98 -45.13 -17.25 -151.59
C ALA K 98 -45.15 -18.27 -150.46
N ASN K 99 -46.34 -18.55 -149.92
CA ASN K 99 -46.53 -19.51 -148.85
C ASN K 99 -45.62 -19.20 -147.65
N LYS K 100 -45.50 -17.92 -147.33
CA LYS K 100 -44.65 -17.47 -146.22
C LYS K 100 -45.32 -16.34 -145.44
N PHE K 101 -44.71 -15.99 -144.31
CA PHE K 101 -45.14 -14.82 -143.55
C PHE K 101 -44.27 -13.62 -143.91
N ILE K 102 -44.90 -12.48 -144.14
CA ILE K 102 -44.18 -11.27 -144.50
C ILE K 102 -44.30 -10.18 -143.45
N LYS K 103 -43.18 -9.56 -143.11
CA LYS K 103 -43.17 -8.43 -142.19
C LYS K 103 -43.49 -7.17 -142.97
N ILE K 104 -44.65 -6.60 -142.70
CA ILE K 104 -45.14 -5.47 -143.47
C ILE K 104 -45.26 -4.18 -142.67
N GLN K 105 -45.27 -4.29 -141.34
CA GLN K 105 -45.48 -3.12 -140.49
C GLN K 105 -44.75 -3.23 -139.15
N ASP K 106 -44.27 -2.09 -138.65
CA ASP K 106 -43.55 -2.05 -137.38
C ASP K 106 -44.28 -1.20 -136.35
N ILE K 107 -44.50 -1.78 -135.17
CA ILE K 107 -45.04 -1.01 -134.06
C ILE K 107 -43.91 -0.20 -133.42
N GLU K 108 -44.12 1.11 -133.28
CA GLU K 108 -43.08 2.00 -132.78
C GLU K 108 -42.61 1.59 -131.38
N ILE K 109 -41.30 1.48 -131.22
CA ILE K 109 -40.70 0.96 -129.98
C ILE K 109 -40.89 1.87 -128.79
N LEU K 110 -41.11 3.15 -129.05
CA LEU K 110 -41.28 4.13 -127.98
C LEU K 110 -42.73 4.18 -127.51
N LYS K 111 -43.67 3.85 -128.40
CA LYS K 111 -45.08 3.88 -128.04
C LYS K 111 -45.46 2.61 -127.29
N ILE K 112 -44.96 1.47 -127.76
CA ILE K 112 -45.15 0.20 -127.07
C ILE K 112 -43.80 -0.41 -126.70
N ARG K 113 -43.50 -0.46 -125.42
CA ARG K 113 -42.17 -0.84 -124.97
C ARG K 113 -42.15 -2.17 -124.22
N LYS K 114 -43.08 -2.33 -123.29
CA LYS K 114 -43.17 -3.57 -122.53
C LYS K 114 -44.55 -4.22 -122.60
N PRO K 115 -44.88 -4.82 -123.76
CA PRO K 115 -46.19 -5.44 -123.96
C PRO K 115 -46.39 -6.69 -123.10
N ASN K 116 -47.63 -6.99 -122.73
CA ASN K 116 -47.90 -8.15 -121.89
C ASN K 116 -49.12 -8.96 -122.33
N ASP K 117 -49.98 -8.33 -123.13
CA ASP K 117 -51.23 -8.97 -123.56
C ASP K 117 -51.75 -8.25 -124.81
N ILE K 118 -52.27 -9.03 -125.75
CA ILE K 118 -52.93 -8.49 -126.94
C ILE K 118 -54.31 -9.10 -127.10
N GLU K 119 -55.30 -8.25 -127.31
CA GLU K 119 -56.67 -8.70 -127.52
C GLU K 119 -57.24 -8.15 -128.83
N THR K 120 -58.07 -8.94 -129.50
CA THR K 120 -58.71 -8.50 -130.75
C THR K 120 -60.23 -8.47 -130.63
N PHE K 121 -60.85 -7.55 -131.36
CA PHE K 121 -62.31 -7.45 -131.36
C PHE K 121 -62.80 -6.73 -132.61
N LYS K 122 -64.11 -6.82 -132.85
CA LYS K 122 -64.72 -6.24 -134.03
C LYS K 122 -65.92 -5.38 -133.64
N ILE K 123 -65.87 -4.11 -134.02
CA ILE K 123 -66.96 -3.17 -133.75
C ILE K 123 -67.48 -2.55 -135.04
N GLU K 124 -68.77 -2.70 -135.29
CA GLU K 124 -69.46 -2.21 -136.49
C GLU K 124 -68.60 -2.37 -137.75
N ASN K 125 -68.30 -3.62 -138.09
CA ASN K 125 -67.52 -4.00 -139.28
C ASN K 125 -66.13 -3.36 -139.36
N ASN K 126 -65.63 -2.85 -138.23
CA ASN K 126 -64.27 -2.35 -138.13
C ASN K 126 -63.44 -3.26 -137.21
N TRP K 127 -62.24 -3.63 -137.66
CA TRP K 127 -61.37 -4.50 -136.88
C TRP K 127 -60.35 -3.72 -136.06
N TYR K 128 -60.16 -4.15 -134.82
CA TYR K 128 -59.18 -3.51 -133.92
C TYR K 128 -58.37 -4.56 -133.18
N PHE K 129 -57.30 -4.10 -132.51
CA PHE K 129 -56.62 -4.89 -131.50
C PHE K 129 -55.99 -3.97 -130.47
N VAL K 130 -55.88 -4.45 -129.23
CA VAL K 130 -55.34 -3.67 -128.13
C VAL K 130 -54.08 -4.35 -127.56
N VAL K 131 -53.06 -3.56 -127.27
CA VAL K 131 -51.83 -4.07 -126.69
C VAL K 131 -51.62 -3.52 -125.29
N ALA K 132 -51.65 -4.40 -124.29
CA ALA K 132 -51.36 -4.00 -122.91
C ALA K 132 -49.87 -3.79 -122.70
N ASP K 133 -49.48 -2.60 -122.25
CA ASP K 133 -48.09 -2.29 -121.97
C ASP K 133 -47.87 -2.18 -120.47
N SER K 134 -47.00 -3.02 -119.93
CA SER K 134 -46.78 -3.07 -118.48
C SER K 134 -45.79 -2.00 -118.02
N SER K 135 -45.28 -1.21 -118.96
CA SER K 135 -44.36 -0.12 -118.62
C SER K 135 -45.10 1.19 -118.42
N LYS K 136 -44.47 2.12 -117.71
CA LYS K 136 -45.05 3.44 -117.48
C LYS K 136 -44.96 4.31 -118.72
N ALA K 137 -43.81 4.29 -119.37
CA ALA K 137 -43.59 5.11 -120.56
C ALA K 137 -44.43 4.61 -121.73
N GLY K 138 -44.68 3.31 -121.76
CA GLY K 138 -45.49 2.74 -122.81
C GLY K 138 -46.97 2.76 -122.47
N PHE K 139 -47.78 3.35 -123.35
CA PHE K 139 -49.21 3.42 -123.12
C PHE K 139 -49.94 2.30 -123.86
N THR K 140 -50.93 1.71 -123.20
CA THR K 140 -51.78 0.71 -123.83
C THR K 140 -52.50 1.36 -125.01
N THR K 141 -52.29 0.80 -126.20
CA THR K 141 -52.77 1.42 -127.44
C THR K 141 -53.72 0.51 -128.22
N ILE K 142 -54.78 1.12 -128.75
CA ILE K 142 -55.71 0.44 -129.63
C ILE K 142 -55.37 0.77 -131.08
N TYR K 143 -55.28 -0.26 -131.92
CA TYR K 143 -55.01 -0.06 -133.34
C TYR K 143 -56.26 -0.41 -134.14
N LYS K 144 -56.40 0.20 -135.31
CA LYS K 144 -57.58 0.04 -136.14
C LYS K 144 -57.22 -0.48 -137.53
N TRP K 145 -58.00 -1.43 -138.04
CA TRP K 145 -57.78 -1.93 -139.40
C TRP K 145 -58.25 -0.91 -140.44
N ASN K 146 -57.32 -0.50 -141.32
CA ASN K 146 -57.62 0.48 -142.35
C ASN K 146 -57.41 -0.01 -143.78
N GLY K 147 -57.63 -1.30 -144.01
CA GLY K 147 -57.56 -1.84 -145.34
C GLY K 147 -56.17 -2.33 -145.75
N ASN K 148 -55.13 -1.61 -145.35
CA ASN K 148 -53.77 -1.98 -145.75
C ASN K 148 -52.90 -2.45 -144.58
N GLY K 149 -53.15 -1.89 -143.41
CA GLY K 149 -52.38 -2.22 -142.21
C GLY K 149 -53.05 -1.69 -140.96
N PHE K 150 -52.35 -1.65 -139.84
CA PHE K 150 -52.92 -1.17 -138.59
C PHE K 150 -52.30 0.15 -138.17
N TYR K 151 -53.14 1.06 -137.66
CA TYR K 151 -52.67 2.37 -137.23
C TYR K 151 -53.26 2.76 -135.88
N SER K 152 -52.56 3.62 -135.16
CA SER K 152 -52.99 4.05 -133.82
C SER K 152 -54.38 4.66 -133.85
N HIS K 153 -55.20 4.30 -132.86
CA HIS K 153 -56.55 4.84 -132.79
C HIS K 153 -56.79 5.57 -131.47
N GLN K 154 -56.33 5.00 -130.36
CA GLN K 154 -56.55 5.57 -129.03
C GLN K 154 -55.62 4.98 -127.98
N SER K 155 -55.10 5.82 -127.09
CA SER K 155 -54.30 5.34 -125.97
C SER K 155 -55.10 5.40 -124.68
N LEU K 156 -54.82 4.46 -123.78
CA LEU K 156 -55.56 4.37 -122.53
C LEU K 156 -54.60 4.21 -121.35
N HIS K 157 -55.05 4.67 -120.18
CA HIS K 157 -54.34 4.45 -118.92
C HIS K 157 -52.90 4.95 -118.94
N ALA K 158 -52.73 6.25 -119.09
CA ALA K 158 -51.39 6.83 -119.12
C ALA K 158 -50.67 6.61 -117.80
N TRP K 159 -49.38 6.27 -117.90
CA TRP K 159 -48.49 6.05 -116.76
C TRP K 159 -48.91 4.85 -115.89
N TYR K 160 -49.74 3.97 -116.45
CA TYR K 160 -50.17 2.78 -115.74
C TYR K 160 -49.48 1.52 -116.28
N ARG K 161 -49.15 0.60 -115.38
CA ARG K 161 -48.50 -0.64 -115.74
C ARG K 161 -49.54 -1.71 -116.10
N ASP K 162 -50.18 -1.54 -117.25
CA ASP K 162 -51.27 -2.43 -117.65
C ASP K 162 -50.79 -3.86 -117.95
N THR K 163 -51.46 -4.83 -117.35
CA THR K 163 -51.09 -6.23 -117.49
C THR K 163 -51.96 -7.01 -118.49
N ASP K 164 -53.27 -6.78 -118.47
CA ASP K 164 -54.16 -7.48 -119.38
C ASP K 164 -55.23 -6.55 -119.95
N VAL K 165 -55.67 -6.87 -121.15
CA VAL K 165 -56.85 -6.25 -121.73
C VAL K 165 -57.91 -7.33 -121.96
N GLU K 166 -59.17 -6.95 -121.82
CA GLU K 166 -60.28 -7.86 -122.06
C GLU K 166 -61.43 -7.13 -122.74
N TYR K 167 -61.91 -7.66 -123.86
CA TYR K 167 -63.04 -7.07 -124.56
C TYR K 167 -64.38 -7.66 -124.08
N LEU K 168 -65.37 -6.80 -123.86
CA LEU K 168 -66.66 -7.20 -123.31
C LEU K 168 -67.83 -6.60 -124.09
N GLU K 169 -68.92 -7.35 -124.20
CA GLU K 169 -70.16 -6.77 -124.71
C GLU K 169 -71.25 -6.98 -123.68
N ILE K 170 -71.51 -5.95 -122.87
CA ILE K 170 -72.41 -6.05 -121.73
C ILE K 170 -73.60 -5.11 -121.89
N VAL K 171 -74.69 -5.42 -121.19
CA VAL K 171 -75.88 -4.58 -121.24
C VAL K 171 -75.89 -3.55 -120.10
N ARG K 172 -75.87 -2.27 -120.47
CA ARG K 172 -75.95 -1.19 -119.51
C ARG K 172 -77.40 -0.81 -119.27
N THR K 173 -77.87 -0.96 -118.04
CA THR K 173 -79.26 -0.64 -117.69
C THR K 173 -79.54 0.85 -117.99
N PRO K 174 -80.65 1.15 -118.63
CA PRO K 174 -81.69 0.21 -119.06
C PRO K 174 -81.70 -0.14 -120.54
N GLN K 175 -80.53 -0.20 -121.17
CA GLN K 175 -80.47 -0.62 -122.57
C GLN K 175 -80.86 -2.09 -122.70
N THR K 176 -81.04 -2.54 -123.94
CA THR K 176 -81.41 -3.92 -124.21
C THR K 176 -80.39 -4.58 -125.11
N LEU K 177 -79.41 -3.80 -125.56
CA LEU K 177 -78.39 -4.31 -126.47
C LEU K 177 -77.01 -4.26 -125.84
N ARG K 178 -76.21 -5.29 -126.12
CA ARG K 178 -74.85 -5.36 -125.59
C ARG K 178 -73.93 -4.37 -126.31
N THR K 179 -73.19 -3.59 -125.52
CA THR K 179 -72.29 -2.58 -126.06
C THR K 179 -70.82 -2.91 -125.75
N PRO K 180 -69.92 -2.56 -126.68
CA PRO K 180 -68.49 -2.87 -126.52
C PRO K 180 -67.86 -2.25 -125.27
N HIS K 181 -67.06 -3.06 -124.57
CA HIS K 181 -66.36 -2.61 -123.37
C HIS K 181 -64.93 -3.15 -123.35
N LEU K 182 -64.07 -2.45 -122.61
CA LEU K 182 -62.70 -2.90 -122.38
C LEU K 182 -62.40 -2.91 -120.88
N ILE K 183 -61.66 -3.92 -120.45
CA ILE K 183 -61.22 -3.99 -119.07
C ILE K 183 -59.70 -4.01 -119.01
N LEU K 184 -59.11 -3.10 -118.24
CA LEU K 184 -57.66 -3.06 -118.09
C LEU K 184 -57.25 -3.45 -116.68
N SER K 185 -56.27 -4.34 -116.59
CA SER K 185 -55.71 -4.74 -115.31
C SER K 185 -54.28 -4.22 -115.19
N SER K 186 -53.98 -3.54 -114.09
CA SER K 186 -52.64 -2.99 -113.88
C SER K 186 -52.09 -3.32 -112.49
N SER K 187 -50.77 -3.31 -112.35
CA SER K 187 -50.12 -3.68 -111.10
C SER K 187 -50.51 -2.77 -109.94
N SER K 188 -50.89 -3.40 -108.83
CA SER K 188 -51.29 -2.70 -107.61
C SER K 188 -52.39 -1.67 -107.88
N GLN K 189 -53.35 -2.05 -108.72
CA GLN K 189 -54.39 -1.12 -109.12
C GLN K 189 -55.71 -1.86 -109.34
N ARG K 190 -56.82 -1.13 -109.31
CA ARG K 190 -58.14 -1.73 -109.55
C ARG K 190 -58.41 -1.84 -111.04
N PRO K 191 -59.13 -2.90 -111.45
CA PRO K 191 -59.53 -3.06 -112.84
C PRO K 191 -60.39 -1.89 -113.31
N VAL K 192 -60.18 -1.47 -114.57
CA VAL K 192 -60.90 -0.34 -115.11
C VAL K 192 -61.80 -0.78 -116.27
N ILE K 193 -63.05 -0.32 -116.26
CA ILE K 193 -64.01 -0.65 -117.30
C ILE K 193 -64.25 0.53 -118.23
N TYR K 194 -63.84 0.39 -119.49
CA TYR K 194 -64.07 1.43 -120.48
C TYR K 194 -65.29 1.11 -121.32
N GLN K 195 -66.08 2.13 -121.64
CA GLN K 195 -67.25 1.95 -122.48
C GLN K 195 -67.03 2.56 -123.85
N TRP K 196 -67.52 1.90 -124.88
CA TRP K 196 -67.36 2.38 -126.25
C TRP K 196 -68.34 3.49 -126.57
N ASN K 197 -67.83 4.56 -127.15
CA ASN K 197 -68.66 5.67 -127.59
C ASN K 197 -68.64 5.77 -129.11
N LYS K 198 -69.79 5.51 -129.73
CA LYS K 198 -69.92 5.50 -131.18
C LYS K 198 -69.72 6.89 -131.78
N ALA K 199 -70.15 7.93 -131.06
CA ALA K 199 -70.05 9.30 -131.55
C ALA K 199 -68.60 9.74 -131.76
N THR K 200 -67.75 9.48 -130.77
CA THR K 200 -66.36 9.90 -130.83
C THR K 200 -65.45 8.76 -131.29
N GLN K 201 -66.04 7.57 -131.45
CA GLN K 201 -65.32 6.39 -131.92
C GLN K 201 -64.12 6.05 -131.04
N LEU K 202 -64.33 6.12 -129.73
CA LEU K 202 -63.27 5.77 -128.79
C LEU K 202 -63.86 5.44 -127.42
N PHE K 203 -63.09 4.69 -126.63
CA PHE K 203 -63.55 4.25 -125.32
C PHE K 203 -63.43 5.36 -124.26
N THR K 204 -64.51 5.58 -123.50
CA THR K 204 -64.52 6.60 -122.46
C THR K 204 -65.30 6.15 -121.21
N ASN K 205 -65.58 7.08 -120.32
CA ASN K 205 -66.37 6.82 -119.10
C ASN K 205 -65.84 5.63 -118.32
N GLN K 206 -64.59 5.71 -117.91
CA GLN K 206 -63.95 4.59 -117.26
C GLN K 206 -64.44 4.45 -115.84
N THR K 207 -64.58 3.21 -115.40
CA THR K 207 -65.06 2.92 -114.06
C THR K 207 -64.22 1.82 -113.46
N ASP K 208 -63.94 1.90 -112.17
CA ASP K 208 -63.16 0.87 -111.52
C ASP K 208 -64.06 -0.29 -111.08
N ILE K 209 -63.48 -1.48 -111.00
CA ILE K 209 -64.18 -2.60 -110.39
C ILE K 209 -63.77 -2.57 -108.92
N PRO K 210 -64.71 -2.23 -108.04
CA PRO K 210 -64.39 -1.97 -106.62
C PRO K 210 -63.99 -3.18 -105.79
N ASN K 211 -63.16 -2.90 -104.78
CA ASN K 211 -62.70 -3.86 -103.75
C ASN K 211 -61.63 -4.83 -104.21
N MET K 212 -61.27 -4.81 -105.48
CA MET K 212 -60.18 -5.70 -105.88
C MET K 212 -59.03 -5.01 -106.56
N GLU K 213 -57.89 -5.12 -105.90
CA GLU K 213 -56.64 -4.57 -106.35
C GLU K 213 -55.74 -5.79 -106.50
N ASP K 214 -54.64 -5.61 -107.24
CA ASP K 214 -53.65 -6.66 -107.51
C ASP K 214 -54.21 -7.69 -108.48
N VAL K 215 -55.25 -7.32 -109.21
CA VAL K 215 -55.79 -8.21 -110.23
C VAL K 215 -54.81 -8.32 -111.39
N TYR K 216 -54.49 -9.54 -111.80
CA TYR K 216 -53.56 -9.75 -112.90
C TYR K 216 -54.26 -9.72 -114.25
N ALA K 217 -55.39 -10.41 -114.34
CA ALA K 217 -56.10 -10.50 -115.61
C ALA K 217 -57.59 -10.74 -115.40
N VAL K 218 -58.36 -10.37 -116.41
CA VAL K 218 -59.81 -10.56 -116.39
C VAL K 218 -60.25 -11.27 -117.67
N LYS K 219 -61.05 -12.32 -117.53
CA LYS K 219 -61.58 -13.02 -118.69
C LYS K 219 -63.06 -13.33 -118.51
N HIS K 220 -63.83 -13.13 -119.56
CA HIS K 220 -65.28 -13.22 -119.46
C HIS K 220 -65.84 -14.46 -120.16
N PHE K 221 -67.05 -14.84 -119.73
CA PHE K 221 -67.77 -15.92 -120.37
C PHE K 221 -69.26 -15.66 -120.23
N SER K 222 -70.06 -16.31 -121.08
CA SER K 222 -71.50 -16.12 -121.03
C SER K 222 -72.24 -17.45 -121.02
N VAL K 223 -73.06 -17.64 -119.99
CA VAL K 223 -73.94 -18.80 -119.91
C VAL K 223 -75.35 -18.33 -119.52
N LYS K 224 -76.37 -18.94 -120.13
CA LYS K 224 -77.77 -18.62 -119.84
C LYS K 224 -78.09 -17.16 -120.16
N GLY K 225 -77.31 -16.54 -121.04
CA GLY K 225 -77.53 -15.17 -121.45
C GLY K 225 -76.86 -14.13 -120.57
N ASP K 226 -76.60 -14.50 -119.32
CA ASP K 226 -75.93 -13.60 -118.38
C ASP K 226 -74.44 -13.49 -118.67
N VAL K 227 -73.85 -12.38 -118.26
CA VAL K 227 -72.42 -12.17 -118.50
C VAL K 227 -71.60 -12.22 -117.22
N TYR K 228 -70.55 -13.02 -117.23
CA TYR K 228 -69.70 -13.18 -116.06
C TYR K 228 -68.23 -12.87 -116.38
N ILE K 229 -67.43 -12.68 -115.35
CA ILE K 229 -65.99 -12.50 -115.54
C ILE K 229 -65.19 -13.31 -114.51
N CYS K 230 -63.97 -13.65 -114.89
CA CYS K 230 -63.04 -14.34 -113.99
C CYS K 230 -61.87 -13.42 -113.66
N LEU K 231 -61.70 -13.12 -112.38
CA LEU K 231 -60.62 -12.25 -111.90
C LEU K 231 -59.44 -13.07 -111.42
N THR K 232 -58.25 -12.79 -111.96
CA THR K 232 -57.05 -13.54 -111.59
C THR K 232 -56.11 -12.72 -110.71
N ARG K 233 -55.76 -13.29 -109.56
CA ARG K 233 -54.74 -12.74 -108.69
C ARG K 233 -53.63 -13.79 -108.52
N PHE K 234 -52.41 -13.36 -108.22
CA PHE K 234 -51.30 -14.29 -108.06
C PHE K 234 -51.38 -15.02 -106.72
N ILE K 235 -51.46 -14.24 -105.65
CA ILE K 235 -51.63 -14.79 -104.31
C ILE K 235 -52.91 -14.21 -103.74
N GLY K 236 -53.47 -14.88 -102.73
CA GLY K 236 -54.74 -14.44 -102.19
C GLY K 236 -55.84 -15.31 -102.76
N ASP K 237 -56.99 -14.68 -103.05
CA ASP K 237 -58.14 -15.41 -103.57
C ASP K 237 -58.60 -14.84 -104.92
N SER K 238 -58.70 -15.70 -105.93
CA SER K 238 -59.28 -15.32 -107.21
C SER K 238 -60.79 -15.22 -107.07
N LYS K 239 -61.42 -14.43 -107.94
CA LYS K 239 -62.84 -14.14 -107.80
C LYS K 239 -63.61 -14.39 -109.09
N VAL K 240 -64.89 -14.73 -108.93
CA VAL K 240 -65.81 -14.85 -110.06
C VAL K 240 -66.96 -13.89 -109.86
N MET K 241 -67.27 -13.10 -110.88
CA MET K 241 -68.28 -12.06 -110.75
C MET K 241 -69.36 -12.10 -111.83
N LYS K 242 -70.57 -11.70 -111.46
CA LYS K 242 -71.67 -11.60 -112.42
C LYS K 242 -71.97 -10.14 -112.73
N TRP K 243 -72.25 -9.85 -113.99
CA TRP K 243 -72.67 -8.50 -114.37
C TRP K 243 -74.19 -8.39 -114.26
N GLY K 244 -74.65 -7.44 -113.45
CA GLY K 244 -76.07 -7.24 -113.25
C GLY K 244 -76.50 -5.79 -113.37
N GLY K 245 -76.46 -5.27 -114.59
CA GLY K 245 -76.95 -3.94 -114.87
C GLY K 245 -75.91 -2.84 -114.78
N SER K 246 -75.55 -2.45 -113.57
CA SER K 246 -74.67 -1.30 -113.37
C SER K 246 -73.23 -1.69 -113.00
N SER K 247 -73.08 -2.81 -112.30
CA SER K 247 -71.76 -3.21 -111.81
C SER K 247 -71.65 -4.72 -111.64
N PHE K 248 -70.44 -5.20 -111.39
CA PHE K 248 -70.21 -6.62 -111.16
C PHE K 248 -70.52 -6.99 -109.71
N GLN K 249 -71.05 -8.20 -109.52
CA GLN K 249 -71.44 -8.68 -108.21
C GLN K 249 -70.71 -9.97 -107.86
N ASP K 250 -70.45 -10.18 -106.57
CA ASP K 250 -69.73 -11.36 -106.11
C ASP K 250 -70.54 -12.64 -106.26
N ILE K 251 -69.90 -13.67 -106.81
CA ILE K 251 -70.50 -15.00 -106.90
C ILE K 251 -69.75 -15.99 -106.01
N GLN K 252 -68.45 -16.07 -106.20
CA GLN K 252 -67.61 -16.99 -105.45
C GLN K 252 -66.16 -16.55 -105.49
N ARG K 253 -65.31 -17.26 -104.75
CA ARG K 253 -63.89 -16.99 -104.75
C ARG K 253 -63.10 -18.26 -104.44
N MET K 254 -61.85 -18.30 -104.89
CA MET K 254 -60.99 -19.47 -104.69
C MET K 254 -59.56 -19.07 -104.36
N PRO K 255 -58.85 -19.90 -103.59
CA PRO K 255 -57.47 -19.58 -103.20
C PRO K 255 -56.51 -19.68 -104.38
N SER K 256 -55.74 -18.63 -104.59
CA SER K 256 -54.76 -18.59 -105.67
C SER K 256 -53.36 -18.83 -105.14
N ARG K 257 -52.80 -19.98 -105.48
CA ARG K 257 -51.45 -20.31 -105.06
C ARG K 257 -50.49 -20.08 -106.22
N GLY K 258 -50.08 -18.82 -106.40
CA GLY K 258 -49.20 -18.46 -107.49
C GLY K 258 -49.88 -18.62 -108.84
N SER K 259 -51.06 -18.01 -108.98
CA SER K 259 -51.84 -18.16 -110.19
C SER K 259 -51.55 -17.08 -111.23
N MET K 260 -51.55 -17.47 -112.49
CA MET K 260 -51.35 -16.53 -113.58
C MET K 260 -52.51 -16.59 -114.56
N VAL K 261 -53.35 -17.61 -114.43
CA VAL K 261 -54.50 -17.79 -115.32
C VAL K 261 -55.74 -18.26 -114.61
N PHE K 262 -56.87 -17.68 -115.01
CA PHE K 262 -58.17 -18.15 -114.63
C PHE K 262 -59.08 -18.05 -115.85
N GLN K 263 -58.93 -19.01 -116.75
CA GLN K 263 -59.58 -18.97 -118.07
C GLN K 263 -60.86 -19.76 -118.18
N PRO K 264 -61.96 -19.07 -118.53
CA PRO K 264 -63.22 -19.74 -118.82
C PRO K 264 -63.19 -20.38 -120.20
N LEU K 265 -63.76 -21.58 -120.31
CA LEU K 265 -63.81 -22.29 -121.58
C LEU K 265 -65.16 -22.95 -121.76
N GLN K 266 -65.68 -22.89 -122.98
CA GLN K 266 -66.95 -23.52 -123.31
C GLN K 266 -66.80 -24.61 -124.35
N ILE K 267 -66.95 -25.85 -123.91
CA ILE K 267 -66.87 -26.99 -124.81
C ILE K 267 -68.17 -27.77 -124.85
N ASN K 268 -68.76 -27.92 -126.04
CA ASN K 268 -69.96 -28.71 -126.23
C ASN K 268 -71.08 -28.36 -125.24
N ASN K 269 -71.34 -27.07 -125.06
CA ASN K 269 -72.37 -26.59 -124.14
C ASN K 269 -72.01 -26.80 -122.67
N TYR K 270 -70.74 -27.10 -122.42
CA TYR K 270 -70.24 -27.19 -121.05
C TYR K 270 -69.35 -25.99 -120.74
N GLN K 271 -69.66 -25.31 -119.64
CA GLN K 271 -68.88 -24.14 -119.26
C GLN K 271 -67.81 -24.54 -118.26
N TYR K 272 -66.55 -24.43 -118.66
CA TYR K 272 -65.44 -24.78 -117.80
C TYR K 272 -64.65 -23.54 -117.38
N ALA K 273 -63.87 -23.69 -116.32
CA ALA K 273 -62.98 -22.61 -115.87
C ALA K 273 -61.73 -23.22 -115.27
N ILE K 274 -60.58 -22.93 -115.90
CA ILE K 274 -59.32 -23.53 -115.48
C ILE K 274 -58.46 -22.54 -114.70
N LEU K 275 -58.31 -22.80 -113.41
CA LEU K 275 -57.48 -21.97 -112.55
C LEU K 275 -56.08 -22.54 -112.45
N GLY K 276 -55.12 -21.84 -113.04
CA GLY K 276 -53.74 -22.27 -113.03
C GLY K 276 -53.03 -21.98 -111.72
N SER K 277 -51.91 -22.66 -111.50
CA SER K 277 -51.12 -22.47 -110.29
C SER K 277 -49.65 -22.81 -110.53
N ASP K 278 -48.76 -21.98 -109.99
CA ASP K 278 -47.33 -22.22 -110.12
C ASP K 278 -46.83 -23.09 -108.97
N TYR K 279 -47.51 -22.99 -107.83
CA TYR K 279 -47.08 -23.68 -106.62
C TYR K 279 -47.80 -25.01 -106.46
N SER K 280 -49.04 -25.08 -106.93
CA SER K 280 -49.89 -26.21 -106.63
C SER K 280 -50.56 -26.80 -107.86
N PHE K 281 -51.56 -27.65 -107.63
CA PHE K 281 -52.28 -28.31 -108.71
C PHE K 281 -53.20 -27.33 -109.45
N THR K 282 -53.22 -27.45 -110.78
CA THR K 282 -54.14 -26.66 -111.59
C THR K 282 -55.54 -27.24 -111.45
N GLN K 283 -56.49 -26.41 -111.01
CA GLN K 283 -57.86 -26.86 -110.78
C GLN K 283 -58.79 -26.51 -111.93
N VAL K 284 -59.47 -27.52 -112.46
CA VAL K 284 -60.47 -27.30 -113.50
C VAL K 284 -61.85 -27.23 -112.87
N TYR K 285 -62.62 -26.21 -113.23
CA TYR K 285 -63.98 -26.04 -112.70
C TYR K 285 -65.02 -26.23 -113.79
N ASN K 286 -66.19 -26.70 -113.40
CA ASN K 286 -67.33 -26.77 -114.30
C ASN K 286 -68.52 -26.00 -113.73
N TRP K 287 -69.35 -25.44 -114.62
CA TRP K 287 -70.50 -24.67 -114.18
C TRP K 287 -71.64 -25.53 -113.69
N ASP K 288 -72.17 -25.18 -112.53
CA ASP K 288 -73.30 -25.88 -111.93
C ASP K 288 -74.57 -25.04 -112.08
N ALA K 289 -75.58 -25.62 -112.71
CA ALA K 289 -76.80 -24.87 -113.06
C ALA K 289 -77.63 -24.48 -111.84
N GLU K 290 -77.73 -25.39 -110.88
CA GLU K 290 -78.55 -25.13 -109.69
C GLU K 290 -77.89 -24.13 -108.75
N LYS K 291 -76.59 -24.30 -108.54
CA LYS K 291 -75.86 -23.41 -107.65
C LYS K 291 -75.53 -22.08 -108.31
N ALA K 292 -75.52 -22.07 -109.63
CA ALA K 292 -75.10 -20.89 -110.40
C ALA K 292 -73.70 -20.49 -109.93
N LYS K 293 -72.80 -21.46 -109.94
CA LYS K 293 -71.47 -21.29 -109.37
C LYS K 293 -70.55 -22.35 -109.97
N PHE K 294 -69.23 -22.18 -109.82
CA PHE K 294 -68.28 -23.18 -110.28
C PHE K 294 -67.99 -24.21 -109.19
N VAL K 295 -67.93 -25.48 -109.58
CA VAL K 295 -67.58 -26.55 -108.65
C VAL K 295 -66.36 -27.33 -109.13
N LYS K 296 -65.69 -27.99 -108.20
CA LYS K 296 -64.49 -28.76 -108.50
C LYS K 296 -64.76 -29.86 -109.51
N PHE K 297 -63.86 -30.03 -110.47
CA PHE K 297 -64.06 -31.01 -111.53
C PHE K 297 -62.88 -31.98 -111.65
N GLN K 298 -61.80 -31.53 -112.29
CA GLN K 298 -60.61 -32.36 -112.48
C GLN K 298 -59.36 -31.59 -112.07
N GLU K 299 -58.33 -32.30 -111.64
CA GLU K 299 -57.10 -31.65 -111.24
C GLU K 299 -55.99 -31.93 -112.25
N LEU K 300 -55.45 -30.89 -112.87
CA LEU K 300 -54.39 -31.07 -113.87
C LEU K 300 -52.99 -30.85 -113.27
N ASN K 301 -51.98 -31.23 -114.03
CA ASN K 301 -50.60 -31.09 -113.55
C ASN K 301 -49.72 -30.50 -114.62
N VAL K 302 -49.56 -29.19 -114.57
CA VAL K 302 -48.74 -28.48 -115.53
C VAL K 302 -47.82 -27.51 -114.79
N GLN K 303 -46.58 -27.38 -115.25
CA GLN K 303 -45.62 -26.49 -114.59
C GLN K 303 -45.81 -25.04 -115.01
N ALA K 304 -46.25 -24.21 -114.05
CA ALA K 304 -46.44 -22.78 -114.28
C ALA K 304 -47.25 -22.46 -115.53
N PRO K 305 -48.56 -22.76 -115.50
CA PRO K 305 -49.42 -22.47 -116.65
C PRO K 305 -49.58 -20.98 -116.89
N ARG K 306 -49.52 -20.59 -118.16
CA ARG K 306 -49.62 -19.19 -118.55
C ARG K 306 -50.88 -18.90 -119.36
N SER K 307 -51.49 -19.95 -119.90
CA SER K 307 -52.73 -19.79 -120.66
C SER K 307 -53.46 -21.11 -120.88
N PHE K 308 -54.75 -21.03 -121.18
CA PHE K 308 -55.54 -22.20 -121.55
C PHE K 308 -56.47 -21.88 -122.72
N THR K 309 -56.30 -22.58 -123.83
CA THR K 309 -57.10 -22.32 -125.03
C THR K 309 -57.77 -23.57 -125.57
N HIS K 310 -59.02 -23.42 -126.02
CA HIS K 310 -59.79 -24.52 -126.57
C HIS K 310 -59.68 -24.58 -128.09
N VAL K 311 -59.35 -25.76 -128.61
CA VAL K 311 -59.26 -25.99 -130.04
C VAL K 311 -60.26 -27.05 -130.51
N SER K 312 -61.18 -26.66 -131.39
CA SER K 312 -62.22 -27.55 -131.87
C SER K 312 -61.99 -28.03 -133.30
N ILE K 313 -61.79 -29.34 -133.45
CA ILE K 313 -61.59 -29.98 -134.75
C ILE K 313 -62.42 -31.25 -134.96
N ASN K 314 -63.34 -31.25 -135.93
CA ASN K 314 -64.11 -32.46 -136.29
C ASN K 314 -64.78 -33.18 -135.12
N LYS K 315 -65.54 -32.46 -134.29
CA LYS K 315 -66.20 -33.08 -133.14
C LYS K 315 -65.18 -33.52 -132.08
N ARG K 316 -63.92 -33.16 -132.30
CA ARG K 316 -62.84 -33.47 -131.36
C ARG K 316 -62.45 -32.17 -130.66
N ASN K 317 -62.38 -32.21 -129.34
CA ASN K 317 -62.06 -31.01 -128.59
C ASN K 317 -60.73 -31.13 -127.85
N PHE K 318 -59.81 -30.21 -128.13
CA PHE K 318 -58.49 -30.24 -127.51
C PHE K 318 -58.32 -29.07 -126.56
N LEU K 319 -57.49 -29.28 -125.55
CA LEU K 319 -57.18 -28.26 -124.55
C LEU K 319 -55.66 -28.04 -124.50
N PHE K 320 -55.22 -26.88 -124.95
CA PHE K 320 -53.79 -26.55 -124.95
C PHE K 320 -53.37 -25.83 -123.67
N ALA K 321 -52.32 -26.32 -123.03
CA ALA K 321 -51.85 -25.73 -121.79
C ALA K 321 -50.38 -25.28 -121.90
N SER K 322 -50.17 -23.98 -121.81
CA SER K 322 -48.83 -23.42 -121.94
C SER K 322 -48.02 -23.62 -120.65
N SER K 323 -46.72 -23.84 -120.79
CA SER K 323 -45.83 -24.02 -119.64
C SER K 323 -44.67 -23.04 -119.74
N PHE K 324 -44.40 -22.32 -118.66
CA PHE K 324 -43.34 -21.33 -118.67
C PHE K 324 -41.98 -21.95 -118.33
N LYS K 325 -41.99 -23.06 -117.60
CA LYS K 325 -40.75 -23.72 -117.23
C LYS K 325 -40.70 -25.18 -117.67
N GLY K 326 -41.87 -25.82 -117.72
CA GLY K 326 -41.95 -27.21 -118.13
C GLY K 326 -42.36 -27.36 -119.59
N ASN K 327 -42.97 -28.49 -119.92
CA ASN K 327 -43.43 -28.73 -121.28
C ASN K 327 -44.89 -28.35 -121.47
N THR K 328 -45.19 -27.70 -122.59
CA THR K 328 -46.56 -27.37 -122.93
C THR K 328 -47.34 -28.64 -123.26
N GLN K 329 -48.55 -28.74 -122.73
CA GLN K 329 -49.32 -29.98 -122.81
C GLN K 329 -50.61 -29.81 -123.61
N ILE K 330 -50.93 -30.83 -124.40
CA ILE K 330 -52.20 -30.87 -125.13
C ILE K 330 -53.12 -31.92 -124.51
N TYR K 331 -54.37 -31.56 -124.27
CA TYR K 331 -55.32 -32.46 -123.65
C TYR K 331 -56.48 -32.83 -124.58
N LYS K 332 -57.05 -34.02 -124.36
CA LYS K 332 -58.22 -34.45 -125.10
C LYS K 332 -59.48 -34.37 -124.24
N HIS K 333 -60.55 -33.81 -124.80
CA HIS K 333 -61.82 -33.74 -124.09
C HIS K 333 -62.76 -34.85 -124.57
N VAL K 334 -63.00 -35.82 -123.70
CA VAL K 334 -63.84 -36.96 -124.05
C VAL K 334 -65.04 -37.05 -123.12
N THR L 7 -25.34 17.57 -68.22
CA THR L 7 -24.96 16.39 -67.46
C THR L 7 -24.66 15.19 -68.37
N GLU L 8 -24.34 14.06 -67.75
CA GLU L 8 -23.99 12.85 -68.49
C GLU L 8 -24.04 11.63 -67.58
N PHE L 9 -24.37 10.47 -68.14
CA PHE L 9 -24.33 9.21 -67.41
C PHE L 9 -23.01 8.49 -67.66
N ALA L 10 -22.08 8.61 -66.72
CA ALA L 10 -20.78 7.96 -66.84
C ALA L 10 -20.83 6.56 -66.23
N LYS L 11 -20.02 5.64 -66.76
CA LYS L 11 -20.02 4.25 -66.31
C LYS L 11 -19.27 4.07 -64.99
N SER L 12 -20.00 3.63 -63.95
CA SER L 12 -19.41 3.40 -62.64
C SER L 12 -18.67 2.08 -62.57
N GLN L 13 -19.40 0.98 -62.76
CA GLN L 13 -18.82 -0.36 -62.71
C GLN L 13 -19.70 -1.38 -63.43
N ASP L 14 -19.11 -2.51 -63.80
CA ASP L 14 -19.86 -3.57 -64.49
C ASP L 14 -19.94 -4.84 -63.65
N LEU L 15 -21.14 -5.17 -63.19
CA LEU L 15 -21.34 -6.37 -62.40
C LEU L 15 -21.39 -7.60 -63.32
N PRO L 16 -20.47 -8.55 -63.10
CA PRO L 16 -20.28 -9.72 -63.98
C PRO L 16 -21.41 -10.74 -63.92
N TYR L 17 -22.65 -10.31 -64.05
CA TYR L 17 -23.78 -11.23 -64.11
C TYR L 17 -25.04 -10.61 -64.73
N GLN L 18 -26.01 -11.47 -65.03
CA GLN L 18 -27.25 -11.03 -65.68
C GLN L 18 -28.33 -10.71 -64.65
N SER L 19 -29.32 -9.93 -65.07
CA SER L 19 -30.40 -9.53 -64.17
C SER L 19 -31.68 -9.21 -64.94
N LEU L 20 -32.80 -9.31 -64.25
CA LEU L 20 -34.10 -9.01 -64.86
C LEU L 20 -34.67 -7.71 -64.31
N SER L 21 -34.91 -7.68 -63.00
CA SER L 21 -35.47 -6.50 -62.37
C SER L 21 -34.60 -5.98 -61.25
N ILE L 22 -34.38 -4.67 -61.21
CA ILE L 22 -33.60 -4.03 -60.15
C ILE L 22 -34.46 -3.08 -59.33
N ASP L 23 -34.39 -3.20 -58.02
CA ASP L 23 -35.18 -2.34 -57.14
C ASP L 23 -34.33 -1.74 -56.03
N THR L 24 -34.76 -0.58 -55.55
CA THR L 24 -34.06 0.09 -54.46
C THR L 24 -35.03 0.43 -53.33
N PHE L 25 -34.51 0.51 -52.12
CA PHE L 25 -35.32 0.87 -50.98
C PHE L 25 -34.47 1.49 -49.87
N SER L 26 -35.13 2.00 -48.85
CA SER L 26 -34.44 2.62 -47.72
C SER L 26 -34.76 1.87 -46.44
N TYR L 27 -33.74 1.30 -45.83
CA TYR L 27 -33.90 0.54 -44.59
C TYR L 27 -33.00 1.10 -43.49
N LEU L 28 -33.63 1.61 -42.42
CA LEU L 28 -32.93 2.19 -41.28
C LEU L 28 -31.99 3.32 -41.70
N ASN L 29 -32.50 4.19 -42.56
CA ASN L 29 -31.80 5.37 -43.07
C ASN L 29 -30.58 5.02 -43.91
N ASP L 30 -30.62 3.86 -44.53
CA ASP L 30 -29.55 3.43 -45.42
C ASP L 30 -30.17 3.05 -46.76
N GLU L 31 -29.40 3.21 -47.83
CA GLU L 31 -29.92 2.90 -49.16
C GLU L 31 -29.43 1.53 -49.64
N TYR L 32 -30.37 0.67 -50.02
CA TYR L 32 -30.02 -0.66 -50.50
C TYR L 32 -30.55 -0.92 -51.91
N VAL L 33 -29.95 -1.89 -52.59
CA VAL L 33 -30.38 -2.25 -53.93
C VAL L 33 -30.57 -3.76 -54.05
N VAL L 34 -31.76 -4.18 -54.44
CA VAL L 34 -32.01 -5.61 -54.65
C VAL L 34 -32.08 -5.95 -56.14
N ILE L 35 -31.32 -6.97 -56.55
CA ILE L 35 -31.24 -7.35 -57.94
C ILE L 35 -31.69 -8.80 -58.14
N ALA L 36 -32.67 -8.99 -59.04
CA ALA L 36 -33.20 -10.32 -59.31
C ALA L 36 -32.41 -11.06 -60.39
N GLN L 37 -31.85 -12.21 -60.00
CA GLN L 37 -31.12 -13.06 -60.95
C GLN L 37 -31.98 -14.22 -61.40
N PRO L 38 -32.33 -14.23 -62.69
CA PRO L 38 -33.21 -15.24 -63.29
C PRO L 38 -32.56 -16.62 -63.33
N PHE L 39 -31.34 -16.70 -63.81
CA PHE L 39 -30.72 -17.99 -64.12
C PHE L 39 -30.05 -18.67 -62.93
N THR L 40 -29.64 -17.89 -61.93
CA THR L 40 -29.06 -18.47 -60.73
C THR L 40 -30.13 -18.72 -59.67
N GLY L 41 -31.08 -17.79 -59.57
CA GLY L 41 -32.18 -17.95 -58.65
C GLY L 41 -32.08 -16.98 -57.50
N LYS L 42 -30.93 -16.34 -57.37
CA LYS L 42 -30.66 -15.50 -56.22
C LYS L 42 -31.33 -14.14 -56.34
N CYS L 43 -31.79 -13.63 -55.20
CA CYS L 43 -32.16 -12.23 -55.09
C CYS L 43 -30.99 -11.53 -54.42
N ILE L 44 -30.17 -10.85 -55.22
CA ILE L 44 -28.95 -10.24 -54.71
C ILE L 44 -29.19 -8.86 -54.14
N PHE L 45 -28.93 -8.69 -52.84
CA PHE L 45 -29.04 -7.39 -52.18
C PHE L 45 -27.69 -6.69 -52.12
N LEU L 46 -27.64 -5.46 -52.62
CA LEU L 46 -26.41 -4.69 -52.63
C LEU L 46 -26.42 -3.61 -51.56
N GLU L 47 -25.25 -3.33 -51.00
CA GLU L 47 -25.10 -2.33 -49.97
C GLU L 47 -24.06 -1.31 -50.38
N TRP L 48 -24.24 -0.06 -49.96
CA TRP L 48 -23.33 1.00 -50.34
C TRP L 48 -22.18 1.08 -49.32
N ASP L 49 -20.94 1.02 -49.82
CA ASP L 49 -19.77 1.23 -48.99
C ASP L 49 -19.32 2.68 -49.14
N HIS L 50 -19.48 3.46 -48.07
CA HIS L 50 -19.12 4.87 -48.08
C HIS L 50 -17.61 5.10 -47.96
N VAL L 51 -16.87 4.05 -47.63
CA VAL L 51 -15.42 4.13 -47.54
C VAL L 51 -14.75 4.03 -48.91
N GLU L 52 -15.09 2.98 -49.65
CA GLU L 52 -14.48 2.76 -50.96
C GLU L 52 -15.29 3.33 -52.10
N LYS L 53 -16.46 3.88 -51.75
CA LYS L 53 -17.38 4.44 -52.76
C LYS L 53 -17.81 3.40 -53.82
N THR L 54 -18.00 2.16 -53.40
CA THR L 54 -18.44 1.06 -54.28
C THR L 54 -19.63 0.33 -53.67
N PHE L 55 -20.22 -0.63 -54.38
CA PHE L 55 -21.38 -1.35 -53.85
C PHE L 55 -21.00 -2.75 -53.40
N ARG L 56 -21.26 -3.08 -52.14
CA ARG L 56 -20.93 -4.41 -51.61
C ARG L 56 -22.03 -5.40 -51.92
N ASN L 57 -21.85 -6.62 -51.42
CA ASN L 57 -22.88 -7.62 -51.51
C ASN L 57 -23.47 -7.92 -50.15
N TYR L 58 -24.59 -7.27 -49.86
CA TYR L 58 -25.23 -7.34 -48.56
C TYR L 58 -25.67 -8.77 -48.20
N ASP L 59 -26.60 -9.31 -48.98
CA ASP L 59 -27.15 -10.64 -48.71
C ASP L 59 -27.80 -11.21 -49.97
N ASN L 60 -28.11 -12.50 -49.94
CA ASN L 60 -28.82 -13.14 -51.04
C ASN L 60 -30.11 -13.81 -50.56
N ILE L 61 -31.03 -14.03 -51.50
CA ILE L 61 -32.20 -14.85 -51.24
C ILE L 61 -32.35 -15.87 -52.36
N THR L 62 -32.26 -17.15 -52.02
CA THR L 62 -32.32 -18.20 -53.03
C THR L 62 -33.73 -18.64 -53.33
N GLY L 63 -34.11 -18.56 -54.60
CA GLY L 63 -35.42 -18.99 -55.04
C GLY L 63 -35.40 -19.26 -56.53
N THR L 64 -35.83 -20.45 -56.91
CA THR L 64 -35.68 -20.90 -58.28
C THR L 64 -36.33 -19.97 -59.33
N SER L 65 -35.53 -19.53 -60.30
CA SER L 65 -35.98 -18.68 -61.42
C SER L 65 -36.77 -17.45 -60.99
N THR L 66 -36.11 -16.51 -60.32
CA THR L 66 -36.75 -15.28 -59.85
C THR L 66 -36.95 -14.27 -60.97
N VAL L 67 -38.09 -13.59 -60.93
CA VAL L 67 -38.42 -12.57 -61.92
C VAL L 67 -38.44 -11.18 -61.31
N VAL L 68 -39.09 -11.08 -60.15
CA VAL L 68 -39.20 -9.81 -59.44
C VAL L 68 -38.83 -9.98 -57.96
N CYS L 69 -38.12 -9.00 -57.43
CA CYS L 69 -37.84 -8.96 -55.99
C CYS L 69 -38.26 -7.61 -55.41
N LYS L 70 -39.55 -7.43 -55.17
CA LYS L 70 -40.06 -6.15 -54.70
C LYS L 70 -39.92 -6.00 -53.19
N PRO L 71 -39.22 -4.94 -52.76
CA PRO L 71 -39.08 -4.61 -51.34
C PRO L 71 -40.26 -3.78 -50.84
N ILE L 72 -40.82 -4.14 -49.69
CA ILE L 72 -41.79 -3.28 -49.04
C ILE L 72 -41.32 -2.98 -47.63
N VAL L 73 -41.24 -1.70 -47.29
CA VAL L 73 -40.84 -1.31 -45.94
C VAL L 73 -42.03 -0.71 -45.19
N ILE L 74 -42.54 -1.46 -44.21
CA ILE L 74 -43.64 -0.98 -43.38
C ILE L 74 -43.20 -0.76 -41.93
N GLU L 75 -43.19 0.49 -41.50
CA GLU L 75 -42.85 0.84 -40.12
C GLU L 75 -41.49 0.26 -39.69
N THR L 76 -40.46 0.48 -40.50
CA THR L 76 -39.08 0.03 -40.22
C THR L 76 -38.94 -1.48 -40.42
N GLN L 77 -40.00 -2.12 -40.89
CA GLN L 77 -39.96 -3.55 -41.17
C GLN L 77 -39.72 -3.79 -42.66
N LEU L 78 -38.79 -4.68 -42.99
CA LEU L 78 -38.49 -4.95 -44.39
C LEU L 78 -39.11 -6.26 -44.87
N TYR L 79 -39.86 -6.20 -45.97
CA TYR L 79 -40.45 -7.39 -46.56
C TYR L 79 -40.04 -7.49 -48.02
N VAL L 80 -39.82 -8.72 -48.49
CA VAL L 80 -39.45 -8.93 -49.90
C VAL L 80 -40.39 -9.94 -50.57
N ILE L 81 -41.04 -9.50 -51.65
CA ILE L 81 -41.88 -10.37 -52.45
C ILE L 81 -41.07 -10.98 -53.58
N VAL L 82 -41.00 -12.31 -53.61
CA VAL L 82 -40.19 -12.99 -54.61
C VAL L 82 -41.05 -13.74 -55.61
N ALA L 83 -41.19 -13.17 -56.80
CA ALA L 83 -41.94 -13.79 -57.89
C ALA L 83 -41.05 -14.79 -58.62
N GLN L 84 -41.48 -16.05 -58.65
CA GLN L 84 -40.71 -17.10 -59.30
C GLN L 84 -41.54 -17.82 -60.35
N LEU L 85 -40.89 -18.22 -61.45
CA LEU L 85 -41.56 -18.98 -62.49
C LEU L 85 -41.62 -20.46 -62.16
N PHE L 86 -40.76 -20.88 -61.24
CA PHE L 86 -40.71 -22.28 -60.80
C PHE L 86 -40.88 -22.40 -59.29
N GLY L 87 -41.56 -23.45 -58.85
CA GLY L 87 -41.72 -23.72 -57.43
C GLY L 87 -42.67 -22.82 -56.67
N GLY L 88 -43.10 -21.72 -57.30
CA GLY L 88 -44.05 -20.82 -56.68
C GLY L 88 -43.43 -19.57 -56.08
N SER L 89 -44.27 -18.61 -55.74
CA SER L 89 -43.83 -17.33 -55.19
C SER L 89 -43.90 -17.31 -53.67
N HIS L 90 -43.00 -16.55 -53.05
CA HIS L 90 -42.92 -16.49 -51.59
C HIS L 90 -42.75 -15.09 -51.04
N ILE L 91 -43.01 -14.95 -49.74
CA ILE L 91 -42.83 -13.68 -49.04
C ILE L 91 -41.80 -13.81 -47.93
N TYR L 92 -40.80 -12.93 -47.95
CA TYR L 92 -39.73 -12.97 -46.97
C TYR L 92 -39.80 -11.77 -46.01
N LYS L 93 -39.35 -11.98 -44.77
CA LYS L 93 -39.29 -10.91 -43.79
C LYS L 93 -37.87 -10.80 -43.25
N ARG L 94 -37.35 -9.58 -43.21
CA ARG L 94 -36.02 -9.34 -42.64
C ARG L 94 -36.09 -9.36 -41.12
N ASP L 95 -35.18 -10.11 -40.50
CA ASP L 95 -35.06 -10.15 -39.04
C ASP L 95 -33.85 -9.33 -38.61
N SER L 96 -34.09 -8.32 -37.78
CA SER L 96 -33.02 -7.44 -37.31
C SER L 96 -32.10 -8.16 -36.33
N PHE L 97 -32.67 -9.06 -35.55
CA PHE L 97 -31.92 -9.79 -34.53
C PHE L 97 -31.02 -10.86 -35.14
N ALA L 98 -31.63 -11.80 -35.87
CA ALA L 98 -30.89 -12.91 -36.47
C ALA L 98 -30.09 -12.47 -37.70
N ASN L 99 -30.33 -11.24 -38.15
CA ASN L 99 -29.67 -10.65 -39.31
C ASN L 99 -29.80 -11.52 -40.56
N LYS L 100 -30.99 -12.08 -40.77
CA LYS L 100 -31.25 -12.92 -41.92
C LYS L 100 -32.62 -12.66 -42.54
N PHE L 101 -32.86 -13.24 -43.71
CA PHE L 101 -34.20 -13.21 -44.31
C PHE L 101 -34.90 -14.50 -43.95
N ILE L 102 -36.15 -14.38 -43.53
CA ILE L 102 -36.94 -15.55 -43.17
C ILE L 102 -38.14 -15.70 -44.10
N LYS L 103 -38.38 -16.93 -44.55
CA LYS L 103 -39.55 -17.22 -45.36
C LYS L 103 -40.75 -17.47 -44.45
N ILE L 104 -41.71 -16.56 -44.49
CA ILE L 104 -42.83 -16.59 -43.56
C ILE L 104 -44.18 -16.83 -44.21
N GLN L 105 -44.26 -16.65 -45.53
CA GLN L 105 -45.54 -16.79 -46.22
C GLN L 105 -45.38 -17.32 -47.64
N ASP L 106 -46.33 -18.13 -48.08
CA ASP L 106 -46.30 -18.70 -49.43
C ASP L 106 -47.50 -18.28 -50.26
N ILE L 107 -47.24 -17.75 -51.46
CA ILE L 107 -48.31 -17.48 -52.40
C ILE L 107 -48.72 -18.78 -53.08
N GLU L 108 -50.03 -19.08 -53.05
CA GLU L 108 -50.53 -20.34 -53.58
C GLU L 108 -50.19 -20.48 -55.07
N ILE L 109 -49.62 -21.62 -55.45
CA ILE L 109 -49.07 -21.83 -56.78
C ILE L 109 -50.12 -21.86 -57.88
N LEU L 110 -51.37 -22.14 -57.50
CA LEU L 110 -52.45 -22.23 -58.48
C LEU L 110 -53.02 -20.85 -58.79
N LYS L 111 -52.95 -19.92 -57.84
CA LYS L 111 -53.46 -18.57 -58.03
C LYS L 111 -52.48 -17.70 -58.80
N ILE L 112 -51.20 -17.80 -58.48
CA ILE L 112 -50.17 -17.10 -59.21
C ILE L 112 -49.17 -18.10 -59.81
N ARG L 113 -49.19 -18.22 -61.13
CA ARG L 113 -48.45 -19.27 -61.82
C ARG L 113 -47.30 -18.73 -62.65
N LYS L 114 -47.60 -17.72 -63.45
CA LYS L 114 -46.58 -17.09 -64.30
C LYS L 114 -46.51 -15.59 -64.05
N PRO L 115 -45.94 -15.19 -62.90
CA PRO L 115 -45.81 -13.77 -62.56
C PRO L 115 -44.82 -13.07 -63.49
N ASN L 116 -45.01 -11.78 -63.74
CA ASN L 116 -44.11 -11.05 -64.64
C ASN L 116 -43.72 -9.67 -64.12
N ASP L 117 -44.48 -9.16 -63.15
CA ASP L 117 -44.28 -7.82 -62.62
C ASP L 117 -44.94 -7.69 -61.25
N ILE L 118 -44.27 -7.00 -60.33
CA ILE L 118 -44.86 -6.72 -59.03
C ILE L 118 -44.75 -5.23 -58.74
N GLU L 119 -45.86 -4.63 -58.33
CA GLU L 119 -45.86 -3.22 -57.99
C GLU L 119 -46.41 -3.00 -56.57
N THR L 120 -45.87 -2.01 -55.86
CA THR L 120 -46.34 -1.71 -54.51
C THR L 120 -46.93 -0.30 -54.43
N PHE L 121 -47.90 -0.12 -53.54
CA PHE L 121 -48.52 1.18 -53.32
C PHE L 121 -49.20 1.24 -51.96
N LYS L 122 -49.55 2.46 -51.54
CA LYS L 122 -50.16 2.68 -50.23
C LYS L 122 -51.42 3.51 -50.38
N ILE L 123 -52.55 2.98 -49.92
CA ILE L 123 -53.82 3.68 -49.99
C ILE L 123 -54.44 3.84 -48.61
N GLU L 124 -54.74 5.08 -48.23
CA GLU L 124 -55.29 5.44 -46.91
C GLU L 124 -54.66 4.60 -45.80
N ASN L 125 -53.35 4.76 -45.63
CA ASN L 125 -52.54 4.10 -44.60
C ASN L 125 -52.61 2.56 -44.62
N ASN L 126 -53.06 2.00 -45.75
CA ASN L 126 -53.05 0.55 -45.96
C ASN L 126 -52.06 0.16 -47.05
N TRP L 127 -51.23 -0.85 -46.77
CA TRP L 127 -50.21 -1.29 -47.73
C TRP L 127 -50.68 -2.42 -48.63
N TYR L 128 -50.39 -2.32 -49.92
CA TYR L 128 -50.76 -3.35 -50.88
C TYR L 128 -49.61 -3.68 -51.83
N PHE L 129 -49.77 -4.78 -52.56
CA PHE L 129 -48.92 -5.04 -53.73
C PHE L 129 -49.70 -5.87 -54.73
N VAL L 130 -49.39 -5.70 -56.01
CA VAL L 130 -50.08 -6.40 -57.09
C VAL L 130 -49.09 -7.25 -57.90
N VAL L 131 -49.51 -8.46 -58.27
CA VAL L 131 -48.67 -9.30 -59.09
C VAL L 131 -49.30 -9.57 -60.45
N ALA L 132 -48.66 -9.10 -61.51
CA ALA L 132 -49.11 -9.38 -62.87
C ALA L 132 -48.77 -10.81 -63.23
N ASP L 133 -49.78 -11.59 -63.61
CA ASP L 133 -49.60 -12.96 -64.02
C ASP L 133 -49.81 -13.07 -65.53
N SER L 134 -48.79 -13.52 -66.24
CA SER L 134 -48.85 -13.60 -67.71
C SER L 134 -49.54 -14.89 -68.18
N SER L 135 -49.98 -15.72 -67.25
CA SER L 135 -50.67 -16.94 -67.64
C SER L 135 -52.17 -16.70 -67.70
N LYS L 136 -52.87 -17.57 -68.43
CA LYS L 136 -54.32 -17.47 -68.54
C LYS L 136 -54.99 -17.95 -67.26
N ALA L 137 -54.52 -19.08 -66.74
CA ALA L 137 -55.07 -19.66 -65.52
C ALA L 137 -54.77 -18.82 -64.28
N GLY L 138 -53.63 -18.11 -64.31
CA GLY L 138 -53.25 -17.27 -63.20
C GLY L 138 -53.83 -15.88 -63.31
N PHE L 139 -54.54 -15.46 -62.26
CA PHE L 139 -55.16 -14.13 -62.25
C PHE L 139 -54.29 -13.10 -61.55
N THR L 140 -54.21 -11.91 -62.13
CA THR L 140 -53.52 -10.78 -61.50
C THR L 140 -54.20 -10.48 -60.18
N THR L 141 -53.44 -10.57 -59.09
CA THR L 141 -54.00 -10.49 -57.75
C THR L 141 -53.41 -9.35 -56.93
N ILE L 142 -54.27 -8.65 -56.20
CA ILE L 142 -53.85 -7.63 -55.26
C ILE L 142 -53.81 -8.22 -53.85
N TYR L 143 -52.70 -8.01 -53.15
CA TYR L 143 -52.57 -8.45 -51.76
C TYR L 143 -52.56 -7.26 -50.81
N LYS L 144 -53.01 -7.49 -49.58
CA LYS L 144 -53.12 -6.41 -48.60
C LYS L 144 -52.36 -6.76 -47.33
N TRP L 145 -51.65 -5.77 -46.80
CA TRP L 145 -50.95 -5.92 -45.54
C TRP L 145 -51.94 -5.95 -44.38
N ASN L 146 -51.90 -7.02 -43.60
CA ASN L 146 -52.83 -7.17 -42.48
C ASN L 146 -52.17 -7.27 -41.12
N GLY L 147 -51.03 -6.60 -40.98
CA GLY L 147 -50.33 -6.53 -39.72
C GLY L 147 -49.33 -7.65 -39.50
N ASN L 148 -49.67 -8.85 -39.94
CA ASN L 148 -48.79 -10.00 -39.76
C ASN L 148 -48.23 -10.49 -41.08
N GLY L 149 -49.02 -10.33 -42.14
CA GLY L 149 -48.61 -10.78 -43.46
C GLY L 149 -49.51 -10.21 -44.55
N PHE L 150 -49.41 -10.78 -45.74
CA PHE L 150 -50.21 -10.33 -46.87
C PHE L 150 -51.24 -11.38 -47.26
N TYR L 151 -52.44 -10.93 -47.59
CA TYR L 151 -53.52 -11.81 -47.98
C TYR L 151 -54.26 -11.26 -49.19
N SER L 152 -54.92 -12.14 -49.95
CA SER L 152 -55.63 -11.76 -51.16
C SER L 152 -56.66 -10.68 -50.89
N HIS L 153 -56.75 -9.71 -51.79
CA HIS L 153 -57.71 -8.62 -51.62
C HIS L 153 -58.67 -8.54 -52.82
N GLN L 154 -58.12 -8.69 -54.03
CA GLN L 154 -58.91 -8.58 -55.25
C GLN L 154 -58.16 -9.17 -56.45
N SER L 155 -58.89 -9.88 -57.32
CA SER L 155 -58.32 -10.39 -58.56
C SER L 155 -58.81 -9.56 -59.74
N LEU L 156 -57.95 -9.39 -60.74
CA LEU L 156 -58.28 -8.54 -61.88
C LEU L 156 -57.98 -9.22 -63.21
N HIS L 157 -58.72 -8.84 -64.24
CA HIS L 157 -58.48 -9.29 -65.62
C HIS L 157 -58.44 -10.81 -65.76
N ALA L 158 -59.56 -11.48 -65.48
CA ALA L 158 -59.58 -12.94 -65.60
C ALA L 158 -59.31 -13.40 -67.02
N TRP L 159 -58.52 -14.46 -67.14
CA TRP L 159 -58.14 -15.08 -68.42
C TRP L 159 -57.31 -14.19 -69.35
N TYR L 160 -56.73 -13.12 -68.79
CA TYR L 160 -55.87 -12.24 -69.58
C TYR L 160 -54.42 -12.47 -69.27
N ARG L 161 -53.56 -12.35 -70.28
CA ARG L 161 -52.13 -12.53 -70.10
C ARG L 161 -51.47 -11.21 -69.71
N ASP L 162 -51.68 -10.79 -68.46
CA ASP L 162 -51.16 -9.52 -67.98
C ASP L 162 -49.64 -9.51 -67.86
N THR L 163 -49.03 -8.48 -68.44
CA THR L 163 -47.57 -8.34 -68.46
C THR L 163 -47.02 -7.38 -67.41
N ASP L 164 -47.70 -6.25 -67.22
CA ASP L 164 -47.25 -5.25 -66.26
C ASP L 164 -48.40 -4.65 -65.45
N VAL L 165 -48.10 -4.26 -64.23
CA VAL L 165 -49.00 -3.44 -63.43
C VAL L 165 -48.34 -2.10 -63.15
N GLU L 166 -49.15 -1.05 -63.09
CA GLU L 166 -48.66 0.28 -62.78
C GLU L 166 -49.65 1.04 -61.88
N TYR L 167 -49.17 1.56 -60.76
CA TYR L 167 -50.01 2.33 -59.86
C TYR L 167 -49.97 3.81 -60.23
N LEU L 168 -51.15 4.43 -60.23
CA LEU L 168 -51.30 5.83 -60.63
C LEU L 168 -52.15 6.61 -59.65
N GLU L 169 -51.82 7.89 -59.50
CA GLU L 169 -52.68 8.79 -58.75
C GLU L 169 -53.06 9.94 -59.67
N ILE L 170 -54.29 9.89 -60.17
CA ILE L 170 -54.75 10.77 -61.23
C ILE L 170 -55.96 11.62 -60.83
N VAL L 171 -56.12 12.76 -61.50
CA VAL L 171 -57.25 13.63 -61.23
C VAL L 171 -58.39 13.43 -62.22
N ARG L 172 -59.53 12.99 -61.72
CA ARG L 172 -60.72 12.81 -62.54
C ARG L 172 -61.58 14.07 -62.53
N THR L 173 -61.78 14.66 -63.71
CA THR L 173 -62.59 15.86 -63.85
C THR L 173 -64.03 15.62 -63.36
N PRO L 174 -64.55 16.52 -62.52
CA PRO L 174 -63.92 17.76 -62.03
C PRO L 174 -63.42 17.71 -60.59
N GLN L 175 -62.92 16.55 -60.15
CA GLN L 175 -62.33 16.46 -58.82
C GLN L 175 -61.07 17.31 -58.72
N THR L 176 -60.56 17.49 -57.51
CA THR L 176 -59.37 18.30 -57.31
C THR L 176 -58.28 17.48 -56.62
N LEU L 177 -58.62 16.25 -56.24
CA LEU L 177 -57.67 15.39 -55.54
C LEU L 177 -57.32 14.17 -56.37
N ARG L 178 -56.06 13.76 -56.30
CA ARG L 178 -55.59 12.58 -57.01
C ARG L 178 -56.12 11.31 -56.33
N THR L 179 -56.67 10.42 -57.13
CA THR L 179 -57.23 9.17 -56.64
C THR L 179 -56.45 7.97 -57.18
N PRO L 180 -56.33 6.90 -56.38
CA PRO L 180 -55.57 5.70 -56.75
C PRO L 180 -56.07 5.02 -58.01
N HIS L 181 -55.15 4.63 -58.89
CA HIS L 181 -55.50 3.94 -60.13
C HIS L 181 -54.54 2.80 -60.44
N LEU L 182 -54.99 1.83 -61.22
CA LEU L 182 -54.15 0.74 -61.69
C LEU L 182 -54.23 0.61 -63.20
N ILE L 183 -53.09 0.35 -63.84
CA ILE L 183 -53.07 0.10 -65.27
C ILE L 183 -52.51 -1.29 -65.55
N LEU L 184 -53.25 -2.10 -66.29
CA LEU L 184 -52.80 -3.43 -66.64
C LEU L 184 -52.48 -3.54 -68.13
N SER L 185 -51.33 -4.11 -68.43
CA SER L 185 -50.93 -4.35 -69.81
C SER L 185 -50.94 -5.84 -70.10
N SER L 186 -51.62 -6.25 -71.17
CA SER L 186 -51.71 -7.67 -71.50
C SER L 186 -51.38 -7.96 -72.97
N SER L 187 -51.00 -9.20 -73.24
CA SER L 187 -50.57 -9.63 -74.57
C SER L 187 -51.67 -9.45 -75.61
N SER L 188 -51.34 -8.82 -76.74
CA SER L 188 -52.27 -8.58 -77.84
C SER L 188 -53.55 -7.90 -77.37
N GLN L 189 -53.42 -6.96 -76.44
CA GLN L 189 -54.59 -6.35 -75.83
C GLN L 189 -54.32 -4.87 -75.49
N ARG L 190 -55.39 -4.10 -75.32
CA ARG L 190 -55.28 -2.70 -74.95
C ARG L 190 -55.09 -2.55 -73.45
N PRO L 191 -54.31 -1.54 -73.04
CA PRO L 191 -54.10 -1.24 -71.61
C PRO L 191 -55.42 -0.89 -70.91
N VAL L 192 -55.57 -1.37 -69.68
CA VAL L 192 -56.80 -1.18 -68.94
C VAL L 192 -56.57 -0.30 -67.71
N ILE L 193 -57.43 0.68 -67.50
CA ILE L 193 -57.31 1.57 -66.34
C ILE L 193 -58.37 1.29 -65.29
N TYR L 194 -57.94 0.82 -64.11
CA TYR L 194 -58.86 0.55 -63.01
C TYR L 194 -58.90 1.73 -62.05
N GLN L 195 -60.08 2.06 -61.56
CA GLN L 195 -60.23 3.14 -60.60
C GLN L 195 -60.57 2.62 -59.21
N TRP L 196 -59.98 3.23 -58.19
CA TRP L 196 -60.22 2.80 -56.82
C TRP L 196 -61.55 3.29 -56.28
N ASN L 197 -62.28 2.38 -55.65
CA ASN L 197 -63.55 2.70 -54.99
C ASN L 197 -63.40 2.52 -53.48
N LYS L 198 -63.48 3.63 -52.75
CA LYS L 198 -63.29 3.61 -51.30
C LYS L 198 -64.42 2.87 -50.59
N ALA L 199 -65.63 2.95 -51.13
CA ALA L 199 -66.78 2.30 -50.50
C ALA L 199 -66.62 0.78 -50.47
N THR L 200 -66.22 0.21 -51.60
CA THR L 200 -66.11 -1.25 -51.72
C THR L 200 -64.68 -1.74 -51.50
N GLN L 201 -63.76 -0.80 -51.36
CA GLN L 201 -62.35 -1.09 -51.12
C GLN L 201 -61.75 -1.98 -52.19
N LEU L 202 -62.05 -1.67 -53.45
CA LEU L 202 -61.51 -2.45 -54.56
C LEU L 202 -61.58 -1.67 -55.86
N PHE L 203 -60.73 -2.04 -56.82
CA PHE L 203 -60.66 -1.35 -58.10
C PHE L 203 -61.81 -1.75 -59.02
N THR L 204 -62.46 -0.76 -59.63
CA THR L 204 -63.55 -0.99 -60.56
C THR L 204 -63.53 0.04 -61.69
N ASN L 205 -64.65 0.11 -62.41
CA ASN L 205 -64.86 1.08 -63.49
C ASN L 205 -63.72 1.09 -64.48
N GLN L 206 -63.43 -0.07 -65.07
CA GLN L 206 -62.26 -0.18 -65.95
C GLN L 206 -62.53 0.46 -67.29
N THR L 207 -61.48 1.07 -67.84
CA THR L 207 -61.54 1.69 -69.16
C THR L 207 -60.26 1.38 -69.92
N ASP L 208 -60.38 1.20 -71.22
CA ASP L 208 -59.23 0.89 -72.05
C ASP L 208 -58.52 2.16 -72.47
N ILE L 209 -57.22 2.07 -72.74
CA ILE L 209 -56.48 3.17 -73.35
C ILE L 209 -56.56 2.94 -74.84
N PRO L 210 -57.32 3.78 -75.56
CA PRO L 210 -57.64 3.52 -76.96
C PRO L 210 -56.49 3.66 -77.96
N ASN L 211 -56.62 2.89 -79.03
CA ASN L 211 -55.79 2.91 -80.24
C ASN L 211 -54.43 2.22 -80.14
N MET L 212 -54.03 1.77 -78.95
CA MET L 212 -52.76 1.04 -78.87
C MET L 212 -52.91 -0.32 -78.20
N GLU L 213 -52.53 -1.34 -78.96
CA GLU L 213 -52.61 -2.73 -78.55
C GLU L 213 -51.21 -3.30 -78.51
N ASP L 214 -51.03 -4.35 -77.69
CA ASP L 214 -49.77 -5.05 -77.58
C ASP L 214 -48.74 -4.21 -76.82
N VAL L 215 -49.25 -3.32 -75.98
CA VAL L 215 -48.40 -2.53 -75.10
C VAL L 215 -47.82 -3.49 -74.07
N TYR L 216 -46.51 -3.40 -73.85
CA TYR L 216 -45.85 -4.30 -72.93
C TYR L 216 -45.93 -3.82 -71.50
N ALA L 217 -45.68 -2.54 -71.28
CA ALA L 217 -45.66 -1.98 -69.93
C ALA L 217 -46.01 -0.52 -69.92
N VAL L 218 -46.45 -0.02 -68.76
CA VAL L 218 -46.78 1.39 -68.60
C VAL L 218 -46.08 1.95 -67.37
N LYS L 219 -45.42 3.10 -67.53
CA LYS L 219 -44.75 3.76 -66.41
C LYS L 219 -45.03 5.26 -66.41
N HIS L 220 -45.30 5.80 -65.22
CA HIS L 220 -45.73 7.20 -65.14
C HIS L 220 -44.70 8.12 -64.51
N PHE L 221 -44.82 9.40 -64.82
CA PHE L 221 -44.00 10.43 -64.21
C PHE L 221 -44.79 11.74 -64.15
N SER L 222 -44.37 12.65 -63.29
CA SER L 222 -45.06 13.92 -63.15
C SER L 222 -44.09 15.10 -63.22
N VAL L 223 -44.37 16.03 -64.13
CA VAL L 223 -43.62 17.27 -64.18
C VAL L 223 -44.56 18.45 -64.30
N LYS L 224 -44.25 19.51 -63.55
CA LYS L 224 -45.03 20.76 -63.55
C LYS L 224 -46.49 20.50 -63.12
N GLY L 225 -46.68 19.44 -62.34
CA GLY L 225 -48.00 19.10 -61.83
C GLY L 225 -48.82 18.16 -62.71
N ASP L 226 -48.57 18.17 -64.01
CA ASP L 226 -49.28 17.30 -64.93
C ASP L 226 -48.80 15.85 -64.82
N VAL L 227 -49.67 14.90 -65.16
CA VAL L 227 -49.30 13.49 -65.07
C VAL L 227 -49.16 12.84 -66.46
N TYR L 228 -48.06 12.13 -66.66
CA TYR L 228 -47.78 11.49 -67.93
C TYR L 228 -47.49 10.00 -67.76
N ILE L 229 -47.54 9.25 -68.86
CA ILE L 229 -47.17 7.84 -68.86
C ILE L 229 -46.29 7.49 -70.07
N CYS L 230 -45.49 6.45 -69.93
CA CYS L 230 -44.65 5.96 -71.01
C CYS L 230 -45.12 4.58 -71.46
N LEU L 231 -45.54 4.48 -72.72
CA LEU L 231 -45.99 3.22 -73.28
C LEU L 231 -44.89 2.54 -74.08
N THR L 232 -44.55 1.31 -73.71
CA THR L 232 -43.49 0.59 -74.39
C THR L 232 -44.04 -0.56 -75.25
N ARG L 233 -43.56 -0.62 -76.49
CA ARG L 233 -43.83 -1.76 -77.37
C ARG L 233 -42.54 -2.47 -77.73
N PHE L 234 -42.61 -3.74 -78.06
CA PHE L 234 -41.40 -4.45 -78.46
C PHE L 234 -41.01 -3.99 -79.86
N ILE L 235 -41.94 -4.12 -80.80
CA ILE L 235 -41.75 -3.62 -82.15
C ILE L 235 -42.87 -2.65 -82.44
N GLY L 236 -42.65 -1.75 -83.39
CA GLY L 236 -43.60 -0.68 -83.65
C GLY L 236 -43.08 0.58 -83.00
N ASP L 237 -43.97 1.41 -82.47
CA ASP L 237 -43.54 2.67 -81.88
C ASP L 237 -43.96 2.83 -80.42
N SER L 238 -43.00 3.15 -79.56
CA SER L 238 -43.32 3.49 -78.18
C SER L 238 -43.95 4.88 -78.13
N LYS L 239 -44.75 5.13 -77.09
CA LYS L 239 -45.54 6.34 -77.03
C LYS L 239 -45.40 7.05 -75.68
N VAL L 240 -45.58 8.37 -75.70
CA VAL L 240 -45.64 9.16 -74.48
C VAL L 240 -46.97 9.90 -74.45
N MET L 241 -47.70 9.79 -73.36
CA MET L 241 -49.04 10.35 -73.28
C MET L 241 -49.27 11.25 -72.07
N LYS L 242 -50.08 12.28 -72.26
CA LYS L 242 -50.45 13.18 -71.16
C LYS L 242 -51.87 12.91 -70.70
N TRP L 243 -52.09 12.96 -69.40
CA TRP L 243 -53.44 12.85 -68.85
C TRP L 243 -54.08 14.23 -68.75
N GLY L 244 -55.25 14.38 -69.35
CA GLY L 244 -55.95 15.65 -69.30
C GLY L 244 -57.40 15.50 -68.90
N GLY L 245 -57.62 15.15 -67.64
CA GLY L 245 -58.95 15.09 -67.09
C GLY L 245 -59.64 13.75 -67.21
N SER L 246 -60.08 13.42 -68.41
CA SER L 246 -60.87 12.22 -68.63
C SER L 246 -60.09 11.09 -69.29
N SER L 247 -59.10 11.43 -70.10
CA SER L 247 -58.36 10.42 -70.85
C SER L 247 -56.93 10.85 -71.16
N PHE L 248 -56.12 9.90 -71.65
CA PHE L 248 -54.75 10.17 -72.05
C PHE L 248 -54.68 10.75 -73.47
N GLN L 249 -53.75 11.69 -73.68
CA GLN L 249 -53.61 12.34 -74.97
C GLN L 249 -52.22 12.15 -75.54
N ASP L 250 -52.11 12.11 -76.87
CA ASP L 250 -50.84 11.91 -77.53
C ASP L 250 -49.90 13.11 -77.36
N ILE L 251 -48.64 12.83 -77.02
CA ILE L 251 -47.61 13.86 -76.99
C ILE L 251 -46.57 13.60 -78.07
N GLN L 252 -46.02 12.39 -78.07
CA GLN L 252 -44.99 12.02 -79.04
C GLN L 252 -44.87 10.51 -79.16
N ARG L 253 -44.02 10.08 -80.08
CA ARG L 253 -43.76 8.65 -80.26
C ARG L 253 -42.35 8.43 -80.80
N MET L 254 -41.82 7.25 -80.52
CA MET L 254 -40.48 6.89 -80.92
C MET L 254 -40.44 5.44 -81.39
N PRO L 255 -39.54 5.12 -82.34
CA PRO L 255 -39.48 3.76 -82.88
C PRO L 255 -38.89 2.78 -81.87
N SER L 256 -39.56 1.66 -81.66
CA SER L 256 -39.07 0.64 -80.74
C SER L 256 -38.43 -0.52 -81.48
N ARG L 257 -37.12 -0.65 -81.34
CA ARG L 257 -36.37 -1.74 -81.95
C ARG L 257 -36.09 -2.81 -80.92
N GLY L 258 -37.06 -3.68 -80.68
CA GLY L 258 -36.90 -4.73 -79.70
C GLY L 258 -36.81 -4.16 -78.29
N SER L 259 -37.80 -3.33 -77.93
CA SER L 259 -37.79 -2.65 -76.65
C SER L 259 -38.54 -3.42 -75.58
N MET L 260 -38.02 -3.39 -74.36
CA MET L 260 -38.66 -4.02 -73.22
C MET L 260 -38.88 -3.03 -72.09
N VAL L 261 -38.27 -1.86 -72.21
CA VAL L 261 -38.34 -0.83 -71.17
C VAL L 261 -38.50 0.56 -71.75
N PHE L 262 -39.32 1.35 -71.09
CA PHE L 262 -39.39 2.78 -71.37
C PHE L 262 -39.58 3.48 -70.01
N GLN L 263 -38.49 3.64 -69.27
CA GLN L 263 -38.56 4.08 -67.89
C GLN L 263 -38.29 5.57 -67.71
N PRO L 264 -39.27 6.30 -67.14
CA PRO L 264 -39.07 7.69 -66.76
C PRO L 264 -38.28 7.81 -65.47
N LEU L 265 -37.37 8.77 -65.39
CA LEU L 265 -36.56 8.97 -64.19
C LEU L 265 -36.40 10.44 -63.85
N GLN L 266 -36.44 10.74 -62.55
CA GLN L 266 -36.21 12.12 -62.10
C GLN L 266 -35.00 12.21 -61.18
N ILE L 267 -33.94 12.80 -61.71
CA ILE L 267 -32.70 13.01 -60.96
C ILE L 267 -32.45 14.52 -60.87
N ASN L 268 -32.28 15.03 -59.66
CA ASN L 268 -32.00 16.46 -59.46
C ASN L 268 -32.99 17.44 -60.10
N ASN L 269 -34.30 17.18 -59.97
CA ASN L 269 -35.32 18.04 -60.59
C ASN L 269 -35.31 17.96 -62.11
N TYR L 270 -34.58 17.01 -62.66
CA TYR L 270 -34.55 16.85 -64.11
C TYR L 270 -35.28 15.56 -64.50
N GLN L 271 -36.18 15.66 -65.47
CA GLN L 271 -36.97 14.51 -65.90
C GLN L 271 -36.32 13.77 -67.07
N TYR L 272 -35.92 12.53 -66.83
CA TYR L 272 -35.30 11.70 -67.85
C TYR L 272 -36.22 10.57 -68.27
N ALA L 273 -35.93 10.00 -69.43
CA ALA L 273 -36.65 8.83 -69.93
C ALA L 273 -35.71 7.97 -70.74
N ILE L 274 -35.48 6.75 -70.27
CA ILE L 274 -34.55 5.84 -70.91
C ILE L 274 -35.30 4.75 -71.67
N LEU L 275 -35.23 4.80 -72.99
CA LEU L 275 -35.87 3.79 -73.83
C LEU L 275 -34.86 2.71 -74.22
N GLY L 276 -35.04 1.52 -73.67
CA GLY L 276 -34.14 0.41 -73.94
C GLY L 276 -34.37 -0.26 -75.28
N SER L 277 -33.37 -1.00 -75.74
CA SER L 277 -33.44 -1.71 -77.02
C SER L 277 -32.57 -2.96 -77.04
N ASP L 278 -33.10 -4.03 -77.62
CA ASP L 278 -32.36 -5.27 -77.76
C ASP L 278 -31.54 -5.30 -79.04
N TYR L 279 -32.00 -4.58 -80.05
CA TYR L 279 -31.37 -4.60 -81.38
C TYR L 279 -30.37 -3.46 -81.57
N SER L 280 -30.63 -2.31 -80.94
CA SER L 280 -29.83 -1.13 -81.17
C SER L 280 -29.41 -0.45 -79.87
N PHE L 281 -28.92 0.78 -79.98
CA PHE L 281 -28.45 1.54 -78.83
C PHE L 281 -29.62 2.01 -77.96
N THR L 282 -29.42 1.93 -76.64
CA THR L 282 -30.41 2.42 -75.69
C THR L 282 -30.40 3.95 -75.64
N GLN L 283 -31.55 4.56 -75.91
CA GLN L 283 -31.63 6.01 -76.00
C GLN L 283 -32.17 6.63 -74.71
N VAL L 284 -31.43 7.59 -74.17
CA VAL L 284 -31.87 8.35 -73.01
C VAL L 284 -32.49 9.67 -73.45
N TYR L 285 -33.66 9.98 -72.92
CA TYR L 285 -34.35 11.23 -73.26
C TYR L 285 -34.41 12.15 -72.05
N ASN L 286 -34.41 13.46 -72.31
CA ASN L 286 -34.64 14.46 -71.28
C ASN L 286 -35.82 15.34 -71.65
N TRP L 287 -36.53 15.84 -70.64
CA TRP L 287 -37.71 16.66 -70.87
C TRP L 287 -37.35 18.07 -71.29
N ASP L 288 -37.99 18.53 -72.37
CA ASP L 288 -37.77 19.89 -72.86
C ASP L 288 -38.98 20.76 -72.52
N ALA L 289 -38.74 21.83 -71.77
CA ALA L 289 -39.83 22.66 -71.23
C ALA L 289 -40.59 23.49 -72.26
N GLU L 290 -39.87 24.08 -73.21
CA GLU L 290 -40.52 24.92 -74.22
C GLU L 290 -41.28 23.98 -75.12
N LYS L 291 -40.66 22.84 -75.42
CA LYS L 291 -41.26 21.85 -76.30
C LYS L 291 -42.32 21.01 -75.58
N ALA L 292 -42.23 20.92 -74.26
CA ALA L 292 -43.10 20.05 -73.46
C ALA L 292 -43.06 18.63 -74.01
N LYS L 293 -41.84 18.12 -74.18
CA LYS L 293 -41.61 16.85 -74.86
C LYS L 293 -40.26 16.28 -74.47
N PHE L 294 -40.03 15.01 -74.79
CA PHE L 294 -38.71 14.42 -74.60
C PHE L 294 -37.85 14.60 -75.84
N VAL L 295 -36.58 14.96 -75.65
CA VAL L 295 -35.63 15.08 -76.75
C VAL L 295 -34.42 14.18 -76.47
N LYS L 296 -33.70 13.82 -77.52
CA LYS L 296 -32.54 12.95 -77.38
C LYS L 296 -31.43 13.59 -76.55
N PHE L 297 -30.80 12.77 -75.70
CA PHE L 297 -29.78 13.25 -74.77
C PHE L 297 -28.47 12.49 -74.92
N GLN L 298 -28.42 11.27 -74.38
CA GLN L 298 -27.24 10.44 -74.43
C GLN L 298 -27.60 9.05 -74.94
N GLU L 299 -26.64 8.39 -75.57
CA GLU L 299 -26.87 7.04 -76.07
C GLU L 299 -26.07 6.03 -75.24
N LEU L 300 -26.77 5.10 -74.58
CA LEU L 300 -26.12 4.09 -73.75
C LEU L 300 -25.93 2.78 -74.51
N ASN L 301 -25.13 1.88 -73.96
CA ASN L 301 -24.86 0.61 -74.61
C ASN L 301 -24.95 -0.54 -73.63
N VAL L 302 -26.12 -1.18 -73.59
CA VAL L 302 -26.34 -2.33 -72.74
C VAL L 302 -27.00 -3.47 -73.51
N GLN L 303 -26.59 -4.69 -73.21
CA GLN L 303 -27.13 -5.86 -73.90
C GLN L 303 -28.48 -6.25 -73.33
N ALA L 304 -29.53 -6.09 -74.12
CA ALA L 304 -30.89 -6.47 -73.74
C ALA L 304 -31.31 -5.90 -72.39
N PRO L 305 -31.48 -4.57 -72.31
CA PRO L 305 -31.89 -3.97 -71.03
C PRO L 305 -33.30 -4.36 -70.62
N ARG L 306 -33.47 -4.67 -69.35
CA ARG L 306 -34.75 -5.10 -68.80
C ARG L 306 -35.36 -4.12 -67.82
N SER L 307 -34.53 -3.23 -67.28
CA SER L 307 -35.01 -2.22 -66.35
C SER L 307 -34.00 -1.10 -66.15
N PHE L 308 -34.47 0.05 -65.66
CA PHE L 308 -33.59 1.16 -65.32
C PHE L 308 -34.04 1.77 -64.01
N THR L 309 -33.16 1.77 -63.01
CA THR L 309 -33.53 2.28 -61.70
C THR L 309 -32.55 3.33 -61.19
N HIS L 310 -33.10 4.36 -60.55
CA HIS L 310 -32.30 5.46 -60.00
C HIS L 310 -31.99 5.25 -58.51
N VAL L 311 -30.70 5.37 -58.17
CA VAL L 311 -30.26 5.25 -56.79
C VAL L 311 -29.61 6.53 -56.26
N SER L 312 -30.20 7.11 -55.23
CA SER L 312 -29.68 8.34 -54.65
C SER L 312 -29.02 8.08 -53.28
N ILE L 313 -27.71 8.28 -53.23
CA ILE L 313 -26.93 8.12 -51.99
C ILE L 313 -25.98 9.31 -51.81
N ASN L 314 -26.14 10.08 -50.72
CA ASN L 314 -25.22 11.18 -50.40
C ASN L 314 -24.89 12.15 -51.53
N LYS L 315 -25.91 12.73 -52.16
CA LYS L 315 -25.71 13.70 -53.23
C LYS L 315 -25.18 13.01 -54.48
N ARG L 316 -25.08 11.69 -54.43
CA ARG L 316 -24.70 10.91 -55.61
C ARG L 316 -25.90 10.13 -56.15
N ASN L 317 -26.11 10.26 -57.44
CA ASN L 317 -27.22 9.61 -58.11
C ASN L 317 -26.71 8.57 -59.10
N PHE L 318 -27.15 7.33 -58.92
CA PHE L 318 -26.70 6.23 -59.76
C PHE L 318 -27.80 5.72 -60.65
N LEU L 319 -27.40 5.16 -61.79
CA LEU L 319 -28.35 4.59 -62.74
C LEU L 319 -27.98 3.13 -62.97
N PHE L 320 -28.83 2.23 -62.47
CA PHE L 320 -28.62 0.79 -62.62
C PHE L 320 -29.31 0.28 -63.86
N ALA L 321 -28.60 -0.46 -64.69
CA ALA L 321 -29.16 -1.01 -65.92
C ALA L 321 -29.04 -2.52 -65.94
N SER L 322 -30.20 -3.19 -65.91
CA SER L 322 -30.23 -4.64 -65.91
C SER L 322 -29.97 -5.18 -67.31
N SER L 323 -29.29 -6.31 -67.40
CA SER L 323 -29.01 -6.97 -68.67
C SER L 323 -29.50 -8.42 -68.66
N PHE L 324 -30.23 -8.82 -69.68
CA PHE L 324 -30.80 -10.17 -69.73
C PHE L 324 -29.82 -11.18 -70.31
N LYS L 325 -28.88 -10.71 -71.12
CA LYS L 325 -27.88 -11.59 -71.73
C LYS L 325 -26.45 -11.15 -71.40
N GLY L 326 -26.24 -9.85 -71.25
CA GLY L 326 -24.92 -9.32 -70.95
C GLY L 326 -24.74 -9.02 -69.48
N ASN L 327 -23.86 -8.08 -69.16
CA ASN L 327 -23.61 -7.70 -67.78
C ASN L 327 -24.42 -6.49 -67.35
N THR L 328 -25.01 -6.55 -66.16
CA THR L 328 -25.73 -5.42 -65.60
C THR L 328 -24.76 -4.29 -65.23
N GLN L 329 -25.12 -3.08 -65.61
CA GLN L 329 -24.21 -1.95 -65.50
C GLN L 329 -24.70 -0.86 -64.55
N ILE L 330 -23.77 -0.29 -63.80
CA ILE L 330 -24.03 0.83 -62.91
C ILE L 330 -23.44 2.11 -63.49
N TYR L 331 -24.22 3.18 -63.49
CA TYR L 331 -23.80 4.45 -64.07
C TYR L 331 -23.65 5.56 -63.04
N LYS L 332 -22.80 6.53 -63.36
CA LYS L 332 -22.59 7.70 -62.52
C LYS L 332 -23.30 8.88 -63.16
N HIS L 333 -24.08 9.62 -62.37
CA HIS L 333 -24.73 10.82 -62.87
C HIS L 333 -23.97 12.08 -62.43
N VAL L 334 -23.30 12.73 -63.39
CA VAL L 334 -22.52 13.92 -63.10
C VAL L 334 -23.06 15.12 -63.87
#